data_3NID
#
_entry.id   3NID
#
_cell.length_a   258.970
_cell.length_b   144.490
_cell.length_c   104.200
_cell.angle_alpha   90.00
_cell.angle_beta   90.00
_cell.angle_gamma   90.00
#
_symmetry.space_group_name_H-M   'P 21 21 2'
#
loop_
_entity.id
_entity.type
_entity.pdbx_description
1 polymer 'Integrin alpha-IIb'
2 polymer 'Integrin beta-3'
3 polymer 'Monoclonal antibody 10E5 heavy chain'
4 polymer 'Monoclonal antibody 10E5 light chain'
5 branched alpha-D-mannopyranose-(1-3)-[alpha-D-mannopyranose-(1-6)]alpha-D-mannopyranose-(1-4)-2-acetamido-2-deoxy-beta-D-glucopyranose-(1-4)-2-acetamido-2-deoxy-beta-D-glucopyranose
6 branched 2-acetamido-2-deoxy-beta-D-glucopyranose-(1-4)-2-acetamido-2-deoxy-beta-D-glucopyranose
7 branched alpha-D-mannopyranose-(1-4)-2-acetamido-2-deoxy-beta-D-glucopyranose-(1-4)-2-acetamido-2-deoxy-beta-D-glucopyranose
8 non-polymer 'CALCIUM ION'
9 non-polymer GLYCEROL
10 non-polymer 'SULFATE ION'
11 non-polymer 'MAGNESIUM ION'
12 non-polymer 2-acetamido-2-deoxy-beta-D-glucopyranose
13 water water
#
loop_
_entity_poly.entity_id
_entity_poly.type
_entity_poly.pdbx_seq_one_letter_code
_entity_poly.pdbx_strand_id
1 'polypeptide(L)'
;LNLDPVQLTFYAGPNGSQFGFSLDFHKDSHGRVAIVVGAPRTLGPSQEETGGVFLCPWRAEGGQCPSLLFDLRDETRNVG
SQTLQTFKARQGLGASVVSWSDVIVACAPWQHWNVLEKTEEAEKTPVGSCFLAQPESGRRAEYSPCRGNTLSRIYVENDF
SWDKRYCEAGFSSVVTQAGELVLGAPGGYYFLGLLAQAPVADIFSSYRPGILLWHVSSQSLSFDSSNPEYFDGYWGYSVA
VGEFDGDLNTTEYVVGAPTWSWTLGAVEILDSYYQRLHRLRGEQMASYFGHSVAVTDVNGDGRHDLLVGAPLYMESRADR
KLAEVGRVYLFLQPRGPHALGAPSLLLTGTQLYGRFGSAIAPLGDLDRDGYNDIAVAAPYGGPSGRGQVLVFLGQSEGLR
SRPSQVLDSPFPTGSAFGFSLRGAVDIDDNGYPDLIVGAYGANQVAVYRAQPVVKAS
;
A,C
2 'polypeptide(L)'
;GPNICTTRGVSSCQQCLAVSPMCAWCSDEALPLGSPRCDLKENLLKDNCAPESIEFPVSEARVLEDRPLSDKGSGDSSQV
TQVSPQRIALRLRPDDSKNFSIQVRQVEDYPVDIYYLMDLSYSMKDDLWSIQNLGTKLATQMRKLTSNLRIGFGAFVDKP
VSPYMYISPPEALENPCYDMKTTCLPMFGYKHVLTLTDQVTRFNEEVKKQSVSRNRDAPEGGFDAIMQATVCDEKIGWRN
DASHLLVFTTDAKTHIALDGRLAGIVQPNDGQCHVGSDNHYSASTTMDYPSLGLMTEKLSQKNINLIFAVTENVVNLYQN
YSELIPGTTVGVLSMDSSNVLQLIVDAYGKIRSKVELEVRDLPEELSLSFNATCLNNEVIPGLKSCMGLKIGDTVSFSIE
AKVRGCPQEKEKSFTIKPVGFKDSLIVQVTFDCDCACQAQAEPNSHRCNNGNGTFECGVCRCGPGWLGSQC
;
B,D
3 'polypeptide(L)'
;EVQLQQSGAELVKPGASVKLSCTASGFNIKDTYVHWVKQRPEQGLEWIGRIDPANGYTKYDPKFQGKATITADTSSNTAY
LQLSSLTSEDTAVYYCVRPLYDYYAMDYWGQGTSVTVSSAKTTAPSVYPLAPVCGDTTGSSVTLGCLVKGYFPEPVTLTW
NSGSLSSGVHTFPAVLQSDLYTLSSSVTVTSSTWPSQSITCNVAHPASSTKVDKKIEPRGP
;
E,H
4 'polypeptide(L)'
;DILMTQSPSSMSVSLGDTVSITCHASQGISSNIGWLQQKPGKSFMGLIYYGTNLVDGVPSRFSGSGSGADYSLTISSLDS
EDFADYYCVQYAQLPYTFGGGTKLEIKRADAAPTVSIFPPSSEQLTSGGASVVCFLNNFYPKDINVKWKIDGSERQNGVL
NSWTDQDSKDSTYSMSSTLTLTKDEYERHNSYTCEATHKTSTSPIVKSFNRNEC
;
F,L
#
# COMPACT_ATOMS: atom_id res chain seq x y z
N LEU A 1 34.61 -3.72 -32.47
CA LEU A 1 35.00 -3.53 -33.91
C LEU A 1 36.31 -4.23 -34.27
N ASN A 2 37.35 -3.99 -33.48
CA ASN A 2 38.72 -4.29 -33.91
C ASN A 2 39.45 -5.33 -33.07
N LEU A 3 38.71 -6.19 -32.37
CA LEU A 3 39.31 -7.36 -31.75
C LEU A 3 39.63 -8.32 -32.89
N ASP A 4 40.76 -9.02 -32.80
CA ASP A 4 41.20 -9.96 -33.85
C ASP A 4 40.64 -11.36 -33.57
N PRO A 5 39.72 -11.84 -34.42
CA PRO A 5 39.12 -13.16 -34.25
C PRO A 5 39.80 -14.27 -35.07
N VAL A 6 40.97 -13.96 -35.65
CA VAL A 6 41.73 -14.93 -36.43
C VAL A 6 42.82 -15.61 -35.59
N GLN A 7 43.67 -14.82 -34.94
CA GLN A 7 44.76 -15.33 -34.11
C GLN A 7 44.43 -15.16 -32.64
N LEU A 8 43.79 -16.18 -32.08
CA LEU A 8 43.47 -16.21 -30.66
C LEU A 8 44.55 -16.90 -29.87
N THR A 9 44.44 -16.75 -28.56
CA THR A 9 45.31 -17.39 -27.61
C THR A 9 44.42 -18.19 -26.67
N PHE A 10 44.76 -19.45 -26.44
CA PHE A 10 43.96 -20.32 -25.59
C PHE A 10 44.77 -20.77 -24.38
N TYR A 11 44.17 -20.63 -23.20
CA TYR A 11 44.70 -21.23 -22.01
C TYR A 11 43.71 -22.32 -21.57
N ALA A 12 44.24 -23.40 -21.01
CA ALA A 12 43.50 -24.62 -20.73
C ALA A 12 43.81 -25.09 -19.33
N GLY A 13 42.79 -25.58 -18.63
CA GLY A 13 42.94 -26.20 -17.31
C GLY A 13 42.58 -27.67 -17.39
N PRO A 14 42.57 -28.38 -16.25
CA PRO A 14 42.25 -29.80 -16.23
C PRO A 14 40.83 -30.09 -16.69
N ASN A 15 40.62 -31.25 -17.32
CA ASN A 15 39.27 -31.68 -17.68
CA ASN A 15 39.28 -31.70 -17.68
C ASN A 15 38.37 -31.71 -16.44
N GLY A 16 37.16 -31.18 -16.57
CA GLY A 16 36.17 -31.21 -15.48
C GLY A 16 36.36 -30.16 -14.39
N SER A 17 37.36 -29.30 -14.54
CA SER A 17 37.72 -28.32 -13.51
C SER A 17 36.88 -27.05 -13.55
N GLN A 18 36.18 -26.81 -14.66
CA GLN A 18 35.48 -25.55 -14.93
C GLN A 18 36.41 -24.34 -14.92
N PHE A 19 37.67 -24.58 -15.28
CA PHE A 19 38.65 -23.55 -15.59
C PHE A 19 38.00 -22.55 -16.53
N GLY A 20 37.95 -21.29 -16.10
CA GLY A 20 37.32 -20.21 -16.89
C GLY A 20 35.97 -19.75 -16.36
N PHE A 21 35.50 -20.34 -15.26
CA PHE A 21 34.24 -19.96 -14.66
C PHE A 21 34.30 -18.49 -14.25
N SER A 22 35.46 -18.10 -13.74
CA SER A 22 35.77 -16.72 -13.40
C SER A 22 37.17 -16.38 -13.87
N LEU A 23 37.43 -15.10 -14.10
CA LEU A 23 38.75 -14.65 -14.49
C LEU A 23 38.90 -13.17 -14.30
N ASP A 24 40.15 -12.73 -14.28
CA ASP A 24 40.47 -11.32 -14.22
C ASP A 24 41.89 -11.10 -14.70
N PHE A 25 42.20 -9.86 -15.10
CA PHE A 25 43.58 -9.49 -15.35
C PHE A 25 44.24 -9.22 -14.02
N HIS A 26 45.52 -9.55 -13.93
CA HIS A 26 46.32 -9.28 -12.75
C HIS A 26 47.62 -8.59 -13.14
N LYS A 27 47.92 -7.45 -12.52
CA LYS A 27 49.17 -6.77 -12.78
C LYS A 27 50.06 -7.03 -11.60
N ASP A 28 51.32 -7.41 -11.85
CA ASP A 28 52.27 -7.60 -10.76
C ASP A 28 52.88 -6.25 -10.38
N SER A 29 53.75 -6.23 -9.38
CA SER A 29 54.30 -4.97 -8.88
C SER A 29 55.06 -4.18 -9.95
N HIS A 30 55.42 -4.86 -11.04
CA HIS A 30 56.14 -4.24 -12.15
C HIS A 30 55.25 -3.90 -13.37
N GLY A 31 53.93 -4.03 -13.21
CA GLY A 31 52.99 -3.75 -14.31
C GLY A 31 52.86 -4.82 -15.40
N ARG A 32 53.54 -5.95 -15.23
CA ARG A 32 53.39 -7.10 -16.13
C ARG A 32 51.98 -7.70 -15.93
N VAL A 33 51.22 -7.80 -17.01
CA VAL A 33 49.88 -8.34 -16.95
C VAL A 33 49.84 -9.86 -17.15
N ALA A 34 49.17 -10.52 -16.21
CA ALA A 34 48.89 -11.96 -16.23
C ALA A 34 47.39 -12.15 -16.20
N ILE A 35 46.93 -13.38 -16.39
CA ILE A 35 45.50 -13.70 -16.24
C ILE A 35 45.26 -14.62 -15.05
N VAL A 36 44.46 -14.19 -14.09
CA VAL A 36 44.02 -15.07 -13.01
C VAL A 36 42.73 -15.77 -13.43
N VAL A 37 42.69 -17.08 -13.24
CA VAL A 37 41.55 -17.89 -13.66
C VAL A 37 41.06 -18.80 -12.54
N GLY A 38 39.77 -18.72 -12.24
CA GLY A 38 39.13 -19.64 -11.30
C GLY A 38 38.67 -20.92 -11.98
N ALA A 39 38.82 -22.03 -11.28
CA ALA A 39 38.42 -23.36 -11.77
C ALA A 39 37.75 -24.10 -10.60
N PRO A 40 36.46 -23.81 -10.35
CA PRO A 40 35.81 -24.20 -9.08
C PRO A 40 35.54 -25.68 -8.87
N ARG A 41 35.88 -26.52 -9.84
CA ARG A 41 35.76 -27.97 -9.65
C ARG A 41 37.07 -28.73 -9.68
N THR A 42 38.18 -28.00 -9.70
CA THR A 42 39.48 -28.62 -9.65
C THR A 42 39.53 -29.55 -8.46
N LEU A 43 40.07 -30.76 -8.66
CA LEU A 43 40.21 -31.74 -7.61
C LEU A 43 41.27 -31.32 -6.59
N GLY A 44 40.96 -31.55 -5.31
CA GLY A 44 41.88 -31.28 -4.22
C GLY A 44 42.66 -32.52 -3.84
N PRO A 45 43.12 -32.59 -2.58
CA PRO A 45 44.04 -33.64 -2.15
C PRO A 45 43.40 -35.00 -1.86
N SER A 46 42.08 -35.03 -1.67
CA SER A 46 41.35 -36.28 -1.43
C SER A 46 40.66 -36.77 -2.70
N GLN A 47 41.21 -36.43 -3.86
CA GLN A 47 40.54 -36.60 -5.15
C GLN A 47 39.05 -36.18 -5.08
N GLU A 48 38.79 -35.15 -4.29
CA GLU A 48 37.46 -34.56 -4.17
C GLU A 48 37.54 -33.16 -4.74
N GLU A 49 36.44 -32.70 -5.34
CA GLU A 49 36.38 -31.37 -5.90
C GLU A 49 36.43 -30.33 -4.79
N THR A 50 37.32 -29.35 -4.92
CA THR A 50 37.35 -28.22 -3.99
C THR A 50 37.58 -26.92 -4.72
N GLY A 51 37.96 -26.99 -6.00
CA GLY A 51 38.25 -25.81 -6.77
C GLY A 51 39.70 -25.44 -6.66
N GLY A 52 40.13 -24.53 -7.52
CA GLY A 52 41.51 -24.08 -7.55
C GLY A 52 41.59 -22.79 -8.33
N VAL A 53 42.75 -22.16 -8.30
CA VAL A 53 42.99 -20.91 -9.01
C VAL A 53 44.28 -21.06 -9.79
N PHE A 54 44.34 -20.47 -10.98
CA PHE A 54 45.53 -20.55 -11.81
C PHE A 54 45.98 -19.14 -12.16
N LEU A 55 47.28 -18.92 -12.24
CA LEU A 55 47.80 -17.59 -12.60
C LEU A 55 48.60 -17.74 -13.89
N CYS A 56 47.99 -17.33 -15.00
CA CYS A 56 48.53 -17.53 -16.35
C CYS A 56 49.42 -16.38 -16.84
N PRO A 57 50.73 -16.63 -17.04
CA PRO A 57 51.53 -15.59 -17.66
C PRO A 57 51.08 -15.34 -19.09
N TRP A 58 51.26 -14.11 -19.58
CA TRP A 58 50.87 -13.78 -20.93
C TRP A 58 51.87 -14.38 -21.92
N ARG A 59 51.37 -15.25 -22.80
CA ARG A 59 52.13 -15.72 -23.96
C ARG A 59 51.16 -15.82 -25.12
N ALA A 60 51.58 -15.40 -26.32
CA ALA A 60 50.70 -15.47 -27.51
C ALA A 60 50.22 -16.90 -27.78
N GLU A 61 51.09 -17.87 -27.52
CA GLU A 61 50.76 -19.29 -27.73
C GLU A 61 49.81 -19.86 -26.66
N GLY A 62 49.61 -19.16 -25.56
CA GLY A 62 48.75 -19.68 -24.49
C GLY A 62 49.34 -20.93 -23.85
N GLY A 63 48.49 -21.88 -23.50
CA GLY A 63 48.94 -23.17 -22.97
C GLY A 63 48.43 -23.46 -21.57
N GLN A 64 49.26 -24.14 -20.79
CA GLN A 64 48.96 -24.51 -19.41
C GLN A 64 49.47 -23.45 -18.44
N CYS A 65 48.88 -23.39 -17.25
CA CYS A 65 49.17 -22.34 -16.30
C CYS A 65 49.58 -22.93 -14.96
N PRO A 66 50.46 -22.23 -14.25
CA PRO A 66 50.78 -22.68 -12.89
C PRO A 66 49.63 -22.43 -11.93
N SER A 67 49.55 -23.23 -10.88
CA SER A 67 48.55 -23.04 -9.84
C SER A 67 48.93 -21.88 -8.92
N LEU A 68 47.92 -21.19 -8.39
CA LEU A 68 48.13 -20.29 -7.28
C LEU A 68 47.60 -21.08 -6.07
N LEU A 69 48.52 -21.61 -5.29
CA LEU A 69 48.18 -22.56 -4.24
C LEU A 69 47.54 -21.90 -3.03
N PHE A 70 46.44 -22.49 -2.57
CA PHE A 70 45.80 -22.15 -1.31
C PHE A 70 45.60 -23.41 -0.49
N ASP A 71 45.47 -23.25 0.82
CA ASP A 71 45.30 -24.37 1.73
C ASP A 71 43.94 -25.01 1.50
N LEU A 72 43.94 -26.26 1.03
CA LEU A 72 42.70 -26.99 0.71
C LEU A 72 42.25 -27.96 1.82
N ARG A 73 42.86 -27.90 2.99
CA ARG A 73 42.58 -28.87 4.05
C ARG A 73 41.49 -28.36 4.99
N ASP A 74 40.60 -29.27 5.39
CA ASP A 74 39.57 -28.95 6.38
C ASP A 74 40.26 -28.67 7.70
N GLU A 75 39.71 -27.74 8.47
CA GLU A 75 40.31 -27.32 9.73
C GLU A 75 39.31 -27.52 10.86
N THR A 76 39.83 -27.81 12.04
CA THR A 76 39.04 -27.99 13.23
C THR A 76 39.73 -27.23 14.36
N ARG A 77 38.97 -26.51 15.17
CA ARG A 77 39.55 -25.85 16.34
C ARG A 77 38.65 -26.07 17.53
N ASN A 78 39.21 -26.65 18.59
CA ASN A 78 38.50 -26.77 19.84
C ASN A 78 38.90 -25.62 20.73
N VAL A 79 37.94 -24.76 21.05
CA VAL A 79 38.22 -23.54 21.78
C VAL A 79 36.91 -23.00 22.35
N GLY A 80 37.00 -22.36 23.51
CA GLY A 80 35.83 -21.79 24.17
C GLY A 80 34.75 -22.82 24.45
N SER A 81 35.17 -24.04 24.76
CA SER A 81 34.28 -25.19 24.95
C SER A 81 33.39 -25.47 23.71
N GLN A 82 33.88 -25.09 22.53
CA GLN A 82 33.20 -25.31 21.26
C GLN A 82 34.18 -25.97 20.30
N THR A 83 33.65 -26.54 19.22
CA THR A 83 34.49 -27.11 18.14
C THR A 83 34.14 -26.40 16.84
N LEU A 84 35.11 -25.71 16.26
CA LEU A 84 34.91 -24.96 15.03
C LEU A 84 35.38 -25.81 13.87
N GLN A 85 34.63 -25.79 12.78
CA GLN A 85 34.86 -26.69 11.66
C GLN A 85 34.69 -26.01 10.31
N THR A 86 35.69 -26.14 9.45
CA THR A 86 35.57 -25.77 8.03
C THR A 86 35.50 -27.03 7.17
N PHE A 87 34.77 -26.95 6.07
CA PHE A 87 34.61 -28.06 5.14
C PHE A 87 34.76 -27.56 3.72
N LYS A 88 35.84 -27.94 3.07
CA LYS A 88 36.21 -27.38 1.78
C LYS A 88 35.77 -28.25 0.59
N ALA A 89 35.16 -29.39 0.86
CA ALA A 89 34.67 -30.26 -0.19
C ALA A 89 33.59 -29.52 -0.95
N ARG A 90 33.75 -29.48 -2.27
CA ARG A 90 32.81 -28.85 -3.18
C ARG A 90 32.58 -27.37 -2.91
N GLN A 91 33.55 -26.72 -2.28
CA GLN A 91 33.41 -25.31 -1.87
C GLN A 91 33.41 -24.33 -3.04
N GLY A 92 33.91 -24.75 -4.21
CA GLY A 92 33.93 -23.91 -5.42
C GLY A 92 34.99 -22.80 -5.41
N LEU A 93 36.16 -23.07 -4.85
CA LEU A 93 37.24 -22.11 -4.89
C LEU A 93 37.50 -21.71 -6.34
N GLY A 94 37.37 -20.42 -6.60
CA GLY A 94 37.57 -19.91 -7.95
C GLY A 94 36.25 -19.66 -8.65
N ALA A 95 35.15 -19.73 -7.91
CA ALA A 95 33.85 -19.38 -8.45
C ALA A 95 33.77 -17.86 -8.69
N SER A 96 34.61 -17.11 -7.99
CA SER A 96 34.85 -15.72 -8.31
C SER A 96 36.33 -15.45 -8.08
N VAL A 97 36.95 -14.73 -9.00
CA VAL A 97 38.29 -14.20 -8.77
C VAL A 97 38.29 -12.72 -9.10
N VAL A 98 39.12 -11.97 -8.38
CA VAL A 98 39.32 -10.56 -8.69
C VAL A 98 40.73 -10.19 -8.26
N SER A 99 41.35 -9.28 -9.00
CA SER A 99 42.69 -8.81 -8.73
C SER A 99 42.68 -7.33 -8.38
N TRP A 100 43.52 -6.92 -7.45
CA TRP A 100 43.65 -5.49 -7.11
C TRP A 100 45.06 -5.25 -6.63
N SER A 101 45.69 -4.19 -7.15
CA SER A 101 47.11 -3.95 -6.95
C SER A 101 47.87 -5.24 -7.28
N ASP A 102 48.75 -5.69 -6.38
CA ASP A 102 49.47 -6.96 -6.56
C ASP A 102 48.85 -8.08 -5.72
N VAL A 103 47.56 -7.96 -5.42
CA VAL A 103 46.86 -8.93 -4.60
C VAL A 103 45.76 -9.64 -5.40
N ILE A 104 45.58 -10.92 -5.15
CA ILE A 104 44.52 -11.70 -5.79
C ILE A 104 43.56 -12.22 -4.73
N VAL A 105 42.27 -12.08 -5.01
CA VAL A 105 41.24 -12.55 -4.14
C VAL A 105 40.42 -13.59 -4.88
N ALA A 106 40.35 -14.78 -4.31
CA ALA A 106 39.65 -15.90 -4.92
C ALA A 106 38.73 -16.48 -3.88
N CYS A 107 37.46 -16.62 -4.24
CA CYS A 107 36.43 -16.99 -3.29
C CYS A 107 35.88 -18.38 -3.51
N ALA A 108 35.41 -18.97 -2.40
CA ALA A 108 34.84 -20.31 -2.35
C ALA A 108 33.47 -20.16 -1.75
N PRO A 109 32.47 -19.78 -2.57
CA PRO A 109 31.17 -19.43 -2.02
C PRO A 109 30.44 -20.56 -1.31
N TRP A 110 30.75 -21.82 -1.64
CA TRP A 110 30.04 -22.94 -1.03
C TRP A 110 30.85 -23.64 0.05
N GLN A 111 31.89 -22.98 0.57
CA GLN A 111 32.61 -23.53 1.72
C GLN A 111 31.64 -23.63 2.89
N HIS A 112 31.59 -24.80 3.50
CA HIS A 112 30.66 -25.03 4.59
C HIS A 112 31.36 -24.84 5.94
N TRP A 113 30.55 -24.62 6.97
CA TRP A 113 31.02 -24.26 8.30
C TRP A 113 30.08 -24.85 9.32
N ASN A 114 30.60 -25.25 10.47
CA ASN A 114 29.76 -25.67 11.59
C ASN A 114 30.47 -25.39 12.89
N VAL A 115 29.71 -25.31 13.97
CA VAL A 115 30.22 -25.16 15.31
C VAL A 115 29.47 -26.18 16.17
N LEU A 116 30.23 -27.03 16.87
CA LEU A 116 29.65 -28.01 17.79
C LEU A 116 29.88 -27.57 19.22
N GLU A 117 28.90 -27.83 20.08
CA GLU A 117 29.01 -27.58 21.51
C GLU A 117 28.15 -28.62 22.18
N LYS A 118 28.80 -29.60 22.80
CA LYS A 118 28.12 -30.75 23.39
C LYS A 118 27.25 -31.48 22.34
N THR A 119 25.94 -31.58 22.55
CA THR A 119 25.07 -32.27 21.59
C THR A 119 24.44 -31.29 20.58
N GLU A 120 24.73 -29.99 20.71
CA GLU A 120 24.16 -28.97 19.83
C GLU A 120 25.13 -28.50 18.77
N GLU A 121 24.61 -27.74 17.81
CA GLU A 121 25.43 -27.24 16.72
C GLU A 121 24.82 -26.00 16.11
N ALA A 122 25.67 -25.28 15.37
CA ALA A 122 25.24 -24.14 14.57
C ALA A 122 24.44 -24.58 13.34
N GLU A 123 24.71 -25.81 12.87
CA GLU A 123 24.24 -26.36 11.58
C GLU A 123 25.34 -26.14 10.54
N LYS A 124 25.58 -27.18 9.73
CA LYS A 124 26.61 -27.14 8.68
C LYS A 124 26.04 -26.41 7.47
N THR A 125 26.55 -25.21 7.22
CA THR A 125 25.96 -24.31 6.24
C THR A 125 27.01 -23.62 5.37
N PRO A 126 26.64 -23.19 4.15
CA PRO A 126 27.59 -22.59 3.23
C PRO A 126 27.81 -21.09 3.49
N VAL A 127 28.64 -20.77 4.49
CA VAL A 127 28.98 -19.39 4.82
C VAL A 127 29.83 -18.74 3.72
N GLY A 128 30.56 -19.56 2.99
CA GLY A 128 31.49 -19.09 1.98
C GLY A 128 32.79 -18.61 2.62
N SER A 129 33.79 -18.38 1.78
CA SER A 129 35.06 -17.85 2.24
C SER A 129 35.88 -17.33 1.07
N CYS A 130 36.72 -16.34 1.34
CA CYS A 130 37.62 -15.83 0.31
C CYS A 130 39.06 -16.04 0.74
N PHE A 131 39.89 -16.34 -0.25
CA PHE A 131 41.31 -16.53 -0.06
C PHE A 131 42.02 -15.40 -0.78
N LEU A 132 43.01 -14.81 -0.09
CA LEU A 132 43.74 -13.69 -0.61
C LEU A 132 45.19 -14.08 -0.74
N ALA A 133 45.80 -13.70 -1.85
CA ALA A 133 47.18 -14.01 -2.10
C ALA A 133 47.90 -12.79 -2.65
N GLN A 134 49.12 -12.59 -2.18
CA GLN A 134 50.08 -11.72 -2.83
C GLN A 134 51.14 -12.62 -3.45
N PRO A 135 50.99 -12.95 -4.74
CA PRO A 135 51.84 -13.92 -5.42
C PRO A 135 53.34 -13.73 -5.26
N GLU A 136 53.81 -12.48 -5.33
CA GLU A 136 55.26 -12.22 -5.33
C GLU A 136 55.90 -12.48 -3.98
N SER A 137 55.17 -12.22 -2.89
CA SER A 137 55.71 -12.39 -1.54
C SER A 137 55.40 -13.76 -0.95
N GLY A 138 54.37 -14.42 -1.48
CA GLY A 138 53.84 -15.62 -0.87
C GLY A 138 52.82 -15.39 0.23
N ARG A 139 52.51 -14.13 0.56
CA ARG A 139 51.56 -13.85 1.65
C ARG A 139 50.19 -14.43 1.35
N ARG A 140 49.54 -14.97 2.37
CA ARG A 140 48.20 -15.51 2.24
C ARG A 140 47.31 -15.02 3.38
N ALA A 141 46.04 -14.83 3.10
CA ALA A 141 45.08 -14.47 4.11
C ALA A 141 43.73 -15.03 3.72
N GLU A 142 42.79 -14.95 4.65
CA GLU A 142 41.42 -15.37 4.37
C GLU A 142 40.46 -14.38 4.98
N TYR A 143 39.25 -14.36 4.46
CA TYR A 143 38.18 -13.50 4.95
C TYR A 143 36.88 -14.28 4.84
N SER A 144 36.22 -14.50 5.98
CA SER A 144 34.98 -15.26 6.02
C SER A 144 34.03 -14.57 6.98
N PRO A 145 33.42 -13.47 6.53
CA PRO A 145 32.64 -12.59 7.40
C PRO A 145 31.36 -13.19 7.97
N CYS A 146 30.90 -14.28 7.41
CA CYS A 146 29.63 -14.86 7.83
C CYS A 146 29.74 -16.04 8.81
N ARG A 147 30.96 -16.50 9.08
CA ARG A 147 31.15 -17.47 10.14
C ARG A 147 30.66 -16.92 11.48
N GLY A 148 29.93 -17.75 12.22
CA GLY A 148 29.51 -17.42 13.58
C GLY A 148 29.72 -18.61 14.49
N ASN A 149 29.49 -18.40 15.79
CA ASN A 149 29.54 -19.47 16.77
C ASN A 149 28.25 -19.53 17.58
N THR A 150 27.15 -19.08 16.98
CA THR A 150 25.84 -19.17 17.64
C THR A 150 25.19 -20.51 17.31
N LEU A 151 24.55 -21.11 18.32
CA LEU A 151 23.89 -22.39 18.14
C LEU A 151 22.51 -22.29 17.51
N SER A 152 22.11 -23.36 16.85
CA SER A 152 20.87 -23.43 16.10
C SER A 152 19.66 -22.98 16.91
N ARG A 153 19.63 -23.39 18.17
CA ARG A 153 18.50 -23.10 19.05
C ARG A 153 18.31 -21.59 19.27
N ILE A 154 19.40 -20.82 19.27
CA ILE A 154 19.34 -19.39 19.55
C ILE A 154 18.76 -18.64 18.35
N TYR A 155 19.06 -19.11 17.15
CA TYR A 155 18.43 -18.55 15.96
C TYR A 155 16.92 -18.78 16.01
N VAL A 156 16.50 -19.98 16.40
CA VAL A 156 15.07 -20.33 16.49
C VAL A 156 14.40 -19.44 17.53
N GLU A 157 15.03 -19.30 18.69
CA GLU A 157 14.49 -18.45 19.76
C GLU A 157 14.47 -16.95 19.37
N ASN A 158 15.34 -16.53 18.45
CA ASN A 158 15.38 -15.13 18.00
C ASN A 158 14.78 -14.92 16.61
N ASP A 159 13.91 -15.85 16.21
CA ASP A 159 13.18 -15.78 14.94
C ASP A 159 14.03 -15.63 13.68
N PHE A 160 15.24 -16.21 13.70
CA PHE A 160 16.10 -16.28 12.53
C PHE A 160 16.57 -14.91 12.06
N SER A 161 16.63 -13.97 12.99
CA SER A 161 17.09 -12.62 12.69
C SER A 161 18.60 -12.61 12.59
N TRP A 162 19.13 -11.85 11.64
CA TRP A 162 20.58 -11.72 11.47
C TRP A 162 21.26 -13.07 11.24
N ASP A 163 20.64 -13.89 10.40
CA ASP A 163 21.10 -15.26 10.15
C ASP A 163 22.05 -15.30 8.97
N LYS A 164 23.34 -15.33 9.25
CA LYS A 164 24.35 -15.30 8.21
C LYS A 164 24.87 -16.68 7.81
N ARG A 165 24.20 -17.73 8.25
CA ARG A 165 24.71 -19.09 8.06
C ARG A 165 24.79 -19.57 6.61
N TYR A 166 24.00 -19.01 5.70
CA TYR A 166 23.94 -19.47 4.29
C TYR A 166 24.45 -18.40 3.33
N CYS A 167 25.29 -17.50 3.82
CA CYS A 167 25.72 -16.30 3.10
C CYS A 167 26.17 -16.56 1.69
N GLU A 168 27.06 -17.54 1.56
CA GLU A 168 27.82 -17.76 0.33
C GLU A 168 28.64 -16.51 -0.01
N ALA A 169 29.35 -16.01 0.97
CA ALA A 169 30.22 -14.85 0.79
C ALA A 169 31.22 -15.17 -0.29
N GLY A 170 31.42 -14.22 -1.20
CA GLY A 170 32.36 -14.39 -2.29
C GLY A 170 31.69 -14.84 -3.55
N PHE A 171 30.39 -15.05 -3.48
CA PHE A 171 29.60 -15.44 -4.66
C PHE A 171 29.84 -14.44 -5.78
N SER A 172 29.95 -13.17 -5.40
CA SER A 172 30.41 -12.10 -6.27
C SER A 172 31.32 -11.26 -5.43
N SER A 173 32.22 -10.53 -6.08
CA SER A 173 33.23 -9.74 -5.39
C SER A 173 33.67 -8.59 -6.29
N VAL A 174 34.19 -7.55 -5.66
CA VAL A 174 34.71 -6.40 -6.34
C VAL A 174 35.59 -5.70 -5.32
N VAL A 175 36.63 -5.00 -5.79
CA VAL A 175 37.51 -4.22 -4.90
C VAL A 175 37.50 -2.77 -5.35
N THR A 176 37.22 -1.84 -4.42
CA THR A 176 37.28 -0.41 -4.74
C THR A 176 38.70 0.00 -5.04
N GLN A 177 38.86 1.14 -5.73
CA GLN A 177 40.19 1.63 -6.09
C GLN A 177 41.09 1.84 -4.88
N ALA A 178 40.49 2.23 -3.76
CA ALA A 178 41.25 2.42 -2.51
C ALA A 178 41.56 1.08 -1.80
N GLY A 179 41.03 -0.02 -2.33
CA GLY A 179 41.38 -1.33 -1.83
C GLY A 179 40.45 -1.86 -0.76
N GLU A 180 39.17 -1.52 -0.84
CA GLU A 180 38.20 -2.17 0.02
C GLU A 180 37.61 -3.34 -0.76
N LEU A 181 37.71 -4.55 -0.21
CA LEU A 181 37.06 -5.72 -0.78
C LEU A 181 35.57 -5.69 -0.43
N VAL A 182 34.72 -5.88 -1.42
CA VAL A 182 33.29 -5.94 -1.20
C VAL A 182 32.80 -7.27 -1.74
N LEU A 183 32.16 -8.06 -0.89
CA LEU A 183 31.71 -9.38 -1.28
C LEU A 183 30.19 -9.42 -1.28
N GLY A 184 29.62 -9.98 -2.35
CA GLY A 184 28.21 -10.31 -2.38
C GLY A 184 27.99 -11.67 -1.76
N ALA A 185 26.94 -11.76 -0.95
CA ALA A 185 26.60 -12.96 -0.20
C ALA A 185 25.11 -13.12 -0.38
N PRO A 186 24.68 -13.70 -1.50
CA PRO A 186 23.25 -13.72 -1.83
C PRO A 186 22.36 -14.53 -0.90
N GLY A 187 22.93 -15.41 -0.07
CA GLY A 187 22.13 -16.20 0.87
C GLY A 187 22.04 -15.53 2.24
N GLY A 188 22.66 -14.37 2.37
CA GLY A 188 22.78 -13.70 3.68
C GLY A 188 21.43 -13.36 4.25
N TYR A 189 21.33 -13.43 5.58
CA TYR A 189 20.09 -13.12 6.31
C TYR A 189 18.90 -13.92 5.79
N TYR A 190 19.06 -15.24 5.79
CA TYR A 190 18.00 -16.19 5.38
C TYR A 190 17.49 -15.88 3.97
N PHE A 191 18.45 -15.79 3.05
CA PHE A 191 18.25 -15.70 1.60
C PHE A 191 17.78 -14.35 1.05
N LEU A 192 17.91 -13.31 1.87
CA LEU A 192 17.70 -11.94 1.39
C LEU A 192 18.90 -11.49 0.59
N GLY A 193 20.08 -11.73 1.15
CA GLY A 193 21.31 -11.29 0.56
C GLY A 193 21.95 -10.19 1.38
N LEU A 194 23.27 -10.18 1.42
CA LEU A 194 24.01 -9.13 2.10
C LEU A 194 25.30 -8.85 1.38
N LEU A 195 25.91 -7.72 1.75
CA LEU A 195 27.23 -7.33 1.31
C LEU A 195 28.11 -7.22 2.53
N ALA A 196 29.36 -7.66 2.40
CA ALA A 196 30.38 -7.53 3.44
C ALA A 196 31.59 -6.81 2.85
N GLN A 197 32.12 -5.82 3.57
CA GLN A 197 33.24 -5.03 3.08
C GLN A 197 34.33 -4.94 4.14
N ALA A 198 35.58 -5.02 3.72
CA ALA A 198 36.70 -4.73 4.61
C ALA A 198 37.91 -4.35 3.77
N PRO A 199 38.75 -3.43 4.28
CA PRO A 199 39.97 -3.12 3.54
C PRO A 199 40.87 -4.34 3.43
N VAL A 200 41.46 -4.54 2.25
CA VAL A 200 42.36 -5.66 2.03
C VAL A 200 43.52 -5.63 3.02
N ALA A 201 44.05 -4.44 3.29
CA ALA A 201 45.17 -4.30 4.20
C ALA A 201 44.83 -4.85 5.59
N ASP A 202 43.58 -4.64 6.02
CA ASP A 202 43.11 -5.09 7.33
C ASP A 202 42.76 -6.56 7.35
N ILE A 203 42.37 -7.11 6.20
CA ILE A 203 42.18 -8.56 6.09
C ILE A 203 43.50 -9.30 6.33
N PHE A 204 44.57 -8.86 5.65
CA PHE A 204 45.88 -9.47 5.84
C PHE A 204 46.42 -9.30 7.26
N SER A 205 46.26 -8.12 7.84
CA SER A 205 46.89 -7.85 9.14
C SER A 205 46.13 -8.47 10.30
N SER A 206 44.87 -8.82 10.08
CA SER A 206 44.03 -9.42 11.11
C SER A 206 43.99 -10.96 11.06
N TYR A 207 44.40 -11.55 9.92
CA TYR A 207 44.38 -13.00 9.77
C TYR A 207 45.62 -13.69 10.33
N ARG A 208 45.40 -14.80 11.02
CA ARG A 208 46.43 -15.77 11.35
C ARG A 208 45.86 -17.18 11.10
N PRO A 209 46.70 -18.12 10.64
CA PRO A 209 46.16 -19.46 10.38
C PRO A 209 45.71 -20.17 11.66
N GLY A 210 44.68 -20.98 11.54
CA GLY A 210 44.19 -21.81 12.65
C GLY A 210 43.18 -21.17 13.59
N ILE A 211 42.90 -19.87 13.43
CA ILE A 211 42.04 -19.15 14.36
C ILE A 211 40.57 -19.38 14.00
N LEU A 212 40.28 -19.32 12.70
CA LEU A 212 38.97 -19.64 12.12
C LEU A 212 37.88 -18.58 12.36
N LEU A 213 37.75 -18.10 13.60
CA LEU A 213 36.85 -17.00 13.92
C LEU A 213 37.67 -15.86 14.47
N TRP A 214 37.73 -14.75 13.76
CA TRP A 214 38.53 -13.60 14.20
C TRP A 214 37.85 -12.31 13.79
N HIS A 215 38.26 -11.20 14.40
CA HIS A 215 37.64 -9.90 14.13
C HIS A 215 38.44 -9.11 13.09
N VAL A 216 37.73 -8.61 12.08
CA VAL A 216 38.26 -7.61 11.14
C VAL A 216 37.47 -6.34 11.45
N SER A 217 38.01 -5.48 12.30
CA SER A 217 37.18 -4.44 12.98
C SER A 217 36.71 -3.30 12.09
N SER A 218 37.42 -3.09 10.97
CA SER A 218 37.07 -2.08 9.99
C SER A 218 36.02 -2.59 8.99
N GLN A 219 35.52 -3.80 9.21
CA GLN A 219 34.57 -4.38 8.28
C GLN A 219 33.21 -3.78 8.51
N SER A 220 32.37 -3.87 7.49
CA SER A 220 31.02 -3.35 7.56
C SER A 220 30.13 -4.28 6.75
N LEU A 221 29.05 -4.76 7.36
CA LEU A 221 28.07 -5.59 6.66
C LEU A 221 26.77 -4.84 6.47
N SER A 222 26.03 -5.21 5.42
CA SER A 222 24.70 -4.63 5.21
C SER A 222 23.71 -5.18 6.26
N PHE A 223 22.42 -4.92 6.07
CA PHE A 223 21.43 -5.13 7.12
C PHE A 223 20.34 -6.13 6.72
N ASP A 224 19.75 -6.76 7.73
CA ASP A 224 18.58 -7.62 7.58
C ASP A 224 17.40 -6.70 7.29
N SER A 225 16.29 -7.26 6.85
CA SER A 225 15.09 -6.51 6.56
C SER A 225 13.82 -7.32 6.90
N SER A 226 12.77 -6.61 7.25
CA SER A 226 11.48 -7.21 7.51
C SER A 226 10.58 -7.10 6.30
N ASN A 227 11.05 -6.42 5.25
CA ASN A 227 10.23 -6.13 4.06
C ASN A 227 10.23 -7.33 3.10
N PRO A 228 9.04 -7.92 2.84
CA PRO A 228 8.98 -9.13 2.01
C PRO A 228 9.47 -8.94 0.57
N GLU A 229 9.51 -7.71 0.11
CA GLU A 229 10.11 -7.41 -1.19
C GLU A 229 11.52 -7.93 -1.32
N TYR A 230 12.24 -7.96 -0.21
CA TYR A 230 13.63 -8.42 -0.20
C TYR A 230 13.77 -9.94 -0.03
N PHE A 231 12.71 -10.62 0.41
CA PHE A 231 12.83 -12.05 0.74
C PHE A 231 13.18 -12.84 -0.51
N ASP A 232 14.12 -13.77 -0.35
CA ASP A 232 14.65 -14.59 -1.46
C ASP A 232 15.05 -13.74 -2.67
N GLY A 233 15.61 -12.56 -2.42
CA GLY A 233 15.95 -11.60 -3.45
C GLY A 233 17.34 -11.79 -4.00
N TYR A 234 18.20 -12.50 -3.25
CA TYR A 234 19.57 -12.78 -3.66
C TYR A 234 20.36 -11.52 -3.97
N TRP A 235 20.13 -10.52 -3.12
CA TRP A 235 20.82 -9.23 -3.13
C TRP A 235 22.31 -9.52 -2.88
N GLY A 236 23.15 -9.27 -3.88
CA GLY A 236 24.57 -9.65 -3.81
C GLY A 236 24.96 -10.72 -4.82
N TYR A 237 24.01 -11.13 -5.66
CA TYR A 237 24.25 -12.10 -6.72
C TYR A 237 25.30 -11.54 -7.65
N SER A 238 25.24 -10.22 -7.85
CA SER A 238 26.27 -9.50 -8.61
C SER A 238 26.59 -8.21 -7.90
N VAL A 239 27.84 -7.76 -8.04
CA VAL A 239 28.27 -6.50 -7.42
CA VAL A 239 28.25 -6.49 -7.44
C VAL A 239 29.22 -5.72 -8.33
N ALA A 240 29.22 -4.40 -8.18
CA ALA A 240 30.11 -3.52 -8.92
C ALA A 240 30.29 -2.25 -8.10
N VAL A 241 31.24 -1.42 -8.48
CA VAL A 241 31.44 -0.13 -7.81
C VAL A 241 31.51 0.95 -8.87
N GLY A 242 31.33 2.20 -8.44
CA GLY A 242 31.36 3.34 -9.34
C GLY A 242 31.09 4.63 -8.61
N GLU A 243 31.03 5.72 -9.36
CA GLU A 243 30.82 7.05 -8.83
C GLU A 243 29.47 7.55 -9.30
N PHE A 244 28.50 7.63 -8.40
CA PHE A 244 27.12 7.96 -8.76
C PHE A 244 26.45 9.09 -7.97
N ASP A 245 27.15 9.68 -6.99
CA ASP A 245 26.58 10.79 -6.20
C ASP A 245 27.32 12.12 -6.38
N GLY A 246 28.24 12.18 -7.34
CA GLY A 246 28.97 13.41 -7.65
C GLY A 246 30.08 13.79 -6.68
N ASP A 247 30.20 13.05 -5.58
CA ASP A 247 31.20 13.32 -4.55
C ASP A 247 32.34 12.32 -4.72
N LEU A 248 33.46 12.80 -5.22
CA LEU A 248 34.57 11.95 -5.63
C LEU A 248 35.32 11.26 -4.46
N ASN A 249 35.04 11.68 -3.23
CA ASN A 249 35.66 11.04 -2.05
C ASN A 249 34.82 9.88 -1.46
N THR A 250 33.62 9.68 -1.99
CA THR A 250 32.77 8.54 -1.61
C THR A 250 32.65 7.58 -2.77
N THR A 251 32.75 6.28 -2.47
CA THR A 251 32.55 5.24 -3.48
C THR A 251 31.18 4.61 -3.27
N GLU A 252 30.42 4.48 -4.36
CA GLU A 252 29.09 3.89 -4.32
C GLU A 252 29.14 2.43 -4.77
N TYR A 253 28.21 1.63 -4.25
CA TYR A 253 28.15 0.22 -4.57
C TYR A 253 26.94 -0.01 -5.43
N VAL A 254 27.07 -0.92 -6.38
CA VAL A 254 25.95 -1.32 -7.22
C VAL A 254 25.74 -2.81 -7.00
N VAL A 255 24.51 -3.19 -6.69
CA VAL A 255 24.20 -4.53 -6.24
C VAL A 255 23.01 -5.09 -7.00
N GLY A 256 23.20 -6.26 -7.60
CA GLY A 256 22.12 -6.96 -8.24
C GLY A 256 21.41 -7.89 -7.29
N ALA A 257 20.09 -7.91 -7.42
CA ALA A 257 19.17 -8.70 -6.60
C ALA A 257 18.15 -9.26 -7.57
N PRO A 258 18.53 -10.30 -8.30
CA PRO A 258 17.76 -10.72 -9.48
C PRO A 258 16.41 -11.38 -9.22
N THR A 259 16.12 -11.72 -7.97
CA THR A 259 14.81 -12.24 -7.61
C THR A 259 14.06 -11.32 -6.63
N TRP A 260 14.54 -10.08 -6.50
CA TRP A 260 13.91 -9.08 -5.64
C TRP A 260 12.43 -8.90 -5.97
N SER A 261 11.62 -8.76 -4.92
CA SER A 261 10.17 -8.55 -5.05
C SER A 261 9.51 -9.61 -5.91
N TRP A 262 9.43 -10.81 -5.37
CA TRP A 262 8.74 -11.92 -6.04
C TRP A 262 9.20 -12.10 -7.50
N THR A 263 10.52 -12.09 -7.67
CA THR A 263 11.23 -12.39 -8.92
C THR A 263 11.13 -11.32 -10.00
N LEU A 264 10.68 -10.11 -9.64
CA LEU A 264 10.76 -8.97 -10.54
C LEU A 264 12.22 -8.61 -10.82
N GLY A 265 13.07 -8.67 -9.79
CA GLY A 265 14.48 -8.36 -9.93
C GLY A 265 14.73 -6.88 -9.70
N ALA A 266 15.95 -6.54 -9.28
CA ALA A 266 16.30 -5.15 -9.07
C ALA A 266 17.80 -4.98 -9.02
N VAL A 267 18.24 -3.75 -9.26
CA VAL A 267 19.60 -3.34 -8.99
C VAL A 267 19.51 -2.08 -8.15
N GLU A 268 20.35 -1.99 -7.12
CA GLU A 268 20.36 -0.86 -6.23
C GLU A 268 21.72 -0.19 -6.24
N ILE A 269 21.72 1.13 -6.11
CA ILE A 269 22.94 1.91 -5.94
C ILE A 269 22.93 2.43 -4.53
N LEU A 270 24.02 2.20 -3.81
CA LEU A 270 24.07 2.61 -2.42
C LEU A 270 25.38 3.30 -2.10
N ASP A 271 25.38 4.07 -1.02
CA ASP A 271 26.59 4.65 -0.50
C ASP A 271 27.31 3.58 0.30
N SER A 272 28.48 3.90 0.84
CA SER A 272 29.31 2.87 1.46
C SER A 272 28.83 2.49 2.88
N TYR A 273 27.80 3.18 3.37
CA TYR A 273 27.13 2.80 4.60
C TYR A 273 25.89 1.92 4.33
N TYR A 274 25.69 1.56 3.07
CA TYR A 274 24.60 0.69 2.61
C TYR A 274 23.24 1.39 2.60
N GLN A 275 23.23 2.71 2.55
CA GLN A 275 22.00 3.45 2.39
C GLN A 275 21.69 3.53 0.91
N ARG A 276 20.44 3.27 0.58
CA ARG A 276 20.03 3.17 -0.82
C ARG A 276 19.90 4.55 -1.43
N LEU A 277 20.56 4.76 -2.55
CA LEU A 277 20.51 6.02 -3.30
C LEU A 277 19.54 5.93 -4.48
N HIS A 278 19.61 4.82 -5.23
CA HIS A 278 18.61 4.56 -6.27
CA HIS A 278 18.74 4.54 -6.39
C HIS A 278 18.30 3.07 -6.40
N ARG A 279 17.11 2.78 -6.91
CA ARG A 279 16.71 1.41 -7.21
C ARG A 279 16.15 1.32 -8.62
N LEU A 280 16.70 0.41 -9.40
CA LEU A 280 16.20 0.12 -10.74
C LEU A 280 15.41 -1.17 -10.65
N ARG A 281 14.13 -1.13 -11.03
CA ARG A 281 13.28 -2.31 -10.97
C ARG A 281 13.34 -3.10 -12.26
N GLY A 282 13.21 -4.41 -12.14
CA GLY A 282 13.14 -5.25 -13.34
C GLY A 282 11.87 -4.99 -14.12
N GLU A 283 11.88 -5.39 -15.38
CA GLU A 283 10.81 -5.15 -16.33
C GLU A 283 9.84 -6.32 -16.34
N GLN A 284 10.37 -7.54 -16.24
CA GLN A 284 9.62 -8.76 -16.44
C GLN A 284 10.01 -9.75 -15.36
N MET A 285 9.03 -10.34 -14.70
CA MET A 285 9.31 -11.34 -13.66
C MET A 285 10.07 -12.55 -14.23
N ALA A 286 11.02 -13.07 -13.45
CA ALA A 286 11.82 -14.22 -13.84
C ALA A 286 12.90 -13.92 -14.88
N SER A 287 13.02 -12.67 -15.31
CA SER A 287 14.02 -12.28 -16.32
C SER A 287 15.43 -12.33 -15.75
N TYR A 288 15.54 -12.34 -14.43
CA TYR A 288 16.82 -12.32 -13.72
C TYR A 288 17.56 -10.98 -13.95
N PHE A 289 16.78 -9.91 -13.93
CA PHE A 289 17.29 -8.54 -14.00
C PHE A 289 18.18 -8.35 -12.81
N GLY A 290 19.45 -8.06 -13.06
CA GLY A 290 20.44 -7.95 -11.98
C GLY A 290 21.42 -9.11 -11.94
N HIS A 291 21.26 -10.07 -12.85
CA HIS A 291 22.18 -11.19 -12.98
C HIS A 291 23.61 -10.68 -13.12
N SER A 292 23.74 -9.60 -13.88
CA SER A 292 25.02 -8.98 -14.10
C SER A 292 24.83 -7.48 -14.12
N VAL A 293 25.85 -6.78 -13.62
CA VAL A 293 25.88 -5.34 -13.62
C VAL A 293 27.28 -4.90 -14.07
N ALA A 294 27.35 -3.81 -14.83
CA ALA A 294 28.61 -3.26 -15.29
C ALA A 294 28.57 -1.74 -15.18
N VAL A 295 29.69 -1.15 -14.84
CA VAL A 295 29.80 0.29 -14.65
C VAL A 295 30.93 0.84 -15.50
N THR A 296 30.57 1.76 -16.40
CA THR A 296 31.55 2.40 -17.28
C THR A 296 30.89 3.62 -17.90
N ASP A 297 31.66 4.66 -18.15
CA ASP A 297 31.14 5.84 -18.84
C ASP A 297 31.21 5.58 -20.33
N VAL A 298 30.05 5.35 -20.94
CA VAL A 298 30.00 5.00 -22.36
C VAL A 298 29.81 6.22 -23.27
N ASN A 299 29.38 7.36 -22.72
CA ASN A 299 29.07 8.52 -23.57
C ASN A 299 30.01 9.73 -23.43
N GLY A 300 31.16 9.52 -22.80
CA GLY A 300 32.24 10.47 -22.78
C GLY A 300 32.00 11.76 -22.03
N ASP A 301 31.04 11.77 -21.10
CA ASP A 301 30.80 12.96 -20.28
C ASP A 301 31.46 12.85 -18.90
N GLY A 302 32.26 11.80 -18.70
CA GLY A 302 32.98 11.62 -17.43
C GLY A 302 32.12 11.09 -16.28
N ARG A 303 30.83 10.85 -16.54
CA ARG A 303 29.91 10.31 -15.53
C ARG A 303 29.62 8.83 -15.83
N HIS A 304 29.86 8.00 -14.82
CA HIS A 304 29.63 6.55 -14.91
C HIS A 304 28.21 6.22 -15.26
N ASP A 305 28.05 5.31 -16.22
CA ASP A 305 26.76 4.76 -16.57
C ASP A 305 26.65 3.33 -16.08
N LEU A 306 25.43 2.83 -16.05
CA LEU A 306 25.15 1.52 -15.50
C LEU A 306 24.59 0.65 -16.59
N LEU A 307 25.08 -0.58 -16.68
CA LEU A 307 24.48 -1.57 -17.55
C LEU A 307 23.96 -2.70 -16.68
N VAL A 308 22.78 -3.20 -17.01
CA VAL A 308 22.20 -4.31 -16.27
C VAL A 308 21.78 -5.40 -17.21
N GLY A 309 22.14 -6.65 -16.86
CA GLY A 309 21.74 -7.83 -17.63
C GLY A 309 20.50 -8.50 -17.06
N ALA A 310 19.59 -8.91 -17.95
CA ALA A 310 18.44 -9.75 -17.62
C ALA A 310 18.43 -10.91 -18.61
N PRO A 311 19.24 -11.95 -18.37
CA PRO A 311 19.50 -12.99 -19.40
C PRO A 311 18.31 -13.86 -19.81
N LEU A 312 17.26 -13.91 -19.01
CA LEU A 312 16.08 -14.73 -19.30
C LEU A 312 14.88 -13.89 -19.70
N TYR A 313 15.12 -12.63 -20.07
CA TYR A 313 14.07 -11.76 -20.59
C TYR A 313 13.43 -12.38 -21.81
N MET A 314 12.11 -12.52 -21.78
CA MET A 314 11.33 -12.98 -22.92
C MET A 314 10.74 -11.84 -23.73
N GLU A 315 11.12 -11.81 -25.01
CA GLU A 315 10.73 -10.78 -25.93
C GLU A 315 9.39 -11.14 -26.55
N SER A 316 8.55 -10.13 -26.79
CA SER A 316 7.24 -10.36 -27.38
CA SER A 316 7.23 -10.35 -27.39
C SER A 316 7.38 -10.53 -28.89
N ARG A 317 6.66 -11.49 -29.45
CA ARG A 317 6.69 -11.75 -30.88
C ARG A 317 5.28 -11.94 -31.40
N ALA A 318 5.16 -12.22 -32.69
CA ALA A 318 3.88 -12.33 -33.36
C ALA A 318 3.00 -13.41 -32.74
N ASP A 319 1.69 -13.14 -32.73
CA ASP A 319 0.66 -14.06 -32.25
C ASP A 319 0.68 -14.23 -30.72
N ARG A 320 0.95 -13.13 -30.02
CA ARG A 320 0.96 -13.10 -28.55
C ARG A 320 1.87 -14.18 -27.94
N LYS A 321 3.04 -14.35 -28.55
CA LYS A 321 4.03 -15.32 -28.08
C LYS A 321 5.27 -14.61 -27.57
N LEU A 322 6.02 -15.32 -26.75
CA LEU A 322 7.13 -14.78 -26.01
C LEU A 322 8.31 -15.66 -26.30
N ALA A 323 9.48 -15.06 -26.43
CA ALA A 323 10.70 -15.79 -26.76
C ALA A 323 11.84 -15.40 -25.81
N GLU A 324 12.29 -16.35 -25.02
CA GLU A 324 13.41 -16.11 -24.11
C GLU A 324 14.67 -15.85 -24.90
N VAL A 325 15.19 -14.64 -24.78
CA VAL A 325 16.39 -14.23 -25.52
C VAL A 325 17.39 -13.43 -24.67
N GLY A 326 16.95 -12.83 -23.57
CA GLY A 326 17.82 -11.99 -22.77
C GLY A 326 17.83 -10.53 -23.22
N ARG A 327 18.10 -9.63 -22.28
CA ARG A 327 18.13 -8.20 -22.57
C ARG A 327 19.13 -7.48 -21.68
N VAL A 328 19.72 -6.42 -22.23
CA VAL A 328 20.62 -5.54 -21.51
C VAL A 328 20.04 -4.12 -21.48
N TYR A 329 20.14 -3.47 -20.32
CA TYR A 329 19.57 -2.14 -20.10
C TYR A 329 20.70 -1.15 -19.83
N LEU A 330 20.69 -0.01 -20.53
CA LEU A 330 21.66 1.04 -20.28
C LEU A 330 20.96 2.21 -19.61
N PHE A 331 21.53 2.65 -18.50
CA PHE A 331 21.03 3.83 -17.78
C PHE A 331 22.20 4.83 -17.74
N LEU A 332 22.03 5.98 -18.36
CA LEU A 332 23.07 7.00 -18.43
C LEU A 332 22.91 7.88 -17.21
N GLN A 333 24.01 8.19 -16.53
CA GLN A 333 23.94 9.04 -15.35
C GLN A 333 23.75 10.52 -15.72
N PRO A 334 22.65 11.11 -15.24
CA PRO A 334 22.39 12.53 -15.49
C PRO A 334 23.34 13.45 -14.74
N ARG A 335 23.40 14.71 -15.18
CA ARG A 335 24.19 15.74 -14.53
C ARG A 335 23.53 16.09 -13.19
N GLY A 336 24.33 16.23 -12.14
CA GLY A 336 23.84 16.71 -10.86
C GLY A 336 23.05 15.69 -10.05
N PRO A 337 22.44 16.15 -8.93
CA PRO A 337 21.77 15.23 -7.99
C PRO A 337 20.36 14.84 -8.45
N HIS A 338 20.28 14.03 -9.50
CA HIS A 338 18.99 13.61 -10.07
C HIS A 338 18.91 12.09 -10.16
N ALA A 339 17.68 11.60 -10.30
CA ALA A 339 17.44 10.16 -10.42
C ALA A 339 17.90 9.64 -11.78
N LEU A 340 18.47 8.45 -11.79
CA LEU A 340 18.64 7.71 -13.04
C LEU A 340 17.23 7.49 -13.56
N GLY A 341 17.07 7.65 -14.86
CA GLY A 341 15.73 7.66 -15.45
C GLY A 341 15.31 6.29 -15.92
N ALA A 342 14.37 6.29 -16.85
CA ALA A 342 14.09 5.11 -17.65
C ALA A 342 15.39 4.76 -18.35
N PRO A 343 15.51 3.52 -18.84
CA PRO A 343 16.68 3.21 -19.62
C PRO A 343 16.84 4.13 -20.84
N SER A 344 18.08 4.41 -21.21
CA SER A 344 18.39 5.16 -22.41
C SER A 344 18.40 4.25 -23.64
N LEU A 345 18.77 2.99 -23.43
CA LEU A 345 18.82 1.99 -24.49
C LEU A 345 18.50 0.59 -23.97
N LEU A 346 17.68 -0.14 -24.72
CA LEU A 346 17.47 -1.58 -24.53
C LEU A 346 18.15 -2.36 -25.65
N LEU A 347 19.06 -3.27 -25.29
CA LEU A 347 19.66 -4.21 -26.23
C LEU A 347 19.06 -5.59 -25.95
N THR A 348 18.56 -6.24 -26.99
CA THR A 348 17.79 -7.47 -26.84
C THR A 348 18.38 -8.61 -27.65
N GLY A 349 18.45 -9.79 -27.06
CA GLY A 349 19.00 -10.96 -27.74
C GLY A 349 18.12 -11.40 -28.90
N THR A 350 18.70 -12.25 -29.76
CA THR A 350 17.96 -12.78 -30.92
CA THR A 350 18.06 -12.78 -30.97
C THR A 350 17.81 -14.29 -30.87
N GLN A 351 18.82 -15.01 -30.38
CA GLN A 351 18.79 -16.47 -30.35
C GLN A 351 18.04 -16.99 -29.13
N LEU A 352 17.07 -17.87 -29.37
CA LEU A 352 16.25 -18.43 -28.31
C LEU A 352 17.13 -19.19 -27.32
N TYR A 353 16.94 -18.91 -26.03
CA TYR A 353 17.73 -19.49 -24.93
C TYR A 353 19.19 -19.06 -24.94
N GLY A 354 19.52 -18.00 -25.68
CA GLY A 354 20.90 -17.56 -25.81
C GLY A 354 21.50 -16.93 -24.56
N ARG A 355 20.65 -16.40 -23.68
CA ARG A 355 21.07 -15.73 -22.44
C ARG A 355 21.94 -14.50 -22.66
N PHE A 356 21.60 -13.74 -23.69
CA PHE A 356 22.20 -12.44 -23.94
C PHE A 356 22.06 -11.60 -22.66
N GLY A 357 23.16 -11.02 -22.19
CA GLY A 357 23.12 -10.20 -20.99
C GLY A 357 23.57 -10.96 -19.77
N SER A 358 24.07 -12.16 -20.00
CA SER A 358 24.50 -13.02 -18.91
C SER A 358 25.81 -12.48 -18.32
N ALA A 359 26.60 -11.78 -19.13
CA ALA A 359 27.80 -11.10 -18.65
C ALA A 359 28.00 -9.85 -19.50
N ILE A 360 28.47 -8.79 -18.86
CA ILE A 360 28.68 -7.50 -19.49
C ILE A 360 30.02 -7.00 -19.02
N ALA A 361 30.97 -6.85 -19.94
CA ALA A 361 32.32 -6.39 -19.62
C ALA A 361 32.57 -5.02 -20.23
N PRO A 362 32.92 -4.02 -19.40
CA PRO A 362 33.49 -2.80 -19.94
C PRO A 362 34.77 -3.13 -20.70
N LEU A 363 34.97 -2.53 -21.87
CA LEU A 363 36.13 -2.84 -22.71
C LEU A 363 37.14 -1.73 -22.68
N GLY A 364 36.83 -0.63 -21.99
CA GLY A 364 37.56 0.60 -22.19
C GLY A 364 37.28 1.05 -23.61
N ASP A 365 38.16 1.87 -24.16
CA ASP A 365 37.96 2.39 -25.52
C ASP A 365 38.69 1.50 -26.50
N LEU A 366 37.96 0.56 -27.08
CA LEU A 366 38.51 -0.46 -27.95
C LEU A 366 39.04 0.14 -29.25
N ASP A 367 38.22 0.93 -29.92
CA ASP A 367 38.57 1.49 -31.24
C ASP A 367 39.26 2.85 -31.17
N ARG A 368 39.50 3.35 -29.96
CA ARG A 368 40.32 4.55 -29.74
C ARG A 368 39.71 5.80 -30.37
N ASP A 369 38.41 5.99 -30.16
CA ASP A 369 37.68 7.13 -30.71
C ASP A 369 37.18 8.07 -29.60
N GLY A 370 37.57 7.81 -28.35
CA GLY A 370 37.17 8.64 -27.23
C GLY A 370 35.90 8.28 -26.47
N TYR A 371 35.29 7.14 -26.81
CA TYR A 371 34.15 6.62 -26.06
C TYR A 371 34.39 5.19 -25.64
N ASN A 372 34.08 4.87 -24.39
CA ASN A 372 34.22 3.51 -23.89
C ASN A 372 33.12 2.62 -24.43
N ASP A 373 33.46 1.34 -24.52
CA ASP A 373 32.69 0.36 -25.26
C ASP A 373 32.45 -0.83 -24.34
N ILE A 374 31.51 -1.70 -24.72
CA ILE A 374 31.22 -2.89 -23.92
C ILE A 374 31.13 -4.16 -24.76
N ALA A 375 31.31 -5.28 -24.10
CA ALA A 375 31.07 -6.60 -24.66
C ALA A 375 29.96 -7.26 -23.85
N VAL A 376 28.95 -7.79 -24.53
CA VAL A 376 27.88 -8.55 -23.90
C VAL A 376 27.96 -10.00 -24.36
N ALA A 377 27.92 -10.91 -23.39
CA ALA A 377 27.95 -12.35 -23.64
C ALA A 377 26.55 -12.89 -23.81
N ALA A 378 26.39 -13.75 -24.82
CA ALA A 378 25.25 -14.68 -24.94
C ALA A 378 25.79 -16.11 -24.98
N PRO A 379 26.02 -16.73 -23.81
CA PRO A 379 26.73 -18.01 -23.72
C PRO A 379 26.15 -19.17 -24.49
N TYR A 380 24.86 -19.12 -24.83
CA TYR A 380 24.22 -20.14 -25.65
C TYR A 380 23.63 -19.55 -26.92
N GLY A 381 24.07 -18.34 -27.24
CA GLY A 381 23.58 -17.67 -28.42
C GLY A 381 24.34 -18.05 -29.67
N GLY A 382 24.12 -17.26 -30.70
CA GLY A 382 24.70 -17.53 -32.00
C GLY A 382 23.82 -18.52 -32.71
N PRO A 383 23.91 -18.56 -34.04
CA PRO A 383 23.04 -19.39 -34.82
C PRO A 383 23.20 -20.88 -34.53
N SER A 384 24.35 -21.26 -33.99
CA SER A 384 24.64 -22.66 -33.69
C SER A 384 24.36 -22.98 -32.22
N GLY A 385 24.09 -21.96 -31.43
CA GLY A 385 23.81 -22.14 -30.01
C GLY A 385 25.07 -22.35 -29.16
N ARG A 386 26.24 -22.10 -29.74
CA ARG A 386 27.51 -22.39 -29.07
C ARG A 386 28.04 -21.25 -28.23
N GLY A 387 27.44 -20.08 -28.36
CA GLY A 387 27.87 -18.93 -27.61
C GLY A 387 28.42 -17.85 -28.50
N GLN A 388 28.09 -16.60 -28.15
CA GLN A 388 28.54 -15.42 -28.87
C GLN A 388 28.82 -14.32 -27.87
N VAL A 389 29.81 -13.47 -28.19
CA VAL A 389 30.04 -12.23 -27.49
C VAL A 389 29.85 -11.09 -28.49
N LEU A 390 29.10 -10.08 -28.09
CA LEU A 390 28.78 -8.99 -29.00
C LEU A 390 29.38 -7.70 -28.46
N VAL A 391 30.07 -6.96 -29.33
CA VAL A 391 30.70 -5.70 -28.96
C VAL A 391 29.80 -4.53 -29.40
N PHE A 392 29.55 -3.60 -28.50
CA PHE A 392 28.80 -2.40 -28.78
C PHE A 392 29.67 -1.22 -28.42
N LEU A 393 29.76 -0.27 -29.34
CA LEU A 393 30.61 0.91 -29.16
C LEU A 393 29.85 2.08 -28.52
N GLY A 394 30.53 2.80 -27.63
CA GLY A 394 29.98 3.99 -27.01
C GLY A 394 29.92 5.12 -28.01
N GLN A 395 29.08 6.10 -27.72
CA GLN A 395 28.94 7.30 -28.54
C GLN A 395 28.31 8.40 -27.68
N SER A 396 28.18 9.60 -28.23
CA SER A 396 27.80 10.75 -27.42
C SER A 396 26.44 10.61 -26.77
N GLU A 397 25.55 9.83 -27.40
CA GLU A 397 24.19 9.63 -26.89
C GLU A 397 24.02 8.32 -26.08
N GLY A 398 25.09 7.54 -25.94
CA GLY A 398 25.06 6.29 -25.16
C GLY A 398 25.85 5.16 -25.80
N LEU A 399 25.13 4.17 -26.33
CA LEU A 399 25.76 3.08 -27.08
C LEU A 399 25.08 2.94 -28.44
N ARG A 400 25.80 2.36 -29.38
CA ARG A 400 25.21 1.99 -30.66
C ARG A 400 24.23 0.83 -30.42
N SER A 401 23.15 0.80 -31.19
CA SER A 401 22.10 -0.20 -30.99
C SER A 401 22.44 -1.51 -31.68
N ARG A 402 23.46 -1.50 -32.54
CA ARG A 402 23.89 -2.67 -33.29
C ARG A 402 25.35 -2.97 -33.03
N PRO A 403 25.67 -4.26 -32.82
CA PRO A 403 27.02 -4.60 -32.46
C PRO A 403 28.00 -4.23 -33.57
N SER A 404 29.19 -3.79 -33.19
CA SER A 404 30.23 -3.50 -34.17
C SER A 404 30.92 -4.78 -34.62
N GLN A 405 30.81 -5.81 -33.79
CA GLN A 405 31.56 -7.04 -33.96
C GLN A 405 30.89 -8.14 -33.18
N VAL A 406 30.98 -9.36 -33.69
CA VAL A 406 30.44 -10.53 -33.01
C VAL A 406 31.53 -11.60 -32.99
N LEU A 407 31.81 -12.14 -31.81
CA LEU A 407 32.80 -13.20 -31.65
C LEU A 407 32.04 -14.49 -31.42
N ASP A 408 32.11 -15.41 -32.38
CA ASP A 408 31.47 -16.72 -32.21
C ASP A 408 32.41 -17.66 -31.46
N SER A 409 31.86 -18.50 -30.60
CA SER A 409 32.68 -19.41 -29.81
C SER A 409 33.54 -20.28 -30.72
N PRO A 410 34.84 -20.36 -30.43
CA PRO A 410 35.68 -21.36 -31.07
C PRO A 410 35.61 -22.75 -30.42
N PHE A 411 34.79 -22.89 -29.38
CA PHE A 411 34.72 -24.13 -28.62
C PHE A 411 33.49 -24.98 -29.01
N PRO A 412 33.44 -26.24 -28.56
CA PRO A 412 32.26 -27.06 -28.91
C PRO A 412 30.98 -26.62 -28.22
N THR A 413 29.88 -27.24 -28.60
CA THR A 413 28.60 -27.03 -27.94
C THR A 413 28.76 -27.31 -26.45
N GLY A 414 28.09 -26.51 -25.62
CA GLY A 414 28.12 -26.67 -24.16
C GLY A 414 29.24 -25.97 -23.40
N SER A 415 30.07 -25.19 -24.09
CA SER A 415 31.24 -24.58 -23.46
C SER A 415 30.88 -23.41 -22.53
N ALA A 416 29.72 -22.81 -22.77
CA ALA A 416 29.29 -21.64 -21.98
C ALA A 416 30.20 -20.44 -22.22
N PHE A 417 30.81 -20.40 -23.41
CA PHE A 417 31.61 -19.27 -23.91
C PHE A 417 30.97 -17.94 -23.63
N GLY A 418 31.62 -17.11 -22.84
CA GLY A 418 31.09 -15.79 -22.53
C GLY A 418 30.48 -15.70 -21.15
N PHE A 419 30.30 -16.82 -20.47
CA PHE A 419 29.75 -16.81 -19.12
C PHE A 419 30.57 -15.89 -18.19
N SER A 420 31.87 -15.83 -18.43
CA SER A 420 32.72 -14.85 -17.77
C SER A 420 33.48 -14.08 -18.83
N LEU A 421 33.64 -12.78 -18.61
CA LEU A 421 34.23 -11.83 -19.55
C LEU A 421 35.03 -10.81 -18.76
N ARG A 422 36.14 -10.33 -19.31
CA ARG A 422 36.84 -9.20 -18.73
C ARG A 422 37.61 -8.47 -19.82
N GLY A 423 37.51 -7.14 -19.85
CA GLY A 423 38.22 -6.32 -20.83
C GLY A 423 38.96 -5.15 -20.19
N ALA A 424 39.30 -4.15 -21.00
CA ALA A 424 39.84 -2.87 -20.52
C ALA A 424 41.31 -2.89 -20.09
N VAL A 425 42.01 -4.00 -20.35
CA VAL A 425 43.40 -4.14 -20.03
C VAL A 425 44.18 -4.58 -21.28
N ASP A 426 45.30 -3.91 -21.53
CA ASP A 426 46.13 -4.14 -22.68
C ASP A 426 47.15 -5.17 -22.25
N ILE A 427 46.96 -6.42 -22.65
CA ILE A 427 47.75 -7.52 -22.10
C ILE A 427 49.09 -7.66 -22.83
N ASP A 428 49.12 -7.30 -24.11
CA ASP A 428 50.34 -7.40 -24.94
C ASP A 428 51.08 -6.07 -25.13
N ASP A 429 50.56 -5.02 -24.49
CA ASP A 429 51.20 -3.71 -24.54
C ASP A 429 51.30 -3.16 -25.97
N ASN A 430 50.21 -3.27 -26.74
CA ASN A 430 50.18 -2.68 -28.09
C ASN A 430 49.38 -1.39 -28.13
N GLY A 431 48.97 -0.86 -26.97
CA GLY A 431 48.18 0.37 -26.90
C GLY A 431 46.68 0.23 -27.17
N TYR A 432 46.18 -1.00 -27.32
CA TYR A 432 44.75 -1.27 -27.49
C TYR A 432 44.31 -2.29 -26.42
N PRO A 433 43.18 -2.03 -25.75
CA PRO A 433 42.76 -2.93 -24.68
C PRO A 433 42.12 -4.19 -25.22
N ASP A 434 42.33 -5.29 -24.50
CA ASP A 434 42.00 -6.62 -24.96
C ASP A 434 40.87 -7.28 -24.19
N LEU A 435 40.46 -8.47 -24.62
CA LEU A 435 39.31 -9.15 -24.03
C LEU A 435 39.64 -10.61 -23.75
N ILE A 436 39.35 -11.05 -22.53
CA ILE A 436 39.53 -12.44 -22.16
C ILE A 436 38.15 -13.03 -21.92
N VAL A 437 37.90 -14.22 -22.48
CA VAL A 437 36.58 -14.84 -22.44
C VAL A 437 36.69 -16.26 -21.90
N GLY A 438 35.99 -16.55 -20.82
CA GLY A 438 36.05 -17.86 -20.21
C GLY A 438 34.99 -18.73 -20.85
N ALA A 439 35.32 -20.01 -20.99
CA ALA A 439 34.40 -21.04 -21.50
C ALA A 439 34.54 -22.24 -20.58
N TYR A 440 33.88 -22.19 -19.42
CA TYR A 440 34.17 -23.11 -18.34
C TYR A 440 33.79 -24.55 -18.69
N GLY A 441 32.82 -24.71 -19.58
CA GLY A 441 32.37 -26.00 -20.05
C GLY A 441 33.43 -26.69 -20.90
N ALA A 442 34.35 -25.91 -21.46
CA ALA A 442 35.47 -26.47 -22.25
C ALA A 442 36.76 -26.39 -21.43
N ASN A 443 36.66 -25.90 -20.20
CA ASN A 443 37.81 -25.71 -19.31
C ASN A 443 38.90 -24.87 -19.95
N GLN A 444 38.49 -23.81 -20.65
CA GLN A 444 39.44 -22.99 -21.37
C GLN A 444 39.06 -21.53 -21.29
N VAL A 445 40.04 -20.70 -21.57
CA VAL A 445 39.88 -19.26 -21.70
C VAL A 445 40.52 -18.81 -23.01
N ALA A 446 39.84 -17.93 -23.73
CA ALA A 446 40.31 -17.39 -25.00
C ALA A 446 40.67 -15.91 -24.83
N VAL A 447 41.80 -15.50 -25.38
CA VAL A 447 42.22 -14.11 -25.35
C VAL A 447 42.08 -13.53 -26.73
N TYR A 448 41.28 -12.48 -26.84
CA TYR A 448 41.18 -11.71 -28.08
C TYR A 448 42.00 -10.43 -27.94
N ARG A 449 42.99 -10.29 -28.81
CA ARG A 449 43.81 -9.10 -28.86
C ARG A 449 43.18 -8.04 -29.77
N ALA A 450 43.05 -6.83 -29.27
CA ALA A 450 42.64 -5.69 -30.06
C ALA A 450 43.80 -5.25 -30.95
N GLN A 451 43.45 -4.87 -32.17
CA GLN A 451 44.44 -4.46 -33.18
C GLN A 451 43.98 -3.16 -33.81
N PRO A 452 44.87 -2.51 -34.58
CA PRO A 452 44.44 -1.28 -35.24
C PRO A 452 43.21 -1.46 -36.10
N VAL A 453 42.35 -0.45 -36.07
CA VAL A 453 41.12 -0.47 -36.84
C VAL A 453 41.44 -0.57 -38.33
N VAL A 454 40.70 -1.40 -39.05
CA VAL A 454 40.93 -1.59 -40.50
C VAL A 454 40.19 -0.54 -41.32
N GLY B 1 -13.30 1.22 -73.93
CA GLY B 1 -13.10 -0.15 -74.47
C GLY B 1 -11.85 -0.81 -73.93
N PRO B 2 -10.66 -0.23 -74.22
CA PRO B 2 -9.39 -0.75 -73.71
C PRO B 2 -9.34 -0.90 -72.19
N ASN B 3 -9.51 -2.14 -71.71
CA ASN B 3 -9.40 -2.46 -70.29
C ASN B 3 -7.95 -2.63 -69.85
N ILE B 4 -7.74 -3.00 -68.59
CA ILE B 4 -6.39 -3.19 -68.04
C ILE B 4 -5.65 -4.39 -68.66
N CYS B 5 -6.40 -5.40 -69.10
CA CYS B 5 -5.82 -6.58 -69.74
C CYS B 5 -5.16 -6.24 -71.08
N THR B 6 -5.81 -5.37 -71.86
CA THR B 6 -5.31 -4.99 -73.19
C THR B 6 -4.24 -3.89 -73.16
N THR B 7 -4.44 -2.89 -72.30
CA THR B 7 -3.55 -1.71 -72.27
C THR B 7 -2.12 -1.99 -71.77
N ARG B 8 -1.90 -3.15 -71.17
CA ARG B 8 -0.56 -3.54 -70.70
C ARG B 8 0.41 -3.85 -71.84
N GLY B 9 -0.09 -4.47 -72.92
CA GLY B 9 0.76 -4.87 -74.04
C GLY B 9 1.59 -6.09 -73.68
N VAL B 10 0.91 -7.17 -73.32
CA VAL B 10 1.57 -8.38 -72.83
C VAL B 10 2.16 -9.22 -73.97
N SER B 11 3.26 -9.91 -73.67
CA SER B 11 4.01 -10.70 -74.67
C SER B 11 3.62 -12.19 -74.68
N SER B 12 3.04 -12.67 -73.58
CA SER B 12 2.74 -14.10 -73.44
C SER B 12 1.46 -14.36 -72.66
N CYS B 13 1.01 -15.62 -72.69
CA CYS B 13 -0.17 -16.06 -71.96
C CYS B 13 0.02 -15.98 -70.43
N GLN B 14 1.25 -16.20 -69.98
CA GLN B 14 1.57 -16.17 -68.55
C GLN B 14 1.55 -14.75 -68.00
N GLN B 15 2.10 -13.81 -68.76
CA GLN B 15 2.11 -12.39 -68.38
C GLN B 15 0.70 -11.83 -68.38
N CYS B 16 -0.16 -12.38 -69.24
CA CYS B 16 -1.57 -11.98 -69.35
C CYS B 16 -2.34 -12.23 -68.06
N LEU B 17 -2.20 -13.44 -67.53
CA LEU B 17 -2.93 -13.85 -66.33
C LEU B 17 -2.48 -13.08 -65.09
N ALA B 18 -1.19 -12.74 -65.04
CA ALA B 18 -0.61 -12.03 -63.90
C ALA B 18 -0.95 -10.53 -63.85
N VAL B 19 -1.66 -10.02 -64.84
CA VAL B 19 -2.07 -8.62 -64.83
C VAL B 19 -3.22 -8.43 -63.85
N SER B 20 -4.23 -9.29 -63.97
CA SER B 20 -5.41 -9.25 -63.10
C SER B 20 -6.13 -10.61 -63.15
N PRO B 21 -6.84 -10.98 -62.07
CA PRO B 21 -7.59 -12.25 -62.08
C PRO B 21 -8.74 -12.34 -63.09
N MET B 22 -9.18 -11.22 -63.66
CA MET B 22 -10.27 -11.20 -64.65
C MET B 22 -9.78 -11.29 -66.11
N CYS B 23 -8.46 -11.39 -66.31
CA CYS B 23 -7.90 -11.51 -67.66
C CYS B 23 -7.92 -12.96 -68.16
N ALA B 24 -8.25 -13.11 -69.44
CA ALA B 24 -8.18 -14.40 -70.13
C ALA B 24 -7.30 -14.24 -71.35
N TRP B 25 -6.87 -15.36 -71.93
CA TRP B 25 -5.98 -15.34 -73.09
C TRP B 25 -6.50 -16.28 -74.17
N CYS B 26 -6.43 -15.85 -75.42
CA CYS B 26 -6.89 -16.63 -76.55
C CYS B 26 -5.72 -17.24 -77.34
N SER B 27 -5.73 -18.57 -77.48
CA SER B 27 -4.67 -19.30 -78.18
C SER B 27 -5.03 -19.66 -79.63
N ASP B 28 -6.14 -19.10 -80.13
CA ASP B 28 -6.65 -19.42 -81.48
C ASP B 28 -5.62 -19.11 -82.57
N GLU B 29 -5.46 -20.04 -83.51
CA GLU B 29 -4.53 -19.88 -84.62
C GLU B 29 -4.87 -18.68 -85.49
N ALA B 30 -6.12 -18.63 -85.94
CA ALA B 30 -6.58 -17.59 -86.87
C ALA B 30 -7.31 -16.45 -86.14
N LEU B 31 -6.54 -15.65 -85.41
CA LEU B 31 -7.07 -14.43 -84.77
C LEU B 31 -6.73 -13.22 -85.64
N PRO B 32 -7.68 -12.27 -85.80
CA PRO B 32 -7.50 -11.09 -86.66
C PRO B 32 -6.19 -10.31 -86.46
N LEU B 33 -5.86 -9.49 -87.46
CA LEU B 33 -4.58 -8.75 -87.52
C LEU B 33 -4.13 -8.17 -86.17
N GLY B 34 -4.80 -7.11 -85.72
CA GLY B 34 -4.40 -6.38 -84.51
C GLY B 34 -5.37 -6.50 -83.35
N SER B 35 -5.95 -7.68 -83.16
CA SER B 35 -6.85 -7.94 -82.03
C SER B 35 -6.05 -8.29 -80.78
N PRO B 36 -6.46 -7.75 -79.61
CA PRO B 36 -5.75 -8.03 -78.37
C PRO B 36 -5.96 -9.47 -77.89
N ARG B 37 -4.87 -10.20 -77.66
CA ARG B 37 -4.93 -11.59 -77.24
C ARG B 37 -5.25 -11.74 -75.74
N CYS B 38 -5.02 -10.67 -74.98
CA CYS B 38 -5.32 -10.65 -73.56
C CYS B 38 -6.43 -9.65 -73.26
N ASP B 39 -7.63 -10.17 -73.00
CA ASP B 39 -8.83 -9.35 -72.76
C ASP B 39 -9.77 -10.13 -71.82
N LEU B 40 -10.87 -9.50 -71.41
CA LEU B 40 -11.93 -10.18 -70.65
C LEU B 40 -12.49 -11.36 -71.43
N LYS B 41 -12.92 -12.40 -70.73
CA LYS B 41 -13.48 -13.59 -71.38
C LYS B 41 -14.69 -13.26 -72.26
N GLU B 42 -15.47 -12.26 -71.87
CA GLU B 42 -16.59 -11.78 -72.69
C GLU B 42 -16.09 -11.26 -74.04
N ASN B 43 -15.03 -10.46 -74.00
CA ASN B 43 -14.51 -9.79 -75.20
C ASN B 43 -13.86 -10.74 -76.21
N LEU B 44 -13.23 -11.81 -75.71
CA LEU B 44 -12.58 -12.80 -76.58
C LEU B 44 -13.60 -13.66 -77.32
N LEU B 45 -14.63 -14.13 -76.61
CA LEU B 45 -15.73 -14.89 -77.22
C LEU B 45 -16.47 -14.06 -78.27
N LYS B 46 -16.71 -12.80 -77.95
CA LYS B 46 -17.39 -11.87 -78.86
C LYS B 46 -16.57 -11.61 -80.12
N ASP B 47 -15.26 -11.73 -80.02
CA ASP B 47 -14.35 -11.60 -81.18
C ASP B 47 -14.02 -12.96 -81.82
N ASN B 48 -14.91 -13.94 -81.63
CA ASN B 48 -14.87 -15.24 -82.32
C ASN B 48 -13.71 -16.15 -81.96
N CYS B 49 -13.15 -15.97 -80.76
CA CYS B 49 -12.13 -16.89 -80.25
C CYS B 49 -12.79 -18.23 -79.93
N ALA B 50 -12.20 -19.31 -80.44
CA ALA B 50 -12.76 -20.65 -80.29
C ALA B 50 -12.91 -21.04 -78.81
N PRO B 51 -14.11 -21.52 -78.40
CA PRO B 51 -14.41 -21.90 -77.01
C PRO B 51 -13.32 -22.70 -76.28
N GLU B 52 -12.61 -23.56 -77.01
CA GLU B 52 -11.58 -24.42 -76.41
C GLU B 52 -10.24 -23.69 -76.21
N SER B 53 -10.08 -22.52 -76.83
CA SER B 53 -8.81 -21.79 -76.83
C SER B 53 -8.70 -20.72 -75.74
N ILE B 54 -9.75 -20.52 -74.94
CA ILE B 54 -9.74 -19.51 -73.89
C ILE B 54 -9.09 -20.04 -72.60
N GLU B 55 -7.90 -19.53 -72.30
CA GLU B 55 -7.25 -19.78 -71.02
C GLU B 55 -7.77 -18.78 -70.00
N PHE B 56 -8.50 -19.27 -69.01
CA PHE B 56 -9.08 -18.43 -67.96
C PHE B 56 -9.28 -19.23 -66.67
N PRO B 57 -8.23 -19.35 -65.85
CA PRO B 57 -8.36 -20.01 -64.56
C PRO B 57 -9.26 -19.24 -63.60
N VAL B 58 -10.07 -19.98 -62.83
CA VAL B 58 -10.89 -19.39 -61.78
C VAL B 58 -10.40 -19.90 -60.43
N SER B 59 -10.21 -18.99 -59.48
CA SER B 59 -9.82 -19.37 -58.12
C SER B 59 -10.99 -20.05 -57.42
N GLU B 60 -10.72 -21.19 -56.80
CA GLU B 60 -11.76 -22.01 -56.19
C GLU B 60 -11.29 -22.66 -54.90
N ALA B 61 -12.26 -23.14 -54.11
CA ALA B 61 -11.98 -23.87 -52.87
C ALA B 61 -12.93 -25.05 -52.78
N ARG B 62 -12.41 -26.26 -52.98
CA ARG B 62 -13.25 -27.46 -52.85
C ARG B 62 -12.81 -28.33 -51.66
N VAL B 63 -13.78 -28.87 -50.94
CA VAL B 63 -13.51 -29.71 -49.79
C VAL B 63 -13.10 -31.11 -50.24
N LEU B 64 -12.03 -31.64 -49.65
CA LEU B 64 -11.57 -33.01 -49.93
C LEU B 64 -11.99 -33.99 -48.84
N GLU B 65 -11.95 -33.54 -47.58
CA GLU B 65 -12.43 -34.33 -46.44
C GLU B 65 -13.36 -33.45 -45.60
N ASP B 66 -14.55 -33.97 -45.31
CA ASP B 66 -15.58 -33.19 -44.63
C ASP B 66 -16.45 -34.09 -43.75
N ARG B 67 -15.82 -34.82 -42.84
CA ARG B 67 -16.55 -35.58 -41.83
C ARG B 67 -17.39 -34.63 -40.99
N PRO B 68 -18.58 -35.07 -40.56
CA PRO B 68 -19.38 -34.25 -39.68
C PRO B 68 -18.80 -34.19 -38.27
N LEU B 69 -19.06 -33.09 -37.57
CA LEU B 69 -18.63 -32.92 -36.18
C LEU B 69 -19.28 -33.99 -35.30
N SER B 70 -18.48 -34.57 -34.41
CA SER B 70 -18.97 -35.60 -33.48
C SER B 70 -19.87 -34.97 -32.44
N ASP B 71 -20.91 -35.70 -32.04
CA ASP B 71 -21.81 -35.25 -30.97
C ASP B 71 -21.24 -35.65 -29.60
N LYS B 72 -20.44 -36.71 -29.58
CA LYS B 72 -19.82 -37.23 -28.35
C LYS B 72 -18.33 -37.51 -28.56
N GLY B 73 -17.52 -37.18 -27.55
CA GLY B 73 -16.08 -37.49 -27.55
C GLY B 73 -15.75 -38.88 -27.04
N SER B 74 -16.77 -39.56 -26.52
CA SER B 74 -16.66 -40.97 -26.16
C SER B 74 -16.71 -41.85 -27.39
N GLY B 75 -16.44 -43.14 -27.21
CA GLY B 75 -16.48 -44.09 -28.32
C GLY B 75 -15.21 -44.06 -29.15
N ASP B 76 -14.82 -45.24 -29.66
CA ASP B 76 -13.55 -45.43 -30.36
C ASP B 76 -12.36 -45.12 -29.44
N SER B 77 -11.15 -45.13 -29.99
CA SER B 77 -9.95 -44.82 -29.21
C SER B 77 -8.79 -44.34 -30.09
N SER B 78 -8.93 -43.19 -30.77
CA SER B 78 -10.12 -42.34 -30.74
C SER B 78 -10.29 -41.65 -32.11
N GLN B 79 -11.51 -41.71 -32.64
CA GLN B 79 -11.81 -41.23 -34.00
C GLN B 79 -12.86 -40.12 -33.96
N VAL B 80 -12.71 -39.21 -33.01
CA VAL B 80 -13.65 -38.11 -32.80
C VAL B 80 -13.34 -36.97 -33.76
N THR B 81 -14.36 -36.22 -34.15
CA THR B 81 -14.19 -35.09 -35.08
C THR B 81 -14.65 -33.78 -34.46
N GLN B 82 -13.74 -32.83 -34.40
CA GLN B 82 -13.96 -31.54 -33.73
C GLN B 82 -13.68 -30.33 -34.64
N VAL B 83 -13.08 -30.58 -35.80
CA VAL B 83 -12.81 -29.54 -36.79
C VAL B 83 -13.30 -30.00 -38.16
N SER B 84 -14.18 -29.23 -38.78
CA SER B 84 -14.72 -29.57 -40.09
C SER B 84 -14.77 -28.33 -40.98
N PRO B 85 -14.42 -28.46 -42.28
CA PRO B 85 -13.86 -29.66 -42.89
C PRO B 85 -12.43 -29.87 -42.39
N GLN B 86 -11.83 -31.01 -42.69
CA GLN B 86 -10.49 -31.30 -42.20
C GLN B 86 -9.42 -31.23 -43.30
N ARG B 87 -9.84 -31.24 -44.56
CA ARG B 87 -8.92 -31.04 -45.67
C ARG B 87 -9.64 -30.36 -46.83
N ILE B 88 -9.08 -29.26 -47.33
CA ILE B 88 -9.61 -28.62 -48.54
C ILE B 88 -8.49 -28.30 -49.52
N ALA B 89 -8.87 -28.15 -50.79
CA ALA B 89 -7.93 -27.82 -51.87
C ALA B 89 -8.23 -26.42 -52.41
N LEU B 90 -7.24 -25.54 -52.33
CA LEU B 90 -7.35 -24.20 -52.90
C LEU B 90 -6.57 -24.12 -54.20
N ARG B 91 -7.18 -23.52 -55.20
CA ARG B 91 -6.49 -23.14 -56.42
C ARG B 91 -6.52 -21.62 -56.47
N LEU B 92 -5.38 -20.99 -56.70
CA LEU B 92 -5.31 -19.52 -56.75
C LEU B 92 -4.50 -19.03 -57.94
N ARG B 93 -5.10 -18.13 -58.73
CA ARG B 93 -4.35 -17.45 -59.80
C ARG B 93 -3.69 -16.19 -59.20
N PRO B 94 -2.69 -15.63 -59.89
CA PRO B 94 -1.87 -14.56 -59.30
C PRO B 94 -2.66 -13.38 -58.73
N ASP B 95 -2.25 -12.88 -57.57
CA ASP B 95 -2.84 -11.71 -56.90
C ASP B 95 -4.30 -11.87 -56.47
N ASP B 96 -4.85 -13.07 -56.62
CA ASP B 96 -6.27 -13.30 -56.36
C ASP B 96 -6.47 -13.83 -54.96
N SER B 97 -7.69 -13.74 -54.46
CA SER B 97 -8.04 -14.28 -53.16
C SER B 97 -9.25 -15.19 -53.28
N LYS B 98 -9.42 -16.08 -52.30
CA LYS B 98 -10.59 -16.94 -52.21
C LYS B 98 -10.93 -17.19 -50.74
N ASN B 99 -12.22 -17.29 -50.43
CA ASN B 99 -12.67 -17.49 -49.07
C ASN B 99 -13.14 -18.92 -48.79
N PHE B 100 -13.07 -19.32 -47.54
CA PHE B 100 -13.53 -20.66 -47.12
C PHE B 100 -13.87 -20.66 -45.62
N SER B 101 -14.46 -21.75 -45.16
CA SER B 101 -14.98 -21.83 -43.80
C SER B 101 -14.37 -22.99 -43.01
N ILE B 102 -14.36 -22.81 -41.68
CA ILE B 102 -13.95 -23.87 -40.76
C ILE B 102 -14.90 -23.84 -39.57
N GLN B 103 -15.27 -25.03 -39.11
CA GLN B 103 -16.21 -25.19 -38.02
C GLN B 103 -15.47 -25.90 -36.90
N VAL B 104 -15.61 -25.40 -35.68
CA VAL B 104 -14.90 -25.97 -34.53
C VAL B 104 -15.86 -26.17 -33.34
N ARG B 105 -15.74 -27.33 -32.70
CA ARG B 105 -16.66 -27.71 -31.64
C ARG B 105 -15.91 -28.16 -30.40
N GLN B 106 -16.35 -27.66 -29.26
CA GLN B 106 -15.87 -28.14 -27.98
C GLN B 106 -16.73 -29.36 -27.63
N VAL B 107 -16.26 -30.54 -28.02
CA VAL B 107 -17.08 -31.74 -28.03
C VAL B 107 -17.43 -32.22 -26.63
N GLU B 108 -18.63 -32.74 -26.47
CA GLU B 108 -19.12 -33.20 -25.18
C GLU B 108 -18.58 -34.59 -24.88
N ASP B 109 -18.29 -34.86 -23.61
CA ASP B 109 -17.79 -36.16 -23.16
C ASP B 109 -16.46 -36.53 -23.82
N TYR B 110 -15.47 -35.67 -23.66
CA TYR B 110 -14.13 -35.93 -24.16
C TYR B 110 -13.29 -36.45 -23.00
N PRO B 111 -12.35 -37.36 -23.27
CA PRO B 111 -11.51 -37.88 -22.19
C PRO B 111 -10.71 -36.80 -21.48
N VAL B 112 -10.45 -37.02 -20.19
CA VAL B 112 -9.67 -36.08 -19.39
C VAL B 112 -8.61 -36.82 -18.57
N ASP B 113 -7.37 -36.33 -18.66
CA ASP B 113 -6.29 -36.75 -17.76
C ASP B 113 -6.02 -35.64 -16.75
N ILE B 114 -6.04 -35.98 -15.47
CA ILE B 114 -5.69 -35.02 -14.42
C ILE B 114 -4.53 -35.58 -13.61
N TYR B 115 -3.36 -34.96 -13.74
CA TYR B 115 -2.21 -35.32 -12.93
C TYR B 115 -2.07 -34.30 -11.80
N TYR B 116 -2.19 -34.77 -10.56
CA TYR B 116 -2.14 -33.91 -9.39
C TYR B 116 -0.70 -33.85 -8.90
N LEU B 117 -0.10 -32.68 -9.01
CA LEU B 117 1.30 -32.48 -8.66
C LEU B 117 1.39 -31.57 -7.46
N MET B 118 1.83 -32.12 -6.34
CA MET B 118 1.62 -31.50 -5.05
C MET B 118 2.92 -31.16 -4.34
N ASP B 119 2.95 -29.95 -3.77
CA ASP B 119 3.98 -29.51 -2.83
C ASP B 119 3.82 -30.31 -1.55
N LEU B 120 4.84 -31.06 -1.16
CA LEU B 120 4.79 -31.81 0.10
C LEU B 120 5.88 -31.38 1.08
N SER B 121 6.20 -30.10 1.05
CA SER B 121 6.95 -29.49 2.13
C SER B 121 6.04 -29.49 3.36
N TYR B 122 6.59 -29.10 4.49
CA TYR B 122 5.95 -29.34 5.77
C TYR B 122 4.62 -28.59 5.99
N SER B 123 4.47 -27.42 5.39
CA SER B 123 3.24 -26.60 5.55
C SER B 123 2.03 -27.22 4.83
N MET B 124 2.29 -28.25 4.02
CA MET B 124 1.26 -28.97 3.27
C MET B 124 0.81 -30.27 3.97
N LYS B 125 1.27 -30.51 5.20
CA LYS B 125 0.90 -31.71 5.94
C LYS B 125 -0.63 -31.88 6.10
N ASP B 126 -1.28 -30.81 6.54
CA ASP B 126 -2.74 -30.77 6.68
C ASP B 126 -3.47 -30.91 5.34
N ASP B 127 -2.82 -30.51 4.25
CA ASP B 127 -3.41 -30.63 2.91
C ASP B 127 -3.48 -32.09 2.47
N LEU B 128 -2.44 -32.85 2.82
CA LEU B 128 -2.39 -34.30 2.53
C LEU B 128 -3.56 -35.01 3.16
N TRP B 129 -3.88 -34.61 4.38
CA TRP B 129 -5.03 -35.14 5.07
C TRP B 129 -6.32 -34.81 4.29
N SER B 130 -6.47 -33.57 3.85
CA SER B 130 -7.73 -33.15 3.20
C SER B 130 -8.06 -33.94 1.95
N ILE B 131 -7.04 -34.30 1.19
CA ILE B 131 -7.25 -34.86 -0.15
C ILE B 131 -7.26 -36.39 -0.20
N GLN B 132 -7.34 -37.06 0.94
CA GLN B 132 -7.25 -38.53 0.92
C GLN B 132 -8.45 -39.25 0.30
N ASN B 133 -9.58 -38.55 0.16
CA ASN B 133 -10.70 -39.10 -0.61
CA ASN B 133 -10.75 -39.05 -0.59
C ASN B 133 -10.96 -38.28 -1.89
N LEU B 134 -9.97 -37.48 -2.30
CA LEU B 134 -10.13 -36.62 -3.46
C LEU B 134 -10.34 -37.41 -4.75
N GLY B 135 -9.71 -38.57 -4.85
CA GLY B 135 -9.81 -39.39 -6.04
C GLY B 135 -11.24 -39.77 -6.35
N THR B 136 -11.92 -40.30 -5.35
CA THR B 136 -13.30 -40.74 -5.52
C THR B 136 -14.25 -39.54 -5.64
N LYS B 137 -14.04 -38.50 -4.85
CA LYS B 137 -14.90 -37.31 -4.89
C LYS B 137 -14.81 -36.59 -6.24
N LEU B 138 -13.60 -36.56 -6.80
CA LEU B 138 -13.36 -35.97 -8.10
C LEU B 138 -13.97 -36.82 -9.21
N ALA B 139 -13.81 -38.13 -9.11
CA ALA B 139 -14.46 -39.07 -10.02
C ALA B 139 -15.95 -38.77 -10.11
N THR B 140 -16.59 -38.58 -8.96
CA THR B 140 -18.02 -38.32 -8.89
C THR B 140 -18.39 -37.02 -9.61
N GLN B 141 -17.65 -35.94 -9.38
CA GLN B 141 -17.94 -34.67 -10.06
C GLN B 141 -17.59 -34.68 -11.55
N MET B 142 -16.46 -35.30 -11.91
CA MET B 142 -16.03 -35.35 -13.30
C MET B 142 -16.85 -36.32 -14.16
N ARG B 143 -17.60 -37.20 -13.51
CA ARG B 143 -18.47 -38.17 -14.19
C ARG B 143 -19.61 -37.48 -14.92
N LYS B 144 -20.00 -36.31 -14.41
CA LYS B 144 -21.03 -35.48 -15.04
C LYS B 144 -20.53 -34.90 -16.37
N LEU B 145 -19.22 -34.73 -16.49
CA LEU B 145 -18.60 -34.13 -17.67
C LEU B 145 -17.98 -35.14 -18.64
N THR B 146 -17.43 -36.23 -18.13
CA THR B 146 -16.70 -37.19 -18.97
C THR B 146 -16.90 -38.62 -18.49
N SER B 147 -16.92 -39.56 -19.44
CA SER B 147 -16.99 -40.97 -19.13
C SER B 147 -15.59 -41.65 -19.21
N ASN B 148 -14.55 -40.88 -19.50
CA ASN B 148 -13.19 -41.40 -19.59
C ASN B 148 -12.19 -40.55 -18.80
N LEU B 149 -12.30 -40.61 -17.48
CA LEU B 149 -11.39 -39.90 -16.56
C LEU B 149 -10.22 -40.78 -16.14
N ARG B 150 -9.00 -40.26 -16.27
CA ARG B 150 -7.84 -40.87 -15.61
C ARG B 150 -7.22 -39.84 -14.68
N ILE B 151 -6.71 -40.29 -13.54
CA ILE B 151 -6.06 -39.41 -12.58
C ILE B 151 -4.77 -40.04 -12.07
N GLY B 152 -3.84 -39.19 -11.63
CA GLY B 152 -2.51 -39.60 -11.21
C GLY B 152 -1.93 -38.60 -10.24
N PHE B 153 -0.75 -38.89 -9.69
CA PHE B 153 -0.24 -38.13 -8.59
C PHE B 153 1.28 -38.14 -8.63
N GLY B 154 1.86 -36.98 -8.38
CA GLY B 154 3.28 -36.83 -8.12
C GLY B 154 3.46 -35.74 -7.06
N ALA B 155 4.66 -35.68 -6.49
CA ALA B 155 4.94 -34.79 -5.35
C ALA B 155 6.32 -34.17 -5.52
N PHE B 156 6.52 -33.00 -4.93
CA PHE B 156 7.80 -32.33 -4.99
C PHE B 156 8.07 -31.59 -3.70
N VAL B 157 9.35 -31.40 -3.39
CA VAL B 157 9.76 -30.43 -2.37
C VAL B 157 10.74 -29.42 -2.99
N ASP B 158 12.02 -29.78 -3.02
CA ASP B 158 13.04 -28.92 -3.60
C ASP B 158 14.26 -29.80 -3.85
N LYS B 159 15.27 -29.21 -4.48
CA LYS B 159 16.50 -29.91 -4.75
C LYS B 159 17.13 -30.39 -3.43
N PRO B 160 17.38 -31.71 -3.30
CA PRO B 160 17.95 -32.23 -2.06
C PRO B 160 19.45 -31.95 -2.02
N VAL B 161 19.78 -30.69 -1.74
CA VAL B 161 21.16 -30.25 -1.72
C VAL B 161 21.25 -28.99 -0.85
N SER B 162 22.38 -28.81 -0.19
CA SER B 162 22.60 -27.64 0.63
C SER B 162 22.67 -26.42 -0.30
N PRO B 163 22.08 -25.29 0.09
CA PRO B 163 21.50 -24.95 1.39
C PRO B 163 20.00 -25.16 1.52
N TYR B 164 19.35 -25.74 0.50
CA TYR B 164 17.90 -25.99 0.57
C TYR B 164 17.61 -27.09 1.58
N MET B 165 18.51 -28.08 1.61
CA MET B 165 18.41 -29.27 2.47
C MET B 165 19.27 -29.11 3.73
N TYR B 166 18.75 -29.58 4.86
CA TYR B 166 19.55 -29.64 6.10
C TYR B 166 20.48 -30.83 5.98
N ILE B 167 21.76 -30.61 6.27
CA ILE B 167 22.76 -31.65 6.04
C ILE B 167 23.54 -32.03 7.29
N SER B 168 23.05 -31.64 8.47
CA SER B 168 23.71 -31.99 9.73
C SER B 168 22.68 -31.90 10.87
N PRO B 169 22.85 -32.71 11.93
CA PRO B 169 23.74 -33.86 12.07
C PRO B 169 23.24 -34.95 11.13
N PRO B 170 23.94 -36.11 11.10
CA PRO B 170 23.53 -37.20 10.22
C PRO B 170 22.04 -37.56 10.33
N GLU B 171 21.49 -37.49 11.54
CA GLU B 171 20.07 -37.75 11.77
C GLU B 171 19.16 -36.91 10.87
N ALA B 172 19.57 -35.67 10.58
CA ALA B 172 18.75 -34.73 9.81
C ALA B 172 18.56 -35.15 8.36
N LEU B 173 19.50 -35.93 7.82
CA LEU B 173 19.38 -36.42 6.46
C LEU B 173 18.27 -37.47 6.37
N GLU B 174 18.24 -38.39 7.33
CA GLU B 174 17.20 -39.43 7.39
C GLU B 174 15.86 -38.89 7.86
N ASN B 175 15.89 -37.93 8.79
CA ASN B 175 14.67 -37.33 9.31
C ASN B 175 14.86 -35.82 9.45
N PRO B 176 14.46 -35.05 8.44
CA PRO B 176 14.64 -33.59 8.49
C PRO B 176 13.90 -32.92 9.63
N CYS B 177 12.87 -33.57 10.17
CA CYS B 177 12.09 -33.03 11.27
C CYS B 177 12.64 -33.40 12.64
N TYR B 178 13.88 -33.90 12.73
CA TYR B 178 14.43 -34.42 14.00
C TYR B 178 14.47 -33.41 15.16
N ASP B 179 14.75 -32.14 14.86
CA ASP B 179 14.88 -31.09 15.90
C ASP B 179 13.53 -30.44 16.26
N MET B 180 12.49 -30.80 15.52
CA MET B 180 11.12 -30.58 15.93
C MET B 180 10.85 -31.86 16.69
N LYS B 181 9.61 -32.14 17.09
CA LYS B 181 9.36 -33.37 17.88
C LYS B 181 8.65 -34.45 17.07
N THR B 182 8.92 -34.49 15.77
CA THR B 182 8.20 -35.37 14.84
C THR B 182 9.16 -36.04 13.86
N THR B 183 8.58 -36.78 12.90
CA THR B 183 9.33 -37.50 11.89
C THR B 183 8.75 -37.19 10.51
N CYS B 184 9.62 -36.88 9.53
CA CYS B 184 9.18 -36.72 8.14
C CYS B 184 10.12 -37.44 7.19
N LEU B 185 9.75 -37.53 5.91
CA LEU B 185 10.58 -38.20 4.92
C LEU B 185 11.88 -37.45 4.65
N PRO B 186 12.95 -38.19 4.30
CA PRO B 186 14.10 -37.53 3.72
C PRO B 186 13.68 -36.65 2.53
N MET B 187 14.47 -35.63 2.27
CA MET B 187 14.18 -34.64 1.25
C MET B 187 14.17 -35.26 -0.14
N PHE B 188 13.26 -34.84 -1.00
CA PHE B 188 13.24 -35.30 -2.38
C PHE B 188 12.84 -34.17 -3.28
N GLY B 189 13.22 -34.26 -4.56
CA GLY B 189 13.03 -33.18 -5.51
C GLY B 189 11.66 -33.31 -6.14
N TYR B 190 11.52 -34.31 -6.99
CA TYR B 190 10.22 -34.65 -7.57
C TYR B 190 10.13 -36.17 -7.57
N LYS B 191 9.04 -36.71 -7.07
CA LYS B 191 8.78 -38.13 -7.27
C LYS B 191 7.43 -38.35 -7.91
N HIS B 192 7.44 -39.16 -8.95
CA HIS B 192 6.21 -39.64 -9.56
C HIS B 192 5.69 -40.75 -8.68
N VAL B 193 4.39 -40.74 -8.42
CA VAL B 193 3.79 -41.71 -7.52
C VAL B 193 2.80 -42.62 -8.23
N LEU B 194 1.84 -41.99 -8.92
CA LEU B 194 0.75 -42.73 -9.58
C LEU B 194 0.55 -42.30 -11.03
N THR B 195 0.84 -43.24 -11.91
CA THR B 195 0.61 -43.10 -13.34
C THR B 195 -0.87 -42.97 -13.60
N LEU B 196 -1.24 -42.08 -14.51
CA LEU B 196 -2.66 -41.84 -14.80
C LEU B 196 -3.42 -43.15 -14.98
N THR B 197 -4.48 -43.32 -14.20
CA THR B 197 -5.33 -44.49 -14.26
C THR B 197 -6.79 -44.12 -14.08
N ASP B 198 -7.69 -44.97 -14.59
CA ASP B 198 -9.14 -44.81 -14.34
C ASP B 198 -9.59 -45.42 -13.00
N GLN B 199 -8.70 -46.15 -12.34
CA GLN B 199 -8.99 -46.77 -11.05
C GLN B 199 -8.74 -45.78 -9.93
N VAL B 200 -9.73 -44.97 -9.60
CA VAL B 200 -9.52 -43.81 -8.72
C VAL B 200 -9.22 -44.09 -7.24
N THR B 201 -9.57 -45.28 -6.74
CA THR B 201 -9.23 -45.63 -5.37
C THR B 201 -7.72 -45.83 -5.22
N ARG B 202 -7.02 -46.08 -6.32
CA ARG B 202 -5.55 -46.07 -6.34
C ARG B 202 -4.97 -44.70 -5.96
N PHE B 203 -5.67 -43.63 -6.36
CA PHE B 203 -5.30 -42.29 -5.96
C PHE B 203 -5.48 -42.13 -4.45
N ASN B 204 -6.67 -42.43 -3.96
CA ASN B 204 -6.95 -42.38 -2.51
C ASN B 204 -5.89 -43.10 -1.69
N GLU B 205 -5.61 -44.35 -2.05
CA GLU B 205 -4.71 -45.19 -1.26
C GLU B 205 -3.22 -44.80 -1.38
N GLU B 206 -2.79 -44.33 -2.54
CA GLU B 206 -1.43 -43.81 -2.66
C GLU B 206 -1.25 -42.54 -1.80
N VAL B 207 -2.23 -41.64 -1.86
CA VAL B 207 -2.19 -40.37 -1.12
C VAL B 207 -2.21 -40.59 0.39
N LYS B 208 -2.95 -41.60 0.84
CA LYS B 208 -2.94 -42.03 2.23
C LYS B 208 -1.58 -42.51 2.74
N LYS B 209 -0.68 -42.93 1.83
CA LYS B 209 0.64 -43.43 2.21
C LYS B 209 1.72 -42.35 2.04
N GLN B 210 1.36 -41.22 1.43
CA GLN B 210 2.31 -40.13 1.23
C GLN B 210 2.58 -39.39 2.51
N SER B 211 3.74 -38.75 2.59
CA SER B 211 4.02 -37.86 3.71
C SER B 211 4.92 -36.72 3.28
N VAL B 212 4.98 -35.70 4.12
CA VAL B 212 5.74 -34.50 3.84
C VAL B 212 7.21 -34.69 4.17
N SER B 213 8.04 -33.80 3.63
CA SER B 213 9.41 -33.68 4.06
C SER B 213 9.59 -32.25 4.55
N ARG B 214 10.84 -31.79 4.63
CA ARG B 214 11.12 -30.48 5.17
C ARG B 214 12.41 -29.95 4.58
N ASN B 215 12.36 -28.70 4.14
CA ASN B 215 13.57 -28.02 3.70
C ASN B 215 13.62 -26.60 4.26
N ARG B 216 14.66 -25.86 3.87
CA ARG B 216 15.05 -24.66 4.57
C ARG B 216 14.43 -23.37 4.03
N ASP B 217 14.33 -23.21 2.71
CA ASP B 217 13.92 -21.93 2.14
C ASP B 217 12.53 -21.99 1.54
N ALA B 218 11.87 -20.84 1.56
CA ALA B 218 10.45 -20.74 1.23
C ALA B 218 10.16 -21.16 -0.22
N PRO B 219 10.92 -20.61 -1.19
CA PRO B 219 10.61 -20.99 -2.56
C PRO B 219 10.89 -22.48 -2.76
N GLU B 220 10.04 -23.16 -3.51
CA GLU B 220 10.16 -24.60 -3.67
C GLU B 220 10.51 -25.01 -5.10
N GLY B 221 10.74 -26.30 -5.31
CA GLY B 221 11.27 -26.81 -6.58
C GLY B 221 10.22 -27.37 -7.51
N GLY B 222 9.04 -26.75 -7.52
CA GLY B 222 7.91 -27.24 -8.27
C GLY B 222 8.05 -27.14 -9.78
N PHE B 223 8.83 -26.17 -10.28
CA PHE B 223 9.02 -26.01 -11.71
C PHE B 223 9.84 -27.15 -12.31
N ASP B 224 10.81 -27.68 -11.55
CA ASP B 224 11.48 -28.95 -11.89
C ASP B 224 10.45 -30.06 -12.12
N ALA B 225 9.47 -30.11 -11.23
CA ALA B 225 8.46 -31.16 -11.25
C ALA B 225 7.45 -30.95 -12.38
N ILE B 226 7.08 -29.69 -12.65
CA ILE B 226 6.23 -29.39 -13.82
C ILE B 226 6.91 -29.86 -15.10
N MET B 227 8.20 -29.60 -15.20
CA MET B 227 8.95 -30.01 -16.38
C MET B 227 8.92 -31.54 -16.55
N GLN B 228 9.25 -32.26 -15.48
CA GLN B 228 9.32 -33.71 -15.54
C GLN B 228 7.95 -34.35 -15.77
N ALA B 229 6.94 -33.84 -15.09
CA ALA B 229 5.57 -34.30 -15.31
C ALA B 229 5.11 -34.06 -16.74
N THR B 230 5.76 -33.13 -17.44
CA THR B 230 5.38 -32.78 -18.80
C THR B 230 6.14 -33.62 -19.83
N VAL B 231 7.46 -33.73 -19.69
CA VAL B 231 8.28 -34.46 -20.69
C VAL B 231 8.42 -35.96 -20.43
N CYS B 232 8.04 -36.43 -19.25
CA CYS B 232 8.08 -37.88 -18.97
C CYS B 232 6.72 -38.51 -19.32
N ASP B 233 6.44 -38.50 -20.63
CA ASP B 233 5.15 -38.89 -21.21
C ASP B 233 4.66 -40.26 -20.80
N GLU B 234 5.48 -41.25 -21.08
CA GLU B 234 5.12 -42.64 -20.92
C GLU B 234 5.02 -42.98 -19.44
N LYS B 235 5.83 -42.32 -18.63
CA LYS B 235 5.79 -42.56 -17.19
C LYS B 235 4.55 -41.93 -16.54
N ILE B 236 4.23 -40.69 -16.87
CA ILE B 236 3.06 -40.02 -16.32
C ILE B 236 1.79 -40.63 -16.92
N GLY B 237 1.87 -41.03 -18.18
CA GLY B 237 0.81 -41.78 -18.85
C GLY B 237 -0.24 -40.96 -19.58
N TRP B 238 0.13 -39.74 -20.00
CA TRP B 238 -0.77 -38.87 -20.74
C TRP B 238 -1.27 -39.59 -21.98
N ARG B 239 -2.57 -39.53 -22.21
CA ARG B 239 -3.18 -40.17 -23.37
C ARG B 239 -3.20 -39.21 -24.54
N ASN B 240 -3.09 -39.76 -25.75
CA ASN B 240 -3.05 -38.97 -26.98
C ASN B 240 -4.33 -38.16 -27.23
N ASP B 241 -5.48 -38.81 -27.08
CA ASP B 241 -6.76 -38.18 -27.36
C ASP B 241 -7.51 -37.89 -26.05
N ALA B 242 -7.05 -36.85 -25.36
CA ALA B 242 -7.64 -36.44 -24.07
C ALA B 242 -7.19 -35.02 -23.71
N SER B 243 -8.00 -34.32 -22.92
CA SER B 243 -7.58 -33.06 -22.30
C SER B 243 -6.57 -33.40 -21.24
N HIS B 244 -5.44 -32.70 -21.22
CA HIS B 244 -4.42 -32.90 -20.21
C HIS B 244 -4.42 -31.77 -19.22
N LEU B 245 -4.75 -32.07 -17.97
CA LEU B 245 -4.68 -31.07 -16.90
C LEU B 245 -3.57 -31.44 -15.93
N LEU B 246 -2.69 -30.49 -15.67
CA LEU B 246 -1.63 -30.64 -14.70
C LEU B 246 -1.97 -29.73 -13.55
N VAL B 247 -2.44 -30.29 -12.44
CA VAL B 247 -2.84 -29.49 -11.30
C VAL B 247 -1.68 -29.33 -10.34
N PHE B 248 -1.18 -28.09 -10.26
CA PHE B 248 -0.02 -27.77 -9.45
C PHE B 248 -0.47 -27.09 -8.16
N THR B 249 -0.26 -27.73 -7.03
CA THR B 249 -0.68 -27.16 -5.76
C THR B 249 0.49 -26.79 -4.85
N THR B 250 0.49 -25.54 -4.39
CA THR B 250 1.52 -25.05 -3.49
C THR B 250 0.97 -23.86 -2.70
N ASP B 251 1.63 -23.57 -1.59
CA ASP B 251 1.32 -22.40 -0.77
C ASP B 251 2.50 -21.41 -0.70
N ALA B 252 3.48 -21.56 -1.59
CA ALA B 252 4.77 -20.85 -1.49
C ALA B 252 5.27 -20.34 -2.84
N LYS B 253 6.31 -19.49 -2.79
CA LYS B 253 6.97 -18.95 -3.98
C LYS B 253 7.70 -20.09 -4.65
N THR B 254 8.22 -19.86 -5.85
CA THR B 254 8.87 -20.92 -6.57
C THR B 254 10.26 -20.53 -7.01
N HIS B 255 11.15 -21.50 -6.97
CA HIS B 255 12.45 -21.31 -7.54
C HIS B 255 12.31 -21.29 -9.04
N ILE B 256 13.18 -20.53 -9.68
CA ILE B 256 13.17 -20.32 -11.11
C ILE B 256 14.60 -20.50 -11.63
N ALA B 257 14.73 -20.60 -12.95
CA ALA B 257 16.02 -20.70 -13.61
C ALA B 257 17.03 -19.64 -13.13
N LEU B 258 18.25 -20.10 -12.86
CA LEU B 258 19.38 -19.31 -12.35
C LEU B 258 19.44 -19.20 -10.82
N ASP B 259 18.40 -19.68 -10.14
CA ASP B 259 18.44 -19.88 -8.69
C ASP B 259 19.39 -20.99 -8.28
N GLY B 260 19.53 -22.00 -9.13
CA GLY B 260 20.36 -23.18 -8.84
C GLY B 260 21.78 -22.92 -8.42
N ARG B 261 22.32 -21.76 -8.82
CA ARG B 261 23.68 -21.41 -8.51
C ARG B 261 23.93 -21.24 -7.02
N LEU B 262 22.89 -20.95 -6.24
CA LEU B 262 23.03 -20.99 -4.79
C LEU B 262 23.37 -22.39 -4.26
N ALA B 263 23.10 -23.42 -5.06
CA ALA B 263 23.49 -24.79 -4.70
C ALA B 263 24.65 -25.27 -5.55
N GLY B 264 25.34 -24.37 -6.26
CA GLY B 264 26.46 -24.74 -7.12
C GLY B 264 26.06 -25.35 -8.46
N ILE B 265 24.79 -25.27 -8.81
CA ILE B 265 24.30 -25.88 -10.04
C ILE B 265 24.19 -24.79 -11.07
N VAL B 266 24.98 -24.91 -12.13
CA VAL B 266 24.96 -23.96 -13.24
C VAL B 266 24.49 -24.58 -14.56
N GLN B 267 24.47 -25.91 -14.66
CA GLN B 267 23.99 -26.57 -15.88
C GLN B 267 22.53 -26.18 -16.19
N PRO B 268 22.29 -25.61 -17.36
CA PRO B 268 20.90 -25.31 -17.73
C PRO B 268 20.03 -26.56 -17.84
N ASN B 269 18.74 -26.39 -17.59
CA ASN B 269 17.80 -27.46 -17.74
C ASN B 269 17.73 -27.89 -19.18
N ASP B 270 17.80 -29.19 -19.45
CA ASP B 270 17.88 -29.68 -20.83
C ASP B 270 16.52 -30.06 -21.42
N GLY B 271 15.46 -29.96 -20.62
CA GLY B 271 14.12 -30.24 -21.12
C GLY B 271 13.79 -31.69 -21.39
N GLN B 272 14.63 -32.59 -20.89
CA GLN B 272 14.49 -34.02 -21.15
C GLN B 272 14.01 -34.76 -19.91
N CYS B 273 13.52 -35.99 -20.12
CA CYS B 273 13.02 -36.80 -19.01
C CYS B 273 14.21 -37.39 -18.26
N HIS B 274 14.22 -37.22 -16.94
CA HIS B 274 15.24 -37.84 -16.08
C HIS B 274 14.57 -38.50 -14.87
N VAL B 275 13.37 -39.05 -15.07
CA VAL B 275 12.73 -39.88 -14.06
C VAL B 275 12.76 -41.33 -14.52
N GLY B 276 13.57 -42.13 -13.84
CA GLY B 276 13.76 -43.54 -14.20
C GLY B 276 12.91 -44.49 -13.36
N SER B 277 13.44 -45.69 -13.14
CA SER B 277 12.66 -46.79 -12.55
C SER B 277 12.31 -46.56 -11.09
N ASP B 278 13.15 -45.83 -10.35
CA ASP B 278 12.83 -45.47 -8.96
C ASP B 278 11.82 -44.34 -8.82
N ASN B 279 11.38 -43.76 -9.93
CA ASN B 279 10.36 -42.72 -9.95
C ASN B 279 10.75 -41.38 -9.32
N HIS B 280 12.04 -41.16 -9.10
CA HIS B 280 12.53 -39.86 -8.62
C HIS B 280 13.29 -39.15 -9.74
N TYR B 281 13.27 -37.82 -9.71
CA TYR B 281 13.97 -37.00 -10.69
C TYR B 281 15.44 -37.05 -10.38
N SER B 282 16.21 -37.72 -11.23
CA SER B 282 17.62 -38.01 -10.94
C SER B 282 18.56 -36.84 -11.24
N ALA B 283 18.11 -35.82 -11.97
CA ALA B 283 18.97 -34.65 -12.26
C ALA B 283 18.71 -33.44 -11.33
N SER B 284 17.87 -33.64 -10.32
CA SER B 284 17.51 -32.59 -9.35
C SER B 284 18.71 -31.86 -8.77
N THR B 285 19.75 -32.60 -8.42
CA THR B 285 20.93 -32.02 -7.81
C THR B 285 22.03 -31.66 -8.81
N THR B 286 21.81 -31.89 -10.11
CA THR B 286 22.84 -31.63 -11.13
C THR B 286 22.41 -30.67 -12.26
N MET B 287 21.15 -30.25 -12.25
CA MET B 287 20.61 -29.45 -13.34
C MET B 287 19.75 -28.31 -12.79
N ASP B 288 19.86 -27.15 -13.39
CA ASP B 288 19.15 -25.99 -12.87
C ASP B 288 17.64 -26.14 -13.03
N TYR B 289 16.91 -25.32 -12.28
CA TYR B 289 15.49 -25.17 -12.48
C TYR B 289 15.25 -24.69 -13.92
N PRO B 290 14.09 -25.04 -14.51
CA PRO B 290 13.76 -24.63 -15.87
C PRO B 290 13.25 -23.20 -15.96
N SER B 291 13.51 -22.55 -17.09
CA SER B 291 13.01 -21.21 -17.34
C SER B 291 11.58 -21.29 -17.80
N LEU B 292 10.86 -20.18 -17.68
CA LEU B 292 9.46 -20.11 -18.10
C LEU B 292 9.32 -20.43 -19.59
N GLY B 293 10.26 -19.96 -20.40
CA GLY B 293 10.21 -20.19 -21.84
C GLY B 293 10.32 -21.67 -22.18
N LEU B 294 11.21 -22.37 -21.48
CA LEU B 294 11.38 -23.82 -21.69
C LEU B 294 10.15 -24.59 -21.22
N MET B 295 9.60 -24.20 -20.08
CA MET B 295 8.39 -24.84 -19.58
C MET B 295 7.25 -24.65 -20.58
N THR B 296 7.11 -23.42 -21.06
CA THR B 296 6.08 -23.07 -22.03
C THR B 296 6.22 -23.94 -23.27
N GLU B 297 7.45 -24.12 -23.75
CA GLU B 297 7.68 -24.88 -24.97
C GLU B 297 7.19 -26.31 -24.78
N LYS B 298 7.56 -26.93 -23.67
CA LYS B 298 7.25 -28.34 -23.42
C LYS B 298 5.77 -28.57 -23.13
N LEU B 299 5.16 -27.67 -22.36
CA LEU B 299 3.71 -27.70 -22.08
C LEU B 299 2.92 -27.60 -23.37
N SER B 300 3.37 -26.75 -24.28
CA SER B 300 2.74 -26.60 -25.58
C SER B 300 2.95 -27.82 -26.48
N GLN B 301 4.18 -28.33 -26.53
CA GLN B 301 4.49 -29.53 -27.33
C GLN B 301 3.70 -30.78 -26.87
N LYS B 302 3.62 -30.99 -25.56
CA LYS B 302 2.89 -32.15 -25.01
C LYS B 302 1.42 -31.84 -24.73
N ASN B 303 1.01 -30.62 -25.06
CA ASN B 303 -0.38 -30.19 -24.99
C ASN B 303 -0.98 -30.28 -23.60
N ILE B 304 -0.25 -29.71 -22.63
CA ILE B 304 -0.62 -29.77 -21.23
C ILE B 304 -1.20 -28.41 -20.82
N ASN B 305 -2.36 -28.46 -20.15
CA ASN B 305 -2.95 -27.29 -19.52
C ASN B 305 -2.51 -27.23 -18.07
N LEU B 306 -1.63 -26.30 -17.75
CA LEU B 306 -1.14 -26.14 -16.38
C LEU B 306 -2.14 -25.31 -15.58
N ILE B 307 -2.43 -25.79 -14.37
CA ILE B 307 -3.30 -25.09 -13.44
C ILE B 307 -2.51 -24.78 -12.18
N PHE B 308 -2.40 -23.49 -11.88
CA PHE B 308 -1.77 -23.07 -10.65
C PHE B 308 -2.86 -23.00 -9.61
N ALA B 309 -2.87 -23.96 -8.70
CA ALA B 309 -3.81 -23.98 -7.61
C ALA B 309 -3.04 -23.58 -6.37
N VAL B 310 -3.10 -22.30 -6.02
CA VAL B 310 -2.21 -21.75 -5.01
C VAL B 310 -2.98 -20.93 -3.97
N THR B 311 -2.39 -20.77 -2.79
CA THR B 311 -3.03 -20.06 -1.68
C THR B 311 -3.04 -18.55 -1.92
N GLU B 312 -3.88 -17.85 -1.17
CA GLU B 312 -4.14 -16.45 -1.44
C GLU B 312 -2.89 -15.59 -1.29
N ASN B 313 -1.98 -16.01 -0.41
CA ASN B 313 -0.72 -15.29 -0.19
C ASN B 313 0.19 -15.24 -1.42
N VAL B 314 0.09 -16.23 -2.32
CA VAL B 314 0.89 -16.23 -3.56
C VAL B 314 0.05 -16.16 -4.84
N VAL B 315 -1.25 -15.89 -4.75
CA VAL B 315 -2.08 -15.86 -5.95
C VAL B 315 -1.63 -14.81 -6.97
N ASN B 316 -1.25 -13.62 -6.51
CA ASN B 316 -0.81 -12.58 -7.42
C ASN B 316 0.46 -12.97 -8.17
N LEU B 317 1.39 -13.57 -7.46
CA LEU B 317 2.62 -14.11 -8.05
C LEU B 317 2.31 -15.08 -9.19
N TYR B 318 1.47 -16.06 -8.91
CA TYR B 318 1.19 -17.08 -9.91
C TYR B 318 0.28 -16.56 -11.05
N GLN B 319 -0.60 -15.61 -10.75
CA GLN B 319 -1.35 -14.93 -11.82
CA GLN B 319 -1.35 -14.91 -11.80
C GLN B 319 -0.37 -14.24 -12.77
N ASN B 320 0.70 -13.67 -12.22
CA ASN B 320 1.65 -12.94 -13.05
C ASN B 320 2.53 -13.88 -13.85
N TYR B 321 2.94 -14.98 -13.25
CA TYR B 321 3.56 -16.07 -14.02
C TYR B 321 2.60 -16.57 -15.11
N SER B 322 1.32 -16.71 -14.77
CA SER B 322 0.31 -17.16 -15.73
C SER B 322 0.29 -16.30 -17.00
N GLU B 323 0.49 -15.00 -16.83
CA GLU B 323 0.49 -14.09 -17.98
C GLU B 323 1.69 -14.32 -18.89
N LEU B 324 2.76 -14.89 -18.35
CA LEU B 324 3.95 -15.22 -19.13
C LEU B 324 3.97 -16.65 -19.65
N ILE B 325 2.95 -17.45 -19.30
CA ILE B 325 2.81 -18.83 -19.77
C ILE B 325 1.40 -19.02 -20.31
N PRO B 326 1.11 -18.51 -21.53
CA PRO B 326 -0.28 -18.47 -22.00
C PRO B 326 -0.98 -19.83 -22.00
N GLY B 327 -2.29 -19.82 -21.70
CA GLY B 327 -3.06 -21.06 -21.52
C GLY B 327 -3.08 -21.57 -20.09
N THR B 328 -2.26 -20.95 -19.22
CA THR B 328 -2.22 -21.35 -17.80
C THR B 328 -3.41 -20.75 -17.07
N THR B 329 -3.97 -21.48 -16.11
CA THR B 329 -5.10 -20.94 -15.35
C THR B 329 -4.75 -20.96 -13.86
N VAL B 330 -5.34 -20.03 -13.12
CA VAL B 330 -5.06 -19.87 -11.70
C VAL B 330 -6.35 -19.99 -10.91
N GLY B 331 -6.26 -20.70 -9.79
CA GLY B 331 -7.38 -20.87 -8.87
C GLY B 331 -6.87 -20.69 -7.46
N VAL B 332 -7.72 -20.18 -6.57
CA VAL B 332 -7.32 -19.87 -5.20
C VAL B 332 -7.54 -21.08 -4.29
N LEU B 333 -6.44 -21.70 -3.91
CA LEU B 333 -6.45 -22.89 -3.05
C LEU B 333 -6.57 -22.47 -1.59
N SER B 334 -7.43 -23.15 -0.82
CA SER B 334 -7.50 -22.88 0.62
C SER B 334 -6.27 -23.45 1.32
N MET B 335 -6.03 -23.04 2.57
CA MET B 335 -4.79 -23.37 3.28
C MET B 335 -4.63 -24.84 3.63
N ASP B 336 -5.72 -25.61 3.51
CA ASP B 336 -5.67 -27.06 3.70
C ASP B 336 -6.14 -27.80 2.44
N SER B 337 -6.16 -27.13 1.29
CA SER B 337 -6.59 -27.73 0.02
C SER B 337 -8.01 -28.30 0.04
N SER B 338 -8.85 -27.85 0.97
CA SER B 338 -10.19 -28.40 1.09
C SER B 338 -11.11 -28.03 -0.08
N ASN B 339 -10.75 -27.01 -0.86
CA ASN B 339 -11.58 -26.58 -2.00
C ASN B 339 -10.99 -26.99 -3.35
N VAL B 340 -10.04 -27.90 -3.36
CA VAL B 340 -9.30 -28.19 -4.60
C VAL B 340 -10.15 -28.91 -5.64
N LEU B 341 -11.18 -29.64 -5.21
CA LEU B 341 -12.10 -30.31 -6.14
C LEU B 341 -12.83 -29.30 -7.02
N GLN B 342 -13.46 -28.31 -6.38
CA GLN B 342 -14.20 -27.31 -7.12
C GLN B 342 -13.26 -26.49 -7.99
N LEU B 343 -12.06 -26.26 -7.49
CA LEU B 343 -11.06 -25.51 -8.22
C LEU B 343 -10.68 -26.25 -9.53
N ILE B 344 -10.61 -27.57 -9.46
CA ILE B 344 -10.28 -28.38 -10.64
C ILE B 344 -11.44 -28.40 -11.65
N VAL B 345 -12.67 -28.58 -11.18
CA VAL B 345 -13.84 -28.56 -12.06
C VAL B 345 -14.02 -27.22 -12.76
N ASP B 346 -13.79 -26.12 -12.04
CA ASP B 346 -13.89 -24.77 -12.61
C ASP B 346 -12.80 -24.50 -13.64
N ALA B 347 -11.57 -24.93 -13.34
CA ALA B 347 -10.46 -24.81 -14.29
C ALA B 347 -10.73 -25.60 -15.57
N TYR B 348 -11.21 -26.83 -15.44
CA TYR B 348 -11.57 -27.63 -16.61
C TYR B 348 -12.57 -26.89 -17.47
N GLY B 349 -13.57 -26.29 -16.84
CA GLY B 349 -14.56 -25.48 -17.55
C GLY B 349 -13.94 -24.26 -18.22
N LYS B 350 -13.00 -23.62 -17.55
CA LYS B 350 -12.34 -22.44 -18.13
C LYS B 350 -11.48 -22.87 -19.33
N ILE B 351 -10.83 -24.03 -19.20
CA ILE B 351 -9.97 -24.56 -20.25
C ILE B 351 -10.73 -24.85 -21.54
N ARG B 352 -11.94 -25.37 -21.42
CA ARG B 352 -12.73 -25.72 -22.59
C ARG B 352 -13.80 -24.68 -22.92
N SER B 353 -13.52 -23.41 -22.63
CA SER B 353 -14.44 -22.30 -22.93
C SER B 353 -13.88 -21.38 -24.02
N LYS B 354 -12.76 -21.76 -24.62
CA LYS B 354 -12.14 -20.94 -25.63
C LYS B 354 -11.82 -21.77 -26.87
N VAL B 355 -11.89 -21.13 -28.03
CA VAL B 355 -11.38 -21.70 -29.27
C VAL B 355 -10.51 -20.64 -29.90
N GLU B 356 -9.25 -20.96 -30.14
CA GLU B 356 -8.29 -19.99 -30.67
C GLU B 356 -7.56 -20.64 -31.85
N LEU B 357 -7.73 -20.07 -33.04
CA LEU B 357 -7.11 -20.61 -34.23
C LEU B 357 -5.62 -20.26 -34.29
N GLU B 358 -4.83 -21.26 -34.72
CA GLU B 358 -3.41 -21.12 -34.95
C GLU B 358 -3.15 -21.60 -36.38
N VAL B 359 -2.26 -20.90 -37.08
CA VAL B 359 -1.91 -21.21 -38.48
C VAL B 359 -0.46 -21.65 -38.59
N ARG B 360 -0.22 -22.86 -39.08
CA ARG B 360 1.15 -23.39 -39.22
C ARG B 360 1.58 -23.53 -40.68
N ASP B 361 2.84 -23.21 -40.94
CA ASP B 361 3.47 -23.34 -42.26
C ASP B 361 2.80 -22.50 -43.35
N LEU B 362 2.32 -21.31 -42.98
CA LEU B 362 1.73 -20.39 -43.94
C LEU B 362 2.81 -19.82 -44.84
N PRO B 363 2.70 -20.05 -46.17
CA PRO B 363 3.65 -19.44 -47.11
C PRO B 363 3.72 -17.91 -46.99
N GLU B 364 4.93 -17.37 -47.11
CA GLU B 364 5.18 -15.92 -47.11
C GLU B 364 4.19 -15.15 -47.99
N GLU B 365 4.04 -15.61 -49.23
CA GLU B 365 3.19 -14.95 -50.22
C GLU B 365 1.70 -14.94 -49.87
N LEU B 366 1.25 -15.94 -49.10
CA LEU B 366 -0.14 -16.00 -48.63
C LEU B 366 -0.35 -15.15 -47.38
N SER B 367 -1.50 -14.49 -47.32
CA SER B 367 -1.96 -13.82 -46.10
C SER B 367 -3.44 -14.15 -45.89
N LEU B 368 -3.79 -14.43 -44.64
CA LEU B 368 -5.16 -14.80 -44.27
C LEU B 368 -5.83 -13.68 -43.47
N SER B 369 -7.14 -13.57 -43.62
CA SER B 369 -7.96 -12.73 -42.74
C SER B 369 -9.12 -13.58 -42.20
N PHE B 370 -9.60 -13.23 -41.00
CA PHE B 370 -10.59 -14.05 -40.28
C PHE B 370 -11.78 -13.24 -39.78
N ASN B 371 -12.98 -13.80 -39.94
CA ASN B 371 -14.18 -13.29 -39.27
C ASN B 371 -14.77 -14.39 -38.41
N ALA B 372 -15.08 -14.07 -37.15
CA ALA B 372 -15.49 -15.09 -36.18
C ALA B 372 -17.00 -15.08 -35.91
N THR B 373 -17.59 -16.28 -35.80
CA THR B 373 -18.98 -16.43 -35.40
C THR B 373 -19.10 -17.23 -34.09
N CYS B 374 -19.19 -16.50 -32.97
CA CYS B 374 -19.45 -17.10 -31.65
C CYS B 374 -20.84 -16.69 -31.18
N LEU B 375 -21.27 -17.24 -30.04
CA LEU B 375 -22.51 -16.84 -29.34
C LEU B 375 -23.81 -17.01 -30.15
N ASN B 376 -24.14 -16.03 -30.98
CA ASN B 376 -25.50 -15.87 -31.49
C ASN B 376 -25.56 -15.73 -33.01
N ASN B 377 -24.82 -16.59 -33.72
CA ASN B 377 -24.64 -16.46 -35.17
C ASN B 377 -24.20 -15.03 -35.54
N GLU B 378 -23.40 -14.42 -34.66
CA GLU B 378 -23.04 -13.01 -34.76
C GLU B 378 -21.58 -12.89 -35.23
N VAL B 379 -21.36 -12.19 -36.34
CA VAL B 379 -20.05 -12.11 -36.97
C VAL B 379 -19.18 -11.01 -36.37
N ILE B 380 -18.04 -11.40 -35.79
CA ILE B 380 -17.05 -10.46 -35.27
C ILE B 380 -15.86 -10.45 -36.22
N PRO B 381 -15.75 -9.42 -37.07
CA PRO B 381 -14.70 -9.40 -38.08
C PRO B 381 -13.30 -9.11 -37.54
N GLY B 382 -12.28 -9.63 -38.22
CA GLY B 382 -10.89 -9.42 -37.83
C GLY B 382 -10.54 -10.10 -36.52
N LEU B 383 -11.05 -11.32 -36.36
CA LEU B 383 -10.92 -12.06 -35.10
C LEU B 383 -10.88 -13.56 -35.36
N LYS B 384 -9.91 -14.24 -34.75
CA LYS B 384 -9.72 -15.67 -34.96
C LYS B 384 -9.82 -16.50 -33.67
N SER B 385 -10.51 -15.97 -32.66
CA SER B 385 -10.71 -16.69 -31.40
C SER B 385 -12.04 -16.36 -30.73
N CYS B 386 -12.69 -17.39 -30.16
CA CYS B 386 -13.94 -17.24 -29.42
C CYS B 386 -13.73 -17.58 -27.94
N MET B 387 -14.47 -16.91 -27.07
CA MET B 387 -14.40 -17.15 -25.62
C MET B 387 -15.79 -17.30 -25.01
N GLY B 388 -15.84 -17.72 -23.76
CA GLY B 388 -17.10 -17.86 -23.03
C GLY B 388 -17.97 -19.00 -23.55
N LEU B 389 -17.36 -19.97 -24.21
CA LEU B 389 -18.06 -21.14 -24.72
C LEU B 389 -18.34 -22.13 -23.60
N LYS B 390 -19.40 -22.93 -23.77
CA LYS B 390 -19.66 -24.06 -22.90
C LYS B 390 -19.29 -25.34 -23.64
N ILE B 391 -19.17 -26.45 -22.92
CA ILE B 391 -18.93 -27.74 -23.55
C ILE B 391 -20.15 -28.04 -24.41
N GLY B 392 -19.91 -28.44 -25.67
CA GLY B 392 -20.98 -28.73 -26.61
C GLY B 392 -21.17 -27.64 -27.67
N ASP B 393 -20.72 -26.43 -27.36
CA ASP B 393 -20.86 -25.30 -28.29
C ASP B 393 -20.08 -25.50 -29.57
N THR B 394 -20.57 -24.88 -30.64
CA THR B 394 -19.91 -24.91 -31.93
C THR B 394 -19.71 -23.47 -32.40
N VAL B 395 -18.58 -23.22 -33.05
CA VAL B 395 -18.29 -21.90 -33.61
C VAL B 395 -17.72 -22.10 -35.00
N SER B 396 -17.71 -21.03 -35.77
CA SER B 396 -17.20 -21.09 -37.14
C SER B 396 -16.48 -19.80 -37.50
N PHE B 397 -15.54 -19.90 -38.44
CA PHE B 397 -14.79 -18.74 -38.90
C PHE B 397 -14.82 -18.66 -40.42
N SER B 398 -15.06 -17.46 -40.95
CA SER B 398 -14.86 -17.22 -42.38
C SER B 398 -13.41 -16.80 -42.58
N ILE B 399 -12.74 -17.44 -43.54
CA ILE B 399 -11.31 -17.22 -43.79
C ILE B 399 -11.06 -16.86 -45.27
N GLU B 400 -10.28 -15.81 -45.51
CA GLU B 400 -9.89 -15.41 -46.86
C GLU B 400 -8.38 -15.50 -47.01
N ALA B 401 -7.94 -16.26 -48.01
CA ALA B 401 -6.53 -16.36 -48.36
C ALA B 401 -6.27 -15.46 -49.55
N LYS B 402 -5.30 -14.56 -49.43
CA LYS B 402 -4.89 -13.68 -50.52
C LYS B 402 -3.44 -13.97 -50.88
N VAL B 403 -3.18 -14.35 -52.12
CA VAL B 403 -1.81 -14.56 -52.59
C VAL B 403 -1.30 -13.26 -53.23
N ARG B 404 -0.03 -12.95 -52.95
CA ARG B 404 0.61 -11.77 -53.54
C ARG B 404 1.57 -12.24 -54.63
N GLY B 405 1.29 -11.87 -55.88
CA GLY B 405 2.07 -12.31 -57.02
C GLY B 405 1.86 -13.80 -57.26
N CYS B 406 2.90 -14.47 -57.76
CA CYS B 406 2.87 -15.93 -57.94
C CYS B 406 4.22 -16.54 -57.55
N PRO B 407 4.23 -17.46 -56.57
CA PRO B 407 5.48 -18.04 -56.11
C PRO B 407 6.06 -19.08 -57.08
N GLN B 408 7.34 -19.39 -56.88
CA GLN B 408 8.09 -20.37 -57.68
C GLN B 408 7.51 -21.77 -57.59
N GLU B 409 7.25 -22.23 -56.36
CA GLU B 409 6.64 -23.54 -56.14
C GLU B 409 5.13 -23.42 -56.29
N LYS B 410 4.55 -24.26 -57.13
CA LYS B 410 3.13 -24.14 -57.46
C LYS B 410 2.23 -24.90 -56.50
N GLU B 411 2.80 -25.77 -55.67
CA GLU B 411 2.02 -26.50 -54.67
C GLU B 411 2.64 -26.37 -53.29
N LYS B 412 1.85 -25.85 -52.34
CA LYS B 412 2.24 -25.78 -50.93
C LYS B 412 1.03 -26.11 -50.07
N SER B 413 1.27 -26.45 -48.81
CA SER B 413 0.18 -26.70 -47.89
C SER B 413 0.46 -26.14 -46.50
N PHE B 414 -0.61 -25.80 -45.80
CA PHE B 414 -0.52 -25.26 -44.45
C PHE B 414 -1.71 -25.76 -43.63
N THR B 415 -1.65 -25.56 -42.31
CA THR B 415 -2.63 -26.11 -41.38
C THR B 415 -3.27 -25.00 -40.56
N ILE B 416 -4.59 -25.04 -40.43
CA ILE B 416 -5.30 -24.20 -39.46
C ILE B 416 -5.73 -25.12 -38.31
N LYS B 417 -5.19 -24.91 -37.12
CA LYS B 417 -5.47 -25.75 -35.96
C LYS B 417 -5.87 -24.88 -34.76
N PRO B 418 -6.95 -25.26 -34.05
CA PRO B 418 -7.24 -24.57 -32.78
C PRO B 418 -6.25 -25.02 -31.71
N VAL B 419 -5.80 -24.09 -30.85
CA VAL B 419 -4.78 -24.45 -29.86
C VAL B 419 -5.32 -25.52 -28.91
N GLY B 420 -4.48 -26.51 -28.62
CA GLY B 420 -4.87 -27.60 -27.72
C GLY B 420 -5.65 -28.74 -28.35
N PHE B 421 -6.12 -28.56 -29.59
CA PHE B 421 -6.96 -29.57 -30.26
C PHE B 421 -6.11 -30.59 -31.00
N LYS B 422 -6.59 -31.82 -31.06
CA LYS B 422 -5.95 -32.86 -31.86
C LYS B 422 -6.15 -32.57 -33.36
N ASP B 423 -7.40 -32.37 -33.76
CA ASP B 423 -7.75 -32.23 -35.17
C ASP B 423 -7.43 -30.85 -35.74
N SER B 424 -7.40 -30.77 -37.06
CA SER B 424 -7.01 -29.55 -37.76
C SER B 424 -7.57 -29.50 -39.18
N LEU B 425 -7.48 -28.32 -39.80
CA LEU B 425 -7.83 -28.15 -41.21
C LEU B 425 -6.56 -27.99 -42.03
N ILE B 426 -6.31 -28.97 -42.90
CA ILE B 426 -5.16 -28.92 -43.81
C ILE B 426 -5.60 -28.28 -45.13
N VAL B 427 -5.00 -27.14 -45.46
CA VAL B 427 -5.27 -26.47 -46.72
C VAL B 427 -4.16 -26.79 -47.73
N GLN B 428 -4.53 -27.43 -48.82
CA GLN B 428 -3.61 -27.73 -49.93
C GLN B 428 -3.80 -26.67 -51.00
N VAL B 429 -2.76 -25.85 -51.21
CA VAL B 429 -2.86 -24.77 -52.18
C VAL B 429 -2.15 -25.14 -53.47
N THR B 430 -2.76 -24.75 -54.59
CA THR B 430 -2.16 -24.91 -55.90
C THR B 430 -2.19 -23.54 -56.57
N PHE B 431 -1.02 -23.04 -56.95
CA PHE B 431 -0.94 -21.77 -57.65
C PHE B 431 -1.02 -22.02 -59.15
N ASP B 432 -2.11 -21.56 -59.75
CA ASP B 432 -2.42 -21.79 -61.15
C ASP B 432 -2.04 -20.55 -61.95
N CYS B 433 -0.74 -20.41 -62.21
CA CYS B 433 -0.21 -19.25 -62.93
C CYS B 433 0.16 -19.60 -64.37
N ASP B 434 0.06 -20.88 -64.73
CA ASP B 434 0.46 -21.36 -66.05
C ASP B 434 -0.74 -21.57 -66.96
N CYS B 435 -0.49 -21.59 -68.26
CA CYS B 435 -1.51 -21.89 -69.26
C CYS B 435 -1.33 -23.33 -69.71
N ALA B 436 -2.44 -23.98 -70.05
CA ALA B 436 -2.43 -25.37 -70.52
C ALA B 436 -1.67 -25.51 -71.84
N CYS B 437 -1.67 -24.46 -72.65
CA CYS B 437 -0.99 -24.45 -73.94
C CYS B 437 0.55 -24.40 -73.85
N GLN B 438 1.09 -24.04 -72.69
CA GLN B 438 2.54 -24.04 -72.48
C GLN B 438 3.11 -25.47 -72.53
N ALA B 439 2.35 -26.42 -72.01
CA ALA B 439 2.77 -27.83 -71.98
C ALA B 439 2.75 -28.49 -73.37
N GLN B 440 2.28 -27.77 -74.37
CA GLN B 440 2.31 -28.23 -75.76
C GLN B 440 2.93 -27.15 -76.67
N ALA B 441 3.99 -26.52 -76.18
CA ALA B 441 4.71 -25.49 -76.93
C ALA B 441 5.62 -26.14 -77.98
N GLU B 442 5.94 -25.38 -79.02
CA GLU B 442 6.81 -25.85 -80.10
C GLU B 442 8.12 -25.07 -80.10
N PRO B 443 9.20 -25.69 -79.57
CA PRO B 443 10.50 -25.04 -79.60
C PRO B 443 11.17 -25.21 -80.97
N ASN B 444 12.04 -24.26 -81.31
CA ASN B 444 12.74 -24.26 -82.60
C ASN B 444 11.74 -24.30 -83.76
N SER B 445 10.76 -23.40 -83.70
CA SER B 445 9.63 -23.43 -84.63
C SER B 445 9.95 -22.72 -85.94
N HIS B 446 9.50 -23.30 -87.05
CA HIS B 446 9.57 -22.68 -88.37
C HIS B 446 8.76 -21.38 -88.41
N ARG B 447 7.69 -21.31 -87.61
CA ARG B 447 6.84 -20.12 -87.50
C ARG B 447 7.51 -18.91 -86.83
N CYS B 448 8.59 -19.13 -86.09
CA CYS B 448 9.18 -18.07 -85.27
C CYS B 448 10.61 -17.71 -85.66
N ASN B 449 10.71 -16.76 -86.61
CA ASN B 449 11.99 -16.21 -87.05
C ASN B 449 12.98 -17.26 -87.58
N ASN B 450 12.43 -18.28 -88.26
CA ASN B 450 13.20 -19.41 -88.81
C ASN B 450 14.01 -20.19 -87.76
N GLY B 451 13.32 -20.67 -86.72
CA GLY B 451 13.93 -21.58 -85.74
C GLY B 451 14.55 -20.93 -84.51
N ASN B 452 14.63 -19.60 -84.50
CA ASN B 452 15.21 -18.87 -83.35
C ASN B 452 14.30 -18.89 -82.11
N GLY B 453 12.99 -18.81 -82.34
CA GLY B 453 12.01 -18.70 -81.26
C GLY B 453 11.19 -19.95 -81.01
N THR B 454 10.36 -19.89 -79.96
CA THR B 454 9.44 -20.96 -79.59
C THR B 454 8.00 -20.48 -79.81
N PHE B 455 7.17 -21.37 -80.35
CA PHE B 455 5.75 -21.06 -80.60
C PHE B 455 4.91 -21.64 -79.45
N GLU B 456 4.40 -20.76 -78.58
CA GLU B 456 3.53 -21.17 -77.49
C GLU B 456 2.28 -20.31 -77.41
N CYS B 457 1.13 -20.96 -77.30
CA CYS B 457 -0.14 -20.27 -77.06
C CYS B 457 -0.47 -19.21 -78.13
N GLY B 458 -0.08 -19.49 -79.38
CA GLY B 458 -0.39 -18.60 -80.49
C GLY B 458 0.70 -17.64 -80.93
N VAL B 459 1.47 -17.12 -79.97
CA VAL B 459 2.52 -16.13 -80.27
C VAL B 459 3.92 -16.73 -80.23
N CYS B 460 4.89 -15.97 -80.75
CA CYS B 460 6.29 -16.38 -80.73
C CYS B 460 7.01 -15.73 -79.55
N ARG B 461 7.77 -16.54 -78.83
CA ARG B 461 8.58 -16.09 -77.70
C ARG B 461 10.05 -16.25 -78.02
N CYS B 462 10.88 -15.30 -77.60
CA CYS B 462 12.33 -15.46 -77.70
C CYS B 462 12.75 -16.72 -76.95
N GLY B 463 13.61 -17.52 -77.57
CA GLY B 463 14.08 -18.76 -76.97
C GLY B 463 15.18 -18.53 -75.94
N PRO B 464 15.71 -19.64 -75.37
CA PRO B 464 16.85 -19.56 -74.46
C PRO B 464 18.17 -19.66 -75.22
N GLY B 465 19.14 -18.77 -74.99
CA GLY B 465 18.98 -17.55 -74.19
C GLY B 465 19.38 -16.35 -75.04
N TRP B 466 18.40 -15.52 -75.36
CA TRP B 466 18.60 -14.33 -76.21
C TRP B 466 18.33 -13.05 -75.42
N LEU C 1 -31.45 40.37 23.76
CA LEU C 1 -31.68 41.51 24.70
C LEU C 1 -33.06 41.39 25.34
N ASN C 2 -34.09 41.24 24.52
CA ASN C 2 -35.47 41.40 24.98
C ASN C 2 -36.42 40.20 24.79
N LEU C 3 -35.89 38.99 24.72
CA LEU C 3 -36.74 37.80 24.70
C LEU C 3 -37.25 37.49 26.11
N ASP C 4 -38.43 36.89 26.21
CA ASP C 4 -39.05 36.57 27.49
C ASP C 4 -38.81 35.11 27.88
N PRO C 5 -37.99 34.87 28.92
CA PRO C 5 -37.69 33.50 29.37
C PRO C 5 -38.57 33.08 30.55
N VAL C 6 -39.60 33.85 30.84
CA VAL C 6 -40.51 33.53 31.92
C VAL C 6 -41.72 32.81 31.33
N GLN C 7 -42.37 33.42 30.33
CA GLN C 7 -43.58 32.84 29.75
C GLN C 7 -43.32 32.26 28.36
N LEU C 8 -42.78 31.05 28.33
CA LEU C 8 -42.51 30.37 27.08
C LEU C 8 -43.77 29.71 26.56
N THR C 9 -43.71 29.31 25.30
CA THR C 9 -44.73 28.46 24.71
C THR C 9 -44.06 27.18 24.25
N PHE C 10 -44.71 26.05 24.49
CA PHE C 10 -44.15 24.73 24.20
C PHE C 10 -45.05 23.95 23.26
N TYR C 11 -44.45 23.39 22.21
CA TYR C 11 -45.14 22.45 21.35
C TYR C 11 -44.45 21.10 21.54
N ALA C 12 -45.23 20.02 21.50
CA ALA C 12 -44.71 18.67 21.80
C ALA C 12 -45.11 17.68 20.72
N GLY C 13 -44.17 16.81 20.34
CA GLY C 13 -44.47 15.74 19.39
C GLY C 13 -44.53 14.39 20.08
N PRO C 14 -44.71 13.33 19.30
CA PRO C 14 -44.75 11.99 19.88
C PRO C 14 -43.42 11.58 20.47
N ASN C 15 -43.46 10.74 21.51
CA ASN C 15 -42.25 10.16 22.09
C ASN C 15 -41.44 9.39 21.06
N GLY C 16 -40.14 9.67 21.01
CA GLY C 16 -39.23 8.98 20.11
C GLY C 16 -39.19 9.55 18.71
N SER C 17 -40.00 10.57 18.43
CA SER C 17 -40.14 11.10 17.08
C SER C 17 -39.07 12.10 16.66
N GLN C 18 -38.32 12.63 17.61
CA GLN C 18 -37.35 13.70 17.37
C GLN C 18 -37.98 14.99 16.81
N PHE C 19 -39.23 15.22 17.22
CA PHE C 19 -39.96 16.46 16.96
C PHE C 19 -39.12 17.64 17.41
N GLY C 20 -38.81 18.52 16.47
CA GLY C 20 -37.96 19.66 16.74
C GLY C 20 -36.55 19.54 16.20
N PHE C 21 -36.27 18.45 15.49
CA PHE C 21 -34.96 18.24 14.88
C PHE C 21 -34.67 19.34 13.85
N SER C 22 -35.70 19.69 13.08
CA SER C 22 -35.68 20.86 12.20
C SER C 22 -36.96 21.64 12.37
N LEU C 23 -36.92 22.92 12.03
CA LEU C 23 -38.13 23.74 12.04
C LEU C 23 -38.00 25.01 11.20
N ASP C 24 -39.13 25.61 10.87
CA ASP C 24 -39.17 26.91 10.22
C ASP C 24 -40.49 27.59 10.51
N PHE C 25 -40.54 28.90 10.30
CA PHE C 25 -41.79 29.63 10.31
C PHE C 25 -42.43 29.43 8.95
N HIS C 26 -43.75 29.40 8.92
CA HIS C 26 -44.51 29.28 7.69
C HIS C 26 -45.63 30.32 7.68
N LYS C 27 -45.64 31.19 6.68
CA LYS C 27 -46.77 32.08 6.44
C LYS C 27 -47.70 31.40 5.46
N ASP C 28 -49.00 31.35 5.76
CA ASP C 28 -49.98 30.94 4.76
C ASP C 28 -50.24 32.11 3.80
N SER C 29 -51.16 31.95 2.84
CA SER C 29 -51.46 33.00 1.87
C SER C 29 -52.18 34.22 2.46
N HIS C 30 -52.64 34.10 3.71
CA HIS C 30 -53.21 35.23 4.46
C HIS C 30 -52.17 35.91 5.37
N GLY C 31 -50.92 35.48 5.32
CA GLY C 31 -49.86 36.05 6.15
C GLY C 31 -49.84 35.58 7.60
N ARG C 32 -50.66 34.58 7.93
CA ARG C 32 -50.73 34.06 9.29
C ARG C 32 -49.57 33.10 9.53
N VAL C 33 -48.74 33.41 10.51
CA VAL C 33 -47.52 32.64 10.76
C VAL C 33 -47.84 31.40 11.60
N ALA C 34 -47.37 30.25 11.12
CA ALA C 34 -47.39 29.01 11.87
C ALA C 34 -45.96 28.46 11.94
N ILE C 35 -45.78 27.35 12.64
CA ILE C 35 -44.45 26.72 12.77
C ILE C 35 -44.48 25.33 12.13
N VAL C 36 -43.59 25.11 11.17
CA VAL C 36 -43.42 23.78 10.59
C VAL C 36 -42.32 23.07 11.36
N VAL C 37 -42.58 21.83 11.75
CA VAL C 37 -41.64 21.08 12.59
C VAL C 37 -41.38 19.71 12.02
N GLY C 38 -40.10 19.39 11.83
CA GLY C 38 -39.70 18.08 11.37
C GLY C 38 -39.54 17.13 12.54
N ALA C 39 -39.95 15.89 12.35
CA ALA C 39 -39.82 14.86 13.38
C ALA C 39 -39.34 13.55 12.72
N PRO C 40 -38.03 13.48 12.42
CA PRO C 40 -37.49 12.47 11.53
C PRO C 40 -37.55 11.00 11.97
N ARG C 41 -38.01 10.73 13.20
CA ARG C 41 -38.22 9.34 13.64
C ARG C 41 -39.67 8.97 13.95
N THR C 42 -40.60 9.85 13.59
CA THR C 42 -42.03 9.58 13.73
C THR C 42 -42.38 8.25 13.06
N LEU C 43 -43.15 7.41 13.75
CA LEU C 43 -43.55 6.12 13.19
C LEU C 43 -44.44 6.32 11.98
N GLY C 44 -44.25 5.46 10.98
CA GLY C 44 -45.15 5.38 9.85
C GLY C 44 -46.26 4.35 10.07
N PRO C 45 -47.07 4.10 9.04
CA PRO C 45 -48.23 3.21 9.14
C PRO C 45 -47.85 1.72 9.27
N SER C 46 -46.68 1.34 8.76
CA SER C 46 -46.18 -0.03 8.88
C SER C 46 -45.40 -0.24 10.17
N GLN C 47 -45.46 0.74 11.08
CA GLN C 47 -44.79 0.70 12.38
C GLN C 47 -43.25 0.59 12.28
N GLU C 48 -42.71 1.12 11.19
CA GLU C 48 -41.29 1.40 11.07
C GLU C 48 -41.17 2.91 11.17
N GLU C 49 -40.02 3.38 11.64
CA GLU C 49 -39.74 4.80 11.61
C GLU C 49 -39.65 5.25 10.16
N THR C 50 -40.37 6.32 9.83
CA THR C 50 -40.26 6.95 8.52
C THR C 50 -40.04 8.46 8.61
N GLY C 51 -40.30 9.05 9.77
CA GLY C 51 -40.28 10.49 9.91
C GLY C 51 -41.62 11.11 9.59
N GLY C 52 -41.77 12.39 9.88
CA GLY C 52 -43.05 13.07 9.69
C GLY C 52 -42.89 14.55 9.89
N VAL C 53 -43.95 15.28 9.54
CA VAL C 53 -43.92 16.73 9.61
C VAL C 53 -45.20 17.22 10.29
N PHE C 54 -45.05 18.28 11.07
CA PHE C 54 -46.18 18.86 11.78
C PHE C 54 -46.24 20.33 11.46
N LEU C 55 -47.45 20.85 11.37
CA LEU C 55 -47.68 22.26 11.10
C LEU C 55 -48.42 22.84 12.30
N CYS C 56 -47.69 23.52 13.18
CA CYS C 56 -48.26 24.00 14.44
C CYS C 56 -48.83 25.40 14.29
N PRO C 57 -50.16 25.54 14.42
CA PRO C 57 -50.70 26.91 14.43
C PRO C 57 -50.25 27.63 15.68
N TRP C 58 -50.08 28.94 15.58
CA TRP C 58 -49.62 29.75 16.70
C TRP C 58 -50.69 29.83 17.80
N ARG C 59 -50.30 29.44 19.01
CA ARG C 59 -51.15 29.54 20.19
C ARG C 59 -50.23 29.83 21.37
N ALA C 60 -50.53 30.88 22.13
CA ALA C 60 -49.70 31.23 23.30
C ALA C 60 -49.50 30.03 24.25
N GLU C 61 -50.55 29.20 24.36
CA GLU C 61 -50.56 28.05 25.25
C GLU C 61 -49.84 26.83 24.65
N GLY C 62 -49.48 26.89 23.38
CA GLY C 62 -48.80 25.78 22.73
C GLY C 62 -49.65 24.53 22.63
N GLY C 63 -49.01 23.36 22.75
CA GLY C 63 -49.72 22.09 22.84
C GLY C 63 -49.32 21.13 21.74
N GLN C 64 -50.28 20.28 21.32
CA GLN C 64 -50.10 19.29 20.26
C GLN C 64 -50.36 19.91 18.88
N CYS C 65 -49.79 19.33 17.84
CA CYS C 65 -49.82 19.90 16.50
C CYS C 65 -50.43 18.94 15.50
N PRO C 66 -51.13 19.47 14.48
CA PRO C 66 -51.62 18.58 13.43
C PRO C 66 -50.50 18.07 12.54
N SER C 67 -50.67 16.85 12.06
CA SER C 67 -49.74 16.25 11.12
C SER C 67 -49.95 16.84 9.73
N LEU C 68 -48.86 17.11 9.03
CA LEU C 68 -48.91 17.45 7.60
C LEU C 68 -48.62 16.17 6.84
N LEU C 69 -49.66 15.59 6.24
CA LEU C 69 -49.58 14.23 5.70
C LEU C 69 -48.84 14.10 4.36
N PHE C 70 -47.92 13.14 4.30
CA PHE C 70 -47.23 12.77 3.06
C PHE C 70 -47.42 11.29 2.76
N ASP C 71 -47.28 10.93 1.48
CA ASP C 71 -47.33 9.54 1.05
C ASP C 71 -46.10 8.81 1.61
N LEU C 72 -46.33 7.82 2.46
CA LEU C 72 -45.24 7.08 3.12
C LEU C 72 -45.09 5.65 2.60
N ARG C 73 -45.68 5.37 1.43
CA ARG C 73 -45.65 4.04 0.83
C ARG C 73 -44.38 3.81 0.01
N ASP C 74 -43.85 2.60 0.09
CA ASP C 74 -42.76 2.18 -0.78
C ASP C 74 -43.33 1.96 -2.18
N GLU C 75 -42.65 2.48 -3.19
CA GLU C 75 -43.10 2.43 -4.58
C GLU C 75 -42.25 1.49 -5.42
N THR C 76 -42.88 0.87 -6.41
CA THR C 76 -42.20 0.01 -7.34
C THR C 76 -42.74 0.29 -8.74
N ARG C 77 -41.85 0.40 -9.72
CA ARG C 77 -42.27 0.61 -11.09
C ARG C 77 -41.48 -0.29 -12.00
N ASN C 78 -42.19 -1.21 -12.66
CA ASN C 78 -41.59 -2.05 -13.68
C ASN C 78 -41.73 -1.30 -14.99
N VAL C 79 -40.61 -0.87 -15.54
CA VAL C 79 -40.61 -0.03 -16.73
C VAL C 79 -39.23 -0.08 -17.38
N GLY C 80 -39.18 0.07 -18.70
CA GLY C 80 -37.93 0.00 -19.46
C GLY C 80 -37.11 -1.26 -19.22
N SER C 81 -37.80 -2.38 -18.97
CA SER C 81 -37.17 -3.66 -18.58
C SER C 81 -36.37 -3.57 -17.27
N GLN C 82 -36.64 -2.53 -16.48
CA GLN C 82 -36.01 -2.36 -15.17
C GLN C 82 -37.07 -2.33 -14.09
N THR C 83 -36.64 -2.41 -12.84
CA THR C 83 -37.54 -2.29 -11.70
C THR C 83 -37.02 -1.18 -10.81
N LEU C 84 -37.77 -0.08 -10.77
CA LEU C 84 -37.43 1.07 -9.94
C LEU C 84 -38.06 0.87 -8.57
N GLN C 85 -37.30 1.16 -7.50
CA GLN C 85 -37.73 0.91 -6.12
C GLN C 85 -37.37 2.07 -5.20
N THR C 86 -38.35 2.57 -4.44
CA THR C 86 -38.09 3.52 -3.36
C THR C 86 -38.32 2.82 -2.03
N PHE C 87 -37.55 3.21 -1.02
CA PHE C 87 -37.62 2.63 0.32
C PHE C 87 -37.68 3.76 1.34
N LYS C 88 -38.77 3.81 2.09
CA LYS C 88 -39.01 4.92 3.02
C LYS C 88 -38.72 4.59 4.48
N ALA C 89 -38.52 3.32 4.80
CA ALA C 89 -38.14 2.91 6.15
C ALA C 89 -36.88 3.68 6.59
N ARG C 90 -37.00 4.35 7.73
CA ARG C 90 -35.89 5.09 8.33
C ARG C 90 -35.32 6.19 7.41
N GLN C 91 -36.18 6.75 6.55
CA GLN C 91 -35.72 7.74 5.57
C GLN C 91 -35.44 9.08 6.23
N GLY C 92 -36.04 9.30 7.39
CA GLY C 92 -35.85 10.55 8.13
C GLY C 92 -36.60 11.73 7.57
N LEU C 93 -37.85 11.54 7.15
CA LEU C 93 -38.67 12.66 6.70
C LEU C 93 -38.78 13.67 7.82
N GLY C 94 -38.46 14.93 7.51
CA GLY C 94 -38.41 15.98 8.51
C GLY C 94 -37.04 16.21 9.12
N ALA C 95 -36.01 15.57 8.58
CA ALA C 95 -34.63 15.84 9.00
C ALA C 95 -34.21 17.26 8.59
N SER C 96 -34.87 17.79 7.56
CA SER C 96 -34.78 19.22 7.25
C SER C 96 -36.16 19.70 6.79
N VAL C 97 -36.54 20.91 7.20
CA VAL C 97 -37.72 21.55 6.66
C VAL C 97 -37.39 23.00 6.30
N VAL C 98 -38.06 23.51 5.27
CA VAL C 98 -37.95 24.91 4.88
C VAL C 98 -39.27 25.34 4.26
N SER C 99 -39.71 26.56 4.58
CA SER C 99 -40.93 27.14 4.02
C SER C 99 -40.58 28.28 3.08
N TRP C 100 -41.34 28.42 2.00
CA TRP C 100 -41.18 29.53 1.08
C TRP C 100 -42.54 29.84 0.47
N SER C 101 -42.93 31.10 0.50
CA SER C 101 -44.27 31.50 0.07
C SER C 101 -45.27 30.61 0.83
N ASP C 102 -46.23 29.99 0.15
CA ASP C 102 -47.22 29.15 0.82
C ASP C 102 -46.88 27.66 0.67
N VAL C 103 -45.60 27.36 0.48
CA VAL C 103 -45.13 26.00 0.20
C VAL C 103 -44.21 25.54 1.33
N ILE C 104 -44.27 24.25 1.65
CA ILE C 104 -43.36 23.63 2.61
C ILE C 104 -42.58 22.53 1.88
N VAL C 105 -41.28 22.49 2.11
CA VAL C 105 -40.40 21.44 1.62
C VAL C 105 -39.84 20.69 2.82
N ALA C 106 -40.23 19.42 2.96
CA ALA C 106 -39.70 18.53 4.01
C ALA C 106 -38.92 17.43 3.34
N CYS C 107 -37.68 17.22 3.77
CA CYS C 107 -36.79 16.25 3.12
C CYS C 107 -36.52 15.00 3.96
N ALA C 108 -36.21 13.92 3.25
CA ALA C 108 -35.92 12.61 3.82
C ALA C 108 -34.55 12.19 3.29
N PRO C 109 -33.47 12.71 3.91
CA PRO C 109 -32.16 12.49 3.32
C PRO C 109 -31.74 11.04 3.26
N TRP C 110 -32.39 10.16 4.00
CA TRP C 110 -32.01 8.74 4.01
C TRP C 110 -32.99 7.83 3.30
N GLN C 111 -33.88 8.41 2.50
CA GLN C 111 -34.71 7.57 1.64
C GLN C 111 -33.77 6.79 0.73
N HIS C 112 -33.96 5.48 0.68
CA HIS C 112 -33.15 4.65 -0.20
C HIS C 112 -33.82 4.41 -1.55
N TRP C 113 -33.04 3.89 -2.47
CA TRP C 113 -33.45 3.73 -3.84
C TRP C 113 -32.64 2.60 -4.46
N ASN C 114 -33.27 1.85 -5.34
CA ASN C 114 -32.58 0.83 -6.07
C ASN C 114 -33.23 0.69 -7.43
N VAL C 115 -32.50 0.11 -8.37
CA VAL C 115 -33.03 -0.25 -9.67
C VAL C 115 -32.49 -1.62 -10.00
N LEU C 116 -33.37 -2.55 -10.40
CA LEU C 116 -32.99 -3.91 -10.74
C LEU C 116 -33.12 -4.17 -12.24
N GLU C 117 -32.20 -4.99 -12.77
CA GLU C 117 -32.24 -5.47 -14.14
C GLU C 117 -31.76 -6.90 -14.15
N LYS C 118 -32.67 -7.85 -14.31
CA LYS C 118 -32.36 -9.26 -14.27
C LYS C 118 -31.60 -9.59 -12.98
N THR C 119 -30.34 -10.01 -13.08
CA THR C 119 -29.52 -10.34 -11.90
C THR C 119 -28.69 -9.16 -11.38
N GLU C 120 -28.75 -8.02 -12.07
CA GLU C 120 -27.94 -6.84 -11.72
C GLU C 120 -28.79 -5.76 -11.04
N GLU C 121 -28.12 -4.71 -10.55
CA GLU C 121 -28.76 -3.59 -9.87
C GLU C 121 -27.88 -2.34 -9.81
N ALA C 122 -28.49 -1.21 -9.47
CA ALA C 122 -27.76 0.03 -9.19
C ALA C 122 -27.10 0.01 -7.82
N GLU C 123 -27.57 -0.86 -6.93
CA GLU C 123 -27.24 -0.89 -5.50
C GLU C 123 -28.27 -0.07 -4.72
N LYS C 124 -28.68 -0.60 -3.57
CA LYS C 124 -29.66 0.05 -2.70
C LYS C 124 -28.97 1.10 -1.83
N THR C 125 -29.19 2.37 -2.16
CA THR C 125 -28.41 3.47 -1.62
C THR C 125 -29.29 4.68 -1.23
N PRO C 126 -28.79 5.51 -0.30
CA PRO C 126 -29.56 6.65 0.18
C PRO C 126 -29.44 7.89 -0.72
N VAL C 127 -30.17 7.90 -1.82
CA VAL C 127 -30.20 9.07 -2.70
C VAL C 127 -30.86 10.30 -2.03
N GLY C 128 -31.72 10.06 -1.06
CA GLY C 128 -32.48 11.14 -0.44
C GLY C 128 -33.68 11.53 -1.28
N SER C 129 -34.58 12.32 -0.69
CA SER C 129 -35.74 12.84 -1.41
C SER C 129 -36.35 13.97 -0.62
N CYS C 130 -36.93 14.94 -1.33
CA CYS C 130 -37.67 16.00 -0.68
C CYS C 130 -39.14 15.90 -1.09
N PHE C 131 -40.02 16.06 -0.11
CA PHE C 131 -41.46 16.10 -0.33
C PHE C 131 -41.87 17.56 -0.26
N LEU C 132 -42.71 18.00 -1.19
CA LEU C 132 -43.18 19.39 -1.19
C LEU C 132 -44.69 19.43 -1.04
N ALA C 133 -45.17 20.37 -0.21
CA ALA C 133 -46.58 20.50 0.12
C ALA C 133 -47.02 21.95 0.01
N GLN C 134 -48.19 22.15 -0.58
CA GLN C 134 -48.90 23.40 -0.45
C GLN C 134 -50.09 23.10 0.46
N PRO C 135 -49.93 23.31 1.77
CA PRO C 135 -50.94 22.93 2.77
C PRO C 135 -52.38 23.29 2.43
N GLU C 136 -52.63 24.55 2.02
CA GLU C 136 -53.99 25.02 1.76
C GLU C 136 -54.68 24.35 0.56
N SER C 137 -53.94 24.05 -0.50
CA SER C 137 -54.52 23.44 -1.70
C SER C 137 -54.59 21.92 -1.56
N GLY C 138 -53.69 21.35 -0.77
CA GLY C 138 -53.57 19.91 -0.63
C GLY C 138 -52.61 19.31 -1.64
N ARG C 139 -51.95 20.16 -2.43
CA ARG C 139 -51.07 19.69 -3.48
C ARG C 139 -49.76 19.16 -2.93
N ARG C 140 -49.23 18.15 -3.62
CA ARG C 140 -48.02 17.47 -3.21
C ARG C 140 -47.11 17.28 -4.41
N ALA C 141 -45.80 17.29 -4.16
CA ALA C 141 -44.82 16.91 -5.18
C ALA C 141 -43.54 16.47 -4.51
N GLU C 142 -42.70 15.79 -5.27
CA GLU C 142 -41.45 15.27 -4.76
C GLU C 142 -40.31 15.72 -5.65
N TYR C 143 -39.10 15.71 -5.08
CA TYR C 143 -37.92 16.08 -5.82
C TYR C 143 -36.79 15.23 -5.31
N SER C 144 -36.22 14.44 -6.21
CA SER C 144 -35.19 13.50 -5.85
C SER C 144 -34.16 13.45 -6.98
N PRO C 145 -33.30 14.48 -7.07
CA PRO C 145 -32.42 14.67 -8.23
C PRO C 145 -31.26 13.67 -8.36
N CYS C 146 -31.04 12.85 -7.34
CA CYS C 146 -29.92 11.90 -7.37
C CYS C 146 -30.33 10.48 -7.77
N ARG C 147 -31.62 10.20 -7.84
CA ARG C 147 -32.10 8.93 -8.37
C ARG C 147 -31.57 8.72 -9.79
N GLY C 148 -31.08 7.51 -10.05
CA GLY C 148 -30.55 7.15 -11.36
C GLY C 148 -30.99 5.76 -11.75
N ASN C 149 -30.61 5.35 -12.96
CA ASN C 149 -30.94 4.01 -13.46
C ASN C 149 -29.73 3.31 -14.07
N THR C 150 -28.53 3.71 -13.65
CA THR C 150 -27.29 3.08 -14.09
C THR C 150 -26.99 1.91 -13.16
N LEU C 151 -26.46 0.84 -13.74
CA LEU C 151 -26.16 -0.39 -12.99
C LEU C 151 -24.77 -0.35 -12.36
N SER C 152 -24.63 -1.07 -11.26
CA SER C 152 -23.40 -1.13 -10.46
C SER C 152 -22.14 -1.26 -11.30
N ARG C 153 -22.16 -2.25 -12.19
CA ARG C 153 -21.06 -2.54 -13.10
C ARG C 153 -20.52 -1.31 -13.86
N ILE C 154 -21.42 -0.42 -14.28
CA ILE C 154 -21.03 0.74 -15.08
C ILE C 154 -20.24 1.77 -14.28
N TYR C 155 -20.61 2.00 -13.03
CA TYR C 155 -19.83 2.88 -12.17
C TYR C 155 -18.43 2.30 -11.97
N VAL C 156 -18.37 0.99 -11.71
CA VAL C 156 -17.09 0.28 -11.58
C VAL C 156 -16.20 0.50 -12.80
N GLU C 157 -16.79 0.37 -14.00
CA GLU C 157 -16.04 0.53 -15.25
C GLU C 157 -15.53 1.95 -15.47
N ASN C 158 -16.24 2.93 -14.92
CA ASN C 158 -15.89 4.35 -15.11
C ASN C 158 -15.26 5.01 -13.88
N ASP C 159 -14.63 4.19 -13.03
CA ASP C 159 -13.98 4.67 -11.80
C ASP C 159 -14.89 5.53 -10.93
N PHE C 160 -16.15 5.10 -10.82
CA PHE C 160 -17.13 5.72 -9.92
C PHE C 160 -17.29 7.22 -10.14
N SER C 161 -17.20 7.66 -11.39
CA SER C 161 -17.40 9.06 -11.73
C SER C 161 -18.90 9.40 -11.72
N TRP C 162 -19.22 10.64 -11.40
CA TRP C 162 -20.60 11.10 -11.35
C TRP C 162 -21.52 10.12 -10.63
N ASP C 163 -21.05 9.63 -9.49
CA ASP C 163 -21.77 8.64 -8.70
C ASP C 163 -22.65 9.34 -7.65
N LYS C 164 -23.92 9.50 -7.99
CA LYS C 164 -24.87 10.23 -7.13
C LYS C 164 -25.69 9.32 -6.21
N ARG C 165 -25.29 8.06 -6.10
CA ARG C 165 -26.09 7.05 -5.40
C ARG C 165 -26.25 7.25 -3.89
N TYR C 166 -25.30 7.94 -3.26
CA TYR C 166 -25.32 8.12 -1.79
C TYR C 166 -25.50 9.60 -1.43
N CYS C 167 -26.09 10.38 -2.35
CA CYS C 167 -26.31 11.81 -2.19
C CYS C 167 -26.79 12.30 -0.84
N GLU C 168 -27.83 11.64 -0.34
CA GLU C 168 -28.61 12.17 0.79
C GLU C 168 -29.08 13.59 0.52
N ALA C 169 -29.61 13.79 -0.67
CA ALA C 169 -30.21 15.04 -1.08
C ALA C 169 -31.25 15.49 -0.06
N GLY C 170 -31.19 16.75 0.33
CA GLY C 170 -32.12 17.30 1.31
C GLY C 170 -31.57 17.30 2.74
N PHE C 171 -30.38 16.73 2.90
CA PHE C 171 -29.64 16.79 4.16
C PHE C 171 -29.63 18.21 4.68
N SER C 172 -29.41 19.15 3.78
CA SER C 172 -29.62 20.56 4.08
C SER C 172 -30.45 21.15 2.95
N SER C 173 -31.16 22.23 3.23
CA SER C 173 -32.02 22.84 2.23
C SER C 173 -32.14 24.33 2.48
N VAL C 174 -32.38 25.07 1.39
CA VAL C 174 -32.68 26.48 1.47
C VAL C 174 -33.42 26.82 0.18
N VAL C 175 -34.28 27.84 0.23
CA VAL C 175 -34.95 28.31 -0.98
C VAL C 175 -34.60 29.76 -1.19
N THR C 176 -34.36 30.14 -2.44
CA THR C 176 -34.04 31.52 -2.77
C THR C 176 -35.30 32.36 -2.75
N GLN C 177 -35.12 33.67 -2.69
CA GLN C 177 -36.24 34.62 -2.65
C GLN C 177 -37.12 34.46 -3.89
N ALA C 178 -36.51 34.10 -5.02
CA ALA C 178 -37.21 33.89 -6.28
C ALA C 178 -37.83 32.49 -6.42
N GLY C 179 -37.57 31.60 -5.46
CA GLY C 179 -38.26 30.33 -5.36
C GLY C 179 -37.53 29.13 -5.95
N GLU C 180 -36.20 29.18 -5.91
CA GLU C 180 -35.37 28.07 -6.34
C GLU C 180 -34.96 27.25 -5.13
N LEU C 181 -35.41 26.00 -5.10
CA LEU C 181 -35.01 25.04 -4.07
C LEU C 181 -33.56 24.66 -4.28
N VAL C 182 -32.73 24.83 -3.26
CA VAL C 182 -31.33 24.40 -3.30
C VAL C 182 -31.12 23.35 -2.21
N LEU C 183 -30.76 22.14 -2.61
CA LEU C 183 -30.58 21.04 -1.68
C LEU C 183 -29.11 20.70 -1.51
N GLY C 184 -28.69 20.54 -0.27
CA GLY C 184 -27.37 19.98 0.01
C GLY C 184 -27.41 18.47 0.02
N ALA C 185 -26.47 17.84 -0.67
CA ALA C 185 -26.36 16.39 -0.72
C ALA C 185 -24.91 16.00 -0.39
N PRO C 186 -24.58 15.93 0.90
CA PRO C 186 -23.21 15.74 1.30
C PRO C 186 -22.57 14.43 0.87
N GLY C 187 -23.38 13.43 0.51
CA GLY C 187 -22.84 12.15 0.03
C GLY C 187 -22.61 12.09 -1.47
N GLY C 188 -22.93 13.18 -2.17
CA GLY C 188 -22.81 13.25 -3.62
C GLY C 188 -21.42 12.95 -4.17
N TYR C 189 -21.41 12.30 -5.33
CA TYR C 189 -20.17 11.97 -6.03
C TYR C 189 -19.21 11.24 -5.10
N TYR C 190 -19.71 10.14 -4.54
CA TYR C 190 -18.93 9.25 -3.69
C TYR C 190 -18.32 10.04 -2.54
N PHE C 191 -19.19 10.80 -1.88
CA PHE C 191 -18.89 11.48 -0.60
C PHE C 191 -18.07 12.76 -0.72
N LEU C 192 -17.94 13.30 -1.92
CA LEU C 192 -17.45 14.68 -2.07
C LEU C 192 -18.54 15.65 -1.61
N GLY C 193 -19.77 15.33 -1.97
CA GLY C 193 -20.90 16.22 -1.77
C GLY C 193 -21.24 17.02 -3.01
N LEU C 194 -22.53 17.32 -3.18
CA LEU C 194 -23.01 18.12 -4.30
C LEU C 194 -24.19 18.97 -3.88
N LEU C 195 -24.55 19.92 -4.74
CA LEU C 195 -25.73 20.74 -4.56
C LEU C 195 -26.64 20.48 -5.74
N ALA C 196 -27.94 20.47 -5.49
CA ALA C 196 -28.95 20.33 -6.55
C ALA C 196 -29.93 21.48 -6.43
N GLN C 197 -30.28 22.09 -7.55
CA GLN C 197 -31.19 23.23 -7.56
C GLN C 197 -32.27 23.07 -8.60
N ALA C 198 -33.51 23.37 -8.22
CA ALA C 198 -34.61 23.45 -9.20
C ALA C 198 -35.69 24.41 -8.67
N PRO C 199 -36.30 25.19 -9.57
CA PRO C 199 -37.41 26.05 -9.16
C PRO C 199 -38.56 25.24 -8.59
N VAL C 200 -39.16 25.73 -7.50
CA VAL C 200 -40.29 25.06 -6.88
C VAL C 200 -41.44 24.86 -7.87
N ALA C 201 -41.73 25.90 -8.66
CA ALA C 201 -42.79 25.84 -9.67
C ALA C 201 -42.60 24.68 -10.65
N ASP C 202 -41.35 24.44 -11.04
CA ASP C 202 -41.03 23.43 -12.05
C ASP C 202 -41.02 22.02 -11.47
N ILE C 203 -40.70 21.91 -10.17
CA ILE C 203 -40.82 20.65 -9.45
C ILE C 203 -42.27 20.20 -9.45
N PHE C 204 -43.15 21.12 -9.08
CA PHE C 204 -44.58 20.83 -9.03
C PHE C 204 -45.12 20.46 -10.40
N SER C 205 -44.84 21.28 -11.41
CA SER C 205 -45.44 21.09 -12.74
C SER C 205 -44.88 19.87 -13.49
N SER C 206 -43.71 19.37 -13.07
CA SER C 206 -43.12 18.19 -13.70
C SER C 206 -43.38 16.87 -12.94
N TYR C 207 -43.84 16.97 -11.70
CA TYR C 207 -44.11 15.77 -10.90
C TYR C 207 -45.46 15.16 -11.20
N ARG C 208 -45.50 13.83 -11.27
CA ARG C 208 -46.74 13.07 -11.33
C ARG C 208 -46.49 11.80 -10.51
N PRO C 209 -47.48 11.39 -9.69
CA PRO C 209 -47.23 10.25 -8.82
C PRO C 209 -47.02 8.97 -9.61
N GLY C 210 -46.08 8.14 -9.13
CA GLY C 210 -45.84 6.82 -9.70
C GLY C 210 -44.75 6.75 -10.76
N ILE C 211 -44.28 7.89 -11.24
CA ILE C 211 -43.29 7.94 -12.32
C ILE C 211 -41.89 7.62 -11.82
N LEU C 212 -41.52 8.17 -10.65
CA LEU C 212 -40.25 7.85 -9.93
C LEU C 212 -38.95 8.40 -10.53
N LEU C 213 -38.79 8.30 -11.86
CA LEU C 213 -37.69 8.95 -12.56
C LEU C 213 -38.24 9.90 -13.61
N TRP C 214 -38.04 11.20 -13.42
CA TRP C 214 -38.54 12.19 -14.37
C TRP C 214 -37.61 13.40 -14.50
N HIS C 215 -37.62 14.02 -15.67
CA HIS C 215 -36.75 15.15 -15.97
C HIS C 215 -37.33 16.47 -15.50
N VAL C 216 -36.54 17.22 -14.73
CA VAL C 216 -36.83 18.62 -14.41
C VAL C 216 -35.79 19.46 -15.15
N SER C 217 -36.14 19.96 -16.33
CA SER C 217 -35.15 20.54 -17.27
C SER C 217 -34.44 21.79 -16.74
N SER C 218 -35.11 22.55 -15.88
CA SER C 218 -34.53 23.75 -15.32
C SER C 218 -33.60 23.46 -14.12
N GLN C 219 -33.39 22.19 -13.78
CA GLN C 219 -32.54 21.84 -12.66
C GLN C 219 -31.06 21.97 -13.00
N SER C 220 -30.26 22.15 -11.96
CA SER C 220 -28.83 22.40 -12.10
C SER C 220 -28.10 21.74 -10.95
N LEU C 221 -27.21 20.81 -11.25
CA LEU C 221 -26.40 20.15 -10.23
C LEU C 221 -24.96 20.62 -10.26
N SER C 222 -24.33 20.63 -9.10
CA SER C 222 -22.91 20.93 -9.02
C SER C 222 -22.10 19.77 -9.61
N PHE C 223 -20.77 19.88 -9.52
CA PHE C 223 -19.89 19.04 -10.31
C PHE C 223 -18.98 18.17 -9.45
N ASP C 224 -18.57 17.04 -10.04
CA ASP C 224 -17.62 16.12 -9.44
C ASP C 224 -16.23 16.75 -9.60
N SER C 225 -15.27 16.25 -8.84
CA SER C 225 -13.92 16.78 -8.83
C SER C 225 -12.92 15.63 -8.66
N SER C 226 -11.72 15.81 -9.17
CA SER C 226 -10.63 14.85 -8.97
C SER C 226 -9.55 15.42 -8.05
N ASN C 227 -9.82 16.57 -7.43
CA ASN C 227 -8.93 17.17 -6.44
C ASN C 227 -9.14 16.50 -5.08
N PRO C 228 -8.11 15.85 -4.53
CA PRO C 228 -8.24 15.12 -3.25
C PRO C 228 -8.66 15.97 -2.05
N GLU C 229 -8.38 17.27 -2.08
CA GLU C 229 -8.90 18.20 -1.08
C GLU C 229 -10.39 18.01 -0.86
N TYR C 230 -11.14 17.71 -1.92
CA TYR C 230 -12.59 17.56 -1.80
C TYR C 230 -13.07 16.15 -1.37
N PHE C 231 -12.22 15.14 -1.44
CA PHE C 231 -12.64 13.78 -1.08
C PHE C 231 -13.14 13.71 0.36
N ASP C 232 -14.32 13.13 0.56
CA ASP C 232 -14.93 12.92 1.87
C ASP C 232 -15.18 14.23 2.62
N GLY C 233 -15.42 15.30 1.87
CA GLY C 233 -15.55 16.64 2.45
C GLY C 233 -16.97 17.02 2.85
N TYR C 234 -17.94 16.19 2.47
CA TYR C 234 -19.34 16.42 2.77
C TYR C 234 -19.78 17.84 2.41
N TRP C 235 -19.42 18.24 1.21
CA TRP C 235 -19.80 19.52 0.66
C TRP C 235 -21.32 19.54 0.52
N GLY C 236 -21.99 20.41 1.27
CA GLY C 236 -23.45 20.46 1.31
C GLY C 236 -24.05 19.97 2.62
N TYR C 237 -23.20 19.69 3.60
CA TYR C 237 -23.65 19.32 4.94
C TYR C 237 -24.52 20.45 5.47
N SER C 238 -24.15 21.69 5.11
CA SER C 238 -24.94 22.88 5.39
C SER C 238 -25.01 23.76 4.15
N VAL C 239 -26.04 24.60 4.08
CA VAL C 239 -26.20 25.49 2.93
C VAL C 239 -26.98 26.75 3.32
N ALA C 240 -26.65 27.84 2.67
CA ALA C 240 -27.38 29.08 2.83
C ALA C 240 -27.35 29.85 1.51
N VAL C 241 -28.07 30.97 1.46
CA VAL C 241 -28.00 31.86 0.32
C VAL C 241 -27.82 33.28 0.79
N GLY C 242 -27.30 34.11 -0.10
CA GLY C 242 -27.10 35.52 0.21
C GLY C 242 -26.58 36.30 -0.99
N GLU C 243 -26.32 37.58 -0.76
CA GLU C 243 -25.82 38.49 -1.78
C GLU C 243 -24.38 38.87 -1.45
N PHE C 244 -23.43 38.32 -2.22
CA PHE C 244 -21.99 38.49 -1.97
C PHE C 244 -21.14 39.01 -3.14
N ASP C 245 -21.75 39.32 -4.30
CA ASP C 245 -20.96 39.78 -5.47
C ASP C 245 -21.38 41.14 -6.04
N GLY C 246 -22.21 41.88 -5.31
CA GLY C 246 -22.61 43.23 -5.73
C GLY C 246 -23.60 43.31 -6.88
N ASP C 247 -24.07 42.17 -7.38
CA ASP C 247 -25.07 42.13 -8.44
C ASP C 247 -26.36 41.59 -7.86
N LEU C 248 -27.34 42.48 -7.65
CA LEU C 248 -28.60 42.10 -7.00
C LEU C 248 -29.48 41.18 -7.86
N ASN C 249 -29.18 41.07 -9.15
CA ASN C 249 -29.90 40.15 -10.04
C ASN C 249 -29.52 38.67 -9.84
N THR C 250 -28.33 38.44 -9.27
CA THR C 250 -27.80 37.09 -9.10
C THR C 250 -27.74 36.70 -7.62
N THR C 251 -28.13 35.45 -7.33
CA THR C 251 -28.07 34.92 -5.98
C THR C 251 -26.83 34.03 -5.84
N GLU C 252 -26.16 34.15 -4.70
CA GLU C 252 -24.98 33.36 -4.39
C GLU C 252 -25.31 32.29 -3.37
N TYR C 253 -24.57 31.19 -3.42
CA TYR C 253 -24.76 30.07 -2.52
C TYR C 253 -23.59 29.97 -1.56
N VAL C 254 -23.89 29.61 -0.33
CA VAL C 254 -22.90 29.40 0.72
C VAL C 254 -23.04 27.95 1.12
N VAL C 255 -21.95 27.19 0.99
CA VAL C 255 -21.98 25.76 1.27
C VAL C 255 -20.89 25.38 2.27
N GLY C 256 -21.27 24.60 3.28
CA GLY C 256 -20.33 24.08 4.25
C GLY C 256 -19.85 22.70 3.87
N ALA C 257 -18.54 22.50 3.96
CA ALA C 257 -17.92 21.21 3.70
C ALA C 257 -17.10 20.91 4.94
N PRO C 258 -17.75 20.39 5.99
CA PRO C 258 -17.06 20.35 7.28
C PRO C 258 -15.87 19.41 7.37
N THR C 259 -15.69 18.50 6.41
CA THR C 259 -14.54 17.60 6.46
C THR C 259 -13.63 17.81 5.27
N TRP C 260 -13.78 18.94 4.60
CA TRP C 260 -12.95 19.29 3.42
C TRP C 260 -11.46 19.26 3.76
N SER C 261 -10.65 18.86 2.79
CA SER C 261 -9.20 18.82 2.92
C SER C 261 -8.76 18.10 4.18
N TRP C 262 -9.03 16.79 4.23
CA TRP C 262 -8.61 15.94 5.35
C TRP C 262 -9.09 16.49 6.72
N THR C 263 -10.39 16.77 6.79
CA THR C 263 -11.07 17.23 8.00
C THR C 263 -10.65 18.61 8.52
N LEU C 264 -9.97 19.41 7.69
CA LEU C 264 -9.72 20.82 8.00
C LEU C 264 -11.02 21.61 7.98
N GLY C 265 -11.91 21.25 7.05
CA GLY C 265 -13.19 21.95 6.91
C GLY C 265 -13.11 23.21 6.07
N ALA C 266 -14.25 23.60 5.51
CA ALA C 266 -14.29 24.79 4.68
C ALA C 266 -15.70 25.24 4.43
N VAL C 267 -15.83 26.51 4.06
CA VAL C 267 -17.08 27.07 3.57
C VAL C 267 -16.77 27.81 2.28
N GLU C 268 -17.66 27.66 1.31
CA GLU C 268 -17.45 28.24 -0.01
C GLU C 268 -18.63 29.10 -0.39
N ILE C 269 -18.33 30.22 -1.04
CA ILE C 269 -19.36 31.08 -1.59
C ILE C 269 -19.30 30.90 -3.09
N LEU C 270 -20.42 30.55 -3.69
CA LEU C 270 -20.47 30.19 -5.11
C LEU C 270 -21.49 31.07 -5.82
N ASP C 271 -21.32 31.23 -7.14
CA ASP C 271 -22.38 31.80 -7.95
C ASP C 271 -23.41 30.71 -8.24
N SER C 272 -24.51 31.08 -8.90
CA SER C 272 -25.59 30.13 -9.17
C SER C 272 -25.23 29.10 -10.26
N TYR C 273 -24.05 29.25 -10.85
CA TYR C 273 -23.50 28.24 -11.77
C TYR C 273 -22.43 27.40 -11.06
N TYR C 274 -22.44 27.46 -9.72
CA TYR C 274 -21.54 26.67 -8.88
C TYR C 274 -20.04 26.94 -9.11
N GLN C 275 -19.70 28.12 -9.65
CA GLN C 275 -18.31 28.52 -9.74
C GLN C 275 -17.94 29.21 -8.44
N ARG C 276 -16.80 28.86 -7.88
CA ARG C 276 -16.38 29.34 -6.57
C ARG C 276 -15.95 30.80 -6.63
N LEU C 277 -16.45 31.59 -5.68
CA LEU C 277 -16.08 33.00 -5.54
C LEU C 277 -15.12 33.21 -4.38
N HIS C 278 -15.36 32.54 -3.25
CA HIS C 278 -14.45 32.59 -2.12
CA HIS C 278 -14.50 32.63 -2.06
C HIS C 278 -14.48 31.28 -1.36
N ARG C 279 -13.33 30.93 -0.77
CA ARG C 279 -13.25 29.76 0.11
C ARG C 279 -12.67 30.19 1.43
N LEU C 280 -13.34 29.79 2.51
CA LEU C 280 -12.89 30.02 3.86
C LEU C 280 -12.47 28.69 4.44
N ARG C 281 -11.22 28.61 4.89
CA ARG C 281 -10.67 27.36 5.40
C ARG C 281 -10.89 27.27 6.89
N GLY C 282 -11.02 26.05 7.40
CA GLY C 282 -11.10 25.83 8.84
C GLY C 282 -9.77 26.14 9.49
N GLU C 283 -9.77 26.29 10.81
CA GLU C 283 -8.62 26.70 11.61
C GLU C 283 -7.97 25.47 12.25
N GLN C 284 -8.80 24.48 12.56
CA GLN C 284 -8.37 23.32 13.31
C GLN C 284 -9.08 22.07 12.81
N MET C 285 -8.29 21.04 12.51
CA MET C 285 -8.83 19.81 11.96
C MET C 285 -9.80 19.18 12.93
N ALA C 286 -10.91 18.65 12.39
CA ALA C 286 -11.96 17.95 13.15
C ALA C 286 -12.91 18.86 13.90
N SER C 287 -12.74 20.17 13.77
CA SER C 287 -13.58 21.12 14.48
C SER C 287 -14.95 21.26 13.82
N TYR C 288 -15.09 20.64 12.65
CA TYR C 288 -16.33 20.68 11.88
C TYR C 288 -16.72 22.11 11.48
N PHE C 289 -15.72 22.86 11.04
CA PHE C 289 -15.90 24.19 10.47
C PHE C 289 -16.78 24.05 9.25
N GLY C 290 -17.95 24.69 9.29
CA GLY C 290 -18.92 24.56 8.19
C GLY C 290 -20.12 23.70 8.56
N HIS C 291 -20.16 23.23 9.80
CA HIS C 291 -21.29 22.45 10.30
C HIS C 291 -22.56 23.26 10.12
N SER C 292 -22.44 24.56 10.37
CA SER C 292 -23.54 25.48 10.26
C SER C 292 -23.03 26.77 9.64
N VAL C 293 -23.90 27.42 8.88
CA VAL C 293 -23.59 28.67 8.22
C VAL C 293 -24.81 29.54 8.32
N ALA C 294 -24.61 30.84 8.40
CA ALA C 294 -25.72 31.78 8.47
C ALA C 294 -25.31 33.04 7.72
N VAL C 295 -26.30 33.68 7.10
CA VAL C 295 -26.06 34.88 6.33
C VAL C 295 -27.03 35.96 6.81
N THR C 296 -26.47 37.08 7.25
CA THR C 296 -27.26 38.23 7.66
C THR C 296 -26.34 39.44 7.76
N ASP C 297 -26.88 40.64 7.50
CA ASP C 297 -26.11 41.86 7.67
C ASP C 297 -26.19 42.31 9.11
N VAL C 298 -25.09 42.18 9.85
CA VAL C 298 -25.07 42.49 11.28
C VAL C 298 -24.56 43.89 11.64
N ASN C 299 -23.83 44.54 10.71
CA ASN C 299 -23.29 45.89 10.97
C ASN C 299 -24.00 47.00 10.18
N GLY C 300 -25.19 46.71 9.66
CA GLY C 300 -26.07 47.73 9.11
C GLY C 300 -25.54 48.53 7.94
N ASP C 301 -24.68 47.94 7.14
CA ASP C 301 -24.14 48.61 5.94
C ASP C 301 -24.77 48.08 4.64
N GLY C 302 -25.78 47.22 4.77
CA GLY C 302 -26.49 46.66 3.62
C GLY C 302 -25.87 45.42 2.99
N ARG C 303 -24.61 45.14 3.31
CA ARG C 303 -23.88 44.01 2.75
C ARG C 303 -24.01 42.80 3.67
N HIS C 304 -24.44 41.66 3.13
CA HIS C 304 -24.62 40.43 3.91
C HIS C 304 -23.29 39.97 4.47
N ASP C 305 -23.29 39.54 5.74
CA ASP C 305 -22.09 38.95 6.36
C ASP C 305 -22.26 37.46 6.59
N LEU C 306 -21.15 36.77 6.80
CA LEU C 306 -21.14 35.32 6.96
C LEU C 306 -20.74 34.90 8.37
N LEU C 307 -21.54 34.00 8.94
CA LEU C 307 -21.24 33.36 10.21
C LEU C 307 -21.04 31.88 9.95
N VAL C 308 -19.92 31.34 10.43
CA VAL C 308 -19.60 29.92 10.27
C VAL C 308 -19.43 29.28 11.65
N GLY C 309 -20.04 28.12 11.85
CA GLY C 309 -19.91 27.40 13.11
C GLY C 309 -18.94 26.24 12.99
N ALA C 310 -18.07 26.09 13.99
CA ALA C 310 -17.19 24.93 14.14
C ALA C 310 -17.41 24.33 15.54
N PRO C 311 -18.45 23.50 15.70
CA PRO C 311 -18.91 23.11 17.06
C PRO C 311 -17.97 22.28 17.90
N LEU C 312 -16.95 21.70 17.29
CA LEU C 312 -16.01 20.84 17.99
C LEU C 312 -14.64 21.49 18.09
N TYR C 313 -14.59 22.81 17.87
CA TYR C 313 -13.34 23.55 18.05
C TYR C 313 -12.83 23.37 19.47
N MET C 314 -11.55 23.05 19.57
CA MET C 314 -10.89 22.85 20.84
C MET C 314 -10.04 24.07 21.14
N GLU C 315 -10.40 24.79 22.20
CA GLU C 315 -9.71 26.00 22.64
C GLU C 315 -8.47 25.65 23.46
N SER C 316 -7.43 26.48 23.34
CA SER C 316 -6.20 26.28 24.11
C SER C 316 -6.41 26.70 25.56
N ARG C 317 -6.02 25.84 26.48
CA ARG C 317 -6.05 26.13 27.92
C ARG C 317 -4.60 26.10 28.46
N ALA C 318 -4.44 26.41 29.76
CA ALA C 318 -3.12 26.37 30.40
C ALA C 318 -2.54 24.96 30.38
N ASP C 319 -1.20 24.89 30.40
CA ASP C 319 -0.44 23.63 30.34
C ASP C 319 -0.59 22.89 29.00
N ARG C 320 -0.45 23.62 27.89
CA ARG C 320 -0.55 23.04 26.55
C ARG C 320 -1.80 22.18 26.32
N LYS C 321 -2.87 22.45 27.08
CA LYS C 321 -4.06 21.61 27.01
C LYS C 321 -5.13 22.21 26.09
N LEU C 322 -6.09 21.37 25.75
CA LEU C 322 -7.13 21.72 24.79
C LEU C 322 -8.48 21.34 25.36
N ALA C 323 -9.51 22.10 25.03
CA ALA C 323 -10.84 21.89 25.57
C ALA C 323 -11.87 22.07 24.48
N GLU C 324 -12.63 21.01 24.20
CA GLU C 324 -13.64 21.06 23.14
C GLU C 324 -14.81 21.92 23.61
N VAL C 325 -14.99 23.06 22.97
CA VAL C 325 -16.02 24.01 23.35
C VAL C 325 -16.86 24.52 22.17
N GLY C 326 -16.27 24.55 20.97
CA GLY C 326 -16.92 25.10 19.81
C GLY C 326 -16.55 26.57 19.59
N ARG C 327 -16.65 27.01 18.34
CA ARG C 327 -16.33 28.38 17.95
C ARG C 327 -17.19 28.80 16.77
N VAL C 328 -17.60 30.07 16.79
CA VAL C 328 -18.33 30.70 15.69
C VAL C 328 -17.45 31.84 15.14
N TYR C 329 -17.40 31.94 13.82
CA TYR C 329 -16.55 32.90 13.12
C TYR C 329 -17.43 33.88 12.36
N LEU C 330 -17.13 35.17 12.48
CA LEU C 330 -17.85 36.20 11.74
C LEU C 330 -16.97 36.78 10.65
N PHE C 331 -17.49 36.78 9.42
CA PHE C 331 -16.82 37.43 8.29
C PHE C 331 -17.69 38.58 7.77
N LEU C 332 -17.21 39.82 7.91
CA LEU C 332 -17.94 40.97 7.37
C LEU C 332 -17.61 41.14 5.89
N GLN C 333 -18.63 41.33 5.06
CA GLN C 333 -18.40 41.55 3.63
C GLN C 333 -17.83 42.94 3.46
N PRO C 334 -16.62 43.04 2.85
CA PRO C 334 -15.99 44.34 2.63
C PRO C 334 -16.62 45.09 1.45
N ARG C 335 -16.17 46.33 1.23
CA ARG C 335 -16.70 47.14 0.14
C ARG C 335 -16.15 46.63 -1.19
N GLY C 336 -17.01 46.69 -2.22
CA GLY C 336 -16.57 46.36 -3.58
C GLY C 336 -16.55 44.88 -3.87
N PRO C 337 -15.59 44.43 -4.72
CA PRO C 337 -15.52 43.03 -5.14
C PRO C 337 -14.60 42.17 -4.28
N HIS C 338 -14.00 42.77 -3.25
CA HIS C 338 -12.84 42.18 -2.56
C HIS C 338 -13.12 40.85 -1.87
N ALA C 339 -12.04 40.12 -1.57
CA ALA C 339 -12.14 38.83 -0.91
C ALA C 339 -12.45 39.02 0.57
N LEU C 340 -13.37 38.20 1.08
CA LEU C 340 -13.65 38.16 2.52
C LEU C 340 -12.34 37.81 3.21
N GLY C 341 -11.90 38.67 4.11
CA GLY C 341 -10.58 38.55 4.70
C GLY C 341 -10.57 37.56 5.85
N ALA C 342 -9.83 37.94 6.90
CA ALA C 342 -9.78 37.16 8.12
C ALA C 342 -11.10 37.33 8.85
N PRO C 343 -11.35 36.47 9.85
CA PRO C 343 -12.55 36.67 10.64
C PRO C 343 -12.53 38.03 11.32
N SER C 344 -13.67 38.70 11.31
CA SER C 344 -13.80 39.99 11.96
C SER C 344 -13.98 39.84 13.48
N LEU C 345 -14.42 38.66 13.89
CA LEU C 345 -14.70 38.37 15.29
C LEU C 345 -14.80 36.85 15.48
N LEU C 346 -14.21 36.35 16.57
CA LEU C 346 -14.31 34.95 16.94
C LEU C 346 -15.07 34.84 18.26
N LEU C 347 -16.15 34.07 18.26
CA LEU C 347 -16.90 33.77 19.46
C LEU C 347 -16.63 32.33 19.84
N THR C 348 -16.28 32.09 21.10
CA THR C 348 -15.83 30.79 21.55
C THR C 348 -16.67 30.28 22.71
N GLY C 349 -16.99 28.99 22.70
CA GLY C 349 -17.79 28.39 23.76
C GLY C 349 -17.03 28.34 25.07
N THR C 350 -17.75 28.08 26.17
CA THR C 350 -17.13 27.94 27.48
C THR C 350 -17.32 26.54 28.08
N GLN C 351 -18.51 25.95 27.90
CA GLN C 351 -18.78 24.62 28.43
C GLN C 351 -18.13 23.52 27.59
N LEU C 352 -17.38 22.66 28.28
CA LEU C 352 -16.76 21.51 27.67
C LEU C 352 -17.83 20.62 27.02
N TYR C 353 -17.57 20.23 25.78
CA TYR C 353 -18.50 19.42 24.97
C TYR C 353 -19.81 20.10 24.65
N GLY C 354 -19.91 21.42 24.86
CA GLY C 354 -21.15 22.16 24.67
C GLY C 354 -21.61 22.33 23.23
N ARG C 355 -20.71 22.11 22.28
CA ARG C 355 -20.98 22.26 20.84
C ARG C 355 -21.52 23.64 20.44
N PHE C 356 -20.90 24.67 20.98
CA PHE C 356 -21.25 26.05 20.68
C PHE C 356 -20.95 26.27 19.21
N GLY C 357 -21.96 26.75 18.47
CA GLY C 357 -21.85 26.94 17.03
C GLY C 357 -22.50 25.84 16.21
N SER C 358 -23.29 25.00 16.86
CA SER C 358 -24.01 23.92 16.19
CA SER C 358 -24.01 23.91 16.19
C SER C 358 -25.15 24.46 15.32
N ALA C 359 -25.76 25.55 15.77
CA ALA C 359 -26.75 26.28 14.96
C ALA C 359 -26.57 27.79 15.18
N ILE C 360 -26.78 28.55 14.12
CA ILE C 360 -26.64 30.00 14.13
C ILE C 360 -27.85 30.56 13.41
N ALA C 361 -28.70 31.29 14.12
CA ALA C 361 -29.93 31.81 13.54
C ALA C 361 -29.90 33.33 13.46
N PRO C 362 -30.00 33.87 12.24
CA PRO C 362 -30.32 35.29 12.13
C PRO C 362 -31.62 35.55 12.87
N LEU C 363 -31.65 36.64 13.65
CA LEU C 363 -32.82 37.01 14.44
C LEU C 363 -33.54 38.23 13.89
N GLY C 364 -33.02 38.84 12.83
CA GLY C 364 -33.44 40.18 12.44
C GLY C 364 -33.06 41.15 13.55
N ASP C 365 -33.65 42.33 13.55
CA ASP C 365 -33.35 43.34 14.57
C ASP C 365 -34.25 43.09 15.79
N LEU C 366 -33.68 42.42 16.78
CA LEU C 366 -34.43 41.97 17.96
C LEU C 366 -34.86 43.17 18.83
N ASP C 367 -33.93 44.10 19.04
CA ASP C 367 -34.18 45.29 19.88
C ASP C 367 -34.59 46.53 19.08
N ARG C 368 -34.63 46.40 17.75
CA ARG C 368 -35.02 47.49 16.83
C ARG C 368 -34.16 48.75 17.01
N ASP C 369 -32.84 48.57 16.94
CA ASP C 369 -31.89 49.69 17.03
C ASP C 369 -31.14 49.97 15.72
N GLY C 370 -31.47 49.25 14.66
CA GLY C 370 -30.87 49.45 13.34
C GLY C 370 -29.84 48.41 12.91
N TYR C 371 -29.48 47.50 13.81
CA TYR C 371 -28.51 46.46 13.49
C TYR C 371 -29.11 45.07 13.73
N ASN C 372 -28.90 44.15 12.79
CA ASN C 372 -29.44 42.80 12.92
C ASN C 372 -28.64 41.97 13.92
N ASP C 373 -29.30 41.00 14.52
CA ASP C 373 -28.77 40.25 15.64
C ASP C 373 -28.82 38.77 15.34
N ILE C 374 -28.13 37.97 16.16
CA ILE C 374 -28.09 36.53 15.95
C ILE C 374 -28.22 35.77 17.25
N ALA C 375 -28.60 34.50 17.12
CA ALA C 375 -28.58 33.54 18.21
C ALA C 375 -27.63 32.41 17.85
N VAL C 376 -26.81 31.99 18.80
CA VAL C 376 -25.97 30.80 18.64
C VAL C 376 -26.35 29.75 19.66
N ALA C 377 -26.59 28.52 19.20
CA ALA C 377 -26.87 27.41 20.08
C ALA C 377 -25.61 26.67 20.50
N ALA C 378 -25.58 26.28 21.78
CA ALA C 378 -24.65 25.28 22.33
C ALA C 378 -25.53 24.17 22.94
N PRO C 379 -25.91 23.16 22.14
CA PRO C 379 -26.94 22.20 22.56
C PRO C 379 -26.61 21.35 23.79
N TYR C 380 -25.35 21.27 24.18
CA TYR C 380 -24.96 20.59 25.40
C TYR C 380 -24.20 21.51 26.35
N GLY C 381 -24.38 22.81 26.15
CA GLY C 381 -23.71 23.81 26.95
C GLY C 381 -24.56 24.25 28.13
N GLY C 382 -24.17 25.38 28.71
CA GLY C 382 -24.68 25.83 29.98
C GLY C 382 -23.87 25.13 31.05
N PRO C 383 -23.86 25.68 32.27
CA PRO C 383 -23.16 25.05 33.38
C PRO C 383 -23.71 23.67 33.74
N SER C 384 -24.95 23.40 33.34
CA SER C 384 -25.65 22.13 33.56
C SER C 384 -25.38 21.10 32.45
N GLY C 385 -24.88 21.56 31.32
CA GLY C 385 -24.74 20.72 30.14
C GLY C 385 -26.05 20.41 29.43
N ARG C 386 -27.13 21.08 29.82
CA ARG C 386 -28.47 20.79 29.28
C ARG C 386 -28.74 21.55 27.99
N GLY C 387 -27.93 22.55 27.69
CA GLY C 387 -28.12 23.34 26.48
C GLY C 387 -28.43 24.78 26.75
N GLN C 388 -27.93 25.64 25.86
CA GLN C 388 -27.97 27.07 26.05
C GLN C 388 -28.00 27.72 24.67
N VAL C 389 -28.82 28.75 24.52
CA VAL C 389 -28.83 29.56 23.32
C VAL C 389 -28.36 30.95 23.71
N LEU C 390 -27.43 31.50 22.96
CA LEU C 390 -26.85 32.80 23.28
C LEU C 390 -27.18 33.83 22.20
N VAL C 391 -27.67 34.99 22.62
CA VAL C 391 -28.02 36.07 21.71
C VAL C 391 -26.91 37.08 21.68
N PHE C 392 -26.44 37.41 20.48
CA PHE C 392 -25.45 38.46 20.28
C PHE C 392 -26.07 39.55 19.42
N LEU C 393 -25.87 40.80 19.84
CA LEU C 393 -26.50 41.92 19.15
C LEU C 393 -25.54 42.55 18.16
N GLY C 394 -26.08 43.01 17.02
CA GLY C 394 -25.28 43.68 16.01
C GLY C 394 -24.89 45.08 16.45
N GLN C 395 -23.81 45.58 15.85
CA GLN C 395 -23.30 46.93 16.09
C GLN C 395 -22.56 47.36 14.83
N SER C 396 -22.06 48.60 14.80
CA SER C 396 -21.39 49.13 13.61
C SER C 396 -20.09 48.41 13.25
N GLU C 397 -19.48 47.73 14.21
CA GLU C 397 -18.22 47.02 14.00
C GLU C 397 -18.41 45.51 13.85
N GLY C 398 -19.67 45.07 13.86
CA GLY C 398 -20.01 43.66 13.67
C GLY C 398 -21.02 43.18 14.69
N LEU C 399 -20.54 42.38 15.64
CA LEU C 399 -21.36 41.88 16.74
C LEU C 399 -20.69 42.23 18.06
N ARG C 400 -21.47 42.32 19.12
CA ARG C 400 -20.91 42.43 20.46
C ARG C 400 -20.21 41.11 20.80
N SER C 401 -19.11 41.18 21.54
CA SER C 401 -18.28 40.02 21.85
C SER C 401 -18.91 39.12 22.89
N ARG C 402 -19.82 39.70 23.69
CA ARG C 402 -20.46 38.97 24.76
C ARG C 402 -21.95 38.95 24.51
N PRO C 403 -22.64 37.89 24.97
CA PRO C 403 -24.05 37.79 24.67
C PRO C 403 -24.89 38.75 25.51
N SER C 404 -25.93 39.30 24.90
CA SER C 404 -26.82 40.23 25.58
C SER C 404 -27.86 39.46 26.37
N GLN C 405 -28.05 38.20 26.00
CA GLN C 405 -29.00 37.36 26.68
C GLN C 405 -28.59 35.92 26.51
N VAL C 406 -28.85 35.12 27.53
CA VAL C 406 -28.65 33.69 27.50
C VAL C 406 -29.96 32.99 27.86
N LEU C 407 -30.31 31.98 27.08
CA LEU C 407 -31.51 31.20 27.29
C LEU C 407 -31.10 29.78 27.65
N ASP C 408 -31.39 29.38 28.88
CA ASP C 408 -31.03 28.03 29.36
C ASP C 408 -32.16 27.06 29.04
N SER C 409 -31.81 25.84 28.70
CA SER C 409 -32.83 24.86 28.34
C SER C 409 -33.81 24.63 29.48
N PRO C 410 -35.13 24.76 29.21
CA PRO C 410 -36.13 24.37 30.19
C PRO C 410 -36.40 22.88 30.17
N PHE C 411 -35.64 22.13 29.37
CA PHE C 411 -35.89 20.70 29.20
C PHE C 411 -34.90 19.86 30.01
N PRO C 412 -35.16 18.55 30.12
CA PRO C 412 -34.20 17.69 30.81
C PRO C 412 -32.88 17.52 30.07
N THR C 413 -31.91 16.93 30.77
CA THR C 413 -30.65 16.52 30.16
C THR C 413 -30.91 15.63 28.94
N GLY C 414 -30.12 15.80 27.90
CA GLY C 414 -30.27 15.02 26.67
C GLY C 414 -31.15 15.63 25.59
N SER C 415 -31.72 16.81 25.83
CA SER C 415 -32.77 17.34 24.94
C SER C 415 -32.22 17.95 23.65
N ALA C 416 -30.92 18.21 23.60
CA ALA C 416 -30.26 18.88 22.47
C ALA C 416 -30.88 20.23 22.16
N PHE C 417 -31.41 20.89 23.19
CA PHE C 417 -32.01 22.21 23.09
C PHE C 417 -31.10 23.13 22.30
N GLY C 418 -31.58 23.63 21.17
CA GLY C 418 -30.79 24.55 20.36
C GLY C 418 -30.18 23.91 19.12
N PHE C 419 -30.26 22.58 19.01
CA PHE C 419 -29.78 21.87 17.80
C PHE C 419 -30.40 22.49 16.55
N SER C 420 -31.64 22.99 16.69
CA SER C 420 -32.30 23.76 15.62
C SER C 420 -32.83 25.08 16.15
N LEU C 421 -32.66 26.13 15.36
CA LEU C 421 -33.02 27.49 15.73
C LEU C 421 -33.59 28.18 14.50
N ARG C 422 -34.59 29.03 14.69
CA ARG C 422 -35.08 29.87 13.63
C ARG C 422 -35.63 31.15 14.26
N GLY C 423 -35.19 32.30 13.77
CA GLY C 423 -35.70 33.58 14.24
C GLY C 423 -36.13 34.45 13.08
N ALA C 424 -36.27 35.75 13.33
CA ALA C 424 -36.46 36.76 12.29
C ALA C 424 -37.90 36.91 11.80
N VAL C 425 -38.83 36.22 12.47
CA VAL C 425 -40.25 36.32 12.11
C VAL C 425 -41.09 36.63 13.36
N ASP C 426 -42.03 37.54 13.21
CA ASP C 426 -42.86 38.01 14.32
C ASP C 426 -44.14 37.16 14.38
N ILE C 427 -44.15 36.15 15.23
CA ILE C 427 -45.22 35.15 15.23
C ILE C 427 -46.51 35.60 15.92
N ASP C 428 -46.40 36.53 16.87
CA ASP C 428 -47.56 37.04 17.62
C ASP C 428 -47.96 38.45 17.21
N ASP C 429 -47.31 38.97 16.16
CA ASP C 429 -47.66 40.26 15.57
C ASP C 429 -47.56 41.45 16.55
N ASN C 430 -46.50 41.47 17.36
CA ASN C 430 -46.26 42.61 18.24
C ASN C 430 -45.20 43.57 17.68
N GLY C 431 -44.70 43.29 16.47
CA GLY C 431 -43.74 44.15 15.80
C GLY C 431 -42.28 43.87 16.12
N TYR C 432 -42.05 42.90 17.00
CA TYR C 432 -40.70 42.43 17.32
C TYR C 432 -40.58 40.96 16.92
N PRO C 433 -39.44 40.58 16.30
CA PRO C 433 -39.21 39.21 15.84
C PRO C 433 -38.88 38.23 16.97
N ASP C 434 -39.32 36.99 16.79
CA ASP C 434 -39.28 35.98 17.83
C ASP C 434 -38.35 34.84 17.48
N LEU C 435 -38.16 33.93 18.43
CA LEU C 435 -37.22 32.81 18.28
C LEU C 435 -37.93 31.52 18.60
N ILE C 436 -37.81 30.55 17.70
CA ILE C 436 -38.21 29.17 17.98
C ILE C 436 -36.97 28.30 18.10
N VAL C 437 -36.97 27.44 19.12
CA VAL C 437 -35.83 26.59 19.44
C VAL C 437 -36.32 25.14 19.55
N GLY C 438 -35.67 24.23 18.83
CA GLY C 438 -36.03 22.83 18.88
C GLY C 438 -35.21 22.09 19.91
N ALA C 439 -35.81 21.04 20.49
CA ALA C 439 -35.12 20.18 21.43
C ALA C 439 -35.53 18.78 21.08
N TYR C 440 -34.90 18.21 20.05
CA TYR C 440 -35.41 16.95 19.48
C TYR C 440 -35.35 15.77 20.45
N GLY C 441 -34.41 15.81 21.39
CA GLY C 441 -34.30 14.77 22.39
C GLY C 441 -35.44 14.75 23.39
N ALA C 442 -36.11 15.89 23.58
CA ALA C 442 -37.34 15.98 24.38
C ALA C 442 -38.60 15.97 23.50
N ASN C 443 -38.42 15.87 22.18
CA ASN C 443 -39.56 15.92 21.24
C ASN C 443 -40.42 17.16 21.48
N GLN C 444 -39.78 18.30 21.69
CA GLN C 444 -40.48 19.56 21.94
C GLN C 444 -39.82 20.72 21.24
N VAL C 445 -40.62 21.75 21.00
CA VAL C 445 -40.13 23.03 20.50
C VAL C 445 -40.52 24.12 21.50
N ALA C 446 -39.60 25.05 21.77
CA ALA C 446 -39.88 26.21 22.62
C ALA C 446 -39.92 27.48 21.76
N VAL C 447 -40.94 28.31 22.00
CA VAL C 447 -41.09 29.59 21.33
C VAL C 447 -40.83 30.70 22.33
N TYR C 448 -39.86 31.55 22.04
CA TYR C 448 -39.55 32.74 22.83
C TYR C 448 -40.04 33.98 22.11
N ARG C 449 -40.79 34.82 22.83
CA ARG C 449 -41.35 36.05 22.26
C ARG C 449 -40.53 37.27 22.68
N ALA C 450 -40.22 38.13 21.71
CA ALA C 450 -39.50 39.36 21.95
C ALA C 450 -40.47 40.39 22.53
N GLN C 451 -40.05 41.06 23.61
CA GLN C 451 -40.89 42.06 24.26
C GLN C 451 -40.39 43.46 23.92
N PRO C 452 -41.28 44.47 23.97
CA PRO C 452 -40.85 45.84 23.69
C PRO C 452 -39.78 46.35 24.66
N VAL C 453 -38.85 47.17 24.14
CA VAL C 453 -37.80 47.81 24.94
C VAL C 453 -38.17 49.27 25.24
N GLY D 1 18.41 50.15 62.70
CA GLY D 1 17.19 50.82 63.25
C GLY D 1 16.06 50.91 62.23
N PRO D 2 16.19 51.84 61.26
CA PRO D 2 15.14 52.07 60.27
C PRO D 2 15.01 50.96 59.22
N ASN D 3 13.89 50.25 59.24
CA ASN D 3 13.57 49.23 58.24
C ASN D 3 12.05 49.02 58.13
N ILE D 4 11.63 48.13 57.24
CA ILE D 4 10.20 47.91 56.98
C ILE D 4 9.42 47.26 58.15
N CYS D 5 10.11 46.54 59.03
CA CYS D 5 9.45 45.91 60.19
C CYS D 5 9.02 46.93 61.24
N THR D 6 9.88 47.92 61.51
CA THR D 6 9.61 48.93 62.55
C THR D 6 8.74 50.07 62.05
N THR D 7 8.93 50.47 60.79
CA THR D 7 8.26 51.65 60.22
C THR D 7 6.78 51.43 59.89
N ARG D 8 6.34 50.18 59.84
CA ARG D 8 4.93 49.86 59.61
C ARG D 8 4.05 50.28 60.79
N GLY D 9 4.49 49.93 62.00
CA GLY D 9 3.74 50.22 63.21
C GLY D 9 2.65 49.17 63.41
N VAL D 10 3.06 47.91 63.42
CA VAL D 10 2.14 46.78 63.49
C VAL D 10 1.51 46.64 64.88
N SER D 11 0.23 46.30 64.92
CA SER D 11 -0.53 46.20 66.16
C SER D 11 -0.51 44.80 66.78
N SER D 12 0.09 43.83 66.08
CA SER D 12 0.05 42.43 66.52
C SER D 12 1.19 41.59 65.98
N CYS D 13 1.42 40.46 66.63
CA CYS D 13 2.44 39.50 66.19
C CYS D 13 2.15 38.95 64.79
N GLN D 14 0.87 38.66 64.53
CA GLN D 14 0.46 38.16 63.22
C GLN D 14 0.74 39.20 62.14
N GLN D 15 0.40 40.45 62.43
CA GLN D 15 0.57 41.54 61.48
C GLN D 15 2.05 41.78 61.18
N CYS D 16 2.89 41.52 62.19
CA CYS D 16 4.35 41.70 62.09
C CYS D 16 4.98 40.67 61.16
N LEU D 17 4.62 39.40 61.34
CA LEU D 17 5.15 38.33 60.52
C LEU D 17 4.69 38.46 59.06
N ALA D 18 3.50 39.04 58.85
CA ALA D 18 2.96 39.25 57.51
C ALA D 18 3.64 40.39 56.72
N VAL D 19 4.36 41.26 57.42
CA VAL D 19 5.04 42.38 56.75
C VAL D 19 6.15 41.86 55.83
N SER D 20 6.96 40.93 56.34
CA SER D 20 8.07 40.37 55.59
C SER D 20 8.58 39.10 56.31
N PRO D 21 9.11 38.12 55.54
CA PRO D 21 9.71 36.93 56.15
C PRO D 21 10.96 37.25 56.99
N MET D 22 11.47 38.47 56.81
CA MET D 22 12.60 39.00 57.54
C MET D 22 12.21 39.37 58.98
N CYS D 23 10.97 39.78 59.18
CA CYS D 23 10.52 40.30 60.47
C CYS D 23 10.40 39.24 61.55
N ALA D 24 10.73 39.65 62.77
CA ALA D 24 10.56 38.84 63.97
C ALA D 24 9.76 39.64 64.99
N TRP D 25 9.13 38.95 65.93
CA TRP D 25 8.32 39.59 66.97
C TRP D 25 8.83 39.25 68.35
N CYS D 26 8.82 40.24 69.23
CA CYS D 26 9.18 40.05 70.64
C CYS D 26 7.92 40.14 71.49
N SER D 27 7.59 39.04 72.18
CA SER D 27 6.43 39.00 73.07
C SER D 27 6.81 39.23 74.55
N ASP D 28 8.08 39.58 74.79
CA ASP D 28 8.59 39.81 76.14
C ASP D 28 7.75 40.88 76.85
N GLU D 29 7.17 40.51 77.98
CA GLU D 29 6.31 41.42 78.74
C GLU D 29 7.11 42.57 79.38
N ALA D 30 8.35 42.27 79.78
CA ALA D 30 9.23 43.27 80.36
C ALA D 30 10.17 43.85 79.31
N LEU D 31 9.59 44.52 78.30
CA LEU D 31 10.34 45.19 77.25
C LEU D 31 10.28 46.70 77.47
N PRO D 32 11.32 47.45 77.05
CA PRO D 32 11.22 48.91 77.17
C PRO D 32 10.13 49.48 76.27
N LEU D 33 9.38 50.47 76.76
CA LEU D 33 8.22 51.02 76.05
C LEU D 33 8.60 51.67 74.70
N GLY D 34 9.78 52.29 74.65
CA GLY D 34 10.28 52.89 73.41
C GLY D 34 10.66 51.88 72.34
N SER D 35 10.92 50.63 72.74
CA SER D 35 11.43 49.61 71.84
C SER D 35 10.34 49.02 70.93
N PRO D 36 10.63 48.92 69.61
CA PRO D 36 9.67 48.34 68.69
C PRO D 36 9.62 46.83 68.79
N ARG D 37 8.40 46.29 68.92
CA ARG D 37 8.22 44.85 69.07
C ARG D 37 8.45 44.10 67.75
N CYS D 38 8.27 44.78 66.63
CA CYS D 38 8.50 44.19 65.30
C CYS D 38 9.78 44.72 64.64
N ASP D 39 10.81 43.87 64.56
CA ASP D 39 12.09 44.22 63.97
C ASP D 39 12.76 42.93 63.46
N LEU D 40 13.96 43.07 62.88
CA LEU D 40 14.80 41.91 62.55
C LEU D 40 15.15 41.16 63.82
N LYS D 41 15.32 39.84 63.72
CA LYS D 41 15.69 39.03 64.89
C LYS D 41 16.95 39.56 65.59
N GLU D 42 17.92 40.04 64.81
CA GLU D 42 19.19 40.54 65.35
C GLU D 42 18.98 41.78 66.20
N ASN D 43 18.19 42.73 65.68
CA ASN D 43 17.93 43.99 66.38
C ASN D 43 17.11 43.81 67.66
N LEU D 44 16.24 42.80 67.70
CA LEU D 44 15.47 42.50 68.90
C LEU D 44 16.33 41.87 70.00
N LEU D 45 17.27 41.02 69.60
CA LEU D 45 18.21 40.39 70.54
C LEU D 45 19.09 41.43 71.24
N LYS D 46 19.52 42.45 70.50
CA LYS D 46 20.33 43.53 71.05
C LYS D 46 19.58 44.34 72.11
N ASP D 47 18.25 44.43 71.97
CA ASP D 47 17.42 45.26 72.85
C ASP D 47 16.80 44.49 74.02
N ASN D 48 17.55 43.52 74.55
CA ASN D 48 17.20 42.81 75.79
C ASN D 48 15.89 42.02 75.74
N CYS D 49 15.50 41.55 74.56
CA CYS D 49 14.34 40.67 74.43
C CYS D 49 14.77 39.24 74.75
N ALA D 50 14.02 38.57 75.63
CA ALA D 50 14.34 37.21 76.05
C ALA D 50 14.42 36.29 74.83
N PRO D 51 15.53 35.54 74.67
CA PRO D 51 15.67 34.60 73.55
C PRO D 51 14.47 33.66 73.38
N GLU D 52 13.92 33.20 74.51
CA GLU D 52 12.78 32.28 74.52
C GLU D 52 11.48 32.94 74.05
N SER D 53 11.42 34.28 74.18
CA SER D 53 10.21 35.05 73.87
C SER D 53 10.10 35.54 72.43
N ILE D 54 11.15 35.31 71.63
CA ILE D 54 11.16 35.77 70.23
C ILE D 54 10.35 34.83 69.33
N GLU D 55 9.61 35.43 68.39
CA GLU D 55 8.82 34.68 67.42
C GLU D 55 9.35 34.91 66.01
N PHE D 56 10.03 33.90 65.47
CA PHE D 56 10.62 33.99 64.14
C PHE D 56 10.48 32.65 63.42
N PRO D 57 9.32 32.42 62.80
CA PRO D 57 9.13 31.24 61.96
C PRO D 57 10.06 31.24 60.75
N VAL D 58 10.72 30.10 60.52
CA VAL D 58 11.57 29.92 59.34
C VAL D 58 10.90 28.92 58.40
N SER D 59 10.78 29.30 57.13
CA SER D 59 10.20 28.42 56.14
C SER D 59 11.16 27.26 55.87
N GLU D 60 10.65 26.04 56.02
CA GLU D 60 11.46 24.84 55.85
C GLU D 60 10.80 23.81 54.92
N ALA D 61 11.57 22.78 54.58
CA ALA D 61 11.09 21.70 53.74
C ALA D 61 11.72 20.41 54.26
N ARG D 62 10.90 19.54 54.83
CA ARG D 62 11.37 18.31 55.46
C ARG D 62 10.86 17.11 54.69
N VAL D 63 11.72 16.12 54.46
CA VAL D 63 11.30 14.89 53.80
C VAL D 63 10.62 13.95 54.80
N LEU D 64 9.48 13.38 54.41
CA LEU D 64 8.70 12.47 55.27
C LEU D 64 8.82 11.02 54.80
N GLU D 65 8.84 10.81 53.49
CA GLU D 65 9.03 9.50 52.89
C GLU D 65 10.02 9.62 51.73
N ASP D 66 11.12 8.87 51.79
CA ASP D 66 12.22 8.99 50.83
C ASP D 66 12.75 7.60 50.42
N ARG D 67 11.84 6.74 49.96
CA ARG D 67 12.23 5.43 49.46
C ARG D 67 13.22 5.58 48.31
N PRO D 68 14.23 4.68 48.26
CA PRO D 68 15.14 4.67 47.12
C PRO D 68 14.43 4.38 45.81
N LEU D 69 14.87 5.04 44.74
CA LEU D 69 14.39 4.73 43.41
C LEU D 69 14.71 3.26 43.10
N SER D 70 13.76 2.55 42.51
CA SER D 70 13.96 1.13 42.19
C SER D 70 14.90 0.99 41.00
N ASP D 71 15.75 -0.02 41.02
CA ASP D 71 16.63 -0.31 39.89
C ASP D 71 15.88 -1.11 38.81
N LYS D 72 14.98 -1.99 39.26
CA LYS D 72 14.17 -2.82 38.36
C LYS D 72 12.68 -2.71 38.72
N GLY D 73 11.82 -2.84 37.71
CA GLY D 73 10.36 -2.83 37.91
C GLY D 73 9.70 -4.20 37.84
N SER D 74 10.50 -5.26 37.96
CA SER D 74 9.99 -6.63 37.93
C SER D 74 9.54 -7.05 39.32
N GLY D 75 9.03 -8.28 39.44
CA GLY D 75 8.63 -8.83 40.74
C GLY D 75 7.27 -8.32 41.18
N ASP D 76 7.25 -7.56 42.28
CA ASP D 76 6.01 -7.08 42.87
C ASP D 76 5.65 -5.70 42.33
N SER D 77 4.91 -5.69 41.23
CA SER D 77 4.37 -4.46 40.64
C SER D 77 3.03 -4.12 41.31
N SER D 78 2.96 -3.01 42.06
CA SER D 78 4.08 -2.07 42.19
C SER D 78 4.34 -1.60 43.62
N GLN D 79 5.38 -2.15 44.20
CA GLN D 79 6.17 -1.49 45.25
C GLN D 79 7.43 -0.94 44.57
N VAL D 80 7.34 -0.78 43.25
CA VAL D 80 8.32 -0.06 42.44
C VAL D 80 8.26 1.41 42.81
N THR D 81 9.43 2.04 42.92
CA THR D 81 9.53 3.47 43.21
C THR D 81 10.17 4.18 42.00
N GLN D 82 9.42 5.09 41.40
CA GLN D 82 9.85 5.82 40.21
C GLN D 82 10.10 7.30 40.50
N VAL D 83 9.64 7.75 41.66
CA VAL D 83 9.77 9.16 42.07
C VAL D 83 10.37 9.19 43.47
N SER D 84 11.29 10.13 43.70
CA SER D 84 11.94 10.30 44.99
C SER D 84 12.18 11.77 45.28
N PRO D 85 11.81 12.24 46.48
CA PRO D 85 11.06 11.53 47.54
C PRO D 85 9.58 11.40 47.16
N GLN D 86 8.80 10.72 48.01
CA GLN D 86 7.38 10.49 47.75
C GLN D 86 6.47 11.41 48.58
N ARG D 87 6.97 11.89 49.71
CA ARG D 87 6.23 12.82 50.55
C ARG D 87 7.17 13.78 51.27
N ILE D 88 6.91 15.08 51.14
CA ILE D 88 7.59 16.09 51.93
C ILE D 88 6.60 17.00 52.65
N ALA D 89 7.05 17.54 53.77
CA ALA D 89 6.30 18.53 54.54
C ALA D 89 6.92 19.90 54.26
N LEU D 90 6.10 20.84 53.81
CA LEU D 90 6.56 22.16 53.41
C LEU D 90 5.92 23.21 54.33
N ARG D 91 6.74 23.97 55.04
CA ARG D 91 6.26 25.06 55.88
C ARG D 91 6.61 26.40 55.25
N LEU D 92 5.61 27.26 55.07
CA LEU D 92 5.82 28.57 54.48
C LEU D 92 5.20 29.64 55.36
N ARG D 93 5.95 30.70 55.64
CA ARG D 93 5.37 31.89 56.24
C ARG D 93 4.98 32.86 55.13
N PRO D 94 4.11 33.85 55.45
CA PRO D 94 3.53 34.70 54.41
C PRO D 94 4.54 35.35 53.44
N ASP D 95 4.20 35.36 52.15
CA ASP D 95 5.03 35.95 51.08
C ASP D 95 6.44 35.36 51.00
N ASP D 96 6.64 34.14 51.49
CA ASP D 96 7.98 33.54 51.49
C ASP D 96 8.05 32.42 50.45
N SER D 97 9.27 32.03 50.10
CA SER D 97 9.48 30.94 49.17
C SER D 97 10.47 29.92 49.75
N LYS D 98 10.26 28.65 49.43
CA LYS D 98 11.20 27.61 49.81
C LYS D 98 11.31 26.61 48.67
N ASN D 99 12.46 25.95 48.56
CA ASN D 99 12.71 25.05 47.46
C ASN D 99 12.94 23.61 47.91
N PHE D 100 12.64 22.69 47.01
CA PHE D 100 12.87 21.26 47.21
C PHE D 100 13.15 20.62 45.85
N SER D 101 13.40 19.31 45.84
CA SER D 101 13.75 18.61 44.61
C SER D 101 12.93 17.33 44.43
N ILE D 102 12.90 16.84 43.20
CA ILE D 102 12.25 15.58 42.88
C ILE D 102 13.09 14.85 41.85
N GLN D 103 13.39 13.58 42.12
CA GLN D 103 14.06 12.71 41.15
C GLN D 103 13.02 11.82 40.51
N VAL D 104 13.10 11.66 39.19
CA VAL D 104 12.20 10.77 38.47
C VAL D 104 13.01 9.84 37.60
N ARG D 105 12.72 8.55 37.66
CA ARG D 105 13.43 7.56 36.88
C ARG D 105 12.48 6.79 35.95
N GLN D 106 12.94 6.54 34.73
CA GLN D 106 12.28 5.56 33.86
C GLN D 106 12.85 4.20 34.24
N VAL D 107 12.13 3.46 35.07
CA VAL D 107 12.64 2.25 35.70
C VAL D 107 12.76 1.14 34.67
N GLU D 108 13.85 0.40 34.78
CA GLU D 108 14.17 -0.67 33.82
C GLU D 108 13.28 -1.89 34.11
N ASP D 109 12.87 -2.57 33.05
CA ASP D 109 12.07 -3.79 33.15
C ASP D 109 10.74 -3.55 33.88
N TYR D 110 9.94 -2.64 33.32
CA TYR D 110 8.61 -2.36 33.80
C TYR D 110 7.62 -3.17 32.95
N PRO D 111 6.44 -3.51 33.51
CA PRO D 111 5.50 -4.29 32.70
C PRO D 111 4.83 -3.51 31.57
N VAL D 112 4.53 -4.21 30.48
CA VAL D 112 3.95 -3.63 29.29
C VAL D 112 2.74 -4.42 28.78
N ASP D 113 1.65 -3.71 28.55
CA ASP D 113 0.48 -4.22 27.86
C ASP D 113 0.48 -3.63 26.47
N ILE D 114 0.34 -4.48 25.46
CA ILE D 114 0.21 -4.05 24.08
C ILE D 114 -1.09 -4.60 23.49
N TYR D 115 -2.08 -3.75 23.28
CA TYR D 115 -3.30 -4.15 22.59
C TYR D 115 -3.18 -3.70 21.15
N TYR D 116 -3.23 -4.67 20.24
CA TYR D 116 -3.06 -4.45 18.82
C TYR D 116 -4.43 -4.31 18.17
N LEU D 117 -4.75 -3.10 17.74
CA LEU D 117 -6.08 -2.74 17.22
C LEU D 117 -5.97 -2.46 15.71
N MET D 118 -6.56 -3.34 14.91
CA MET D 118 -6.22 -3.46 13.50
C MET D 118 -7.41 -3.18 12.61
N ASP D 119 -7.21 -2.29 11.64
CA ASP D 119 -8.18 -2.05 10.57
C ASP D 119 -8.25 -3.33 9.75
N LEU D 120 -9.44 -3.92 9.62
CA LEU D 120 -9.61 -5.14 8.82
C LEU D 120 -10.59 -4.93 7.67
N SER D 121 -10.57 -3.73 7.08
CA SER D 121 -11.18 -3.51 5.78
C SER D 121 -10.36 -4.29 4.73
N TYR D 122 -10.81 -4.26 3.48
CA TYR D 122 -10.29 -5.18 2.47
C TYR D 122 -8.82 -4.94 2.09
N SER D 123 -8.38 -3.68 2.13
CA SER D 123 -7.00 -3.35 1.76
C SER D 123 -5.97 -3.86 2.77
N MET D 124 -6.44 -4.39 3.90
CA MET D 124 -5.57 -4.91 4.95
C MET D 124 -5.46 -6.43 4.91
N LYS D 125 -5.93 -7.05 3.84
CA LYS D 125 -5.90 -8.51 3.69
C LYS D 125 -4.47 -9.03 3.65
N ASP D 126 -3.62 -8.35 2.92
CA ASP D 126 -2.20 -8.69 2.80
C ASP D 126 -1.50 -8.47 4.13
N ASP D 127 -1.97 -7.49 4.91
CA ASP D 127 -1.37 -7.19 6.21
C ASP D 127 -1.54 -8.36 7.20
N LEU D 128 -2.73 -8.96 7.20
CA LEU D 128 -2.97 -10.17 8.00
C LEU D 128 -1.93 -11.25 7.74
N TRP D 129 -1.55 -11.46 6.48
CA TRP D 129 -0.54 -12.46 6.18
CA TRP D 129 -0.52 -12.46 6.15
C TRP D 129 0.80 -12.11 6.81
N SER D 130 1.11 -10.82 6.90
CA SER D 130 2.39 -10.39 7.44
C SER D 130 2.47 -10.53 8.95
N ILE D 131 1.35 -10.38 9.66
CA ILE D 131 1.37 -10.41 11.13
C ILE D 131 0.98 -11.78 11.75
N GLN D 132 0.95 -12.83 10.93
CA GLN D 132 0.57 -14.17 11.38
C GLN D 132 1.36 -14.65 12.61
N ASN D 133 2.66 -14.38 12.62
CA ASN D 133 3.52 -14.75 13.77
C ASN D 133 4.09 -13.54 14.50
N LEU D 134 3.34 -12.44 14.51
CA LEU D 134 3.77 -11.22 15.18
C LEU D 134 3.78 -11.38 16.70
N GLY D 135 2.87 -12.20 17.23
CA GLY D 135 2.81 -12.46 18.67
C GLY D 135 4.13 -12.99 19.17
N THR D 136 4.61 -14.05 18.52
CA THR D 136 5.89 -14.68 18.85
C THR D 136 7.06 -13.70 18.72
N LYS D 137 7.11 -13.00 17.59
CA LYS D 137 8.26 -12.17 17.24
C LYS D 137 8.33 -10.90 18.06
N LEU D 138 7.17 -10.32 18.34
CA LEU D 138 7.07 -9.16 19.21
C LEU D 138 7.51 -9.51 20.62
N ALA D 139 7.09 -10.68 21.10
CA ALA D 139 7.52 -11.18 22.39
C ALA D 139 9.05 -11.21 22.48
N THR D 140 9.69 -11.75 21.44
CA THR D 140 11.14 -11.92 21.43
C THR D 140 11.89 -10.60 21.56
N GLN D 141 11.39 -9.54 20.90
CA GLN D 141 12.05 -8.23 20.98
C GLN D 141 11.66 -7.47 22.26
N MET D 142 10.42 -7.64 22.71
CA MET D 142 9.97 -7.00 23.95
C MET D 142 10.54 -7.65 25.20
N ARG D 143 11.02 -8.88 25.08
CA ARG D 143 11.65 -9.60 26.20
C ARG D 143 13.00 -8.99 26.55
N LYS D 144 13.64 -8.33 25.58
CA LYS D 144 14.86 -7.58 25.81
C LYS D 144 14.60 -6.35 26.70
N LEU D 145 13.37 -5.85 26.69
CA LEU D 145 12.98 -4.66 27.43
C LEU D 145 12.13 -4.94 28.68
N THR D 146 11.34 -6.01 28.66
CA THR D 146 10.44 -6.33 29.78
C THR D 146 10.29 -7.83 30.06
N SER D 147 10.23 -8.19 31.34
CA SER D 147 9.96 -9.55 31.79
C SER D 147 8.46 -9.81 31.99
N ASN D 148 7.64 -8.76 31.92
CA ASN D 148 6.19 -8.88 32.13
C ASN D 148 5.39 -8.27 30.97
N LEU D 149 5.33 -9.02 29.87
CA LEU D 149 4.61 -8.57 28.67
C LEU D 149 3.27 -9.28 28.54
N ARG D 150 2.23 -8.50 28.24
CA ARG D 150 0.94 -9.04 27.83
C ARG D 150 0.56 -8.40 26.51
N ILE D 151 -0.01 -9.19 25.61
CA ILE D 151 -0.46 -8.68 24.33
C ILE D 151 -1.88 -9.15 24.04
N GLY D 152 -2.59 -8.40 23.20
CA GLY D 152 -3.97 -8.69 22.86
C GLY D 152 -4.34 -8.09 21.53
N PHE D 153 -5.55 -8.39 21.07
CA PHE D 153 -5.95 -8.07 19.71
C PHE D 153 -7.43 -7.69 19.64
N GLY D 154 -7.70 -6.64 18.88
CA GLY D 154 -9.03 -6.29 18.46
C GLY D 154 -8.99 -5.79 17.03
N ALA D 155 -10.16 -5.72 16.40
CA ALA D 155 -10.23 -5.36 15.00
C ALA D 155 -11.42 -4.46 14.75
N PHE D 156 -11.35 -3.68 13.68
CA PHE D 156 -12.44 -2.78 13.34
C PHE D 156 -12.58 -2.63 11.83
N VAL D 157 -13.78 -2.24 11.39
CA VAL D 157 -13.98 -1.81 10.01
C VAL D 157 -14.66 -0.45 10.07
N ASP D 158 -15.98 -0.43 10.24
CA ASP D 158 -16.74 0.82 10.31
C ASP D 158 -18.16 0.50 10.78
N LYS D 159 -18.99 1.54 10.97
CA LYS D 159 -20.34 1.32 11.46
C LYS D 159 -21.11 0.47 10.45
N PRO D 160 -21.63 -0.71 10.89
CA PRO D 160 -22.35 -1.59 9.97
C PRO D 160 -23.75 -1.07 9.64
N VAL D 161 -23.78 -0.01 8.84
CA VAL D 161 -25.02 0.68 8.52
C VAL D 161 -24.84 1.42 7.20
N SER D 162 -25.89 1.47 6.40
CA SER D 162 -25.86 2.22 5.14
C SER D 162 -25.66 3.71 5.44
N PRO D 163 -24.85 4.41 4.64
CA PRO D 163 -24.16 4.06 3.38
C PRO D 163 -22.74 3.46 3.49
N TYR D 164 -22.21 3.32 4.70
CA TYR D 164 -20.89 2.69 4.88
C TYR D 164 -20.92 1.24 4.45
N MET D 165 -22.03 0.57 4.76
CA MET D 165 -22.19 -0.85 4.54
C MET D 165 -23.00 -1.07 3.30
N TYR D 166 -22.62 -2.08 2.50
CA TYR D 166 -23.43 -2.50 1.36
C TYR D 166 -24.62 -3.28 1.89
N ILE D 167 -25.83 -2.95 1.43
CA ILE D 167 -27.06 -3.56 1.97
C ILE D 167 -27.94 -4.23 0.90
N SER D 168 -27.39 -4.46 -0.28
CA SER D 168 -28.09 -5.17 -1.35
C SER D 168 -27.09 -5.84 -2.29
N PRO D 169 -27.44 -7.03 -2.81
CA PRO D 169 -28.61 -7.84 -2.48
C PRO D 169 -28.45 -8.47 -1.10
N PRO D 170 -29.41 -9.31 -0.67
CA PRO D 170 -29.32 -10.01 0.62
C PRO D 170 -27.99 -10.74 0.82
N GLU D 171 -27.43 -11.26 -0.26
CA GLU D 171 -26.12 -11.93 -0.24
C GLU D 171 -24.97 -11.01 0.21
N ALA D 172 -25.04 -9.72 -0.12
CA ALA D 172 -23.98 -8.79 0.26
C ALA D 172 -23.87 -8.57 1.78
N LEU D 173 -24.98 -8.76 2.49
CA LEU D 173 -24.97 -8.64 3.96
C LEU D 173 -24.14 -9.77 4.59
N GLU D 174 -24.31 -10.99 4.09
CA GLU D 174 -23.57 -12.16 4.57
C GLU D 174 -22.17 -12.25 3.98
N ASN D 175 -22.01 -11.77 2.76
CA ASN D 175 -20.71 -11.73 2.11
C ASN D 175 -20.54 -10.44 1.31
N PRO D 176 -19.97 -9.40 1.93
CA PRO D 176 -19.78 -8.13 1.23
C PRO D 176 -18.92 -8.23 -0.03
N CYS D 177 -18.17 -9.33 -0.16
CA CYS D 177 -17.31 -9.56 -1.33
C CYS D 177 -18.00 -10.38 -2.41
N TYR D 178 -19.32 -10.50 -2.36
CA TYR D 178 -20.04 -11.38 -3.30
C TYR D 178 -19.88 -10.96 -4.77
N ASP D 179 -19.83 -9.66 -5.04
CA ASP D 179 -19.79 -9.14 -6.43
C ASP D 179 -18.37 -9.15 -7.00
N MET D 180 -17.38 -9.14 -6.11
CA MET D 180 -16.04 -9.59 -6.46
C MET D 180 -16.15 -11.11 -6.41
N LYS D 181 -15.11 -11.83 -6.83
CA LYS D 181 -15.25 -13.28 -6.95
C LYS D 181 -14.61 -13.96 -5.75
N THR D 182 -15.11 -13.64 -4.56
CA THR D 182 -14.52 -14.13 -3.31
C THR D 182 -15.45 -13.96 -2.09
N THR D 183 -14.92 -14.29 -0.91
CA THR D 183 -15.69 -14.31 0.33
C THR D 183 -14.95 -13.51 1.40
N CYS D 184 -15.68 -12.66 2.11
CA CYS D 184 -15.17 -11.98 3.31
C CYS D 184 -16.25 -11.98 4.39
N LEU D 185 -15.91 -11.48 5.57
CA LEU D 185 -16.84 -11.46 6.69
C LEU D 185 -17.90 -10.40 6.52
N PRO D 186 -19.10 -10.64 7.08
CA PRO D 186 -20.05 -9.56 7.23
C PRO D 186 -19.40 -8.39 7.96
N MET D 187 -19.91 -7.19 7.74
CA MET D 187 -19.25 -6.01 8.26
C MET D 187 -19.47 -5.93 9.76
N PHE D 188 -18.46 -5.42 10.47
CA PHE D 188 -18.52 -5.24 11.91
C PHE D 188 -17.87 -3.91 12.23
N GLY D 189 -18.30 -3.28 13.32
CA GLY D 189 -17.74 -2.00 13.73
C GLY D 189 -16.42 -2.17 14.48
N TYR D 190 -16.51 -2.76 15.66
CA TYR D 190 -15.33 -3.09 16.47
C TYR D 190 -15.65 -4.38 17.18
N LYS D 191 -14.73 -5.34 17.10
CA LYS D 191 -14.83 -6.54 17.89
C LYS D 191 -13.54 -6.75 18.66
N HIS D 192 -13.68 -7.00 19.96
CA HIS D 192 -12.59 -7.46 20.79
C HIS D 192 -12.35 -8.94 20.52
N VAL D 193 -11.10 -9.33 20.31
CA VAL D 193 -10.77 -10.73 19.96
C VAL D 193 -10.00 -11.46 21.06
N LEU D 194 -8.90 -10.86 21.54
CA LEU D 194 -8.04 -11.48 22.56
C LEU D 194 -7.73 -10.53 23.70
N THR D 195 -8.19 -10.89 24.89
CA THR D 195 -7.91 -10.17 26.13
C THR D 195 -6.41 -10.23 26.42
N LEU D 196 -5.82 -9.10 26.82
CA LEU D 196 -4.38 -9.04 27.10
C LEU D 196 -3.95 -10.27 27.90
N THR D 197 -2.93 -10.96 27.40
CA THR D 197 -2.44 -12.19 28.02
C THR D 197 -0.93 -12.31 27.84
N ASP D 198 -0.28 -12.98 28.80
CA ASP D 198 1.14 -13.29 28.68
C ASP D 198 1.38 -14.52 27.78
N GLN D 199 0.33 -15.28 27.47
CA GLN D 199 0.41 -16.44 26.56
C GLN D 199 0.44 -15.96 25.11
N VAL D 200 1.64 -15.71 24.58
CA VAL D 200 1.77 -15.01 23.29
C VAL D 200 1.37 -15.86 22.08
N THR D 201 1.48 -17.17 22.17
CA THR D 201 1.03 -18.06 21.10
C THR D 201 -0.48 -17.86 20.82
N ARG D 202 -1.22 -17.60 21.88
CA ARG D 202 -2.64 -17.26 21.80
C ARG D 202 -2.90 -16.14 20.79
N PHE D 203 -2.02 -15.15 20.76
CA PHE D 203 -2.11 -14.05 19.82
C PHE D 203 -1.99 -14.54 18.38
N ASN D 204 -1.03 -15.41 18.12
CA ASN D 204 -0.88 -16.00 16.78
C ASN D 204 -2.12 -16.83 16.41
N GLU D 205 -2.65 -17.58 17.36
CA GLU D 205 -3.80 -18.45 17.08
C GLU D 205 -5.00 -17.64 16.65
N GLU D 206 -5.28 -16.55 17.35
CA GLU D 206 -6.41 -15.71 17.04
C GLU D 206 -6.21 -14.91 15.76
N VAL D 207 -5.01 -14.41 15.52
CA VAL D 207 -4.70 -13.68 14.27
C VAL D 207 -4.87 -14.56 13.03
N LYS D 208 -4.47 -15.83 13.10
CA LYS D 208 -4.67 -16.77 11.99
C LYS D 208 -6.14 -17.05 11.68
N LYS D 209 -7.01 -16.90 12.67
CA LYS D 209 -8.44 -17.12 12.46
C LYS D 209 -9.14 -15.90 11.88
N GLN D 210 -8.49 -14.73 11.94
CA GLN D 210 -9.13 -13.49 11.49
C GLN D 210 -9.23 -13.38 9.97
N SER D 211 -10.16 -12.56 9.51
CA SER D 211 -10.25 -12.23 8.10
C SER D 211 -10.85 -10.83 7.94
N VAL D 212 -10.73 -10.28 6.74
CA VAL D 212 -11.19 -8.92 6.46
C VAL D 212 -12.68 -8.89 6.12
N SER D 213 -13.25 -7.70 6.19
CA SER D 213 -14.57 -7.44 5.65
C SER D 213 -14.42 -6.38 4.57
N ARG D 214 -15.53 -5.73 4.22
CA ARG D 214 -15.52 -4.75 3.14
C ARG D 214 -16.61 -3.72 3.36
N ASN D 215 -16.27 -2.46 3.14
CA ASN D 215 -17.27 -1.39 3.21
C ASN D 215 -17.02 -0.36 2.11
N ARG D 216 -17.87 0.65 2.07
CA ARG D 216 -18.01 1.47 0.87
C ARG D 216 -17.08 2.68 0.88
N ASP D 217 -17.05 3.41 2.00
CA ASP D 217 -16.29 4.66 2.04
C ASP D 217 -14.94 4.54 2.73
N ALA D 218 -14.04 5.42 2.29
CA ALA D 218 -12.64 5.32 2.59
C ALA D 218 -12.37 5.54 4.08
N PRO D 219 -12.88 6.65 4.65
CA PRO D 219 -12.69 6.79 6.10
C PRO D 219 -13.30 5.62 6.86
N GLU D 220 -12.60 5.13 7.89
CA GLU D 220 -13.07 4.00 8.66
C GLU D 220 -13.47 4.39 10.09
N GLY D 221 -14.01 3.42 10.81
CA GLY D 221 -14.59 3.66 12.14
C GLY D 221 -13.67 3.32 13.29
N GLY D 222 -12.37 3.53 13.11
CA GLY D 222 -11.38 3.18 14.14
C GLY D 222 -11.42 4.00 15.42
N PHE D 223 -11.93 5.23 15.35
CA PHE D 223 -12.04 6.06 16.55
C PHE D 223 -13.07 5.48 17.52
N ASP D 224 -14.13 4.85 16.99
CA ASP D 224 -15.05 4.07 17.80
C ASP D 224 -14.31 2.98 18.55
N ALA D 225 -13.41 2.30 17.84
CA ALA D 225 -12.68 1.18 18.39
C ALA D 225 -11.64 1.63 19.42
N ILE D 226 -10.96 2.75 19.16
CA ILE D 226 -10.08 3.36 20.16
C ILE D 226 -10.84 3.71 21.45
N MET D 227 -12.02 4.30 21.33
CA MET D 227 -12.82 4.62 22.53
C MET D 227 -13.11 3.37 23.36
N GLN D 228 -13.55 2.31 22.70
CA GLN D 228 -13.92 1.08 23.40
C GLN D 228 -12.72 0.31 23.95
N ALA D 229 -11.62 0.25 23.21
CA ALA D 229 -10.39 -0.38 23.73
C ALA D 229 -9.84 0.36 24.95
N THR D 230 -10.10 1.67 25.02
CA THR D 230 -9.72 2.49 26.16
C THR D 230 -10.64 2.31 27.36
N VAL D 231 -11.96 2.41 27.18
CA VAL D 231 -12.89 2.43 28.33
C VAL D 231 -13.43 1.06 28.78
N CYS D 232 -13.28 0.03 27.95
CA CYS D 232 -13.68 -1.34 28.35
C CYS D 232 -12.55 -2.05 29.09
N ASP D 233 -12.28 -1.59 30.30
CA ASP D 233 -11.14 -2.04 31.11
C ASP D 233 -11.06 -3.55 31.35
N GLU D 234 -12.12 -4.10 31.91
CA GLU D 234 -12.13 -5.51 32.26
C GLU D 234 -11.92 -6.39 31.02
N LYS D 235 -12.60 -6.08 29.92
CA LYS D 235 -12.48 -6.89 28.70
C LYS D 235 -11.09 -6.85 28.06
N ILE D 236 -10.55 -5.65 27.86
CA ILE D 236 -9.25 -5.53 27.23
C ILE D 236 -8.19 -6.07 28.18
N GLY D 237 -8.41 -5.86 29.47
CA GLY D 237 -7.58 -6.44 30.51
C GLY D 237 -6.38 -5.60 30.89
N TRP D 238 -6.43 -4.29 30.63
CA TRP D 238 -5.34 -3.40 31.01
C TRP D 238 -5.01 -3.59 32.49
N ARG D 239 -3.72 -3.70 32.81
CA ARG D 239 -3.26 -3.90 34.19
C ARG D 239 -2.97 -2.58 34.89
N ASN D 240 -3.12 -2.57 36.21
CA ASN D 240 -2.90 -1.37 37.00
C ASN D 240 -1.48 -0.80 36.85
N ASP D 241 -0.47 -1.65 37.00
CA ASP D 241 0.92 -1.21 37.09
C ASP D 241 1.71 -1.63 35.85
N ALA D 242 1.37 -1.03 34.71
CA ALA D 242 1.98 -1.39 33.46
C ALA D 242 1.89 -0.23 32.47
N SER D 243 2.87 -0.14 31.57
CA SER D 243 2.73 0.78 30.44
C SER D 243 1.68 0.19 29.52
N HIS D 244 0.73 1.01 29.08
CA HIS D 244 -0.38 0.58 28.23
C HIS D 244 -0.17 1.12 26.83
N LEU D 245 0.15 0.26 25.87
CA LEU D 245 0.27 0.68 24.48
C LEU D 245 -0.94 0.20 23.70
N LEU D 246 -1.58 1.13 23.00
CA LEU D 246 -2.67 0.84 22.10
C LEU D 246 -2.16 1.07 20.69
N VAL D 247 -1.98 -0.01 19.93
CA VAL D 247 -1.40 0.10 18.60
C VAL D 247 -2.52 0.10 17.56
N PHE D 248 -2.74 1.26 16.97
CA PHE D 248 -3.83 1.49 16.02
C PHE D 248 -3.26 1.50 14.62
N THR D 249 -3.57 0.45 13.86
CA THR D 249 -3.01 0.32 12.53
C THR D 249 -4.09 0.47 11.47
N THR D 250 -3.85 1.35 10.50
CA THR D 250 -4.78 1.62 9.42
C THR D 250 -4.03 2.21 8.23
N ASP D 251 -4.64 2.10 7.04
CA ASP D 251 -4.08 2.69 5.83
C ASP D 251 -5.00 3.78 5.28
N ALA D 252 -5.93 4.26 6.10
CA ALA D 252 -6.99 5.14 5.62
C ALA D 252 -7.27 6.30 6.54
N LYS D 253 -7.95 7.29 5.97
CA LYS D 253 -8.61 8.37 6.69
C LYS D 253 -9.52 7.81 7.79
N THR D 254 -9.97 8.67 8.68
CA THR D 254 -10.83 8.21 9.77
C THR D 254 -12.09 9.05 9.91
N HIS D 255 -13.16 8.40 10.32
CA HIS D 255 -14.39 9.11 10.61
C HIS D 255 -14.21 9.75 11.95
N ILE D 256 -14.87 10.89 12.12
CA ILE D 256 -14.77 11.72 13.32
C ILE D 256 -16.17 12.09 13.79
N ALA D 257 -16.28 12.65 15.00
CA ALA D 257 -17.58 13.05 15.54
C ALA D 257 -18.31 13.99 14.59
N LEU D 258 -19.61 13.75 14.43
CA LEU D 258 -20.53 14.47 13.53
C LEU D 258 -20.61 13.91 12.10
N ASP D 259 -19.68 13.02 11.75
CA ASP D 259 -19.78 12.22 10.54
C ASP D 259 -20.97 11.25 10.59
N GLY D 260 -21.37 10.83 11.77
CA GLY D 260 -22.44 9.82 11.95
C GLY D 260 -23.82 10.22 11.41
N ARG D 261 -24.03 11.52 11.25
CA ARG D 261 -25.28 12.02 10.70
C ARG D 261 -25.56 11.50 9.31
N LEU D 262 -24.53 11.11 8.56
CA LEU D 262 -24.74 10.56 7.24
C LEU D 262 -25.40 9.18 7.31
N ALA D 263 -25.29 8.53 8.46
CA ALA D 263 -25.98 7.27 8.69
C ALA D 263 -27.19 7.45 9.60
N GLY D 264 -27.70 8.68 9.69
CA GLY D 264 -28.83 8.99 10.58
C GLY D 264 -28.53 9.03 12.07
N ILE D 265 -27.25 8.94 12.44
CA ILE D 265 -26.84 8.86 13.84
C ILE D 265 -26.44 10.22 14.36
N VAL D 266 -27.17 10.72 15.37
CA VAL D 266 -26.90 12.04 15.94
C VAL D 266 -26.57 12.03 17.45
N GLN D 267 -26.84 10.92 18.15
CA GLN D 267 -26.48 10.80 19.55
C GLN D 267 -24.97 10.93 19.78
N PRO D 268 -24.54 11.86 20.63
CA PRO D 268 -23.11 11.96 20.91
C PRO D 268 -22.56 10.72 21.60
N ASN D 269 -21.31 10.40 21.30
CA ASN D 269 -20.61 9.33 21.98
C ASN D 269 -20.62 9.63 23.47
N ASP D 270 -20.99 8.63 24.28
CA ASP D 270 -21.10 8.79 25.73
C ASP D 270 -19.83 8.41 26.46
N GLY D 271 -18.83 7.92 25.75
CA GLY D 271 -17.56 7.56 26.38
C GLY D 271 -17.60 6.39 27.34
N GLN D 272 -18.66 5.58 27.27
CA GLN D 272 -18.81 4.39 28.11
C GLN D 272 -18.54 3.10 27.33
N CYS D 273 -18.37 2.00 28.06
CA CYS D 273 -18.18 0.68 27.46
C CYS D 273 -19.52 0.11 26.99
N HIS D 274 -19.57 -0.33 25.73
CA HIS D 274 -20.73 -1.01 25.17
C HIS D 274 -20.30 -2.28 24.43
N VAL D 275 -19.39 -3.03 25.03
CA VAL D 275 -18.97 -4.33 24.51
C VAL D 275 -19.33 -5.39 25.54
N GLY D 276 -20.34 -6.21 25.22
CA GLY D 276 -20.80 -7.26 26.12
C GLY D 276 -20.24 -8.66 25.79
N SER D 277 -21.00 -9.69 26.13
CA SER D 277 -20.53 -11.07 26.07
C SER D 277 -20.10 -11.53 24.67
N ASP D 278 -20.76 -11.01 23.64
CA ASP D 278 -20.45 -11.36 22.24
C ASP D 278 -19.22 -10.64 21.68
N ASN D 279 -18.65 -9.71 22.44
CA ASN D 279 -17.40 -9.02 22.10
C ASN D 279 -17.45 -8.04 20.92
N HIS D 280 -18.65 -7.69 20.48
CA HIS D 280 -18.82 -6.62 19.51
C HIS D 280 -19.31 -5.34 20.18
N TYR D 281 -18.99 -4.21 19.57
CA TYR D 281 -19.43 -2.91 20.05
C TYR D 281 -20.91 -2.72 19.69
N SER D 282 -21.78 -2.77 20.70
CA SER D 282 -23.22 -2.78 20.49
C SER D 282 -23.83 -1.42 20.10
N ALA D 283 -23.13 -0.33 20.41
CA ALA D 283 -23.62 1.00 20.09
C ALA D 283 -23.12 1.50 18.73
N SER D 284 -22.47 0.64 17.95
CA SER D 284 -21.88 1.04 16.68
C SER D 284 -22.86 1.77 15.78
N THR D 285 -24.09 1.27 15.71
CA THR D 285 -25.11 1.79 14.80
C THR D 285 -26.09 2.81 15.43
N THR D 286 -25.92 3.12 16.71
CA THR D 286 -26.79 4.07 17.42
C THR D 286 -26.08 5.28 18.04
N MET D 287 -24.75 5.27 18.05
CA MET D 287 -23.96 6.28 18.73
C MET D 287 -22.92 6.85 17.78
N ASP D 288 -22.73 8.17 17.84
CA ASP D 288 -21.82 8.84 16.89
C ASP D 288 -20.38 8.52 17.22
N TYR D 289 -19.50 8.71 16.24
CA TYR D 289 -18.06 8.57 16.46
C TYR D 289 -17.64 9.54 17.56
N PRO D 290 -16.57 9.21 18.32
CA PRO D 290 -16.12 10.07 19.39
C PRO D 290 -15.32 11.27 18.87
N SER D 291 -15.34 12.37 19.60
CA SER D 291 -14.59 13.57 19.25
C SER D 291 -13.17 13.40 19.78
N LEU D 292 -12.25 14.22 19.30
CA LEU D 292 -10.85 14.16 19.71
C LEU D 292 -10.69 14.48 21.20
N GLY D 293 -11.46 15.44 21.68
CA GLY D 293 -11.43 15.82 23.09
C GLY D 293 -11.86 14.69 24.01
N LEU D 294 -12.96 14.03 23.66
CA LEU D 294 -13.47 12.92 24.45
C LEU D 294 -12.46 11.78 24.48
N MET D 295 -11.90 11.46 23.31
CA MET D 295 -10.85 10.46 23.21
C MET D 295 -9.66 10.83 24.11
N THR D 296 -9.19 12.07 24.02
CA THR D 296 -8.10 12.54 24.88
C THR D 296 -8.41 12.37 26.37
N GLU D 297 -9.64 12.69 26.76
CA GLU D 297 -10.06 12.57 28.15
C GLU D 297 -9.94 11.12 28.64
N LYS D 298 -10.45 10.18 27.85
CA LYS D 298 -10.46 8.79 28.27
C LYS D 298 -9.08 8.14 28.21
N LEU D 299 -8.31 8.44 27.17
CA LEU D 299 -6.94 7.93 27.07
C LEU D 299 -6.13 8.37 28.27
N SER D 300 -6.31 9.63 28.64
CA SER D 300 -5.57 10.21 29.76
C SER D 300 -6.03 9.61 31.08
N GLN D 301 -7.32 9.39 31.21
CA GLN D 301 -7.91 8.87 32.43
C GLN D 301 -7.50 7.41 32.65
N LYS D 302 -7.46 6.63 31.57
CA LYS D 302 -7.09 5.23 31.62
C LYS D 302 -5.60 5.01 31.45
N ASN D 303 -4.85 6.08 31.19
CA ASN D 303 -3.39 6.04 31.04
C ASN D 303 -2.95 5.18 29.86
N ILE D 304 -3.56 5.44 28.70
CA ILE D 304 -3.26 4.72 27.50
C ILE D 304 -2.38 5.57 26.60
N ASN D 305 -1.33 4.94 26.07
CA ASN D 305 -0.48 5.54 25.06
C ASN D 305 -0.92 5.05 23.69
N LEU D 306 -1.65 5.90 22.99
CA LEU D 306 -2.12 5.60 21.64
C LEU D 306 -0.97 5.77 20.65
N ILE D 307 -0.81 4.77 19.81
CA ILE D 307 0.18 4.77 18.75
C ILE D 307 -0.55 4.70 17.41
N PHE D 308 -0.45 5.77 16.62
CA PHE D 308 -0.99 5.77 15.27
C PHE D 308 0.05 5.11 14.37
N ALA D 309 -0.21 3.87 13.98
CA ALA D 309 0.65 3.13 13.09
C ALA D 309 -0.04 3.16 11.73
N VAL D 310 0.30 4.14 10.92
CA VAL D 310 -0.47 4.45 9.71
C VAL D 310 0.45 4.52 8.49
N THR D 311 -0.13 4.26 7.31
CA THR D 311 0.63 4.23 6.07
C THR D 311 1.01 5.62 5.57
N GLU D 312 1.99 5.67 4.66
CA GLU D 312 2.60 6.91 4.16
C GLU D 312 1.58 7.93 3.63
N ASN D 313 0.52 7.42 3.01
CA ASN D 313 -0.52 8.26 2.43
C ASN D 313 -1.35 9.01 3.47
N VAL D 314 -1.34 8.58 4.73
CA VAL D 314 -2.07 9.29 5.79
C VAL D 314 -1.23 9.69 7.00
N VAL D 315 0.10 9.57 6.90
CA VAL D 315 0.97 9.94 8.03
C VAL D 315 0.81 11.41 8.43
N ASN D 316 0.73 12.32 7.45
CA ASN D 316 0.56 13.74 7.72
C ASN D 316 -0.75 14.03 8.43
N LEU D 317 -1.83 13.39 7.97
CA LEU D 317 -3.13 13.47 8.64
C LEU D 317 -3.02 13.07 10.11
N TYR D 318 -2.42 11.92 10.38
CA TYR D 318 -2.40 11.41 11.76
C TYR D 318 -1.34 12.10 12.63
N GLN D 319 -0.30 12.63 12.01
CA GLN D 319 0.64 13.49 12.73
C GLN D 319 -0.08 14.76 13.19
N ASN D 320 -0.97 15.27 12.36
CA ASN D 320 -1.74 16.45 12.70
C ASN D 320 -2.81 16.20 13.78
N TYR D 321 -3.48 15.05 13.70
CA TYR D 321 -4.40 14.66 14.79
C TYR D 321 -3.61 14.45 16.09
N SER D 322 -2.45 13.82 15.99
CA SER D 322 -1.57 13.56 17.13
C SER D 322 -1.17 14.84 17.87
N GLU D 323 -1.04 15.94 17.13
CA GLU D 323 -0.71 17.23 17.73
C GLU D 323 -1.89 17.79 18.54
N LEU D 324 -3.09 17.26 18.30
CA LEU D 324 -4.30 17.65 19.02
C LEU D 324 -4.66 16.69 20.16
N ILE D 325 -4.01 15.52 20.19
CA ILE D 325 -4.17 14.53 21.26
C ILE D 325 -2.80 14.32 21.89
N PRO D 326 -2.38 15.24 22.80
CA PRO D 326 -1.00 15.16 23.33
C PRO D 326 -0.68 13.81 23.95
N GLY D 327 0.54 13.32 23.72
CA GLY D 327 0.98 12.04 24.25
C GLY D 327 0.87 10.90 23.25
N THR D 328 0.20 11.14 22.13
CA THR D 328 0.06 10.13 21.09
C THR D 328 1.31 10.09 20.23
N THR D 329 1.61 8.92 19.70
CA THR D 329 2.82 8.71 18.91
C THR D 329 2.40 8.27 17.52
N VAL D 330 3.21 8.61 16.53
CA VAL D 330 2.92 8.24 15.15
C VAL D 330 4.11 7.51 14.53
N GLY D 331 3.83 6.41 13.83
CA GLY D 331 4.86 5.66 13.12
C GLY D 331 4.35 5.30 11.74
N VAL D 332 5.26 5.21 10.78
CA VAL D 332 4.93 4.90 9.40
C VAL D 332 4.83 3.39 9.18
N LEU D 333 3.61 2.92 8.97
CA LEU D 333 3.35 1.50 8.70
C LEU D 333 3.56 1.21 7.21
N SER D 334 4.18 0.08 6.90
CA SER D 334 4.25 -0.38 5.51
C SER D 334 2.86 -0.72 4.99
N MET D 335 2.71 -0.76 3.67
CA MET D 335 1.41 -1.05 3.07
C MET D 335 0.91 -2.46 3.37
N ASP D 336 1.79 -3.30 3.94
CA ASP D 336 1.47 -4.69 4.30
C ASP D 336 1.79 -4.99 5.78
N SER D 337 2.01 -3.95 6.58
CA SER D 337 2.34 -4.05 8.00
C SER D 337 3.59 -4.86 8.32
N SER D 338 4.45 -5.07 7.31
CA SER D 338 5.61 -5.93 7.49
C SER D 338 6.60 -5.36 8.48
N ASN D 339 6.53 -4.05 8.73
CA ASN D 339 7.45 -3.37 9.62
C ASN D 339 6.82 -2.99 10.97
N VAL D 340 5.66 -3.54 11.30
CA VAL D 340 4.97 -3.08 12.52
C VAL D 340 5.72 -3.49 13.80
N LEU D 341 6.49 -4.58 13.75
CA LEU D 341 7.26 -4.99 14.92
C LEU D 341 8.20 -3.88 15.37
N GLN D 342 9.06 -3.43 14.46
CA GLN D 342 10.02 -2.38 14.77
C GLN D 342 9.31 -1.06 15.13
N LEU D 343 8.16 -0.82 14.50
CA LEU D 343 7.35 0.37 14.79
C LEU D 343 6.86 0.40 16.24
N ILE D 344 6.44 -0.76 16.75
CA ILE D 344 5.97 -0.85 18.13
C ILE D 344 7.15 -0.65 19.09
N VAL D 345 8.27 -1.31 18.82
CA VAL D 345 9.45 -1.23 19.68
C VAL D 345 10.02 0.19 19.74
N ASP D 346 10.07 0.88 18.59
CA ASP D 346 10.50 2.29 18.56
C ASP D 346 9.53 3.20 19.31
N ALA D 347 8.24 2.99 19.11
CA ALA D 347 7.20 3.77 19.77
C ALA D 347 7.26 3.65 21.31
N TYR D 348 7.45 2.43 21.80
CA TYR D 348 7.64 2.21 23.23
C TYR D 348 8.83 2.99 23.75
N GLY D 349 9.96 2.90 23.06
CA GLY D 349 11.14 3.70 23.40
C GLY D 349 10.84 5.19 23.41
N LYS D 350 10.08 5.65 22.42
CA LYS D 350 9.75 7.08 22.31
C LYS D 350 8.84 7.52 23.47
N ILE D 351 7.87 6.67 23.81
CA ILE D 351 6.98 6.92 24.94
C ILE D 351 7.76 7.04 26.25
N ARG D 352 8.78 6.23 26.43
CA ARG D 352 9.56 6.26 27.66
C ARG D 352 10.84 7.11 27.56
N SER D 353 10.89 7.97 26.54
CA SER D 353 11.98 8.94 26.39
C SER D 353 11.68 10.25 27.09
N LYS D 354 10.45 10.44 27.57
CA LYS D 354 10.01 11.70 28.14
C LYS D 354 9.61 11.55 29.60
N VAL D 355 9.96 12.56 30.40
CA VAL D 355 9.43 12.72 31.75
C VAL D 355 8.88 14.14 31.82
N GLU D 356 7.59 14.27 32.09
CA GLU D 356 6.93 15.56 32.14
C GLU D 356 6.12 15.66 33.42
N LEU D 357 6.43 16.65 34.24
CA LEU D 357 5.75 16.84 35.51
C LEU D 357 4.42 17.53 35.35
N GLU D 358 3.43 17.07 36.11
CA GLU D 358 2.16 17.77 36.22
C GLU D 358 1.83 17.98 37.69
N VAL D 359 1.17 19.10 37.99
CA VAL D 359 0.79 19.46 39.35
C VAL D 359 -0.72 19.34 39.53
N ARG D 360 -1.16 18.58 40.52
CA ARG D 360 -2.59 18.44 40.85
C ARG D 360 -2.94 19.06 42.21
N ASP D 361 -4.11 19.71 42.26
CA ASP D 361 -4.64 20.36 43.47
C ASP D 361 -3.76 21.46 44.04
N LEU D 362 -3.12 22.24 43.16
CA LEU D 362 -2.26 23.35 43.62
C LEU D 362 -3.12 24.48 44.17
N PRO D 363 -2.93 24.83 45.46
CA PRO D 363 -3.67 25.96 46.03
C PRO D 363 -3.51 27.23 45.20
N GLU D 364 -4.60 28.00 45.10
CA GLU D 364 -4.64 29.24 44.31
C GLU D 364 -3.47 30.17 44.64
N GLU D 365 -3.14 30.26 45.93
CA GLU D 365 -2.13 31.21 46.43
C GLU D 365 -0.69 30.70 46.33
N LEU D 366 -0.52 29.45 45.91
CA LEU D 366 0.81 28.90 45.66
C LEU D 366 1.16 28.98 44.18
N SER D 367 2.40 29.34 43.89
CA SER D 367 2.96 29.25 42.55
C SER D 367 4.28 28.50 42.59
N LEU D 368 4.54 27.72 41.54
CA LEU D 368 5.74 26.91 41.45
C LEU D 368 6.60 27.31 40.25
N SER D 369 7.92 27.23 40.43
CA SER D 369 8.86 27.39 39.34
C SER D 369 9.77 26.17 39.28
N PHE D 370 10.20 25.80 38.08
CA PHE D 370 10.92 24.55 37.86
C PHE D 370 12.25 24.75 37.12
N ASN D 371 13.29 24.05 37.58
CA ASN D 371 14.54 23.90 36.86
C ASN D 371 14.81 22.41 36.69
N ALA D 372 15.01 21.99 35.44
CA ALA D 372 15.20 20.58 35.12
C ALA D 372 16.68 20.28 34.91
N THR D 373 17.12 19.15 35.46
CA THR D 373 18.43 18.59 35.14
C THR D 373 18.20 17.29 34.37
N CYS D 374 18.43 17.33 33.05
CA CYS D 374 18.04 16.23 32.14
C CYS D 374 19.24 15.40 31.65
N LEU D 375 19.80 15.78 30.50
CA LEU D 375 20.84 15.02 29.82
C LEU D 375 22.17 15.32 30.51
N ASN D 376 22.85 14.27 30.95
CA ASN D 376 24.01 14.38 31.86
C ASN D 376 23.63 15.21 33.10
N ASN D 377 24.19 16.40 33.26
CA ASN D 377 23.84 17.29 34.37
C ASN D 377 23.65 18.73 33.91
N GLU D 378 23.02 18.88 32.74
CA GLU D 378 22.72 20.19 32.17
C GLU D 378 21.45 20.74 32.81
N VAL D 379 21.58 21.85 33.55
CA VAL D 379 20.45 22.51 34.18
C VAL D 379 19.80 23.46 33.17
N ILE D 380 18.48 23.36 33.04
CA ILE D 380 17.71 24.17 32.10
C ILE D 380 16.56 24.87 32.83
N PRO D 381 16.63 26.21 32.96
CA PRO D 381 15.66 26.93 33.78
C PRO D 381 14.27 27.06 33.17
N GLY D 382 13.25 27.14 34.03
CA GLY D 382 11.86 27.36 33.61
C GLY D 382 11.25 26.19 32.84
N LEU D 383 11.61 24.97 33.23
CA LEU D 383 11.22 23.77 32.50
C LEU D 383 10.85 22.65 33.46
N LYS D 384 9.71 22.00 33.22
CA LYS D 384 9.24 20.90 34.06
C LYS D 384 9.23 19.55 33.32
N SER D 385 9.97 19.46 32.21
CA SER D 385 10.04 18.23 31.43
C SER D 385 11.42 17.93 30.87
N CYS D 386 11.72 16.64 30.67
CA CYS D 386 12.95 16.20 30.02
C CYS D 386 12.62 15.26 28.87
N MET D 387 13.26 15.48 27.72
CA MET D 387 13.11 14.63 26.52
C MET D 387 14.44 14.00 26.18
N GLY D 388 14.40 12.96 25.34
CA GLY D 388 15.59 12.28 24.85
C GLY D 388 16.17 11.23 25.80
N LEU D 389 15.38 10.81 26.78
CA LEU D 389 15.85 9.88 27.80
C LEU D 389 15.83 8.44 27.29
N LYS D 390 16.70 7.61 27.86
CA LYS D 390 16.68 6.18 27.59
C LYS D 390 16.11 5.52 28.84
N ILE D 391 15.49 4.36 28.67
CA ILE D 391 15.03 3.58 29.82
C ILE D 391 16.21 3.31 30.73
N GLY D 392 16.02 3.55 32.03
CA GLY D 392 17.07 3.40 33.04
C GLY D 392 17.61 4.73 33.54
N ASP D 393 17.33 5.80 32.80
CA ASP D 393 17.82 7.14 33.15
C ASP D 393 17.02 7.78 34.28
N THR D 394 17.70 8.61 35.05
CA THR D 394 17.10 9.37 36.13
C THR D 394 17.31 10.85 35.86
N VAL D 395 16.25 11.64 36.06
CA VAL D 395 16.35 13.09 35.98
C VAL D 395 15.84 13.71 37.25
N SER D 396 16.15 14.98 37.44
CA SER D 396 15.73 15.70 38.63
C SER D 396 15.26 17.10 38.28
N PHE D 397 14.42 17.64 39.16
CA PHE D 397 13.93 19.00 39.01
C PHE D 397 14.09 19.73 40.32
N SER D 398 14.57 20.97 40.25
CA SER D 398 14.55 21.86 41.40
C SER D 398 13.22 22.59 41.35
N ILE D 399 12.51 22.62 42.49
CA ILE D 399 11.17 23.20 42.55
C ILE D 399 11.11 24.25 43.67
N GLU D 400 10.53 25.41 43.39
CA GLU D 400 10.38 26.46 44.40
C GLU D 400 8.91 26.84 44.62
N ALA D 401 8.43 26.65 45.84
CA ALA D 401 7.06 26.97 46.23
C ALA D 401 7.01 28.40 46.77
N LYS D 402 6.10 29.21 46.23
CA LYS D 402 5.99 30.63 46.59
C LYS D 402 4.55 31.01 46.94
N VAL D 403 4.29 31.27 48.22
CA VAL D 403 2.95 31.64 48.66
C VAL D 403 2.76 33.15 48.62
N ARG D 404 1.58 33.59 48.18
CA ARG D 404 1.21 35.00 48.20
C ARG D 404 0.21 35.23 49.33
N GLY D 405 0.59 36.08 50.27
CA GLY D 405 -0.24 36.38 51.43
C GLY D 405 -0.36 35.21 52.38
N CYS D 406 -1.46 35.18 53.11
CA CYS D 406 -1.73 34.10 54.06
C CYS D 406 -3.13 33.56 53.80
N PRO D 407 -3.24 32.30 53.36
CA PRO D 407 -4.55 31.74 53.06
C PRO D 407 -5.36 31.40 54.30
N GLN D 408 -6.67 31.29 54.11
CA GLN D 408 -7.59 30.96 55.18
C GLN D 408 -7.27 29.62 55.81
N GLU D 409 -7.08 28.60 54.96
CA GLU D 409 -6.78 27.24 55.41
C GLU D 409 -5.29 27.06 55.61
N LYS D 410 -4.90 26.75 56.84
CA LYS D 410 -3.48 26.71 57.21
C LYS D 410 -2.80 25.42 56.80
N GLU D 411 -3.57 24.39 56.45
CA GLU D 411 -3.01 23.14 55.96
C GLU D 411 -3.68 22.66 54.67
N LYS D 412 -2.85 22.44 53.65
CA LYS D 412 -3.30 21.89 52.39
C LYS D 412 -2.24 20.91 51.89
N SER D 413 -2.57 20.17 50.84
CA SER D 413 -1.59 19.33 50.18
C SER D 413 -1.85 19.24 48.69
N PHE D 414 -0.78 19.05 47.92
CA PHE D 414 -0.90 18.86 46.48
C PHE D 414 0.09 17.81 46.02
N THR D 415 -0.04 17.44 44.74
CA THR D 415 0.70 16.32 44.19
C THR D 415 1.50 16.81 42.99
N ILE D 416 2.75 16.35 42.90
CA ILE D 416 3.56 16.54 41.71
C ILE D 416 3.79 15.15 41.14
N LYS D 417 3.37 14.96 39.90
CA LYS D 417 3.33 13.64 39.29
C LYS D 417 3.83 13.69 37.85
N PRO D 418 4.74 12.79 37.49
CA PRO D 418 5.07 12.70 36.07
C PRO D 418 3.89 12.14 35.26
N VAL D 419 3.68 12.71 34.07
CA VAL D 419 2.57 12.28 33.24
C VAL D 419 2.78 10.82 32.87
N GLY D 420 1.75 10.00 33.11
CA GLY D 420 1.81 8.58 32.81
C GLY D 420 2.38 7.69 33.90
N PHE D 421 2.92 8.25 34.97
CA PHE D 421 3.51 7.42 36.04
C PHE D 421 2.47 7.07 37.10
N LYS D 422 2.67 5.93 37.77
CA LYS D 422 1.88 5.57 38.95
C LYS D 422 2.30 6.39 40.17
N ASP D 423 3.62 6.57 40.34
CA ASP D 423 4.17 7.19 41.55
C ASP D 423 4.16 8.72 41.47
N SER D 424 4.11 9.35 42.64
CA SER D 424 4.06 10.80 42.73
C SER D 424 4.74 11.34 43.99
N LEU D 425 4.88 12.66 44.03
CA LEU D 425 5.34 13.36 45.22
C LEU D 425 4.15 14.11 45.82
N ILE D 426 3.78 13.75 47.05
CA ILE D 426 2.77 14.47 47.80
C ILE D 426 3.47 15.54 48.63
N VAL D 427 3.06 16.79 48.45
CA VAL D 427 3.60 17.91 49.22
C VAL D 427 2.54 18.37 50.22
N GLN D 428 2.81 18.18 51.50
CA GLN D 428 1.92 18.63 52.56
C GLN D 428 2.38 20.02 52.99
N VAL D 429 1.57 21.04 52.69
CA VAL D 429 1.94 22.43 53.00
C VAL D 429 1.25 22.92 54.27
N THR D 430 2.05 23.51 55.16
CA THR D 430 1.55 24.20 56.35
C THR D 430 1.88 25.68 56.23
N PHE D 431 0.88 26.54 56.38
CA PHE D 431 1.07 27.98 56.28
C PHE D 431 1.29 28.57 57.68
N ASP D 432 2.50 29.09 57.89
CA ASP D 432 2.97 29.53 59.21
C ASP D 432 2.67 31.02 59.41
N CYS D 433 1.38 31.32 59.59
CA CYS D 433 0.90 32.69 59.67
C CYS D 433 0.79 33.19 61.10
N ASP D 434 0.69 32.25 62.03
CA ASP D 434 0.40 32.57 63.41
C ASP D 434 1.62 32.35 64.30
N CYS D 435 1.66 33.11 65.39
CA CYS D 435 2.72 32.99 66.38
C CYS D 435 2.28 31.96 67.43
N ALA D 436 3.24 31.23 67.97
CA ALA D 436 2.98 30.24 69.03
C ALA D 436 2.33 30.86 70.28
N CYS D 437 2.68 32.12 70.57
CA CYS D 437 2.14 32.82 71.75
C CYS D 437 0.64 33.11 71.68
N GLN D 438 0.04 33.01 70.50
CA GLN D 438 -1.41 33.20 70.34
C GLN D 438 -2.22 32.14 71.08
N ALA D 439 -1.66 30.95 71.24
CA ALA D 439 -2.33 29.85 71.94
C ALA D 439 -2.51 30.13 73.43
N GLN D 440 -1.60 30.92 74.01
CA GLN D 440 -1.72 31.34 75.42
C GLN D 440 -2.31 32.75 75.55
N ALA D 441 -2.94 33.25 74.48
CA ALA D 441 -3.61 34.54 74.51
C ALA D 441 -4.68 34.49 75.59
N GLU D 442 -4.86 35.60 76.30
CA GLU D 442 -5.77 35.66 77.42
C GLU D 442 -6.93 36.60 77.09
N PRO D 443 -8.11 36.04 76.80
CA PRO D 443 -9.26 36.88 76.48
C PRO D 443 -9.82 37.56 77.74
N ASN D 444 -10.51 38.69 77.54
CA ASN D 444 -11.13 39.44 78.65
C ASN D 444 -10.12 39.72 79.76
N SER D 445 -8.95 40.24 79.35
CA SER D 445 -7.82 40.40 80.25
C SER D 445 -7.96 41.65 81.10
N HIS D 446 -7.68 41.52 82.40
CA HIS D 446 -7.64 42.66 83.32
C HIS D 446 -6.62 43.73 82.86
N ARG D 447 -5.61 43.29 82.13
CA ARG D 447 -4.53 44.14 81.65
C ARG D 447 -4.95 45.06 80.50
N CYS D 448 -6.06 44.74 79.83
CA CYS D 448 -6.54 45.49 78.68
C CYS D 448 -7.89 46.18 78.92
N ASN D 449 -7.85 47.47 79.25
CA ASN D 449 -9.05 48.27 79.50
C ASN D 449 -9.95 47.68 80.60
N ASN D 450 -9.33 47.14 81.64
CA ASN D 450 -10.03 46.55 82.79
C ASN D 450 -10.96 45.37 82.43
N GLY D 451 -10.62 44.63 81.37
CA GLY D 451 -11.37 43.43 80.99
C GLY D 451 -11.96 43.40 79.57
N ASN D 452 -11.78 44.46 78.79
CA ASN D 452 -12.42 44.57 77.47
C ASN D 452 -11.69 43.80 76.38
N GLY D 453 -10.36 43.93 76.33
CA GLY D 453 -9.56 43.38 75.24
C GLY D 453 -8.91 42.05 75.53
N THR D 454 -8.12 41.58 74.57
CA THR D 454 -7.39 40.32 74.68
C THR D 454 -5.89 40.62 74.78
N PHE D 455 -5.23 40.02 75.76
CA PHE D 455 -3.78 40.14 75.92
C PHE D 455 -3.13 38.98 75.16
N GLU D 456 -2.49 39.29 74.04
CA GLU D 456 -1.78 38.26 73.28
C GLU D 456 -0.40 38.75 72.83
N CYS D 457 0.60 37.91 73.07
CA CYS D 457 1.96 38.17 72.64
C CYS D 457 2.49 39.51 73.14
N GLY D 458 2.13 39.85 74.38
CA GLY D 458 2.65 41.04 75.06
C GLY D 458 2.00 42.37 74.70
N VAL D 459 0.91 42.33 73.95
CA VAL D 459 0.15 43.54 73.63
C VAL D 459 -1.35 43.30 73.77
N CYS D 460 -2.09 44.41 73.84
CA CYS D 460 -3.53 44.38 73.99
C CYS D 460 -4.16 44.49 72.62
N ARG D 461 -4.99 43.52 72.27
CA ARG D 461 -5.76 43.50 71.01
C ARG D 461 -7.22 43.75 71.31
N CYS D 462 -7.92 44.38 70.37
CA CYS D 462 -9.35 44.61 70.55
C CYS D 462 -10.07 43.27 70.44
N GLY D 463 -11.05 43.03 71.31
CA GLY D 463 -11.74 41.75 71.39
C GLY D 463 -12.79 41.61 70.30
N PRO D 464 -13.36 40.40 70.15
CA PRO D 464 -14.39 40.19 69.13
C PRO D 464 -15.65 40.99 69.43
N GLY D 465 -16.21 41.62 68.41
CA GLY D 465 -17.44 42.40 68.56
C GLY D 465 -17.22 43.90 68.60
N TRP D 466 -15.96 44.32 68.58
CA TRP D 466 -15.62 45.75 68.58
C TRP D 466 -15.17 46.21 67.19
N LEU D 467 -15.17 47.52 66.98
CA LEU D 467 -14.70 48.13 65.74
C LEU D 467 -13.73 49.29 66.00
N GLY D 468 -12.85 49.55 65.02
CA GLY D 468 -11.87 50.62 65.12
C GLY D 468 -10.44 50.08 65.22
N SER D 469 -9.47 50.95 64.96
CA SER D 469 -8.04 50.59 65.07
C SER D 469 -7.55 50.70 66.52
N GLN D 470 -7.88 51.82 67.17
CA GLN D 470 -7.55 52.03 68.59
C GLN D 470 -8.78 51.90 69.50
N CYS D 471 -9.95 51.68 68.90
CA CYS D 471 -11.19 51.37 69.63
C CYS D 471 -11.55 52.45 70.63
N GLU E 1 -38.50 26.14 -25.67
CA GLU E 1 -39.38 25.35 -26.58
C GLU E 1 -38.60 24.18 -27.19
N VAL E 2 -38.90 22.97 -26.74
CA VAL E 2 -38.23 21.77 -27.23
C VAL E 2 -38.73 21.44 -28.64
N GLN E 3 -37.78 21.24 -29.55
CA GLN E 3 -38.11 20.95 -30.96
C GLN E 3 -36.98 20.12 -31.58
N LEU E 4 -37.37 19.04 -32.27
CA LEU E 4 -36.40 18.12 -32.88
C LEU E 4 -36.33 18.33 -34.39
N GLN E 5 -35.17 18.81 -34.86
CA GLN E 5 -34.98 19.14 -36.27
C GLN E 5 -34.12 18.10 -36.98
N GLN E 6 -34.78 17.22 -37.74
CA GLN E 6 -34.08 16.19 -38.49
C GLN E 6 -33.65 16.67 -39.88
N SER E 7 -32.80 15.90 -40.53
CA SER E 7 -32.26 16.25 -41.84
C SER E 7 -33.30 16.05 -42.94
N GLY E 8 -32.98 16.56 -44.13
CA GLY E 8 -33.88 16.47 -45.29
C GLY E 8 -33.99 15.07 -45.84
N ALA E 9 -34.92 14.89 -46.79
CA ALA E 9 -35.19 13.59 -47.38
C ALA E 9 -33.96 13.01 -48.07
N GLU E 10 -33.81 11.68 -47.99
CA GLU E 10 -32.67 10.97 -48.56
C GLU E 10 -33.08 9.98 -49.64
N LEU E 11 -32.23 9.84 -50.67
CA LEU E 11 -32.42 8.89 -51.75
C LEU E 11 -31.08 8.25 -52.10
N VAL E 12 -30.92 6.98 -51.77
CA VAL E 12 -29.65 6.26 -51.98
C VAL E 12 -29.85 4.89 -52.62
N LYS E 13 -28.78 4.37 -53.23
CA LYS E 13 -28.84 3.10 -53.93
C LYS E 13 -28.72 1.93 -52.95
N PRO E 14 -29.10 0.71 -53.38
CA PRO E 14 -28.99 -0.45 -52.49
C PRO E 14 -27.54 -0.91 -52.30
N GLY E 15 -27.15 -1.12 -51.05
CA GLY E 15 -25.78 -1.53 -50.72
C GLY E 15 -25.02 -0.51 -49.92
N ALA E 16 -25.27 0.77 -50.17
CA ALA E 16 -24.59 1.86 -49.47
C ALA E 16 -25.12 2.06 -48.05
N SER E 17 -24.48 2.97 -47.32
CA SER E 17 -24.92 3.36 -45.98
C SER E 17 -25.35 4.82 -45.95
N VAL E 18 -26.35 5.14 -45.13
CA VAL E 18 -26.86 6.51 -45.01
C VAL E 18 -27.00 6.89 -43.54
N LYS E 19 -26.69 8.15 -43.23
CA LYS E 19 -26.63 8.63 -41.85
C LYS E 19 -27.61 9.78 -41.62
N LEU E 20 -28.72 9.49 -40.96
CA LEU E 20 -29.75 10.49 -40.68
C LEU E 20 -29.37 11.32 -39.45
N SER E 21 -29.81 12.57 -39.42
CA SER E 21 -29.44 13.51 -38.36
C SER E 21 -30.68 13.98 -37.61
N CYS E 22 -30.49 14.34 -36.34
CA CYS E 22 -31.55 14.86 -35.47
C CYS E 22 -30.96 15.86 -34.48
N THR E 23 -31.20 17.16 -34.71
CA THR E 23 -30.60 18.23 -33.92
C THR E 23 -31.59 18.87 -32.92
N ALA E 24 -31.10 19.14 -31.71
CA ALA E 24 -31.93 19.66 -30.64
C ALA E 24 -31.95 21.20 -30.66
N SER E 25 -33.14 21.76 -30.83
CA SER E 25 -33.34 23.21 -30.78
C SER E 25 -34.05 23.56 -29.47
N GLY E 26 -33.41 24.40 -28.66
CA GLY E 26 -33.99 24.87 -27.40
C GLY E 26 -33.71 24.00 -26.19
N PHE E 27 -32.86 22.98 -26.35
CA PHE E 27 -32.44 22.13 -25.24
C PHE E 27 -31.18 21.35 -25.60
N ASN E 28 -30.48 20.85 -24.58
CA ASN E 28 -29.27 20.05 -24.78
C ASN E 28 -29.62 18.58 -25.01
N ILE E 29 -29.01 17.98 -26.04
CA ILE E 29 -29.27 16.58 -26.40
C ILE E 29 -28.88 15.61 -25.26
N LYS E 30 -27.97 16.03 -24.40
CA LYS E 30 -27.55 15.27 -23.21
C LYS E 30 -28.67 15.03 -22.18
N ASP E 31 -29.72 15.86 -22.22
CA ASP E 31 -30.78 15.82 -21.18
C ASP E 31 -31.47 14.47 -21.04
N THR E 32 -31.91 13.88 -22.15
CA THR E 32 -32.73 12.67 -22.11
C THR E 32 -32.25 11.57 -23.04
N TYR E 33 -32.88 10.40 -22.93
CA TYR E 33 -32.73 9.35 -23.93
C TYR E 33 -33.23 9.89 -25.25
N VAL E 34 -32.56 9.53 -26.33
CA VAL E 34 -33.04 9.82 -27.67
C VAL E 34 -33.25 8.49 -28.38
N HIS E 35 -34.48 8.26 -28.86
CA HIS E 35 -34.86 7.04 -29.54
C HIS E 35 -34.93 7.28 -31.04
N TRP E 36 -34.82 6.21 -31.82
CA TRP E 36 -35.11 6.27 -33.25
C TRP E 36 -36.25 5.32 -33.58
N VAL E 37 -37.21 5.78 -34.39
CA VAL E 37 -38.39 4.99 -34.75
C VAL E 37 -38.60 4.98 -36.26
N LYS E 38 -39.05 3.85 -36.79
CA LYS E 38 -39.23 3.64 -38.22
C LYS E 38 -40.70 3.43 -38.56
N GLN E 39 -41.20 4.16 -39.55
CA GLN E 39 -42.59 4.05 -39.97
C GLN E 39 -42.72 3.67 -41.44
N ARG E 40 -43.46 2.60 -41.71
CA ARG E 40 -43.87 2.23 -43.06
C ARG E 40 -45.40 2.17 -43.12
N PRO E 41 -46.00 2.46 -44.30
CA PRO E 41 -47.47 2.45 -44.48
C PRO E 41 -48.19 1.17 -44.07
N GLU E 42 -47.68 0.01 -44.50
CA GLU E 42 -48.34 -1.26 -44.24
C GLU E 42 -47.94 -1.85 -42.89
N GLN E 43 -46.63 -1.90 -42.62
CA GLN E 43 -46.10 -2.56 -41.43
C GLN E 43 -46.30 -1.70 -40.17
N GLY E 44 -46.17 -0.39 -40.32
CA GLY E 44 -46.47 0.54 -39.24
C GLY E 44 -45.22 1.02 -38.53
N LEU E 45 -45.38 1.39 -37.26
CA LEU E 45 -44.32 1.98 -36.46
C LEU E 45 -43.46 0.92 -35.78
N GLU E 46 -42.14 1.12 -35.83
CA GLU E 46 -41.19 0.19 -35.21
C GLU E 46 -40.06 0.94 -34.50
N TRP E 47 -39.88 0.61 -33.23
CA TRP E 47 -38.78 1.13 -32.43
C TRP E 47 -37.46 0.51 -32.88
N ILE E 48 -36.51 1.35 -33.25
CA ILE E 48 -35.19 0.89 -33.69
C ILE E 48 -34.24 0.73 -32.50
N GLY E 49 -34.18 1.77 -31.67
CA GLY E 49 -33.31 1.73 -30.50
C GLY E 49 -33.25 3.08 -29.80
N ARG E 50 -32.33 3.21 -28.85
CA ARG E 50 -32.13 4.47 -28.13
C ARG E 50 -30.66 4.67 -27.78
N ILE E 51 -30.31 5.92 -27.46
CA ILE E 51 -28.99 6.26 -26.98
C ILE E 51 -29.14 7.21 -25.80
N ASP E 52 -28.20 7.12 -24.86
CA ASP E 52 -28.06 8.12 -23.81
C ASP E 52 -26.86 8.98 -24.21
N PRO E 53 -27.11 10.17 -24.77
CA PRO E 53 -26.02 11.01 -25.29
C PRO E 53 -25.03 11.50 -24.23
N ALA E 54 -25.43 11.46 -22.96
CA ALA E 54 -24.53 11.79 -21.87
C ALA E 54 -23.31 10.88 -21.84
N ASN E 55 -23.52 9.60 -22.16
CA ASN E 55 -22.45 8.60 -22.11
C ASN E 55 -22.32 7.71 -23.35
N GLY E 56 -23.28 7.81 -24.27
CA GLY E 56 -23.23 7.05 -25.52
C GLY E 56 -23.70 5.60 -25.46
N TYR E 57 -24.13 5.13 -24.28
CA TYR E 57 -24.64 3.76 -24.15
C TYR E 57 -25.94 3.57 -24.95
N THR E 58 -26.08 2.41 -25.60
CA THR E 58 -27.18 2.18 -26.54
C THR E 58 -27.97 0.89 -26.28
N LYS E 59 -29.21 0.89 -26.75
CA LYS E 59 -30.08 -0.30 -26.73
C LYS E 59 -30.79 -0.42 -28.08
N TYR E 60 -30.95 -1.66 -28.57
CA TYR E 60 -31.59 -1.90 -29.86
C TYR E 60 -32.62 -3.04 -29.81
N ASP E 61 -33.60 -2.98 -30.70
CA ASP E 61 -34.42 -4.15 -31.02
C ASP E 61 -33.51 -5.08 -31.82
N PRO E 62 -33.40 -6.36 -31.40
CA PRO E 62 -32.50 -7.30 -32.11
C PRO E 62 -32.81 -7.48 -33.61
N LYS E 63 -33.98 -7.02 -34.04
CA LYS E 63 -34.34 -7.00 -35.47
C LYS E 63 -33.42 -6.09 -36.29
N PHE E 64 -32.99 -4.98 -35.69
CA PHE E 64 -32.15 -4.00 -36.39
C PHE E 64 -30.67 -4.12 -36.06
N GLN E 65 -30.26 -5.17 -35.35
CA GLN E 65 -28.88 -5.29 -34.90
C GLN E 65 -27.97 -5.70 -36.05
N GLY E 66 -26.92 -4.90 -36.26
CA GLY E 66 -26.03 -5.07 -37.41
C GLY E 66 -26.38 -4.12 -38.54
N LYS E 67 -27.62 -3.63 -38.54
CA LYS E 67 -28.07 -2.65 -39.53
C LYS E 67 -27.94 -1.26 -38.96
N ALA E 68 -28.55 -1.04 -37.79
CA ALA E 68 -28.63 0.28 -37.19
C ALA E 68 -27.50 0.51 -36.18
N THR E 69 -26.82 1.64 -36.34
CA THR E 69 -25.83 2.11 -35.38
C THR E 69 -26.21 3.52 -34.98
N ILE E 70 -26.69 3.67 -33.74
CA ILE E 70 -27.06 4.98 -33.20
C ILE E 70 -25.88 5.58 -32.46
N THR E 71 -25.51 6.80 -32.83
CA THR E 71 -24.41 7.52 -32.17
C THR E 71 -24.85 8.94 -31.82
N ALA E 72 -24.06 9.61 -30.99
CA ALA E 72 -24.38 10.96 -30.54
C ALA E 72 -23.15 11.85 -30.55
N ASP E 73 -23.37 13.15 -30.36
CA ASP E 73 -22.30 14.13 -30.32
C ASP E 73 -22.80 15.38 -29.60
N THR E 74 -22.37 15.54 -28.35
CA THR E 74 -22.81 16.65 -27.50
C THR E 74 -22.35 18.02 -28.00
N SER E 75 -21.19 18.06 -28.66
CA SER E 75 -20.67 19.31 -29.21
C SER E 75 -21.59 19.88 -30.30
N SER E 76 -22.02 19.02 -31.22
CA SER E 76 -22.94 19.41 -32.29
C SER E 76 -24.41 19.34 -31.86
N ASN E 77 -24.66 18.76 -30.68
CA ASN E 77 -26.00 18.70 -30.09
C ASN E 77 -26.97 17.92 -30.99
N THR E 78 -26.50 16.80 -31.51
CA THR E 78 -27.23 16.06 -32.54
C THR E 78 -27.07 14.56 -32.38
N ALA E 79 -28.18 13.83 -32.53
CA ALA E 79 -28.19 12.38 -32.53
C ALA E 79 -28.24 11.85 -33.96
N TYR E 80 -27.56 10.75 -34.22
CA TYR E 80 -27.47 10.18 -35.57
C TYR E 80 -28.01 8.75 -35.61
N LEU E 81 -28.44 8.33 -36.80
CA LEU E 81 -28.84 6.94 -37.06
C LEU E 81 -28.23 6.51 -38.39
N GLN E 82 -27.30 5.56 -38.33
CA GLN E 82 -26.62 5.06 -39.53
C GLN E 82 -27.22 3.72 -39.98
N LEU E 83 -27.81 3.72 -41.17
CA LEU E 83 -28.37 2.51 -41.77
C LEU E 83 -27.43 1.95 -42.83
N SER E 84 -26.82 0.81 -42.54
CA SER E 84 -25.84 0.20 -43.43
C SER E 84 -26.42 -1.02 -44.17
N SER E 85 -25.86 -1.29 -45.35
CA SER E 85 -26.26 -2.42 -46.19
C SER E 85 -27.76 -2.38 -46.50
N LEU E 86 -28.16 -1.41 -47.33
CA LEU E 86 -29.58 -1.10 -47.50
C LEU E 86 -30.33 -2.02 -48.46
N THR E 87 -31.58 -2.31 -48.11
CA THR E 87 -32.50 -3.03 -48.98
C THR E 87 -33.74 -2.17 -49.22
N SER E 88 -34.57 -2.58 -50.16
CA SER E 88 -35.83 -1.92 -50.47
C SER E 88 -36.74 -1.83 -49.24
N GLU E 89 -36.68 -2.84 -48.38
CA GLU E 89 -37.51 -2.90 -47.19
C GLU E 89 -37.16 -1.81 -46.16
N ASP E 90 -35.96 -1.26 -46.26
CA ASP E 90 -35.52 -0.14 -45.42
C ASP E 90 -36.13 1.20 -45.85
N THR E 91 -36.84 1.23 -46.98
CA THR E 91 -37.56 2.42 -47.44
C THR E 91 -38.70 2.77 -46.47
N ALA E 92 -38.52 3.84 -45.70
CA ALA E 92 -39.51 4.26 -44.69
C ALA E 92 -39.26 5.70 -44.25
N VAL E 93 -40.10 6.17 -43.31
CA VAL E 93 -39.89 7.46 -42.65
C VAL E 93 -39.34 7.20 -41.25
N TYR E 94 -38.20 7.83 -40.94
CA TYR E 94 -37.52 7.62 -39.66
C TYR E 94 -37.66 8.84 -38.74
N TYR E 95 -37.98 8.59 -37.47
CA TYR E 95 -38.20 9.64 -36.48
C TYR E 95 -37.28 9.52 -35.28
N CYS E 96 -36.76 10.64 -34.78
CA CYS E 96 -36.10 10.68 -33.49
C CYS E 96 -37.12 11.16 -32.44
N VAL E 97 -37.11 10.52 -31.27
CA VAL E 97 -38.06 10.79 -30.20
C VAL E 97 -37.36 10.97 -28.88
N ARG E 98 -37.94 11.80 -27.99
CA ARG E 98 -37.49 11.91 -26.60
C ARG E 98 -38.68 12.15 -25.66
N PRO E 99 -38.51 11.83 -24.36
CA PRO E 99 -39.57 12.05 -23.40
C PRO E 99 -39.73 13.51 -22.98
N LEU E 100 -40.89 13.83 -22.44
CA LEU E 100 -41.12 15.14 -21.82
C LEU E 100 -40.56 15.08 -20.40
N TYR E 101 -41.27 14.39 -19.50
CA TYR E 101 -40.86 14.28 -18.10
C TYR E 101 -40.38 12.87 -17.81
N ASP E 102 -41.29 11.91 -17.97
CA ASP E 102 -41.01 10.50 -17.68
C ASP E 102 -39.80 10.03 -18.47
N TYR E 103 -38.76 9.58 -17.77
CA TYR E 103 -37.52 9.11 -18.39
C TYR E 103 -37.77 8.17 -19.57
N TYR E 104 -38.77 7.30 -19.44
CA TYR E 104 -38.98 6.21 -20.38
C TYR E 104 -40.01 6.47 -21.49
N ALA E 105 -40.67 7.63 -21.45
CA ALA E 105 -41.78 7.92 -22.38
C ALA E 105 -41.30 8.40 -23.76
N MET E 106 -42.27 8.59 -24.67
CA MET E 106 -42.01 8.92 -26.07
C MET E 106 -42.90 10.09 -26.51
N ASP E 107 -42.55 11.29 -26.06
CA ASP E 107 -43.47 12.43 -26.09
C ASP E 107 -43.21 13.47 -27.18
N TYR E 108 -41.94 13.80 -27.41
CA TYR E 108 -41.55 14.77 -28.44
C TYR E 108 -40.98 14.02 -29.65
N TRP E 109 -41.45 14.37 -30.85
CA TRP E 109 -41.00 13.72 -32.09
C TRP E 109 -40.49 14.72 -33.11
N GLY E 110 -39.45 14.34 -33.85
CA GLY E 110 -38.97 15.19 -34.95
C GLY E 110 -39.94 15.16 -36.10
N GLN E 111 -39.67 15.97 -37.13
CA GLN E 111 -40.57 16.05 -38.29
C GLN E 111 -40.44 14.85 -39.22
N GLY E 112 -39.39 14.05 -39.02
CA GLY E 112 -39.19 12.82 -39.78
C GLY E 112 -38.37 13.03 -41.03
N THR E 113 -37.49 12.08 -41.31
CA THR E 113 -36.64 12.10 -42.51
C THR E 113 -37.01 10.95 -43.45
N SER E 114 -37.47 11.30 -44.65
CA SER E 114 -37.86 10.30 -45.64
C SER E 114 -36.63 9.64 -46.24
N VAL E 115 -36.66 8.32 -46.35
CA VAL E 115 -35.59 7.55 -46.98
C VAL E 115 -36.20 6.58 -48.00
N THR E 116 -35.65 6.63 -49.22
CA THR E 116 -36.09 5.74 -50.31
C THR E 116 -34.89 5.02 -50.91
N VAL E 117 -34.94 3.69 -50.91
CA VAL E 117 -33.90 2.84 -51.50
C VAL E 117 -34.38 2.32 -52.85
N SER E 118 -33.57 2.53 -53.89
CA SER E 118 -33.95 2.16 -55.26
C SER E 118 -32.74 2.10 -56.19
N SER E 119 -32.76 1.15 -57.13
CA SER E 119 -31.70 1.03 -58.15
C SER E 119 -31.93 1.97 -59.33
N ALA E 120 -33.11 2.59 -59.39
CA ALA E 120 -33.51 3.44 -60.52
C ALA E 120 -32.56 4.60 -60.78
N LYS E 121 -32.61 5.13 -62.01
CA LYS E 121 -31.85 6.31 -62.41
C LYS E 121 -32.81 7.50 -62.50
N THR E 122 -32.24 8.71 -62.56
CA THR E 122 -33.06 9.91 -62.69
C THR E 122 -33.74 9.98 -64.06
N THR E 123 -34.93 9.40 -64.15
CA THR E 123 -35.66 9.26 -65.44
C THR E 123 -36.86 10.21 -65.51
N ALA E 124 -37.05 10.83 -66.67
CA ALA E 124 -38.17 11.75 -66.90
C ALA E 124 -39.48 10.96 -67.14
N PRO E 125 -40.63 11.59 -66.84
CA PRO E 125 -41.93 10.92 -66.99
C PRO E 125 -42.41 10.79 -68.44
N SER E 126 -43.36 9.89 -68.65
CA SER E 126 -44.04 9.71 -69.94
C SER E 126 -45.52 10.05 -69.78
N VAL E 127 -45.94 11.19 -70.33
CA VAL E 127 -47.32 11.66 -70.19
C VAL E 127 -48.21 11.11 -71.32
N TYR E 128 -49.33 10.50 -70.93
CA TYR E 128 -50.31 9.94 -71.88
C TYR E 128 -51.71 10.48 -71.59
N PRO E 129 -52.32 11.19 -72.57
CA PRO E 129 -53.68 11.68 -72.40
C PRO E 129 -54.72 10.56 -72.56
N LEU E 130 -55.79 10.61 -71.76
CA LEU E 130 -56.84 9.58 -71.79
C LEU E 130 -58.22 10.20 -72.01
N ALA E 131 -58.76 10.02 -73.21
CA ALA E 131 -60.12 10.45 -73.55
C ALA E 131 -61.08 9.25 -73.46
N PRO E 132 -62.38 9.50 -73.23
CA PRO E 132 -63.35 8.42 -73.02
C PRO E 132 -63.68 7.61 -74.28
N VAL E 133 -64.39 6.51 -74.10
CA VAL E 133 -64.74 5.60 -75.20
C VAL E 133 -65.86 6.21 -76.07
N CYS E 134 -65.84 5.86 -77.35
CA CYS E 134 -66.82 6.37 -78.32
C CYS E 134 -68.26 6.16 -77.87
N SER E 140 -74.66 14.74 -69.29
CA SER E 140 -74.58 15.83 -68.32
C SER E 140 -73.13 16.18 -68.00
N SER E 141 -72.30 15.17 -67.74
CA SER E 141 -70.89 15.37 -67.43
C SER E 141 -70.02 14.20 -67.89
N VAL E 142 -68.77 14.50 -68.23
CA VAL E 142 -67.83 13.49 -68.75
C VAL E 142 -66.47 13.59 -68.05
N THR E 143 -65.80 12.44 -67.91
CA THR E 143 -64.51 12.35 -67.23
C THR E 143 -63.35 12.24 -68.22
N LEU E 144 -62.31 13.04 -68.01
CA LEU E 144 -61.07 12.97 -68.81
C LEU E 144 -59.92 12.51 -67.93
N GLY E 145 -58.91 11.89 -68.53
CA GLY E 145 -57.80 11.30 -67.78
C GLY E 145 -56.41 11.66 -68.27
N CYS E 146 -55.43 11.43 -67.40
CA CYS E 146 -54.02 11.65 -67.70
C CYS E 146 -53.19 10.60 -66.94
N LEU E 147 -52.14 10.08 -67.58
CA LEU E 147 -51.32 9.02 -66.99
C LEU E 147 -49.85 9.37 -67.11
N VAL E 148 -49.11 9.29 -66.00
CA VAL E 148 -47.68 9.60 -65.97
C VAL E 148 -46.91 8.37 -65.49
N LYS E 149 -46.21 7.72 -66.41
CA LYS E 149 -45.51 6.46 -66.11
C LYS E 149 -44.00 6.61 -66.17
N GLY E 150 -43.30 5.77 -65.41
CA GLY E 150 -41.85 5.60 -65.51
C GLY E 150 -41.04 6.85 -65.21
N TYR E 151 -41.18 7.37 -64.00
CA TYR E 151 -40.38 8.52 -63.56
C TYR E 151 -39.70 8.25 -62.21
N PHE E 152 -38.57 8.92 -62.00
CA PHE E 152 -37.81 8.80 -60.77
C PHE E 152 -36.81 9.95 -60.67
N PRO E 153 -36.67 10.57 -59.48
CA PRO E 153 -37.42 10.37 -58.25
C PRO E 153 -38.68 11.25 -58.17
N GLU E 154 -39.38 11.18 -57.04
CA GLU E 154 -40.53 12.06 -56.77
C GLU E 154 -40.05 13.43 -56.27
N PRO E 155 -40.94 14.45 -56.28
CA PRO E 155 -42.35 14.44 -56.70
C PRO E 155 -42.59 14.99 -58.11
N VAL E 156 -43.88 15.07 -58.48
CA VAL E 156 -44.31 15.69 -59.73
C VAL E 156 -45.51 16.61 -59.47
N THR E 157 -45.68 17.62 -60.34
CA THR E 157 -46.81 18.54 -60.25
C THR E 157 -47.71 18.36 -61.47
N LEU E 158 -48.94 17.92 -61.22
CA LEU E 158 -49.94 17.71 -62.27
C LEU E 158 -51.06 18.74 -62.15
N THR E 159 -51.27 19.51 -63.21
CA THR E 159 -52.37 20.46 -63.29
C THR E 159 -53.08 20.33 -64.65
N TRP E 160 -54.32 20.79 -64.72
CA TRP E 160 -55.09 20.80 -65.96
C TRP E 160 -55.26 22.25 -66.43
N ASN E 161 -54.86 22.52 -67.68
CA ASN E 161 -54.82 23.88 -68.23
C ASN E 161 -54.00 24.86 -67.37
N SER E 162 -52.85 24.37 -66.89
CA SER E 162 -51.88 25.15 -66.11
C SER E 162 -52.40 25.63 -64.74
N GLY E 163 -53.29 24.85 -64.13
CA GLY E 163 -53.83 25.15 -62.80
C GLY E 163 -55.18 25.83 -62.81
N SER E 164 -55.75 26.05 -64.00
CA SER E 164 -57.05 26.70 -64.14
C SER E 164 -58.14 25.85 -63.51
N LEU E 165 -58.33 24.65 -64.03
CA LEU E 165 -59.37 23.73 -63.56
C LEU E 165 -58.85 22.96 -62.34
N SER E 166 -59.40 23.27 -61.16
CA SER E 166 -58.99 22.62 -59.90
C SER E 166 -60.16 21.96 -59.19
N SER E 167 -61.30 22.64 -59.10
CA SER E 167 -62.49 22.09 -58.46
C SER E 167 -63.07 20.93 -59.28
N GLY E 168 -63.09 19.74 -58.68
CA GLY E 168 -63.55 18.52 -59.36
C GLY E 168 -62.42 17.74 -60.01
N VAL E 169 -61.24 17.77 -59.40
CA VAL E 169 -60.05 17.10 -59.93
C VAL E 169 -59.38 16.24 -58.87
N HIS E 170 -59.42 14.91 -59.08
CA HIS E 170 -58.81 13.97 -58.14
C HIS E 170 -57.47 13.46 -58.70
N THR E 171 -56.37 13.94 -58.12
CA THR E 171 -55.03 13.47 -58.46
C THR E 171 -54.57 12.43 -57.45
N PHE E 172 -54.04 11.31 -57.93
CA PHE E 172 -53.74 10.15 -57.08
C PHE E 172 -52.27 10.08 -56.63
N PRO E 173 -52.03 9.53 -55.42
CA PRO E 173 -50.64 9.34 -54.96
C PRO E 173 -49.85 8.38 -55.84
N ALA E 174 -48.56 8.64 -55.98
CA ALA E 174 -47.67 7.82 -56.81
C ALA E 174 -47.51 6.42 -56.24
N VAL E 175 -47.33 5.44 -57.12
CA VAL E 175 -47.09 4.05 -56.72
C VAL E 175 -45.87 3.50 -57.46
N LEU E 176 -45.08 2.68 -56.77
CA LEU E 176 -43.83 2.12 -57.33
C LEU E 176 -44.11 0.92 -58.25
N GLN E 177 -43.60 1.00 -59.48
CA GLN E 177 -43.69 -0.09 -60.46
C GLN E 177 -42.27 -0.47 -60.90
N SER E 178 -41.69 -1.44 -60.20
CA SER E 178 -40.34 -1.94 -60.48
C SER E 178 -39.30 -0.82 -60.61
N ASP E 179 -38.98 -0.19 -59.47
CA ASP E 179 -38.00 0.89 -59.38
C ASP E 179 -38.37 2.17 -60.14
N LEU E 180 -39.65 2.33 -60.49
CA LEU E 180 -40.12 3.52 -61.21
C LEU E 180 -41.56 3.84 -60.81
N TYR E 181 -41.87 5.12 -60.64
CA TYR E 181 -43.18 5.56 -60.13
C TYR E 181 -44.23 5.74 -61.24
N THR E 182 -45.50 5.50 -60.89
CA THR E 182 -46.64 5.71 -61.78
C THR E 182 -47.71 6.55 -61.08
N LEU E 183 -48.23 7.55 -61.79
CA LEU E 183 -49.22 8.49 -61.23
C LEU E 183 -50.35 8.72 -62.22
N SER E 184 -51.54 9.03 -61.70
CA SER E 184 -52.73 9.29 -62.51
C SER E 184 -53.56 10.45 -61.96
N SER E 185 -54.44 10.99 -62.81
CA SER E 185 -55.37 12.05 -62.44
C SER E 185 -56.64 11.99 -63.27
N SER E 186 -57.76 12.42 -62.67
CA SER E 186 -59.05 12.44 -63.35
C SER E 186 -59.77 13.77 -63.08
N VAL E 187 -60.35 14.34 -64.13
CA VAL E 187 -61.11 15.60 -64.03
C VAL E 187 -62.48 15.44 -64.66
N THR E 188 -63.51 15.95 -63.97
CA THR E 188 -64.89 15.90 -64.45
C THR E 188 -65.40 17.29 -64.79
N VAL E 189 -65.84 17.46 -66.04
CA VAL E 189 -66.46 18.70 -66.51
C VAL E 189 -67.77 18.36 -67.21
N THR E 190 -68.63 19.37 -67.39
CA THR E 190 -69.92 19.18 -68.05
C THR E 190 -69.75 18.85 -69.54
N SER E 191 -70.78 18.25 -70.13
CA SER E 191 -70.74 17.84 -71.55
C SER E 191 -70.64 19.01 -72.53
N SER E 192 -71.08 20.19 -72.11
CA SER E 192 -70.96 21.40 -72.91
C SER E 192 -69.51 21.95 -72.93
N THR E 193 -68.73 21.61 -71.91
CA THR E 193 -67.33 22.06 -71.81
C THR E 193 -66.42 21.28 -72.76
N TRP E 194 -66.61 19.95 -72.83
CA TRP E 194 -65.77 19.07 -73.64
C TRP E 194 -66.65 18.11 -74.46
N PRO E 195 -66.31 17.88 -75.75
CA PRO E 195 -65.16 18.37 -76.50
C PRO E 195 -65.46 19.62 -77.35
N SER E 196 -65.54 20.79 -76.69
CA SER E 196 -65.63 22.07 -77.39
C SER E 196 -64.66 23.11 -76.82
N GLN E 197 -63.69 22.66 -76.01
CA GLN E 197 -62.67 23.52 -75.43
C GLN E 197 -61.35 22.75 -75.36
N SER E 198 -60.24 23.44 -75.63
CA SER E 198 -58.91 22.80 -75.61
C SER E 198 -58.41 22.57 -74.18
N ILE E 199 -58.53 21.33 -73.72
CA ILE E 199 -58.12 20.94 -72.36
C ILE E 199 -56.79 20.15 -72.38
N THR E 200 -55.77 20.70 -71.73
CA THR E 200 -54.41 20.13 -71.76
C THR E 200 -53.93 19.73 -70.35
N CYS E 201 -53.50 18.47 -70.21
CA CYS E 201 -52.88 17.97 -68.97
C CYS E 201 -51.44 18.50 -68.88
N ASN E 202 -51.12 19.19 -67.79
CA ASN E 202 -49.80 19.80 -67.62
C ASN E 202 -48.97 19.10 -66.55
N VAL E 203 -47.99 18.30 -66.99
CA VAL E 203 -47.12 17.57 -66.09
C VAL E 203 -45.73 18.22 -66.02
N ALA E 204 -45.19 18.35 -64.80
CA ALA E 204 -43.86 18.96 -64.60
C ALA E 204 -43.05 18.13 -63.60
N HIS E 205 -41.80 17.85 -63.96
CA HIS E 205 -40.90 17.02 -63.15
C HIS E 205 -39.60 17.78 -62.82
N PRO E 206 -39.55 18.43 -61.64
CA PRO E 206 -38.39 19.24 -61.22
C PRO E 206 -37.03 18.52 -61.22
N ALA E 207 -37.02 17.20 -61.08
CA ALA E 207 -35.76 16.44 -61.04
C ALA E 207 -34.94 16.62 -62.31
N SER E 208 -35.57 16.44 -63.46
CA SER E 208 -34.91 16.57 -64.76
C SER E 208 -35.31 17.85 -65.51
N SER E 209 -35.92 18.80 -64.80
CA SER E 209 -36.34 20.09 -65.36
C SER E 209 -37.26 20.00 -66.58
N THR E 210 -37.99 18.88 -66.71
CA THR E 210 -38.81 18.63 -67.90
C THR E 210 -40.28 19.03 -67.68
N LYS E 211 -40.90 19.57 -68.73
CA LYS E 211 -42.26 20.11 -68.66
C LYS E 211 -43.08 19.70 -69.89
N VAL E 212 -43.13 18.40 -70.17
CA VAL E 212 -43.90 17.88 -71.31
C VAL E 212 -45.39 17.81 -70.95
N ASP E 213 -46.23 18.41 -71.79
CA ASP E 213 -47.69 18.41 -71.60
C ASP E 213 -48.42 17.88 -72.83
N LYS E 214 -49.63 17.37 -72.63
CA LYS E 214 -50.39 16.67 -73.69
C LYS E 214 -51.82 17.20 -73.86
N LYS E 215 -52.21 17.38 -75.11
CA LYS E 215 -53.55 17.85 -75.48
C LYS E 215 -54.49 16.65 -75.62
N ILE E 216 -55.61 16.66 -74.89
CA ILE E 216 -56.57 15.55 -74.90
C ILE E 216 -57.45 15.57 -76.16
N GLU E 217 -57.33 14.53 -76.98
CA GLU E 217 -58.09 14.41 -78.23
C GLU E 217 -59.20 13.37 -78.09
N PRO E 218 -60.36 13.60 -78.72
CA PRO E 218 -61.42 12.59 -78.73
C PRO E 218 -61.12 11.46 -79.72
N ARG E 219 -61.41 10.23 -79.32
CA ARG E 219 -61.08 9.06 -80.14
C ARG E 219 -62.09 8.86 -81.27
N ASP F 1 -41.03 -10.24 -27.50
CA ASP F 1 -41.53 -8.83 -27.52
C ASP F 1 -43.01 -8.80 -27.15
N ILE F 2 -43.51 -7.64 -26.75
CA ILE F 2 -44.91 -7.49 -26.36
C ILE F 2 -45.76 -7.03 -27.54
N LEU F 3 -46.90 -7.67 -27.74
CA LEU F 3 -47.80 -7.36 -28.85
C LEU F 3 -48.90 -6.40 -28.39
N MET F 4 -48.98 -5.24 -29.03
CA MET F 4 -50.02 -4.26 -28.73
C MET F 4 -51.08 -4.33 -29.82
N THR F 5 -52.29 -4.76 -29.46
CA THR F 5 -53.38 -4.93 -30.41
C THR F 5 -54.35 -3.76 -30.26
N GLN F 6 -54.34 -2.86 -31.25
CA GLN F 6 -55.16 -1.66 -31.20
C GLN F 6 -56.46 -1.83 -31.98
N SER F 7 -57.59 -1.56 -31.32
CA SER F 7 -58.92 -1.65 -31.95
C SER F 7 -59.80 -0.44 -31.60
N PRO F 8 -60.72 -0.05 -32.51
CA PRO F 8 -60.85 -0.53 -33.88
C PRO F 8 -59.80 0.15 -34.76
N SER F 9 -59.48 -0.48 -35.89
CA SER F 9 -58.45 0.05 -36.80
C SER F 9 -58.93 1.27 -37.59
N SER F 10 -60.26 1.46 -37.63
CA SER F 10 -60.85 2.68 -38.19
C SER F 10 -62.29 2.85 -37.70
N MET F 11 -62.72 4.09 -37.55
CA MET F 11 -64.10 4.40 -37.17
C MET F 11 -64.60 5.64 -37.89
N SER F 12 -65.86 5.60 -38.32
CA SER F 12 -66.49 6.72 -39.02
C SER F 12 -67.37 7.50 -38.05
N VAL F 13 -66.96 8.74 -37.75
CA VAL F 13 -67.65 9.56 -36.75
C VAL F 13 -67.74 11.02 -37.16
N SER F 14 -68.65 11.75 -36.52
CA SER F 14 -68.91 13.16 -36.81
C SER F 14 -68.35 14.06 -35.71
N LEU F 15 -68.43 15.38 -35.93
CA LEU F 15 -68.02 16.37 -34.95
C LEU F 15 -68.91 16.33 -33.70
N GLY F 16 -68.29 16.47 -32.53
CA GLY F 16 -69.01 16.49 -31.26
C GLY F 16 -69.29 15.13 -30.65
N ASP F 17 -68.77 14.07 -31.26
CA ASP F 17 -68.95 12.71 -30.74
C ASP F 17 -67.92 12.38 -29.65
N THR F 18 -68.31 11.52 -28.73
CA THR F 18 -67.38 10.95 -27.74
C THR F 18 -67.04 9.53 -28.17
N VAL F 19 -65.77 9.31 -28.52
CA VAL F 19 -65.32 8.02 -29.03
C VAL F 19 -64.12 7.49 -28.22
N SER F 20 -63.96 6.18 -28.20
CA SER F 20 -62.88 5.53 -27.46
C SER F 20 -62.04 4.60 -28.34
N ILE F 21 -60.72 4.65 -28.15
CA ILE F 21 -59.79 3.75 -28.82
C ILE F 21 -59.14 2.86 -27.77
N THR F 22 -59.31 1.54 -27.91
CA THR F 22 -58.71 0.60 -26.97
C THR F 22 -57.38 0.06 -27.50
N CYS F 23 -56.53 -0.37 -26.57
CA CYS F 23 -55.26 -0.99 -26.89
C CYS F 23 -55.08 -2.18 -25.93
N HIS F 24 -54.91 -3.38 -26.47
CA HIS F 24 -54.70 -4.60 -25.66
C HIS F 24 -53.25 -5.05 -25.77
N ALA F 25 -52.58 -5.20 -24.63
CA ALA F 25 -51.22 -5.74 -24.59
C ALA F 25 -51.28 -7.23 -24.30
N SER F 26 -50.32 -7.97 -24.85
CA SER F 26 -50.23 -9.42 -24.62
C SER F 26 -49.91 -9.78 -23.16
N GLN F 27 -49.46 -8.80 -22.38
CA GLN F 27 -49.28 -8.97 -20.92
C GLN F 27 -49.49 -7.64 -20.21
N GLY F 28 -49.59 -7.68 -18.89
CA GLY F 28 -49.76 -6.45 -18.11
C GLY F 28 -48.58 -5.50 -18.27
N ILE F 29 -48.88 -4.23 -18.54
CA ILE F 29 -47.84 -3.21 -18.73
C ILE F 29 -47.91 -2.08 -17.69
N SER F 30 -48.73 -2.27 -16.65
CA SER F 30 -48.77 -1.38 -15.48
C SER F 30 -48.76 0.11 -15.84
N SER F 31 -49.66 0.48 -16.75
CA SER F 31 -49.86 1.87 -17.18
C SER F 31 -48.65 2.49 -17.89
N ASN F 32 -47.68 1.67 -18.27
CA ASN F 32 -46.53 2.16 -19.03
C ASN F 32 -46.88 2.19 -20.51
N ILE F 33 -47.77 3.11 -20.84
CA ILE F 33 -48.34 3.24 -22.17
C ILE F 33 -48.43 4.71 -22.53
N GLY F 34 -48.13 5.04 -23.77
CA GLY F 34 -48.28 6.39 -24.28
C GLY F 34 -49.26 6.40 -25.44
N TRP F 35 -49.83 7.57 -25.71
CA TRP F 35 -50.71 7.74 -26.86
C TRP F 35 -50.21 8.86 -27.77
N LEU F 36 -50.32 8.63 -29.08
CA LEU F 36 -49.71 9.48 -30.09
C LEU F 36 -50.74 9.89 -31.12
N GLN F 37 -50.56 11.07 -31.71
CA GLN F 37 -51.42 11.55 -32.78
C GLN F 37 -50.57 11.92 -33.99
N GLN F 38 -50.98 11.46 -35.17
CA GLN F 38 -50.35 11.88 -36.43
C GLN F 38 -51.43 12.43 -37.35
N LYS F 39 -51.35 13.74 -37.60
CA LYS F 39 -52.27 14.41 -38.51
C LYS F 39 -51.86 14.10 -39.95
N PRO F 40 -52.80 14.19 -40.91
CA PRO F 40 -52.48 13.87 -42.29
C PRO F 40 -51.28 14.67 -42.82
N GLY F 41 -50.26 13.97 -43.32
CA GLY F 41 -49.05 14.61 -43.85
C GLY F 41 -48.03 15.02 -42.80
N LYS F 42 -48.53 15.47 -41.63
CA LYS F 42 -47.68 16.00 -40.57
C LYS F 42 -47.03 14.88 -39.75
N SER F 43 -46.22 15.27 -38.76
CA SER F 43 -45.53 14.33 -37.90
C SER F 43 -46.35 13.96 -36.66
N PHE F 44 -45.69 13.36 -35.67
CA PHE F 44 -46.33 12.91 -34.43
C PHE F 44 -46.31 13.95 -33.33
N MET F 45 -47.36 13.94 -32.51
CA MET F 45 -47.42 14.73 -31.28
C MET F 45 -47.86 13.81 -30.14
N GLY F 46 -47.18 13.89 -29.00
CA GLY F 46 -47.55 13.08 -27.84
C GLY F 46 -48.82 13.59 -27.18
N LEU F 47 -49.69 12.67 -26.76
CA LEU F 47 -50.94 13.01 -26.10
C LEU F 47 -50.95 12.61 -24.63
N ILE F 48 -50.65 11.34 -24.36
CA ILE F 48 -50.72 10.79 -23.00
C ILE F 48 -49.39 10.11 -22.69
N TYR F 49 -48.93 10.23 -21.46
CA TYR F 49 -47.83 9.40 -20.97
C TYR F 49 -48.22 8.77 -19.65
N TYR F 50 -47.69 7.57 -19.41
CA TYR F 50 -47.99 6.79 -18.20
C TYR F 50 -49.50 6.66 -17.97
N GLY F 51 -50.22 6.32 -19.04
CA GLY F 51 -51.63 5.94 -18.94
C GLY F 51 -52.65 7.06 -18.92
N THR F 52 -52.47 8.03 -18.01
CA THR F 52 -53.50 9.04 -17.75
C THR F 52 -53.01 10.48 -17.87
N ASN F 53 -51.71 10.70 -17.93
CA ASN F 53 -51.16 12.05 -17.83
C ASN F 53 -51.06 12.73 -19.18
N LEU F 54 -51.76 13.86 -19.32
CA LEU F 54 -51.71 14.64 -20.56
C LEU F 54 -50.33 15.27 -20.73
N VAL F 55 -49.79 15.16 -21.95
CA VAL F 55 -48.59 15.90 -22.34
C VAL F 55 -48.93 17.39 -22.32
N ASP F 56 -47.98 18.22 -21.92
CA ASP F 56 -48.23 19.67 -21.87
C ASP F 56 -48.65 20.19 -23.23
N GLY F 57 -49.72 20.98 -23.26
CA GLY F 57 -50.25 21.55 -24.51
C GLY F 57 -51.43 20.78 -25.10
N VAL F 58 -51.71 19.60 -24.55
CA VAL F 58 -52.80 18.75 -25.03
C VAL F 58 -54.13 19.13 -24.36
N PRO F 59 -55.20 19.40 -25.15
CA PRO F 59 -56.48 19.81 -24.57
C PRO F 59 -57.10 18.74 -23.68
N SER F 60 -57.87 19.18 -22.69
CA SER F 60 -58.42 18.27 -21.68
C SER F 60 -59.54 17.34 -22.20
N ARG F 61 -60.00 17.57 -23.42
CA ARG F 61 -60.95 16.63 -24.06
C ARG F 61 -60.34 15.25 -24.34
N PHE F 62 -59.01 15.18 -24.48
CA PHE F 62 -58.32 13.90 -24.54
C PHE F 62 -58.15 13.36 -23.12
N SER F 63 -58.38 12.07 -22.93
CA SER F 63 -58.15 11.43 -21.64
C SER F 63 -57.77 9.95 -21.79
N GLY F 64 -56.85 9.50 -20.95
CA GLY F 64 -56.40 8.12 -20.97
C GLY F 64 -56.92 7.39 -19.74
N SER F 65 -57.20 6.09 -19.91
CA SER F 65 -57.74 5.27 -18.82
C SER F 65 -57.26 3.83 -18.97
N GLY F 66 -57.58 3.01 -17.98
CA GLY F 66 -57.28 1.58 -18.01
C GLY F 66 -56.16 1.16 -17.07
N SER F 67 -55.98 -0.16 -16.96
CA SER F 67 -54.94 -0.75 -16.11
C SER F 67 -54.70 -2.19 -16.57
N GLY F 68 -53.69 -2.84 -16.00
CA GLY F 68 -53.35 -4.20 -16.39
C GLY F 68 -52.89 -4.26 -17.84
N ALA F 69 -53.65 -4.95 -18.67
CA ALA F 69 -53.29 -5.16 -20.08
C ALA F 69 -54.26 -4.48 -21.05
N ASP F 70 -55.19 -3.68 -20.53
CA ASP F 70 -56.24 -3.06 -21.34
C ASP F 70 -56.37 -1.56 -21.05
N TYR F 71 -56.14 -0.74 -22.06
CA TYR F 71 -56.13 0.73 -21.91
C TYR F 71 -56.96 1.39 -23.01
N SER F 72 -57.32 2.65 -22.77
CA SER F 72 -58.20 3.38 -23.68
C SER F 72 -57.83 4.86 -23.76
N LEU F 73 -57.99 5.43 -24.96
CA LEU F 73 -57.86 6.86 -25.19
C LEU F 73 -59.24 7.38 -25.57
N THR F 74 -59.74 8.39 -24.86
CA THR F 74 -61.07 8.92 -25.10
C THR F 74 -61.01 10.39 -25.51
N ILE F 75 -61.68 10.72 -26.62
CA ILE F 75 -61.77 12.10 -27.10
C ILE F 75 -63.20 12.58 -26.94
N SER F 76 -63.45 13.47 -25.98
CA SER F 76 -64.80 13.97 -25.72
C SER F 76 -65.10 15.21 -26.57
N SER F 77 -66.19 15.16 -27.33
CA SER F 77 -66.62 16.26 -28.20
C SER F 77 -65.54 16.59 -29.24
N LEU F 78 -65.50 15.78 -30.30
CA LEU F 78 -64.49 15.88 -31.36
C LEU F 78 -64.46 17.25 -32.05
N ASP F 79 -63.25 17.67 -32.41
CA ASP F 79 -63.01 18.90 -33.16
C ASP F 79 -62.52 18.52 -34.55
N SER F 80 -62.60 19.46 -35.50
CA SER F 80 -62.12 19.21 -36.87
C SER F 80 -60.64 18.80 -36.95
N GLU F 81 -59.83 19.26 -35.99
CA GLU F 81 -58.40 18.92 -35.94
C GLU F 81 -58.14 17.47 -35.48
N ASP F 82 -59.12 16.84 -34.82
CA ASP F 82 -58.96 15.51 -34.23
C ASP F 82 -59.06 14.35 -35.22
N PHE F 83 -59.45 14.62 -36.47
CA PHE F 83 -59.52 13.57 -37.49
C PHE F 83 -58.12 13.24 -38.00
N ALA F 84 -57.52 12.22 -37.42
CA ALA F 84 -56.12 11.88 -37.66
C ALA F 84 -55.84 10.43 -37.27
N ASP F 85 -54.55 10.05 -37.34
CA ASP F 85 -54.12 8.71 -36.92
C ASP F 85 -53.71 8.72 -35.46
N TYR F 86 -53.99 7.63 -34.76
CA TYR F 86 -53.70 7.51 -33.33
C TYR F 86 -53.00 6.17 -33.06
N TYR F 87 -51.97 6.19 -32.21
CA TYR F 87 -51.18 4.99 -31.91
C TYR F 87 -50.88 4.86 -30.43
N CYS F 88 -51.10 3.68 -29.85
CA CYS F 88 -50.59 3.38 -28.50
C CYS F 88 -49.16 2.87 -28.63
N VAL F 89 -48.38 3.10 -27.58
CA VAL F 89 -47.01 2.60 -27.49
C VAL F 89 -46.78 2.14 -26.05
N GLN F 90 -46.18 0.96 -25.89
CA GLN F 90 -45.80 0.48 -24.56
C GLN F 90 -44.30 0.66 -24.32
N TYR F 91 -43.95 1.06 -23.11
CA TYR F 91 -42.54 1.14 -22.71
C TYR F 91 -42.27 0.44 -21.36
N ALA F 92 -43.03 -0.64 -21.11
CA ALA F 92 -42.83 -1.49 -19.94
C ALA F 92 -41.63 -2.42 -20.14
N GLN F 93 -41.45 -2.88 -21.38
CA GLN F 93 -40.31 -3.71 -21.73
C GLN F 93 -39.63 -3.22 -22.99
N LEU F 94 -38.31 -3.38 -23.04
CA LEU F 94 -37.57 -3.30 -24.30
C LEU F 94 -37.76 -4.65 -25.02
N PRO F 95 -37.98 -4.63 -26.34
CA PRO F 95 -38.12 -3.46 -27.21
C PRO F 95 -39.48 -2.81 -27.06
N TYR F 96 -39.49 -1.48 -27.13
CA TYR F 96 -40.73 -0.70 -27.17
C TYR F 96 -41.53 -1.16 -28.39
N THR F 97 -42.85 -1.28 -28.23
CA THR F 97 -43.73 -1.76 -29.31
C THR F 97 -45.00 -0.91 -29.44
N PHE F 98 -45.50 -0.81 -30.68
CA PHE F 98 -46.62 0.06 -31.03
C PHE F 98 -47.87 -0.73 -31.45
N GLY F 99 -49.03 -0.09 -31.32
CA GLY F 99 -50.27 -0.61 -31.87
C GLY F 99 -50.31 -0.39 -33.38
N GLY F 100 -51.19 -1.11 -34.07
CA GLY F 100 -51.30 -1.02 -35.52
C GLY F 100 -51.88 0.30 -36.03
N GLY F 101 -52.52 1.06 -35.15
CA GLY F 101 -53.03 2.39 -35.48
C GLY F 101 -54.54 2.45 -35.69
N THR F 102 -55.14 3.56 -35.28
CA THR F 102 -56.56 3.83 -35.45
C THR F 102 -56.73 5.14 -36.22
N LYS F 103 -57.56 5.11 -37.26
CA LYS F 103 -57.83 6.29 -38.07
C LYS F 103 -59.25 6.79 -37.84
N LEU F 104 -59.37 8.07 -37.49
CA LEU F 104 -60.68 8.71 -37.40
C LEU F 104 -60.98 9.37 -38.74
N GLU F 105 -62.13 9.01 -39.32
CA GLU F 105 -62.58 9.59 -40.58
C GLU F 105 -64.02 10.09 -40.44
N ILE F 106 -64.42 10.96 -41.36
CA ILE F 106 -65.68 11.69 -41.26
C ILE F 106 -66.87 10.86 -41.75
N LYS F 107 -67.92 10.82 -40.92
CA LYS F 107 -69.16 10.09 -41.23
C LYS F 107 -70.03 10.89 -42.19
N ARG F 108 -70.63 10.19 -43.15
CA ARG F 108 -71.60 10.80 -44.08
C ARG F 108 -72.47 9.73 -44.74
N ALA F 109 -73.39 10.17 -45.60
CA ALA F 109 -74.26 9.27 -46.34
C ALA F 109 -73.46 8.46 -47.36
N ASP F 110 -73.91 7.23 -47.62
CA ASP F 110 -73.26 6.36 -48.59
C ASP F 110 -73.43 6.96 -49.99
N ALA F 111 -72.40 6.81 -50.82
CA ALA F 111 -72.43 7.30 -52.20
C ALA F 111 -71.79 6.28 -53.13
N ALA F 112 -72.49 5.93 -54.22
CA ALA F 112 -71.95 5.01 -55.22
C ALA F 112 -70.84 5.69 -56.02
N PRO F 113 -69.85 4.90 -56.49
CA PRO F 113 -68.73 5.46 -57.26
C PRO F 113 -69.10 5.84 -58.70
N THR F 114 -68.44 6.87 -59.23
CA THR F 114 -68.52 7.21 -60.65
C THR F 114 -67.41 6.46 -61.38
N VAL F 115 -67.77 5.33 -61.99
CA VAL F 115 -66.80 4.46 -62.66
C VAL F 115 -66.59 4.90 -64.11
N SER F 116 -65.32 4.97 -64.52
CA SER F 116 -64.95 5.36 -65.88
C SER F 116 -63.73 4.58 -66.38
N ILE F 117 -63.85 3.98 -67.57
CA ILE F 117 -62.75 3.19 -68.16
C ILE F 117 -62.14 3.90 -69.39
N PHE F 118 -60.82 3.78 -69.52
CA PHE F 118 -60.05 4.49 -70.54
C PHE F 118 -59.02 3.58 -71.19
N PRO F 119 -59.09 3.42 -72.53
CA PRO F 119 -58.15 2.55 -73.24
C PRO F 119 -56.76 3.18 -73.43
N PRO F 120 -55.79 2.40 -73.93
CA PRO F 120 -54.44 2.92 -74.19
C PRO F 120 -54.42 4.05 -75.22
N SER F 121 -53.62 5.08 -74.95
CA SER F 121 -53.49 6.22 -75.85
C SER F 121 -52.68 5.87 -77.10
N SER F 122 -52.67 6.78 -78.06
CA SER F 122 -51.94 6.57 -79.32
C SER F 122 -50.42 6.71 -79.17
N GLU F 123 -49.99 7.48 -78.16
CA GLU F 123 -48.56 7.64 -77.87
C GLU F 123 -47.98 6.39 -77.17
N GLN F 124 -48.80 5.75 -76.33
CA GLN F 124 -48.38 4.57 -75.57
C GLN F 124 -48.29 3.32 -76.45
N LEU F 125 -49.31 3.11 -77.27
CA LEU F 125 -49.35 1.96 -78.19
C LEU F 125 -48.21 1.98 -79.21
N THR F 126 -47.74 3.19 -79.55
CA THR F 126 -46.60 3.34 -80.47
C THR F 126 -45.26 2.98 -79.82
N SER F 127 -45.11 3.26 -78.52
CA SER F 127 -43.86 2.98 -77.80
C SER F 127 -43.85 1.60 -77.12
N GLY F 128 -44.34 0.58 -77.83
CA GLY F 128 -44.30 -0.81 -77.37
C GLY F 128 -44.92 -1.08 -76.01
N GLY F 129 -46.11 -0.53 -75.77
CA GLY F 129 -46.80 -0.68 -74.49
C GLY F 129 -48.32 -0.59 -74.60
N ALA F 130 -48.99 -0.61 -73.45
CA ALA F 130 -50.45 -0.54 -73.39
C ALA F 130 -50.94 -0.54 -71.93
N SER F 131 -51.73 0.47 -71.56
CA SER F 131 -52.31 0.57 -70.21
C SER F 131 -53.78 0.98 -70.24
N VAL F 132 -54.62 0.19 -69.56
CA VAL F 132 -56.05 0.47 -69.45
C VAL F 132 -56.37 0.97 -68.05
N VAL F 133 -56.83 2.21 -67.94
CA VAL F 133 -57.07 2.85 -66.64
C VAL F 133 -58.56 2.86 -66.29
N CYS F 134 -58.85 2.78 -65.00
CA CYS F 134 -60.23 2.78 -64.50
C CYS F 134 -60.33 3.64 -63.22
N PHE F 135 -61.11 4.70 -63.28
CA PHE F 135 -61.29 5.61 -62.13
C PHE F 135 -62.63 5.37 -61.44
N LEU F 136 -62.58 5.10 -60.14
CA LEU F 136 -63.77 4.99 -59.31
C LEU F 136 -63.77 6.19 -58.36
N ASN F 137 -64.59 7.20 -58.68
CA ASN F 137 -64.51 8.50 -57.99
C ASN F 137 -65.71 8.84 -57.11
N ASN F 138 -65.43 9.57 -56.02
CA ASN F 138 -66.44 10.17 -55.15
C ASN F 138 -67.46 9.21 -54.53
N PHE F 139 -66.95 8.12 -53.94
CA PHE F 139 -67.81 7.12 -53.29
C PHE F 139 -67.64 7.15 -51.77
N TYR F 140 -68.52 6.43 -51.07
CA TYR F 140 -68.45 6.28 -49.62
C TYR F 140 -69.32 5.10 -49.19
N PRO F 141 -68.82 4.24 -48.27
CA PRO F 141 -67.55 4.26 -47.54
C PRO F 141 -66.33 3.89 -48.38
N LYS F 142 -65.16 3.86 -47.74
CA LYS F 142 -63.87 3.67 -48.44
C LYS F 142 -63.65 2.27 -49.04
N ASP F 143 -64.33 1.26 -48.52
CA ASP F 143 -64.14 -0.11 -48.97
C ASP F 143 -64.78 -0.40 -50.33
N ILE F 144 -63.94 -0.73 -51.32
CA ILE F 144 -64.37 -1.23 -52.63
C ILE F 144 -63.37 -2.28 -53.13
N ASN F 145 -63.79 -3.06 -54.13
CA ASN F 145 -62.93 -4.06 -54.75
C ASN F 145 -63.04 -4.06 -56.27
N VAL F 146 -61.96 -3.63 -56.93
CA VAL F 146 -61.93 -3.56 -58.40
C VAL F 146 -61.44 -4.88 -59.01
N LYS F 147 -62.27 -5.44 -59.90
CA LYS F 147 -61.96 -6.69 -60.58
C LYS F 147 -61.73 -6.41 -62.07
N TRP F 148 -60.59 -6.86 -62.59
CA TRP F 148 -60.26 -6.72 -64.01
C TRP F 148 -60.54 -8.02 -64.75
N LYS F 149 -61.17 -7.91 -65.93
CA LYS F 149 -61.49 -9.08 -66.76
C LYS F 149 -61.05 -8.91 -68.21
N ILE F 150 -60.65 -10.01 -68.83
CA ILE F 150 -60.29 -10.02 -70.25
C ILE F 150 -61.05 -11.16 -70.94
N ASP F 151 -62.08 -10.81 -71.70
CA ASP F 151 -62.99 -11.77 -72.35
C ASP F 151 -63.68 -12.70 -71.33
N GLY F 152 -64.10 -12.12 -70.21
CA GLY F 152 -64.82 -12.87 -69.17
C GLY F 152 -63.96 -13.34 -68.01
N SER F 153 -62.74 -13.79 -68.32
CA SER F 153 -61.83 -14.37 -67.31
C SER F 153 -61.23 -13.29 -66.40
N GLU F 154 -61.01 -13.67 -65.14
CA GLU F 154 -60.44 -12.76 -64.14
C GLU F 154 -58.95 -12.53 -64.43
N ARG F 155 -58.42 -11.40 -63.94
CA ARG F 155 -56.99 -11.08 -64.09
C ARG F 155 -56.43 -10.40 -62.84
N GLN F 156 -55.35 -10.96 -62.30
CA GLN F 156 -54.71 -10.50 -61.07
C GLN F 156 -53.37 -9.78 -61.31
N ASN F 157 -52.57 -10.33 -62.24
CA ASN F 157 -51.23 -9.80 -62.52
C ASN F 157 -51.24 -8.51 -63.33
N GLY F 158 -50.27 -7.63 -63.06
CA GLY F 158 -50.07 -6.40 -63.82
C GLY F 158 -50.89 -5.20 -63.38
N VAL F 159 -51.64 -5.34 -62.28
CA VAL F 159 -52.54 -4.30 -61.80
C VAL F 159 -51.87 -3.40 -60.74
N LEU F 160 -52.10 -2.10 -60.85
CA LEU F 160 -51.57 -1.12 -59.89
C LEU F 160 -52.70 -0.20 -59.41
N ASN F 161 -52.97 -0.21 -58.11
CA ASN F 161 -54.05 0.58 -57.52
C ASN F 161 -53.52 1.68 -56.60
N SER F 162 -54.11 2.87 -56.71
CA SER F 162 -53.78 4.00 -55.82
C SER F 162 -55.06 4.62 -55.27
N TRP F 163 -55.06 4.88 -53.97
CA TRP F 163 -56.22 5.46 -53.28
C TRP F 163 -55.90 6.87 -52.79
N THR F 164 -56.87 7.76 -52.89
CA THR F 164 -56.73 9.10 -52.34
C THR F 164 -57.23 9.13 -50.91
N ASP F 165 -56.77 10.11 -50.15
CA ASP F 165 -57.23 10.30 -48.78
C ASP F 165 -58.61 10.96 -48.81
N GLN F 166 -59.33 10.92 -47.69
CA GLN F 166 -60.68 11.46 -47.62
C GLN F 166 -60.70 12.93 -48.04
N ASP F 167 -61.37 13.23 -49.15
CA ASP F 167 -61.37 14.57 -49.73
C ASP F 167 -62.01 15.57 -48.76
N SER F 168 -61.28 16.65 -48.47
CA SER F 168 -61.72 17.66 -47.50
C SER F 168 -62.95 18.44 -47.97
N LYS F 169 -63.15 18.48 -49.29
CA LYS F 169 -64.32 19.11 -49.90
C LYS F 169 -65.62 18.43 -49.44
N ASP F 170 -65.77 17.15 -49.79
CA ASP F 170 -67.05 16.43 -49.62
C ASP F 170 -66.97 15.13 -48.79
N SER F 171 -65.79 14.84 -48.24
CA SER F 171 -65.57 13.64 -47.41
C SER F 171 -65.77 12.31 -48.16
N THR F 172 -65.45 12.31 -49.46
CA THR F 172 -65.54 11.10 -50.28
C THR F 172 -64.15 10.57 -50.61
N TYR F 173 -64.11 9.34 -51.13
CA TYR F 173 -62.87 8.69 -51.55
C TYR F 173 -62.92 8.38 -53.04
N SER F 174 -61.74 8.30 -53.65
CA SER F 174 -61.60 7.93 -55.07
C SER F 174 -60.53 6.85 -55.19
N MET F 175 -60.53 6.16 -56.34
CA MET F 175 -59.57 5.09 -56.59
C MET F 175 -59.17 5.03 -58.06
N SER F 176 -57.88 4.81 -58.31
CA SER F 176 -57.35 4.58 -59.65
C SER F 176 -56.89 3.14 -59.78
N SER F 177 -56.84 2.64 -61.01
CA SER F 177 -56.47 1.26 -61.27
C SER F 177 -55.96 1.12 -62.71
N THR F 178 -54.68 0.80 -62.86
CA THR F 178 -54.04 0.66 -64.18
C THR F 178 -53.64 -0.77 -64.46
N LEU F 179 -54.19 -1.35 -65.54
CA LEU F 179 -53.79 -2.67 -66.01
C LEU F 179 -52.75 -2.50 -67.12
N THR F 180 -51.47 -2.73 -66.80
CA THR F 180 -50.36 -2.49 -67.72
C THR F 180 -49.87 -3.77 -68.40
N LEU F 181 -49.50 -3.65 -69.67
CA LEU F 181 -48.93 -4.75 -70.45
C LEU F 181 -48.25 -4.24 -71.74
N THR F 182 -47.62 -5.12 -72.50
CA THR F 182 -46.95 -4.75 -73.75
C THR F 182 -47.93 -4.65 -74.92
N LYS F 183 -47.47 -4.14 -76.05
CA LYS F 183 -48.31 -3.92 -77.24
C LYS F 183 -48.82 -5.23 -77.83
N ASP F 184 -48.01 -6.28 -77.76
CA ASP F 184 -48.38 -7.59 -78.28
C ASP F 184 -49.54 -8.21 -77.50
N GLU F 185 -49.46 -8.17 -76.17
CA GLU F 185 -50.47 -8.81 -75.31
C GLU F 185 -51.82 -8.08 -75.33
N TYR F 186 -51.81 -6.77 -75.57
CA TYR F 186 -53.05 -5.98 -75.65
C TYR F 186 -53.90 -6.37 -76.86
N GLU F 187 -53.24 -6.55 -78.01
CA GLU F 187 -53.93 -6.81 -79.27
C GLU F 187 -54.35 -8.27 -79.46
N ARG F 188 -54.02 -9.13 -78.49
CA ARG F 188 -54.47 -10.52 -78.49
C ARG F 188 -55.97 -10.64 -78.18
N HIS F 189 -56.45 -9.79 -77.28
CA HIS F 189 -57.83 -9.87 -76.79
C HIS F 189 -58.66 -8.67 -77.23
N ASN F 190 -59.97 -8.88 -77.37
CA ASN F 190 -60.89 -7.87 -77.89
C ASN F 190 -61.51 -6.99 -76.81
N SER F 191 -62.10 -7.62 -75.79
CA SER F 191 -62.91 -6.92 -74.78
C SER F 191 -62.19 -6.77 -73.44
N TYR F 192 -62.30 -5.59 -72.84
CA TYR F 192 -61.69 -5.28 -71.55
C TYR F 192 -62.70 -4.65 -70.58
N THR F 193 -63.08 -5.40 -69.56
CA THR F 193 -64.09 -4.97 -68.58
C THR F 193 -63.43 -4.49 -67.28
N CYS F 194 -64.13 -3.62 -66.56
CA CYS F 194 -63.66 -3.12 -65.26
C CYS F 194 -64.82 -3.10 -64.26
N GLU F 195 -64.91 -4.15 -63.44
CA GLU F 195 -66.00 -4.29 -62.46
C GLU F 195 -65.65 -3.64 -61.13
N ALA F 196 -66.66 -3.42 -60.29
CA ALA F 196 -66.46 -2.81 -58.98
C ALA F 196 -67.64 -3.09 -58.03
N THR F 197 -67.36 -3.80 -56.94
CA THR F 197 -68.35 -4.05 -55.89
C THR F 197 -68.21 -3.02 -54.77
N HIS F 198 -69.35 -2.60 -54.23
CA HIS F 198 -69.43 -1.57 -53.20
C HIS F 198 -70.76 -1.76 -52.45
N LYS F 199 -70.83 -1.29 -51.21
CA LYS F 199 -72.01 -1.55 -50.37
C LYS F 199 -73.28 -0.80 -50.82
N THR F 200 -73.12 0.23 -51.65
CA THR F 200 -74.25 0.97 -52.20
C THR F 200 -75.05 0.16 -53.21
N SER F 201 -74.44 -0.88 -53.78
CA SER F 201 -75.07 -1.68 -54.83
C SER F 201 -75.05 -3.18 -54.51
N THR F 202 -76.16 -3.86 -54.82
CA THR F 202 -76.27 -5.31 -54.64
C THR F 202 -75.40 -6.04 -55.66
N SER F 203 -75.54 -5.65 -56.93
CA SER F 203 -74.70 -6.17 -58.01
C SER F 203 -73.62 -5.13 -58.37
N PRO F 204 -72.52 -5.58 -59.01
CA PRO F 204 -71.41 -4.67 -59.30
C PRO F 204 -71.65 -3.70 -60.46
N ILE F 205 -71.02 -2.54 -60.39
CA ILE F 205 -71.04 -1.55 -61.48
C ILE F 205 -70.05 -2.01 -62.55
N VAL F 206 -70.46 -1.91 -63.81
CA VAL F 206 -69.67 -2.43 -64.94
C VAL F 206 -69.33 -1.33 -65.94
N LYS F 207 -68.13 -1.40 -66.51
CA LYS F 207 -67.74 -0.54 -67.64
C LYS F 207 -66.89 -1.35 -68.63
N SER F 208 -67.19 -1.21 -69.93
CA SER F 208 -66.52 -2.00 -70.96
C SER F 208 -66.22 -1.20 -72.23
N PHE F 209 -65.41 -1.79 -73.10
CA PHE F 209 -65.14 -1.24 -74.43
C PHE F 209 -64.54 -2.32 -75.35
N ASN F 210 -64.67 -2.12 -76.67
CA ASN F 210 -64.04 -3.00 -77.66
C ASN F 210 -62.78 -2.36 -78.23
N ARG F 211 -61.81 -3.19 -78.62
CA ARG F 211 -60.49 -2.71 -79.04
C ARG F 211 -60.51 -2.07 -80.43
N ASN F 212 -60.03 -0.83 -80.50
CA ASN F 212 -59.89 -0.07 -81.76
C ASN F 212 -61.15 -0.07 -82.65
N GLU F 213 -62.21 0.60 -82.17
CA GLU F 213 -63.50 0.60 -82.85
C GLU F 213 -63.67 1.80 -83.80
N CYS F 214 -63.42 3.01 -83.29
CA CYS F 214 -63.57 4.24 -84.08
C CYS F 214 -62.40 4.44 -85.05
N GLU G 1 42.06 4.43 18.42
CA GLU G 1 42.86 3.50 19.27
C GLU G 1 41.95 2.85 20.31
N VAL G 2 42.02 1.53 20.41
CA VAL G 2 41.14 0.79 21.33
C VAL G 2 41.56 1.02 22.77
N GLN G 3 40.62 1.49 23.58
CA GLN G 3 40.83 1.63 25.02
C GLN G 3 39.55 1.32 25.77
N LEU G 4 39.69 0.56 26.84
CA LEU G 4 38.59 0.28 27.74
C LEU G 4 38.80 1.19 28.95
N GLN G 5 37.83 2.05 29.23
CA GLN G 5 37.95 3.04 30.28
C GLN G 5 36.96 2.76 31.41
N GLN G 6 37.48 2.24 32.52
CA GLN G 6 36.66 1.77 33.62
C GLN G 6 36.37 2.88 34.62
N SER G 7 35.30 2.67 35.40
CA SER G 7 34.89 3.62 36.43
C SER G 7 35.88 3.60 37.59
N GLY G 8 35.81 4.63 38.43
CA GLY G 8 36.78 4.84 39.50
C GLY G 8 36.63 3.89 40.67
N ALA G 9 37.59 3.96 41.59
CA ALA G 9 37.60 3.13 42.80
C ALA G 9 36.28 3.24 43.56
N GLU G 10 35.74 2.10 43.96
CA GLU G 10 34.50 2.05 44.73
C GLU G 10 34.80 1.68 46.18
N LEU G 11 34.00 2.24 47.09
CA LEU G 11 34.18 2.06 48.53
C LEU G 11 32.80 1.86 49.19
N VAL G 12 32.41 0.60 49.37
CA VAL G 12 31.05 0.24 49.77
C VAL G 12 30.99 -0.61 51.05
N LYS G 13 29.82 -0.64 51.67
CA LYS G 13 29.58 -1.41 52.90
C LYS G 13 29.26 -2.88 52.59
N PRO G 14 29.52 -3.79 53.56
CA PRO G 14 29.27 -5.22 53.33
C PRO G 14 27.78 -5.55 53.36
N GLY G 15 27.32 -6.29 52.34
CA GLY G 15 25.91 -6.61 52.18
C GLY G 15 25.26 -5.80 51.07
N ALA G 16 25.91 -4.71 50.66
CA ALA G 16 25.39 -3.86 49.60
C ALA G 16 25.77 -4.42 48.23
N SER G 17 25.45 -3.66 47.17
CA SER G 17 25.83 -4.00 45.82
C SER G 17 26.48 -2.80 45.13
N VAL G 18 27.26 -3.09 44.10
CA VAL G 18 27.98 -2.06 43.35
C VAL G 18 28.01 -2.43 41.86
N LYS G 19 27.86 -1.42 41.01
CA LYS G 19 27.83 -1.62 39.56
C LYS G 19 29.04 -0.92 38.92
N LEU G 20 30.04 -1.72 38.53
CA LEU G 20 31.23 -1.22 37.88
C LEU G 20 30.94 -1.07 36.39
N SER G 21 31.47 -0.03 35.77
CA SER G 21 31.28 0.20 34.33
C SER G 21 32.61 0.14 33.58
N CYS G 22 32.51 -0.11 32.28
CA CYS G 22 33.66 -0.19 31.39
C CYS G 22 33.24 0.33 30.02
N THR G 23 33.66 1.56 29.69
CA THR G 23 33.23 2.23 28.46
C THR G 23 34.26 2.06 27.36
N ALA G 24 33.81 1.57 26.20
CA ALA G 24 34.67 1.40 25.04
C ALA G 24 34.98 2.75 24.42
N SER G 25 36.22 2.94 23.98
CA SER G 25 36.65 4.17 23.33
C SER G 25 37.44 3.81 22.08
N GLY G 26 37.07 4.41 20.95
CA GLY G 26 37.68 4.10 19.67
C GLY G 26 37.11 2.85 19.00
N PHE G 27 36.00 2.34 19.52
CA PHE G 27 35.32 1.19 18.92
C PHE G 27 33.91 1.02 19.49
N ASN G 28 33.11 0.20 18.81
CA ASN G 28 31.77 -0.15 19.25
C ASN G 28 31.86 -1.38 20.17
N ILE G 29 31.28 -1.28 21.37
CA ILE G 29 31.33 -2.36 22.37
C ILE G 29 30.69 -3.66 21.84
N LYS G 30 29.76 -3.49 20.91
CA LYS G 30 29.14 -4.59 20.17
C LYS G 30 30.10 -5.49 19.37
N ASP G 31 31.30 -5.00 19.04
CA ASP G 31 32.24 -5.70 18.16
C ASP G 31 32.70 -7.08 18.66
N THR G 32 32.95 -7.21 19.97
CA THR G 32 33.52 -8.43 20.52
C THR G 32 32.91 -8.80 21.87
N TYR G 33 33.22 -10.01 22.33
CA TYR G 33 32.96 -10.38 23.72
C TYR G 33 33.65 -9.38 24.62
N VAL G 34 33.01 -9.06 25.73
CA VAL G 34 33.66 -8.34 26.83
C VAL G 34 33.65 -9.27 28.03
N HIS G 35 34.81 -9.40 28.68
CA HIS G 35 34.96 -10.25 29.86
C HIS G 35 35.21 -9.40 31.09
N TRP G 36 34.98 -10.02 32.25
CA TRP G 36 35.37 -9.43 33.52
C TRP G 36 36.26 -10.38 34.28
N VAL G 37 37.33 -9.83 34.86
CA VAL G 37 38.35 -10.61 35.55
C VAL G 37 38.68 -9.98 36.91
N LYS G 38 38.83 -10.84 37.91
CA LYS G 38 39.05 -10.42 39.28
C LYS G 38 40.50 -10.67 39.67
N GLN G 39 41.19 -9.66 40.20
CA GLN G 39 42.55 -9.85 40.69
C GLN G 39 42.63 -9.54 42.18
N ARG G 40 43.21 -10.50 42.91
CA ARG G 40 43.63 -10.26 44.29
C ARG G 40 45.13 -10.56 44.40
N PRO G 41 45.83 -9.94 45.38
CA PRO G 41 47.24 -10.27 45.56
C PRO G 41 47.53 -11.72 45.94
N GLU G 42 46.68 -12.30 46.80
CA GLU G 42 46.86 -13.67 47.26
C GLU G 42 46.36 -14.67 46.21
N GLN G 43 45.07 -14.64 45.92
CA GLN G 43 44.45 -15.65 45.06
C GLN G 43 44.75 -15.46 43.56
N GLY G 44 45.21 -14.27 43.18
CA GLY G 44 45.58 -14.00 41.80
C GLY G 44 44.41 -13.68 40.90
N LEU G 45 44.50 -14.12 39.65
CA LEU G 45 43.52 -13.77 38.61
C LEU G 45 42.42 -14.82 38.47
N GLU G 46 41.17 -14.34 38.38
CA GLU G 46 40.02 -15.21 38.22
C GLU G 46 39.04 -14.62 37.20
N TRP G 47 38.67 -15.44 36.23
CA TRP G 47 37.69 -15.08 35.22
C TRP G 47 36.30 -15.12 35.85
N ILE G 48 35.57 -14.01 35.77
CA ILE G 48 34.21 -13.94 36.31
C ILE G 48 33.19 -14.43 35.29
N GLY G 49 33.26 -13.87 34.11
CA GLY G 49 32.34 -14.23 33.04
C GLY G 49 32.56 -13.37 31.82
N ARG G 50 31.68 -13.50 30.84
CA ARG G 50 31.73 -12.68 29.64
C ARG G 50 30.33 -12.36 29.18
N ILE G 51 30.23 -11.37 28.30
CA ILE G 51 28.97 -11.03 27.66
C ILE G 51 29.24 -10.70 26.20
N ASP G 52 28.27 -10.98 25.34
CA ASP G 52 28.28 -10.49 23.97
C ASP G 52 27.31 -9.31 23.91
N PRO G 53 27.85 -8.07 23.91
CA PRO G 53 26.98 -6.90 24.00
C PRO G 53 26.02 -6.71 22.82
N ALA G 54 26.24 -7.41 21.71
CA ALA G 54 25.36 -7.37 20.54
C ALA G 54 23.97 -7.95 20.85
N ASN G 55 23.97 -8.99 21.68
CA ASN G 55 22.75 -9.77 21.97
C ASN G 55 22.49 -10.01 23.46
N GLY G 56 23.47 -9.68 24.31
CA GLY G 56 23.29 -9.78 25.76
C GLY G 56 23.50 -11.14 26.38
N TYR G 57 23.89 -12.14 25.58
CA TYR G 57 24.13 -13.48 26.12
C TYR G 57 25.40 -13.50 26.96
N THR G 58 25.33 -14.17 28.10
CA THR G 58 26.40 -14.18 29.10
C THR G 58 26.87 -15.58 29.43
N LYS G 59 28.08 -15.67 29.98
CA LYS G 59 28.62 -16.90 30.53
C LYS G 59 29.37 -16.53 31.80
N TYR G 60 29.32 -17.40 32.80
CA TYR G 60 29.96 -17.16 34.08
C TYR G 60 30.69 -18.40 34.54
N ASP G 61 31.78 -18.22 35.29
CA ASP G 61 32.31 -19.28 36.15
C ASP G 61 31.24 -19.55 37.22
N PRO G 62 30.91 -20.83 37.46
CA PRO G 62 29.88 -21.12 38.47
C PRO G 62 30.19 -20.64 39.91
N LYS G 63 31.44 -20.30 40.20
CA LYS G 63 31.80 -19.71 41.50
C LYS G 63 31.15 -18.33 41.71
N PHE G 64 30.89 -17.62 40.62
CA PHE G 64 30.30 -16.28 40.66
C PHE G 64 28.80 -16.25 40.35
N GLN G 65 28.18 -17.43 40.19
CA GLN G 65 26.74 -17.51 40.00
C GLN G 65 26.09 -16.95 41.26
N GLY G 66 25.23 -15.95 41.09
CA GLY G 66 24.60 -15.27 42.22
C GLY G 66 25.21 -13.91 42.47
N LYS G 67 26.55 -13.85 42.56
CA LYS G 67 27.24 -12.59 42.85
C LYS G 67 27.33 -11.70 41.63
N ALA G 68 27.96 -12.22 40.58
CA ALA G 68 28.25 -11.43 39.40
C ALA G 68 27.06 -11.40 38.44
N THR G 69 26.69 -10.20 38.02
CA THR G 69 25.77 -10.03 36.89
C THR G 69 26.42 -9.09 35.89
N ILE G 70 26.66 -9.60 34.69
CA ILE G 70 27.26 -8.80 33.62
C ILE G 70 26.16 -8.36 32.65
N THR G 71 26.08 -7.03 32.43
CA THR G 71 25.19 -6.47 31.40
C THR G 71 25.95 -5.52 30.49
N ALA G 72 25.26 -5.04 29.46
CA ALA G 72 25.84 -4.07 28.53
C ALA G 72 24.75 -3.16 27.96
N ASP G 73 25.12 -1.93 27.64
CA ASP G 73 24.24 -1.00 26.94
C ASP G 73 25.00 -0.44 25.74
N THR G 74 24.64 -0.91 24.55
CA THR G 74 25.31 -0.49 23.33
C THR G 74 25.10 0.99 23.02
N SER G 75 24.00 1.55 23.52
CA SER G 75 23.71 2.98 23.38
C SER G 75 24.80 3.85 24.00
N SER G 76 25.27 3.47 25.20
CA SER G 76 26.31 4.20 25.91
C SER G 76 27.70 3.59 25.70
N ASN G 77 27.78 2.56 24.86
CA ASN G 77 29.04 1.90 24.50
C ASN G 77 29.75 1.34 25.74
N THR G 78 28.97 0.79 26.67
CA THR G 78 29.43 0.43 28.01
C THR G 78 29.01 -0.97 28.42
N ALA G 79 29.89 -1.64 29.18
CA ALA G 79 29.58 -2.92 29.80
C ALA G 79 29.67 -2.77 31.31
N TYR G 80 28.85 -3.53 32.03
CA TYR G 80 28.78 -3.42 33.48
C TYR G 80 29.00 -4.75 34.18
N LEU G 81 29.46 -4.65 35.42
CA LEU G 81 29.54 -5.78 36.32
C LEU G 81 28.90 -5.39 37.63
N GLN G 82 27.81 -6.06 37.99
CA GLN G 82 27.19 -5.87 39.30
C GLN G 82 27.56 -7.02 40.22
N LEU G 83 28.07 -6.67 41.41
CA LEU G 83 28.38 -7.65 42.44
C LEU G 83 27.39 -7.44 43.59
N SER G 84 26.67 -8.50 43.97
CA SER G 84 25.67 -8.41 45.04
C SER G 84 26.15 -9.09 46.32
N SER G 85 25.52 -8.72 47.44
CA SER G 85 25.84 -9.26 48.77
C SER G 85 27.35 -9.27 49.02
N LEU G 86 27.92 -8.08 49.13
CA LEU G 86 29.37 -7.91 49.15
C LEU G 86 30.00 -8.41 50.45
N THR G 87 31.25 -8.90 50.34
CA THR G 87 31.99 -9.46 51.47
C THR G 87 33.46 -9.04 51.39
N SER G 88 34.20 -9.26 52.46
CA SER G 88 35.64 -8.96 52.49
C SER G 88 36.39 -9.61 51.32
N GLU G 89 36.00 -10.83 50.97
CA GLU G 89 36.69 -11.57 49.90
C GLU G 89 36.36 -11.04 48.50
N ASP G 90 35.30 -10.23 48.39
CA ASP G 90 35.00 -9.50 47.15
C ASP G 90 35.91 -8.28 46.95
N THR G 91 36.72 -7.93 47.96
CA THR G 91 37.70 -6.85 47.82
C THR G 91 38.79 -7.25 46.84
N ALA G 92 38.82 -6.58 45.70
CA ALA G 92 39.75 -6.91 44.62
C ALA G 92 39.79 -5.80 43.60
N VAL G 93 40.62 -5.98 42.58
CA VAL G 93 40.66 -5.10 41.42
C VAL G 93 39.95 -5.83 40.29
N TYR G 94 39.02 -5.13 39.63
CA TYR G 94 38.19 -5.74 38.60
C TYR G 94 38.48 -5.14 37.23
N TYR G 95 38.72 -6.02 36.25
CA TYR G 95 39.13 -5.63 34.91
C TYR G 95 38.14 -6.09 33.88
N CYS G 96 37.83 -5.22 32.92
CA CYS G 96 37.13 -5.64 31.71
C CYS G 96 38.18 -5.91 30.62
N VAL G 97 37.92 -6.93 29.81
CA VAL G 97 38.89 -7.42 28.82
C VAL G 97 38.19 -7.77 27.52
N ARG G 98 38.83 -7.46 26.39
CA ARG G 98 38.35 -7.91 25.09
C ARG G 98 39.50 -8.40 24.21
N PRO G 99 39.21 -9.29 23.25
CA PRO G 99 40.23 -9.78 22.34
C PRO G 99 40.64 -8.76 21.29
N LEU G 100 41.80 -8.98 20.67
CA LEU G 100 42.25 -8.17 19.55
C LEU G 100 41.64 -8.75 18.26
N TYR G 101 42.11 -9.93 17.85
CA TYR G 101 41.62 -10.59 16.63
C TYR G 101 40.85 -11.88 16.93
N ASP G 102 41.49 -12.80 17.64
CA ASP G 102 40.89 -14.09 17.97
C ASP G 102 39.61 -13.90 18.79
N TYR G 103 38.49 -14.48 18.36
CA TYR G 103 37.18 -14.29 19.05
C TYR G 103 37.26 -14.63 20.53
N TYR G 104 38.11 -15.60 20.86
CA TYR G 104 38.13 -16.18 22.18
C TYR G 104 39.25 -15.66 23.10
N ALA G 105 40.06 -14.74 22.61
CA ALA G 105 41.27 -14.33 23.34
C ALA G 105 41.00 -13.21 24.35
N MET G 106 42.08 -12.78 25.01
CA MET G 106 42.00 -11.87 26.16
C MET G 106 43.15 -10.87 26.10
N ASP G 107 43.09 -9.95 25.15
CA ASP G 107 44.25 -9.15 24.74
C ASP G 107 44.27 -7.69 25.21
N TYR G 108 43.11 -7.04 25.23
CA TYR G 108 43.01 -5.62 25.63
C TYR G 108 42.33 -5.55 26.98
N TRP G 109 42.94 -4.82 27.92
CA TRP G 109 42.44 -4.71 29.28
C TRP G 109 42.20 -3.25 29.65
N GLY G 110 41.15 -3.00 30.42
CA GLY G 110 40.91 -1.69 31.00
C GLY G 110 41.92 -1.47 32.11
N GLN G 111 41.92 -0.26 32.67
CA GLN G 111 42.91 0.12 33.68
C GLN G 111 42.66 -0.47 35.09
N GLY G 112 41.47 -1.03 35.30
CA GLY G 112 41.12 -1.69 36.55
C GLY G 112 40.37 -0.79 37.51
N THR G 113 39.33 -1.33 38.14
CA THR G 113 38.56 -0.62 39.16
C THR G 113 38.76 -1.31 40.50
N SER G 114 39.19 -0.53 41.50
CA SER G 114 39.45 -1.06 42.84
C SER G 114 38.17 -1.07 43.66
N VAL G 115 37.85 -2.22 44.25
CA VAL G 115 36.71 -2.34 45.14
C VAL G 115 37.20 -2.70 46.55
N THR G 116 36.73 -1.96 47.55
CA THR G 116 36.99 -2.27 48.96
C THR G 116 35.67 -2.38 49.73
N VAL G 117 35.49 -3.52 50.39
CA VAL G 117 34.27 -3.80 51.15
C VAL G 117 34.59 -3.81 52.63
N SER G 118 34.09 -2.80 53.35
CA SER G 118 34.40 -2.62 54.77
C SER G 118 33.31 -1.81 55.47
N SER G 119 33.20 -1.99 56.80
CA SER G 119 32.22 -1.26 57.62
C SER G 119 32.85 -0.04 58.29
N ALA G 120 34.16 0.11 58.15
CA ALA G 120 34.90 1.21 58.76
C ALA G 120 34.38 2.59 58.34
N LYS G 121 33.99 3.39 59.33
CA LYS G 121 33.66 4.80 59.09
C LYS G 121 34.94 5.55 58.74
N THR G 122 34.79 6.70 58.09
CA THR G 122 35.93 7.58 57.82
C THR G 122 36.60 7.98 59.13
N THR G 123 37.82 7.48 59.34
CA THR G 123 38.57 7.66 60.59
C THR G 123 39.92 8.32 60.34
N ALA G 124 40.21 9.39 61.09
CA ALA G 124 41.49 10.09 60.96
C ALA G 124 42.64 9.27 61.56
N PRO G 125 43.83 9.28 60.92
CA PRO G 125 44.99 8.54 61.43
C PRO G 125 45.58 9.13 62.71
N SER G 126 46.29 8.28 63.46
CA SER G 126 47.14 8.73 64.56
C SER G 126 48.58 8.69 64.06
N VAL G 127 49.30 9.80 64.20
CA VAL G 127 50.67 9.89 63.72
C VAL G 127 51.63 9.89 64.90
N TYR G 128 52.49 8.87 64.96
CA TYR G 128 53.42 8.70 66.08
C TYR G 128 54.87 8.81 65.59
N PRO G 129 55.68 9.65 66.26
CA PRO G 129 57.09 9.74 65.91
C PRO G 129 57.87 8.51 66.37
N LEU G 130 59.00 8.24 65.73
CA LEU G 130 59.84 7.11 66.09
C LEU G 130 61.31 7.53 66.15
N ALA G 131 61.75 7.91 67.36
CA ALA G 131 63.15 8.21 67.62
C ALA G 131 63.87 6.93 68.07
N PRO G 132 65.17 6.80 67.77
CA PRO G 132 65.91 5.60 68.12
C PRO G 132 66.16 5.47 69.62
N VAL G 133 66.73 4.34 70.02
CA VAL G 133 67.07 4.09 71.42
C VAL G 133 68.49 4.58 71.72
N CYS G 134 68.75 4.96 72.97
CA CYS G 134 70.04 5.49 73.38
C CYS G 134 71.19 4.51 73.14
N THR G 138 74.33 5.95 68.41
CA THR G 138 75.55 5.22 68.73
C THR G 138 76.49 5.16 67.51
N GLY G 139 75.93 4.81 66.34
CA GLY G 139 76.72 4.68 65.12
C GLY G 139 76.89 6.00 64.38
N SER G 140 77.44 5.93 63.16
CA SER G 140 77.61 7.11 62.30
C SER G 140 76.43 7.28 61.33
N SER G 141 75.75 6.19 61.02
CA SER G 141 74.50 6.23 60.25
C SER G 141 73.32 6.14 61.23
N VAL G 142 72.32 7.00 61.03
CA VAL G 142 71.15 7.06 61.91
C VAL G 142 69.86 6.82 61.11
N THR G 143 68.82 6.31 61.77
CA THR G 143 67.55 6.02 61.12
C THR G 143 66.35 6.37 62.00
N LEU G 144 65.39 7.11 61.44
CA LEU G 144 64.18 7.53 62.16
C LEU G 144 62.95 6.92 61.50
N GLY G 145 61.77 7.18 62.07
CA GLY G 145 60.53 6.59 61.54
C GLY G 145 59.27 7.39 61.81
N CYS G 146 58.16 6.93 61.24
CA CYS G 146 56.85 7.52 61.45
C CYS G 146 55.79 6.43 61.30
N LEU G 147 54.92 6.28 62.30
CA LEU G 147 53.85 5.29 62.27
C LEU G 147 52.49 5.99 62.13
N VAL G 148 51.80 5.69 61.04
CA VAL G 148 50.45 6.21 60.81
C VAL G 148 49.49 5.06 61.07
N LYS G 149 48.80 5.12 62.20
CA LYS G 149 47.99 3.99 62.67
C LYS G 149 46.48 4.33 62.72
N GLY G 150 45.68 3.42 62.18
CA GLY G 150 44.23 3.42 62.39
C GLY G 150 43.45 4.42 61.57
N TYR G 151 43.69 4.43 60.26
CA TYR G 151 42.94 5.31 59.34
C TYR G 151 42.09 4.52 58.37
N PHE G 152 41.02 5.17 57.90
CA PHE G 152 40.18 4.66 56.83
C PHE G 152 39.46 5.81 56.15
N PRO G 153 39.36 5.79 54.81
CA PRO G 153 39.95 4.81 53.89
C PRO G 153 41.37 5.20 53.49
N GLU G 154 41.95 4.43 52.57
CA GLU G 154 43.19 4.83 51.90
C GLU G 154 42.87 5.94 50.90
N PRO G 155 43.89 6.64 50.38
CA PRO G 155 45.32 6.53 50.67
C PRO G 155 45.80 7.60 51.65
N VAL G 156 47.09 7.56 51.97
CA VAL G 156 47.74 8.61 52.73
C VAL G 156 48.99 9.04 51.98
N THR G 157 49.19 10.35 51.89
CA THR G 157 50.43 10.91 51.35
C THR G 157 51.36 11.20 52.52
N LEU G 158 52.53 10.57 52.52
CA LEU G 158 53.51 10.78 53.58
C LEU G 158 54.78 11.40 53.00
N THR G 159 55.22 12.50 53.61
CA THR G 159 56.45 13.19 53.20
C THR G 159 57.24 13.63 54.42
N TRP G 160 58.49 14.05 54.20
CA TRP G 160 59.36 14.52 55.26
C TRP G 160 59.82 15.95 54.97
N ASN G 161 59.64 16.83 55.97
CA ASN G 161 59.96 18.26 55.84
C ASN G 161 59.34 18.89 54.59
N SER G 162 58.03 18.68 54.43
CA SER G 162 57.26 19.14 53.27
C SER G 162 57.84 18.63 51.95
N GLY G 163 58.22 17.35 51.93
CA GLY G 163 58.75 16.70 50.73
C GLY G 163 60.16 17.10 50.35
N SER G 164 60.88 17.73 51.28
CA SER G 164 62.24 18.19 51.02
C SER G 164 63.21 17.01 51.11
N LEU G 165 63.10 16.25 52.21
CA LEU G 165 63.90 15.06 52.39
C LEU G 165 63.22 13.88 51.71
N SER G 166 63.80 13.43 50.60
CA SER G 166 63.24 12.35 49.77
C SER G 166 64.19 11.17 49.55
N SER G 167 65.50 11.43 49.55
CA SER G 167 66.51 10.38 49.40
C SER G 167 66.69 9.60 50.70
N GLY G 168 66.93 8.30 50.58
CA GLY G 168 67.11 7.42 51.75
C GLY G 168 65.82 7.23 52.56
N VAL G 169 64.68 7.27 51.87
CA VAL G 169 63.37 7.19 52.51
C VAL G 169 62.63 5.95 52.03
N HIS G 170 61.90 5.30 52.94
CA HIS G 170 61.12 4.12 52.62
C HIS G 170 59.75 4.19 53.28
N THR G 171 58.71 4.45 52.48
CA THR G 171 57.33 4.41 52.94
C THR G 171 56.71 3.07 52.54
N PHE G 172 56.22 2.34 53.53
CA PHE G 172 55.75 0.97 53.33
C PHE G 172 54.27 0.90 53.00
N PRO G 173 53.88 -0.02 52.10
CA PRO G 173 52.48 -0.21 51.75
C PRO G 173 51.60 -0.35 52.98
N ALA G 174 50.47 0.35 52.98
CA ALA G 174 49.52 0.24 54.07
C ALA G 174 49.07 -1.20 54.20
N VAL G 175 48.88 -1.65 55.44
CA VAL G 175 48.32 -2.98 55.68
C VAL G 175 47.02 -2.82 56.47
N LEU G 176 46.00 -3.59 56.10
CA LEU G 176 44.71 -3.55 56.77
C LEU G 176 44.73 -4.53 57.94
N GLN G 177 44.42 -4.02 59.14
CA GLN G 177 44.35 -4.85 60.34
C GLN G 177 43.15 -4.43 61.18
N SER G 178 42.11 -5.27 61.15
CA SER G 178 40.85 -5.02 61.86
C SER G 178 40.20 -3.71 61.44
N ASP G 179 39.73 -3.68 60.18
CA ASP G 179 38.92 -2.58 59.62
C ASP G 179 39.64 -1.25 59.36
N LEU G 180 40.82 -1.04 59.92
CA LEU G 180 41.56 0.22 59.73
C LEU G 180 42.96 -0.05 59.20
N TYR G 181 43.54 0.93 58.53
CA TYR G 181 44.84 0.80 57.89
C TYR G 181 45.94 1.31 58.78
N THR G 182 47.13 0.75 58.58
CA THR G 182 48.34 1.23 59.24
C THR G 182 49.48 1.26 58.22
N LEU G 183 50.30 2.29 58.30
CA LEU G 183 51.40 2.48 57.39
C LEU G 183 52.57 3.05 58.18
N SER G 184 53.78 2.81 57.69
CA SER G 184 54.98 3.31 58.34
C SER G 184 55.99 3.78 57.32
N SER G 185 56.85 4.71 57.73
CA SER G 185 57.89 5.26 56.88
C SER G 185 59.19 5.46 57.66
N SER G 186 60.30 5.02 57.08
CA SER G 186 61.63 5.21 57.68
C SER G 186 62.46 6.18 56.85
N VAL G 187 63.35 6.92 57.52
CA VAL G 187 64.28 7.82 56.84
C VAL G 187 65.68 7.70 57.47
N THR G 188 66.71 7.64 56.62
CA THR G 188 68.08 7.40 57.07
C THR G 188 69.04 8.53 56.67
N VAL G 189 69.80 9.02 57.65
CA VAL G 189 70.75 10.11 57.44
C VAL G 189 72.02 9.88 58.28
N THR G 190 72.99 10.78 58.12
CA THR G 190 74.21 10.75 58.93
C THR G 190 73.97 11.38 60.30
N SER G 191 74.70 10.91 61.31
CA SER G 191 74.46 11.27 62.71
C SER G 191 74.79 12.72 63.07
N SER G 192 75.49 13.44 62.20
CA SER G 192 75.76 14.87 62.42
C SER G 192 74.48 15.69 62.24
N THR G 193 73.72 15.39 61.18
CA THR G 193 72.49 16.09 60.85
C THR G 193 71.49 16.11 62.02
N TRP G 194 71.10 14.92 62.46
CA TRP G 194 70.07 14.77 63.50
C TRP G 194 70.71 14.41 64.84
N PRO G 195 70.17 14.95 65.96
CA PRO G 195 69.02 15.83 66.11
C PRO G 195 69.30 17.33 66.03
N SER G 196 70.49 17.71 65.58
CA SER G 196 70.85 19.13 65.48
C SER G 196 69.97 19.87 64.47
N GLN G 197 69.78 19.27 63.30
CA GLN G 197 68.86 19.77 62.29
C GLN G 197 67.52 19.06 62.40
N SER G 198 66.43 19.81 62.19
CA SER G 198 65.08 19.32 62.46
C SER G 198 64.56 18.36 61.38
N ILE G 199 63.75 17.38 61.81
CA ILE G 199 63.10 16.43 60.89
C ILE G 199 61.66 16.18 61.35
N THR G 200 60.70 16.44 60.45
CA THR G 200 59.28 16.36 60.77
C THR G 200 58.54 15.44 59.81
N CYS G 201 57.64 14.62 60.36
CA CYS G 201 56.84 13.69 59.56
C CYS G 201 55.53 14.36 59.17
N ASN G 202 55.33 14.60 57.88
CA ASN G 202 54.11 15.22 57.37
C ASN G 202 53.21 14.18 56.73
N VAL G 203 52.06 13.94 57.37
CA VAL G 203 51.09 12.94 56.92
C VAL G 203 49.75 13.58 56.62
N ALA G 204 49.35 13.56 55.35
CA ALA G 204 48.08 14.10 54.91
C ALA G 204 47.10 12.98 54.61
N HIS G 205 45.88 13.11 55.14
CA HIS G 205 44.80 12.17 54.87
C HIS G 205 43.62 12.95 54.27
N PRO G 206 43.57 13.06 52.93
CA PRO G 206 42.54 13.86 52.24
C PRO G 206 41.10 13.51 52.62
N ALA G 207 40.82 12.23 52.87
CA ALA G 207 39.46 11.77 53.18
C ALA G 207 38.89 12.36 54.47
N SER G 208 39.71 12.43 55.51
CA SER G 208 39.30 13.03 56.79
C SER G 208 39.57 14.53 56.84
N SER G 209 40.23 15.07 55.80
CA SER G 209 40.59 16.47 55.73
C SER G 209 41.48 16.90 56.91
N THR G 210 42.44 16.04 57.24
CA THR G 210 43.39 16.32 58.31
C THR G 210 44.82 16.23 57.76
N LYS G 211 45.67 17.16 58.22
CA LYS G 211 47.08 17.18 57.82
C LYS G 211 47.96 17.46 59.03
N VAL G 212 48.15 16.41 59.84
CA VAL G 212 48.98 16.48 61.04
C VAL G 212 50.45 16.51 60.65
N ASP G 213 51.25 17.24 61.43
CA ASP G 213 52.69 17.33 61.20
C ASP G 213 53.44 17.17 62.53
N LYS G 214 53.99 15.98 62.75
CA LYS G 214 54.67 15.61 64.00
C LYS G 214 56.19 15.71 63.87
N LYS G 215 56.82 16.50 64.74
CA LYS G 215 58.28 16.64 64.76
C LYS G 215 58.92 15.49 65.52
N ILE G 216 60.01 14.95 64.97
CA ILE G 216 60.73 13.84 65.59
C ILE G 216 61.74 14.36 66.61
N GLU G 217 61.47 14.12 67.89
CA GLU G 217 62.34 14.52 68.99
C GLU G 217 63.04 13.30 69.59
N PRO G 218 64.27 13.47 70.12
CA PRO G 218 65.02 12.36 70.69
C PRO G 218 64.52 11.95 72.08
N ARG G 219 65.20 10.98 72.69
CA ARG G 219 64.82 10.46 74.01
C ARG G 219 65.86 10.85 75.05
N ASP H 1 37.53 -27.82 35.84
CA ASP H 1 38.23 -26.62 35.32
C ASP H 1 39.69 -26.96 35.04
N ILE H 2 40.26 -26.35 34.01
CA ILE H 2 41.65 -26.61 33.61
C ILE H 2 42.61 -25.85 34.52
N LEU H 3 43.44 -26.58 35.26
CA LEU H 3 44.46 -25.99 36.10
C LEU H 3 45.66 -25.56 35.25
N MET H 4 46.14 -24.34 35.47
CA MET H 4 47.31 -23.82 34.78
C MET H 4 48.43 -23.59 35.80
N THR H 5 49.46 -24.43 35.73
CA THR H 5 50.59 -24.35 36.66
C THR H 5 51.72 -23.61 35.97
N GLN H 6 51.99 -22.38 36.45
CA GLN H 6 53.00 -21.52 35.85
C GLN H 6 54.27 -21.58 36.66
N SER H 7 55.41 -21.66 35.98
CA SER H 7 56.71 -21.69 36.65
C SER H 7 57.76 -20.88 35.88
N PRO H 8 58.74 -20.30 36.60
CA PRO H 8 58.82 -20.23 38.08
C PRO H 8 57.99 -19.06 38.62
N SER H 9 57.72 -19.06 39.91
CA SER H 9 56.95 -17.98 40.54
C SER H 9 57.71 -16.66 40.52
N SER H 10 59.03 -16.74 40.59
CA SER H 10 59.90 -15.58 40.40
C SER H 10 61.30 -16.01 39.95
N MET H 11 61.98 -15.10 39.27
CA MET H 11 63.37 -15.32 38.88
C MET H 11 64.12 -14.00 38.98
N SER H 12 65.37 -14.05 39.46
CA SER H 12 66.22 -12.87 39.53
C SER H 12 67.22 -12.92 38.36
N VAL H 13 66.95 -12.10 37.35
CA VAL H 13 67.72 -12.09 36.11
C VAL H 13 68.29 -10.69 35.85
N SER H 14 68.98 -10.52 34.71
CA SER H 14 69.66 -9.27 34.40
C SER H 14 69.37 -8.82 32.97
N LEU H 15 69.66 -7.56 32.68
CA LEU H 15 69.55 -7.01 31.34
C LEU H 15 70.37 -7.85 30.36
N GLY H 16 69.80 -8.08 29.18
CA GLY H 16 70.48 -8.85 28.13
C GLY H 16 70.21 -10.34 28.16
N ASP H 17 69.79 -10.87 29.31
CA ASP H 17 69.54 -12.30 29.45
C ASP H 17 68.42 -12.76 28.52
N THR H 18 68.43 -14.06 28.22
CA THR H 18 67.30 -14.73 27.60
C THR H 18 66.67 -15.63 28.66
N VAL H 19 65.39 -15.38 28.98
CA VAL H 19 64.71 -16.13 30.02
C VAL H 19 63.40 -16.73 29.53
N SER H 20 63.10 -17.94 29.98
CA SER H 20 61.87 -18.63 29.62
C SER H 20 60.97 -18.82 30.84
N ILE H 21 59.68 -18.57 30.63
CA ILE H 21 58.62 -18.83 31.60
C ILE H 21 57.72 -19.92 31.02
N THR H 22 57.49 -21.00 31.78
CA THR H 22 56.68 -22.11 31.30
C THR H 22 55.32 -22.17 31.98
N CYS H 23 54.37 -22.80 31.30
CA CYS H 23 53.01 -22.95 31.80
C CYS H 23 52.57 -24.37 31.39
N HIS H 24 52.17 -25.17 32.39
CA HIS H 24 51.68 -26.53 32.15
C HIS H 24 50.19 -26.62 32.48
N ALA H 25 49.38 -27.04 31.49
CA ALA H 25 47.94 -27.20 31.69
C ALA H 25 47.59 -28.64 32.12
N SER H 26 46.53 -28.79 32.90
CA SER H 26 46.11 -30.10 33.41
C SER H 26 45.60 -31.05 32.31
N GLN H 27 45.35 -30.49 31.13
CA GLN H 27 45.05 -31.29 29.93
C GLN H 27 45.49 -30.50 28.70
N GLY H 28 45.53 -31.16 27.54
CA GLY H 28 45.88 -30.49 26.29
C GLY H 28 44.92 -29.33 26.01
N ILE H 29 45.48 -28.21 25.55
CA ILE H 29 44.69 -27.01 25.23
C ILE H 29 44.96 -26.47 23.81
N SER H 30 45.62 -27.29 23.00
CA SER H 30 45.84 -27.02 21.57
C SER H 30 46.14 -25.57 21.24
N SER H 31 47.16 -25.04 21.91
CA SER H 31 47.65 -23.67 21.70
C SER H 31 46.63 -22.56 21.98
N ASN H 32 45.54 -22.87 22.67
CA ASN H 32 44.57 -21.84 23.05
C ASN H 32 45.03 -21.21 24.35
N ILE H 33 46.14 -20.48 24.26
CA ILE H 33 46.80 -19.91 25.42
C ILE H 33 47.25 -18.50 25.08
N GLY H 34 47.13 -17.60 26.05
CA GLY H 34 47.60 -16.22 25.90
C GLY H 34 48.57 -15.87 27.00
N TRP H 35 49.44 -14.91 26.74
CA TRP H 35 50.40 -14.44 27.74
C TRP H 35 50.17 -12.96 27.96
N LEU H 36 50.37 -12.53 29.21
CA LEU H 36 49.99 -11.20 29.66
C LEU H 36 51.09 -10.63 30.51
N GLN H 37 51.18 -9.30 30.52
CA GLN H 37 52.20 -8.60 31.27
C GLN H 37 51.55 -7.55 32.16
N GLN H 38 51.96 -7.52 33.42
CA GLN H 38 51.53 -6.47 34.35
C GLN H 38 52.77 -5.81 34.95
N LYS H 39 53.03 -4.58 34.53
CA LYS H 39 54.13 -3.80 35.09
C LYS H 39 53.74 -3.31 36.49
N PRO H 40 54.74 -3.02 37.35
CA PRO H 40 54.46 -2.60 38.72
C PRO H 40 53.41 -1.50 38.80
N GLY H 41 52.32 -1.79 39.51
CA GLY H 41 51.29 -0.79 39.78
C GLY H 41 50.47 -0.34 38.58
N LYS H 42 50.64 -1.02 37.45
CA LYS H 42 49.89 -0.68 36.23
C LYS H 42 48.97 -1.82 35.84
N SER H 43 48.18 -1.62 34.80
CA SER H 43 47.24 -2.63 34.35
C SER H 43 47.93 -3.67 33.45
N PHE H 44 47.13 -4.49 32.78
CA PHE H 44 47.64 -5.60 31.97
C PHE H 44 47.76 -5.20 30.51
N MET H 45 48.77 -5.75 29.83
CA MET H 45 48.87 -5.68 28.39
C MET H 45 49.01 -7.09 27.85
N GLY H 46 48.30 -7.41 26.77
CA GLY H 46 48.46 -8.72 26.13
C GLY H 46 49.76 -8.79 25.34
N LEU H 47 50.45 -9.92 25.45
CA LEU H 47 51.70 -10.15 24.71
C LEU H 47 51.51 -11.13 23.55
N ILE H 48 50.87 -12.27 23.86
CA ILE H 48 50.71 -13.36 22.89
C ILE H 48 49.27 -13.86 22.91
N TYR H 49 48.75 -14.23 21.74
CA TYR H 49 47.50 -14.98 21.65
C TYR H 49 47.68 -16.22 20.78
N TYR H 50 46.83 -17.21 21.02
CA TYR H 50 46.87 -18.49 20.32
C TYR H 50 48.28 -19.06 20.24
N GLY H 51 48.95 -19.10 21.39
CA GLY H 51 50.23 -19.79 21.51
C GLY H 51 51.45 -18.99 21.09
N THR H 52 51.42 -18.50 19.85
CA THR H 52 52.63 -17.97 19.20
C THR H 52 52.48 -16.62 18.52
N ASN H 53 51.27 -16.05 18.52
CA ASN H 53 51.00 -14.82 17.78
C ASN H 53 51.18 -13.57 18.63
N LEU H 54 52.10 -12.70 18.21
CA LEU H 54 52.34 -11.45 18.90
C LEU H 54 51.14 -10.52 18.79
N VAL H 55 50.71 -9.97 19.93
CA VAL H 55 49.73 -8.90 19.92
C VAL H 55 50.37 -7.69 19.25
N ASP H 56 49.62 -6.99 18.42
CA ASP H 56 50.11 -5.79 17.74
C ASP H 56 50.77 -4.83 18.72
N GLY H 57 51.96 -4.34 18.38
CA GLY H 57 52.70 -3.40 19.24
C GLY H 57 53.74 -4.06 20.11
N VAL H 58 53.64 -5.37 20.30
CA VAL H 58 54.58 -6.10 21.15
C VAL H 58 55.89 -6.39 20.41
N PRO H 59 57.04 -6.00 20.97
CA PRO H 59 58.36 -6.25 20.35
C PRO H 59 58.67 -7.73 20.12
N SER H 60 59.43 -8.02 19.08
CA SER H 60 59.68 -9.43 18.69
C SER H 60 60.69 -10.17 19.58
N ARG H 61 61.26 -9.48 20.57
CA ARG H 61 62.05 -10.18 21.60
C ARG H 61 61.17 -11.13 22.43
N PHE H 62 59.86 -10.89 22.41
CA PHE H 62 58.89 -11.83 22.99
C PHE H 62 58.55 -12.90 21.96
N SER H 63 58.62 -14.17 22.37
CA SER H 63 58.16 -15.28 21.56
C SER H 63 57.43 -16.29 22.43
N GLY H 64 56.37 -16.87 21.89
CA GLY H 64 55.64 -17.95 22.54
C GLY H 64 55.78 -19.23 21.75
N SER H 65 55.93 -20.34 22.46
CA SER H 65 56.02 -21.65 21.81
C SER H 65 55.32 -22.69 22.68
N GLY H 66 55.26 -23.92 22.17
CA GLY H 66 54.68 -25.03 22.91
C GLY H 66 53.51 -25.65 22.19
N SER H 67 53.02 -26.76 22.73
CA SER H 67 51.89 -27.49 22.17
C SER H 67 51.33 -28.43 23.22
N GLY H 68 50.20 -29.05 22.92
CA GLY H 68 49.57 -29.96 23.86
C GLY H 68 49.22 -29.23 25.14
N ALA H 69 49.93 -29.57 26.21
CA ALA H 69 49.69 -29.01 27.54
C ALA H 69 50.84 -28.14 28.06
N ASP H 70 51.89 -27.98 27.26
CA ASP H 70 53.13 -27.36 27.75
C ASP H 70 53.56 -26.21 26.87
N TYR H 71 53.63 -25.02 27.47
CA TYR H 71 53.88 -23.80 26.71
C TYR H 71 54.90 -22.91 27.38
N SER H 72 55.53 -22.04 26.59
CA SER H 72 56.61 -21.20 27.06
C SER H 72 56.54 -19.79 26.50
N LEU H 73 56.85 -18.80 27.33
CA LEU H 73 57.10 -17.44 26.89
C LEU H 73 58.59 -17.21 27.04
N THR H 74 59.24 -16.77 25.96
CA THR H 74 60.66 -16.47 25.98
C THR H 74 60.86 -14.98 25.70
N ILE H 75 61.74 -14.34 26.46
CA ILE H 75 62.10 -12.95 26.25
C ILE H 75 63.59 -12.89 26.01
N SER H 76 63.99 -12.51 24.80
CA SER H 76 65.40 -12.47 24.42
C SER H 76 65.99 -11.07 24.59
N SER H 77 66.98 -10.95 25.47
CA SER H 77 67.61 -9.65 25.75
C SER H 77 66.65 -8.70 26.47
N LEU H 78 66.53 -8.89 27.77
CA LEU H 78 65.61 -8.12 28.61
C LEU H 78 65.93 -6.63 28.64
N ASP H 79 64.90 -5.81 28.42
CA ASP H 79 64.98 -4.37 28.66
C ASP H 79 64.60 -4.11 30.10
N SER H 80 64.90 -2.89 30.57
CA SER H 80 64.48 -2.42 31.88
C SER H 80 62.96 -2.47 32.05
N GLU H 81 62.23 -2.26 30.95
CA GLU H 81 60.76 -2.29 30.96
C GLU H 81 60.18 -3.71 31.08
N ASP H 82 61.01 -4.75 30.91
CA ASP H 82 60.53 -6.13 30.95
C ASP H 82 60.45 -6.73 32.36
N PHE H 83 60.95 -6.01 33.37
CA PHE H 83 60.85 -6.47 34.74
C PHE H 83 59.45 -6.19 35.24
N ALA H 84 58.64 -7.26 35.31
CA ALA H 84 57.22 -7.15 35.57
C ALA H 84 56.66 -8.53 35.89
N ASP H 85 55.34 -8.59 36.10
CA ASP H 85 54.62 -9.85 36.31
C ASP H 85 54.10 -10.39 34.98
N TYR H 86 54.16 -11.71 34.81
CA TYR H 86 53.65 -12.36 33.64
C TYR H 86 52.68 -13.47 34.02
N TYR H 87 51.61 -13.61 33.24
CA TYR H 87 50.59 -14.61 33.50
C TYR H 87 50.19 -15.29 32.20
N CYS H 88 50.08 -16.62 32.22
CA CYS H 88 49.41 -17.34 31.14
C CYS H 88 47.92 -17.36 31.42
N VAL H 89 47.13 -17.55 30.35
CA VAL H 89 45.69 -17.78 30.44
C VAL H 89 45.30 -18.79 29.37
N GLN H 90 44.43 -19.75 29.70
CA GLN H 90 43.93 -20.69 28.70
C GLN H 90 42.49 -20.33 28.35
N TYR H 91 42.14 -20.54 27.09
CA TYR H 91 40.74 -20.39 26.67
C TYR H 91 40.27 -21.56 25.79
N ALA H 92 40.89 -22.72 25.98
CA ALA H 92 40.41 -23.96 25.37
C ALA H 92 39.01 -24.29 25.89
N GLN H 93 38.78 -23.97 27.17
CA GLN H 93 37.50 -24.27 27.80
C GLN H 93 37.04 -23.16 28.71
N LEU H 94 35.73 -23.00 28.80
CA LEU H 94 35.11 -22.21 29.84
C LEU H 94 35.04 -23.10 31.11
N PRO H 95 35.34 -22.52 32.29
CA PRO H 95 35.80 -21.16 32.53
C PRO H 95 37.28 -20.97 32.20
N TYR H 96 37.63 -19.79 31.71
CA TYR H 96 39.01 -19.42 31.45
C TYR H 96 39.78 -19.42 32.77
N THR H 97 40.99 -19.94 32.74
CA THR H 97 41.80 -20.04 33.94
C THR H 97 43.19 -19.48 33.70
N PHE H 98 43.79 -18.96 34.76
CA PHE H 98 45.07 -18.28 34.69
C PHE H 98 46.13 -19.03 35.46
N GLY H 99 47.38 -18.79 35.08
CA GLY H 99 48.52 -19.23 35.89
C GLY H 99 48.65 -18.33 37.10
N GLY H 100 49.42 -18.78 38.08
CA GLY H 100 49.67 -18.02 39.30
C GLY H 100 50.68 -16.90 39.16
N GLY H 101 51.31 -16.80 37.99
CA GLY H 101 52.15 -15.66 37.67
C GLY H 101 53.64 -15.88 37.88
N THR H 102 54.43 -14.99 37.28
CA THR H 102 55.88 -15.01 37.36
C THR H 102 56.37 -13.58 37.43
N LYS H 103 57.07 -13.22 38.51
CA LYS H 103 57.65 -11.90 38.65
C LYS H 103 59.14 -11.92 38.29
N LEU H 104 59.50 -11.20 37.22
CA LEU H 104 60.91 -10.94 36.89
C LEU H 104 61.42 -9.80 37.79
N GLU H 105 62.44 -10.09 38.59
CA GLU H 105 63.06 -9.10 39.46
C GLU H 105 64.55 -8.93 39.09
N ILE H 106 65.16 -7.85 39.57
CA ILE H 106 66.53 -7.49 39.19
C ILE H 106 67.56 -8.21 40.06
N LYS H 107 68.53 -8.85 39.42
CA LYS H 107 69.59 -9.57 40.13
C LYS H 107 70.69 -8.61 40.57
N ARG H 108 71.27 -8.89 41.74
CA ARG H 108 72.38 -8.09 42.26
C ARG H 108 73.11 -8.85 43.37
N ALA H 109 74.24 -8.28 43.82
CA ALA H 109 75.03 -8.88 44.89
C ALA H 109 74.26 -8.88 46.22
N ASP H 110 74.52 -9.89 47.04
CA ASP H 110 73.82 -10.03 48.32
C ASP H 110 74.15 -8.85 49.23
N ALA H 111 73.16 -8.41 50.00
CA ALA H 111 73.32 -7.30 50.93
C ALA H 111 72.54 -7.57 52.22
N ALA H 112 73.21 -7.45 53.36
CA ALA H 112 72.59 -7.64 54.67
C ALA H 112 71.67 -6.45 54.99
N PRO H 113 70.59 -6.70 55.75
CA PRO H 113 69.66 -5.65 56.15
C PRO H 113 70.17 -4.75 57.27
N THR H 114 69.90 -3.45 57.17
CA THR H 114 70.13 -2.51 58.27
C THR H 114 68.90 -2.55 59.17
N VAL H 115 69.08 -3.13 60.36
CA VAL H 115 67.99 -3.33 61.30
C VAL H 115 67.99 -2.21 62.33
N SER H 116 66.82 -1.63 62.55
CA SER H 116 66.63 -0.57 63.53
C SER H 116 65.37 -0.89 64.31
N ILE H 117 65.37 -0.61 65.61
CA ILE H 117 64.21 -0.90 66.45
C ILE H 117 63.76 0.35 67.21
N PHE H 118 62.44 0.53 67.30
CA PHE H 118 61.84 1.73 67.90
C PHE H 118 60.76 1.37 68.92
N PRO H 119 60.93 1.81 70.18
CA PRO H 119 59.88 1.60 71.17
C PRO H 119 58.68 2.51 70.90
N PRO H 120 57.58 2.31 71.66
CA PRO H 120 56.40 3.17 71.51
C PRO H 120 56.67 4.63 71.81
N SER H 121 55.89 5.52 71.22
CA SER H 121 55.97 6.94 71.49
C SER H 121 55.23 7.27 72.78
N SER H 122 55.48 8.45 73.32
CA SER H 122 54.73 8.96 74.45
C SER H 122 53.27 9.13 74.06
N GLU H 123 53.04 9.70 72.88
CA GLU H 123 51.69 9.94 72.36
C GLU H 123 50.84 8.67 72.39
N GLN H 124 51.39 7.55 71.92
CA GLN H 124 50.64 6.30 71.83
C GLN H 124 50.35 5.72 73.21
N LEU H 125 51.34 5.75 74.09
CA LEU H 125 51.19 5.16 75.43
C LEU H 125 50.08 5.83 76.23
N THR H 126 50.01 7.16 76.22
CA THR H 126 48.97 7.87 76.96
C THR H 126 47.58 7.65 76.36
N SER H 127 47.50 7.25 75.09
CA SER H 127 46.23 6.86 74.47
C SER H 127 45.80 5.45 74.88
N GLY H 128 46.77 4.60 75.20
CA GLY H 128 46.48 3.25 75.73
C GLY H 128 47.14 2.08 74.99
N GLY H 129 47.87 2.37 73.92
CA GLY H 129 48.49 1.33 73.09
C GLY H 129 50.01 1.38 73.12
N ALA H 130 50.64 0.37 72.55
CA ALA H 130 52.10 0.22 72.57
C ALA H 130 52.60 -0.55 71.36
N SER H 131 53.05 0.18 70.34
CA SER H 131 53.58 -0.41 69.12
C SER H 131 55.11 -0.33 69.11
N VAL H 132 55.74 -1.48 68.93
CA VAL H 132 57.19 -1.56 68.72
C VAL H 132 57.45 -1.84 67.25
N VAL H 133 58.32 -1.02 66.65
CA VAL H 133 58.60 -1.10 65.21
C VAL H 133 60.04 -1.52 64.94
N CYS H 134 60.23 -2.40 63.95
CA CYS H 134 61.55 -2.75 63.42
C CYS H 134 61.55 -2.51 61.93
N PHE H 135 62.57 -1.81 61.45
CA PHE H 135 62.80 -1.68 60.02
C PHE H 135 63.96 -2.57 59.62
N LEU H 136 63.78 -3.34 58.56
CA LEU H 136 64.87 -4.11 57.95
C LEU H 136 65.05 -3.55 56.55
N ASN H 137 66.00 -2.62 56.41
CA ASN H 137 66.13 -1.83 55.19
C ASN H 137 67.27 -2.27 54.27
N ASN H 138 67.00 -2.18 52.97
CA ASN H 138 68.02 -2.32 51.92
C ASN H 138 68.77 -3.66 51.95
N PHE H 139 68.04 -4.76 51.79
CA PHE H 139 68.64 -6.09 51.75
C PHE H 139 68.38 -6.82 50.43
N TYR H 140 69.23 -7.81 50.16
CA TYR H 140 69.07 -8.68 48.99
C TYR H 140 69.73 -10.03 49.28
N PRO H 141 69.09 -11.14 48.89
CA PRO H 141 67.80 -11.31 48.20
C PRO H 141 66.59 -11.01 49.08
N LYS H 142 65.40 -11.13 48.49
CA LYS H 142 64.14 -10.75 49.17
C LYS H 142 63.73 -11.69 50.31
N ASP H 143 64.22 -12.93 50.28
CA ASP H 143 63.81 -13.95 51.24
C ASP H 143 64.38 -13.63 52.62
N ILE H 144 63.49 -13.31 53.57
CA ILE H 144 63.89 -12.89 54.91
C ILE H 144 62.84 -13.32 55.94
N ASN H 145 63.29 -13.55 57.17
CA ASN H 145 62.39 -13.92 58.28
C ASN H 145 62.64 -13.04 59.48
N VAL H 146 61.56 -12.54 60.09
CA VAL H 146 61.65 -11.74 61.29
C VAL H 146 61.00 -12.49 62.45
N LYS H 147 61.58 -12.34 63.63
CA LYS H 147 61.09 -12.98 64.84
C LYS H 147 61.06 -11.90 65.92
N TRP H 148 59.93 -11.77 66.60
CA TRP H 148 59.82 -10.87 67.76
C TRP H 148 59.98 -11.69 69.04
N LYS H 149 60.73 -11.14 69.99
CA LYS H 149 60.87 -11.75 71.31
C LYS H 149 60.55 -10.73 72.40
N ILE H 150 59.76 -11.15 73.36
CA ILE H 150 59.46 -10.36 74.55
C ILE H 150 60.04 -11.11 75.74
N ASP H 151 60.97 -10.47 76.46
CA ASP H 151 61.73 -11.11 77.55
C ASP H 151 62.33 -12.43 77.10
N GLY H 152 62.87 -12.44 75.88
CA GLY H 152 63.57 -13.60 75.34
C GLY H 152 62.71 -14.67 74.69
N SER H 153 61.38 -14.61 74.88
CA SER H 153 60.48 -15.63 74.34
C SER H 153 59.72 -15.11 73.13
N GLU H 154 59.60 -15.94 72.11
CA GLU H 154 58.96 -15.56 70.85
C GLU H 154 57.52 -15.10 71.05
N ARG H 155 57.17 -14.02 70.35
CA ARG H 155 55.80 -13.51 70.31
C ARG H 155 55.33 -13.53 68.85
N GLN H 156 54.18 -14.16 68.59
CA GLN H 156 53.65 -14.29 67.23
C GLN H 156 52.35 -13.52 66.97
N ASN H 157 51.46 -13.50 67.96
CA ASN H 157 50.22 -12.71 67.88
C ASN H 157 50.48 -11.19 67.91
N GLY H 158 49.66 -10.44 67.19
CA GLY H 158 49.74 -8.97 67.20
C GLY H 158 50.81 -8.34 66.32
N VAL H 159 51.35 -9.11 65.37
CA VAL H 159 52.43 -8.65 64.50
C VAL H 159 51.91 -8.33 63.11
N LEU H 160 52.40 -7.23 62.55
CA LEU H 160 51.93 -6.72 61.27
C LEU H 160 53.14 -6.37 60.42
N ASN H 161 53.26 -7.03 59.27
CA ASN H 161 54.42 -6.89 58.40
C ASN H 161 54.09 -6.20 57.08
N SER H 162 55.04 -5.42 56.59
CA SER H 162 54.89 -4.77 55.28
C SER H 162 56.22 -4.80 54.54
N TRP H 163 56.17 -5.05 53.24
CA TRP H 163 57.36 -5.15 52.40
C TRP H 163 57.23 -4.16 51.26
N THR H 164 58.31 -3.46 50.94
CA THR H 164 58.33 -2.60 49.76
C THR H 164 58.65 -3.44 48.53
N ASP H 165 58.27 -2.94 47.35
CA ASP H 165 58.74 -3.53 46.09
C ASP H 165 60.23 -3.21 45.96
N GLN H 166 60.92 -3.98 45.12
CA GLN H 166 62.31 -3.71 44.78
C GLN H 166 62.53 -2.21 44.49
N ASP H 167 63.56 -1.63 45.11
CA ASP H 167 63.82 -0.19 45.03
C ASP H 167 64.37 0.20 43.66
N SER H 168 63.93 1.35 43.16
CA SER H 168 64.11 1.69 41.74
C SER H 168 65.57 1.82 41.26
N LYS H 169 66.45 2.36 42.10
CA LYS H 169 67.84 2.61 41.69
C LYS H 169 68.93 2.09 42.63
N ASP H 170 68.60 1.09 43.46
CA ASP H 170 69.62 0.20 44.04
C ASP H 170 69.22 -1.28 44.04
N SER H 171 67.95 -1.58 43.73
CA SER H 171 67.45 -2.95 43.56
C SER H 171 67.37 -3.77 44.86
N THR H 172 67.33 -3.09 46.01
CA THR H 172 67.19 -3.78 47.29
C THR H 172 65.73 -3.82 47.73
N TYR H 173 65.46 -4.64 48.73
CA TYR H 173 64.13 -4.74 49.34
C TYR H 173 64.19 -4.23 50.78
N SER H 174 63.05 -3.78 51.29
CA SER H 174 62.93 -3.35 52.67
C SER H 174 61.68 -3.94 53.31
N MET H 175 61.67 -3.96 54.64
CA MET H 175 60.56 -4.54 55.38
C MET H 175 60.28 -3.78 56.68
N SER H 176 59.01 -3.67 57.03
CA SER H 176 58.59 -3.09 58.30
C SER H 176 57.81 -4.13 59.10
N SER H 177 58.18 -4.31 60.36
CA SER H 177 57.45 -5.22 61.25
C SER H 177 57.01 -4.44 62.47
N THR H 178 55.75 -4.58 62.84
CA THR H 178 55.17 -3.83 63.96
C THR H 178 54.46 -4.79 64.92
N LEU H 179 54.96 -4.84 66.16
CA LEU H 179 54.30 -5.57 67.24
C LEU H 179 53.45 -4.58 68.03
N THR H 180 52.14 -4.76 68.02
CA THR H 180 51.24 -3.90 68.79
C THR H 180 50.67 -4.62 70.00
N LEU H 181 50.92 -4.05 71.18
CA LEU H 181 50.38 -4.53 72.44
C LEU H 181 49.58 -3.42 73.08
N THR H 182 48.77 -3.78 74.08
CA THR H 182 48.13 -2.79 74.94
C THR H 182 49.21 -2.23 75.86
N LYS H 183 49.06 -0.96 76.26
CA LYS H 183 50.01 -0.34 77.19
C LYS H 183 50.21 -1.21 78.44
N ASP H 184 49.09 -1.63 79.04
CA ASP H 184 49.13 -2.47 80.24
C ASP H 184 49.96 -3.74 80.03
N GLU H 185 49.82 -4.36 78.86
CA GLU H 185 50.60 -5.55 78.51
C GLU H 185 52.07 -5.22 78.27
N TYR H 186 52.32 -4.15 77.53
CA TYR H 186 53.68 -3.66 77.27
C TYR H 186 54.49 -3.48 78.56
N GLU H 187 53.82 -3.04 79.61
CA GLU H 187 54.46 -2.74 80.90
C GLU H 187 54.69 -3.95 81.81
N ARG H 188 54.17 -5.12 81.43
CA ARG H 188 54.45 -6.36 82.15
C ARG H 188 55.83 -6.91 81.85
N HIS H 189 56.46 -6.42 80.78
CA HIS H 189 57.75 -6.94 80.32
C HIS H 189 58.82 -5.84 80.23
N ASN H 190 60.08 -6.27 80.14
CA ASN H 190 61.22 -5.36 80.11
C ASN H 190 61.92 -5.35 78.75
N SER H 191 62.23 -6.55 78.23
CA SER H 191 63.04 -6.70 77.03
C SER H 191 62.20 -6.85 75.76
N TYR H 192 62.54 -6.12 74.70
CA TYR H 192 61.87 -6.24 73.41
C TYR H 192 62.91 -6.34 72.29
N THR H 193 62.72 -7.34 71.43
CA THR H 193 63.75 -7.74 70.48
C THR H 193 63.14 -8.16 69.15
N CYS H 194 63.81 -7.82 68.05
CA CYS H 194 63.48 -8.42 66.77
C CYS H 194 64.73 -9.01 66.11
N GLU H 195 64.58 -10.21 65.54
CA GLU H 195 65.68 -10.98 64.99
C GLU H 195 65.46 -11.24 63.50
N ALA H 196 66.38 -10.72 62.68
CA ALA H 196 66.32 -10.88 61.23
C ALA H 196 67.20 -12.06 60.78
N THR H 197 66.58 -13.05 60.16
CA THR H 197 67.29 -14.22 59.63
C THR H 197 67.37 -14.11 58.11
N HIS H 198 68.59 -14.17 57.57
CA HIS H 198 68.86 -13.85 56.18
C HIS H 198 70.04 -14.66 55.65
N LYS H 199 70.04 -14.98 54.36
CA LYS H 199 71.04 -15.89 53.79
C LYS H 199 72.48 -15.37 53.88
N THR H 200 72.64 -14.06 54.04
CA THR H 200 73.96 -13.43 54.14
C THR H 200 74.74 -13.88 55.38
N SER H 201 74.05 -14.00 56.52
CA SER H 201 74.67 -14.42 57.78
C SER H 201 74.02 -15.70 58.31
N THR H 202 74.83 -16.61 58.85
CA THR H 202 74.32 -17.86 59.42
C THR H 202 73.59 -17.59 60.75
N SER H 203 74.16 -16.72 61.57
CA SER H 203 73.49 -16.27 62.79
C SER H 203 72.69 -15.00 62.47
N PRO H 204 71.54 -14.83 63.14
CA PRO H 204 70.66 -13.69 62.85
C PRO H 204 71.20 -12.36 63.33
N ILE H 205 70.59 -11.28 62.83
CA ILE H 205 70.87 -9.93 63.31
C ILE H 205 69.85 -9.60 64.39
N VAL H 206 70.30 -9.53 65.64
CA VAL H 206 69.42 -9.26 66.77
C VAL H 206 69.48 -7.77 67.10
N LYS H 207 68.33 -7.13 67.25
CA LYS H 207 68.28 -5.77 67.78
C LYS H 207 67.24 -5.66 68.91
N SER H 208 67.65 -5.05 70.01
CA SER H 208 66.90 -5.07 71.27
C SER H 208 66.89 -3.70 71.95
N PHE H 209 65.94 -3.54 72.88
CA PHE H 209 65.95 -2.43 73.82
C PHE H 209 65.27 -2.85 75.14
N ASN H 210 65.62 -2.18 76.23
CA ASN H 210 65.00 -2.40 77.53
C ASN H 210 64.12 -1.22 77.92
N ARG H 211 62.91 -1.51 78.38
CA ARG H 211 61.94 -0.47 78.76
C ARG H 211 62.42 0.31 79.98
N ASN H 212 62.01 1.57 80.06
CA ASN H 212 62.44 2.52 81.12
C ASN H 212 63.92 2.92 81.04
N GLU H 213 64.80 1.95 80.78
CA GLU H 213 66.23 2.20 80.67
C GLU H 213 66.59 2.86 79.35
N CYS H 214 67.49 3.84 79.39
CA CYS H 214 68.04 4.46 78.18
C CYS H 214 69.35 5.17 78.51
#